data_9HPO
#
_entry.id   9HPO
#
_cell.length_a   1.00
_cell.length_b   1.00
_cell.length_c   1.00
_cell.angle_alpha   90.00
_cell.angle_beta   90.00
_cell.angle_gamma   90.00
#
_symmetry.space_group_name_H-M   'P 1'
#
loop_
_entity.id
_entity.type
_entity.pdbx_description
1 polymer 'RuvB-like 1'
2 polymer 'RuvB-like 2'
3 non-polymer "ADENOSINE-5'-DIPHOSPHATE"
#
loop_
_entity_poly.entity_id
_entity_poly.type
_entity_poly.pdbx_seq_one_letter_code
_entity_poly.pdbx_strand_id
1 'polypeptide(L)'
;MKIEEVKSTTKTQRIASHSHVKGLGLDESGLAKQAASGLVGQENAREACGVIVELIKSKKMAGRAVLLAGPPGTGKTALA
LAIAQELGSKVPFCPMVGSEVYSTEIKKTEVLMENFRRAIGLRIKETKEVYEGEVTELTPCETENPMGGYGKTISHVIIG
LKTAKGTKQLKLDPSIFESLQKERVEAGDVIYIEANSGAVKRQGRCDTYATEFDLEAEEYVPLPKGDVHKKKEIIQDVTL
HDLDVANARPQGGQDILSMMGQLMKPKKTEITDKLRGEINKVVNKYIDQGIAELVPGVLFVDEVHMLDIECFTYLHRALE
SSIAPIVIFASNRGNCVIRGTEDITSPHGIPLDLLDRVMIIRTMLYTPQEMKQIIKIRAQTEGINISEEALNHLGEIGTK
TTLRYSVQLLTPANLLAKINGKDSIEKEHVEEISELFYDAKSSAKILADQQ
;
A,B,C,G,H,I
2 'polypeptide(L)'
;MATVTATTKVPEIRDVTRIERIGAHSHIRGLGLDDALEPRQASQGMVGQLAARRAAGVVLEMIREGKIAGRAVLIAGQPG
TGKTAIAMGMAQALGPDTPFTAIAGSEIFSLEMSKTEALTQAFRRSIGVRIKEETEIIEGEVVEIQIDRPATGTGSKVGK
LTLKTTEMETIYDLGTKMIESLTKDKVQAGDVITIDKATGKISKLGRSFTRARDYDAMGSQTKFVQCPDGELQKRKEVVH
TVSLHEIDVINSRTQGFLALFSGDTGEIKSEVREQINAKVAEWREEGKAEIIPGVLFIDEVHMLDIESFSFLNRALESDM
APVLIMATNRGITRIRGTSYQSPHGIPIDLLDRLLIVSTTPYSEKDTKQILRIRCEEEDVEMSEDAYTVLTRIGLETSLR
YAIQLITAASLVCRKRKGTEVQVDDIKRVYSLFLDESRSTQYMKEYQDAFLFNELKGETMDTS
;
D,E,F,J,K,L
#
loop_
_chem_comp.id
_chem_comp.type
_chem_comp.name
_chem_comp.formula
ADP non-polymer ADENOSINE-5'-DIPHOSPHATE 'C10 H15 N5 O10 P2'
#
# COMPACT_ATOMS: atom_id res chain seq x y z
N VAL A 6 -31.31 -14.04 2.18
CA VAL A 6 -30.65 -13.84 0.90
C VAL A 6 -31.12 -14.90 -0.09
N LYS A 7 -30.29 -15.15 -1.11
CA LYS A 7 -30.64 -16.05 -2.20
C LYS A 7 -30.18 -17.47 -1.88
N SER A 8 -30.94 -18.44 -2.36
CA SER A 8 -30.57 -19.85 -2.20
C SER A 8 -29.54 -20.21 -3.26
N THR A 9 -28.26 -20.22 -2.87
CA THR A 9 -27.17 -20.51 -3.80
C THR A 9 -26.86 -22.00 -3.70
N THR A 10 -27.64 -22.80 -4.41
CA THR A 10 -27.44 -24.24 -4.44
C THR A 10 -27.50 -24.73 -5.87
N LYS A 11 -26.57 -25.62 -6.24
CA LYS A 11 -26.55 -26.21 -7.57
C LYS A 11 -27.66 -27.25 -7.66
N THR A 12 -28.86 -26.75 -7.96
CA THR A 12 -30.05 -27.60 -7.95
C THR A 12 -29.90 -28.77 -8.93
N GLN A 13 -29.20 -28.56 -10.04
CA GLN A 13 -29.05 -29.62 -11.03
C GLN A 13 -28.41 -30.86 -10.43
N ARG A 14 -27.46 -30.66 -9.51
CA ARG A 14 -26.78 -31.79 -8.90
C ARG A 14 -27.77 -32.70 -8.16
N ILE A 15 -28.67 -32.10 -7.38
CA ILE A 15 -29.61 -32.87 -6.56
C ILE A 15 -30.96 -32.94 -7.24
N ALA A 16 -31.03 -32.44 -8.48
CA ALA A 16 -32.30 -32.45 -9.21
C ALA A 16 -32.72 -33.86 -9.63
N SER A 17 -31.76 -34.78 -9.74
CA SER A 17 -32.08 -36.14 -10.17
C SER A 17 -32.78 -36.95 -9.09
N HIS A 18 -32.64 -36.58 -7.81
CA HIS A 18 -33.23 -37.34 -6.72
C HIS A 18 -34.04 -36.43 -5.81
N SER A 19 -34.90 -35.59 -6.39
CA SER A 19 -35.84 -34.79 -5.62
C SER A 19 -37.02 -35.60 -5.10
N HIS A 20 -37.22 -36.81 -5.62
CA HIS A 20 -38.32 -37.64 -5.15
C HIS A 20 -38.05 -38.24 -3.78
N VAL A 21 -36.79 -38.26 -3.35
CA VAL A 21 -36.43 -38.79 -2.05
C VAL A 21 -36.71 -37.72 -1.00
N LYS A 22 -37.53 -38.06 0.00
CA LYS A 22 -37.91 -37.13 1.04
C LYS A 22 -37.38 -37.54 2.41
N GLY A 23 -36.59 -38.59 2.49
CA GLY A 23 -36.08 -39.06 3.76
C GLY A 23 -35.60 -40.48 3.65
N LEU A 24 -35.14 -41.01 4.78
CA LEU A 24 -34.62 -42.37 4.82
C LEU A 24 -35.73 -43.40 4.78
N GLY A 25 -36.88 -43.11 5.37
CA GLY A 25 -38.00 -44.03 5.34
C GLY A 25 -37.79 -45.29 6.15
N LEU A 26 -37.73 -45.15 7.47
CA LEU A 26 -37.54 -46.28 8.37
C LEU A 26 -38.70 -46.37 9.36
N ASP A 27 -38.89 -47.58 9.89
CA ASP A 27 -39.88 -47.79 10.92
C ASP A 27 -39.37 -47.30 12.26
N GLU A 28 -40.28 -47.20 13.24
CA GLU A 28 -39.87 -46.80 14.58
C GLU A 28 -38.92 -47.82 15.18
N SER A 29 -39.12 -49.11 14.88
CA SER A 29 -38.21 -50.13 15.38
C SER A 29 -36.79 -49.91 14.86
N GLY A 30 -36.66 -49.56 13.58
CA GLY A 30 -35.36 -49.30 13.00
C GLY A 30 -35.19 -49.92 11.63
N LEU A 31 -35.98 -50.94 11.32
CA LEU A 31 -35.89 -51.60 10.03
C LEU A 31 -36.43 -50.70 8.93
N ALA A 32 -36.11 -51.06 7.69
CA ALA A 32 -36.55 -50.31 6.52
C ALA A 32 -37.54 -51.15 5.71
N LYS A 33 -38.64 -50.53 5.29
CA LYS A 33 -39.63 -51.21 4.50
C LYS A 33 -39.18 -51.30 3.03
N GLN A 34 -39.96 -52.02 2.24
CA GLN A 34 -39.63 -52.20 0.83
C GLN A 34 -39.46 -50.85 0.14
N ALA A 35 -40.44 -49.96 0.29
CA ALA A 35 -40.40 -48.65 -0.33
C ALA A 35 -41.10 -47.66 0.58
N ALA A 36 -40.43 -46.54 0.89
CA ALA A 36 -41.03 -45.51 1.72
C ALA A 36 -40.30 -44.20 1.48
N SER A 37 -41.05 -43.10 1.50
CA SER A 37 -40.50 -41.76 1.34
C SER A 37 -39.64 -41.66 0.09
N GLY A 38 -40.12 -42.28 -0.98
CA GLY A 38 -39.39 -42.25 -2.24
C GLY A 38 -38.03 -42.91 -2.17
N LEU A 39 -37.92 -44.03 -1.46
CA LEU A 39 -36.68 -44.78 -1.38
C LEU A 39 -37.02 -46.25 -1.51
N VAL A 40 -36.52 -46.89 -2.56
CA VAL A 40 -36.82 -48.29 -2.84
C VAL A 40 -35.52 -49.04 -3.07
N GLY A 41 -35.55 -50.35 -2.87
CA GLY A 41 -34.40 -51.18 -3.17
C GLY A 41 -33.57 -51.54 -1.97
N GLN A 42 -32.28 -51.21 -1.99
CA GLN A 42 -31.37 -51.60 -0.91
C GLN A 42 -31.88 -51.07 0.43
N GLU A 43 -31.84 -51.92 1.45
CA GLU A 43 -32.26 -51.55 2.81
C GLU A 43 -31.17 -51.64 3.86
N ASN A 44 -30.23 -52.56 3.75
CA ASN A 44 -29.26 -52.67 4.83
C ASN A 44 -28.49 -51.37 4.97
N ALA A 45 -28.00 -50.83 3.85
CA ALA A 45 -27.33 -49.53 3.92
C ALA A 45 -28.25 -48.44 4.46
N ARG A 46 -29.56 -48.54 4.21
CA ARG A 46 -30.50 -47.56 4.74
C ARG A 46 -30.59 -47.65 6.25
N GLU A 47 -30.60 -48.86 6.79
CA GLU A 47 -30.56 -49.02 8.24
C GLU A 47 -29.26 -48.46 8.82
N ALA A 48 -28.14 -48.70 8.13
CA ALA A 48 -26.88 -48.12 8.59
C ALA A 48 -26.94 -46.59 8.59
N CYS A 49 -27.54 -46.00 7.55
CA CYS A 49 -27.69 -44.55 7.52
C CYS A 49 -28.56 -44.05 8.68
N GLY A 50 -29.63 -44.79 8.99
CA GLY A 50 -30.43 -44.43 10.16
C GLY A 50 -29.62 -44.49 11.44
N VAL A 51 -28.76 -45.49 11.55
CA VAL A 51 -27.88 -45.59 12.72
C VAL A 51 -26.96 -44.38 12.80
N ILE A 52 -26.43 -43.96 11.65
CA ILE A 52 -25.58 -42.77 11.62
C ILE A 52 -26.35 -41.54 12.04
N VAL A 53 -27.61 -41.42 11.60
CA VAL A 53 -28.44 -40.29 12.00
C VAL A 53 -28.63 -40.29 13.52
N GLU A 54 -28.94 -41.46 14.08
CA GLU A 54 -29.09 -41.55 15.53
C GLU A 54 -27.79 -41.19 16.24
N LEU A 55 -26.65 -41.62 15.71
CA LEU A 55 -25.37 -41.25 16.30
C LEU A 55 -25.16 -39.75 16.27
N ILE A 56 -25.58 -39.08 15.20
CA ILE A 56 -25.51 -37.62 15.14
C ILE A 56 -26.39 -37.02 16.23
N LYS A 57 -27.63 -37.47 16.34
CA LYS A 57 -28.54 -36.89 17.31
C LYS A 57 -28.06 -37.13 18.73
N SER A 58 -27.32 -38.21 18.97
CA SER A 58 -26.75 -38.50 20.28
C SER A 58 -25.40 -37.82 20.50
N LYS A 59 -24.91 -37.08 19.50
CA LYS A 59 -23.63 -36.37 19.62
C LYS A 59 -22.48 -37.33 19.89
N LYS A 60 -22.52 -38.50 19.25
CA LYS A 60 -21.43 -39.47 19.33
C LYS A 60 -20.55 -39.47 18.09
N MET A 61 -20.92 -38.72 17.06
CA MET A 61 -20.12 -38.66 15.83
C MET A 61 -19.04 -37.58 15.95
N ALA A 62 -18.16 -37.79 16.93
CA ALA A 62 -17.09 -36.84 17.21
C ALA A 62 -15.91 -37.16 16.30
N GLY A 63 -15.64 -36.29 15.34
CA GLY A 63 -14.50 -36.45 14.46
C GLY A 63 -14.51 -37.70 13.62
N ARG A 64 -15.66 -38.32 13.41
CA ARG A 64 -15.78 -39.49 12.55
C ARG A 64 -16.49 -39.09 11.26
N ALA A 65 -16.42 -39.98 10.28
CA ALA A 65 -16.98 -39.73 8.96
C ALA A 65 -17.63 -41.02 8.45
N VAL A 66 -18.31 -40.90 7.32
CA VAL A 66 -18.98 -42.03 6.68
C VAL A 66 -18.45 -42.17 5.27
N LEU A 67 -18.13 -43.40 4.88
CA LEU A 67 -17.64 -43.69 3.54
C LEU A 67 -18.55 -44.74 2.91
N LEU A 68 -19.21 -44.37 1.82
CA LEU A 68 -20.18 -45.24 1.15
C LEU A 68 -19.48 -45.93 -0.02
N ALA A 69 -19.20 -47.22 0.14
CA ALA A 69 -18.49 -47.99 -0.87
C ALA A 69 -19.47 -48.83 -1.66
N GLY A 70 -19.55 -48.57 -2.96
CA GLY A 70 -20.41 -49.34 -3.84
C GLY A 70 -20.18 -49.01 -5.30
N PRO A 71 -20.66 -49.86 -6.19
CA PRO A 71 -20.52 -49.60 -7.62
C PRO A 71 -21.31 -48.38 -8.03
N PRO A 72 -21.08 -47.86 -9.23
CA PRO A 72 -21.81 -46.67 -9.67
C PRO A 72 -23.30 -46.93 -9.80
N GLY A 73 -24.10 -45.91 -9.52
CA GLY A 73 -25.54 -46.03 -9.64
C GLY A 73 -26.19 -46.98 -8.67
N THR A 74 -25.80 -46.94 -7.39
CA THR A 74 -26.40 -47.79 -6.36
C THR A 74 -26.99 -46.96 -5.24
N GLY A 75 -27.24 -45.68 -5.48
CA GLY A 75 -27.92 -44.86 -4.50
C GLY A 75 -27.04 -44.20 -3.45
N LYS A 76 -25.75 -44.04 -3.72
CA LYS A 76 -24.88 -43.38 -2.75
C LYS A 76 -25.34 -41.95 -2.52
N THR A 77 -25.49 -41.17 -3.59
CA THR A 77 -25.98 -39.80 -3.44
C THR A 77 -27.40 -39.79 -2.91
N ALA A 78 -28.22 -40.76 -3.33
CA ALA A 78 -29.57 -40.86 -2.79
C ALA A 78 -29.54 -41.09 -1.29
N LEU A 79 -28.63 -41.95 -0.82
CA LEU A 79 -28.54 -42.20 0.61
C LEU A 79 -28.05 -40.97 1.36
N ALA A 80 -27.09 -40.24 0.81
CA ALA A 80 -26.64 -39.01 1.46
C ALA A 80 -27.77 -37.99 1.54
N LEU A 81 -28.52 -37.83 0.45
CA LEU A 81 -29.65 -36.91 0.46
C LEU A 81 -30.71 -37.35 1.47
N ALA A 82 -30.94 -38.66 1.57
CA ALA A 82 -31.89 -39.17 2.56
C ALA A 82 -31.42 -38.87 3.97
N ILE A 83 -30.11 -39.00 4.24
CA ILE A 83 -29.59 -38.64 5.56
C ILE A 83 -29.83 -37.17 5.84
N ALA A 84 -29.54 -36.32 4.85
CA ALA A 84 -29.74 -34.88 5.03
C ALA A 84 -31.21 -34.58 5.32
N GLN A 85 -32.12 -35.21 4.58
CA GLN A 85 -33.55 -35.01 4.82
C GLN A 85 -33.94 -35.49 6.21
N GLU A 86 -33.42 -36.65 6.63
CA GLU A 86 -33.80 -37.20 7.92
C GLU A 86 -33.31 -36.33 9.07
N LEU A 87 -32.18 -35.66 8.91
CA LEU A 87 -31.75 -34.71 9.93
C LEU A 87 -32.59 -33.45 9.92
N GLY A 88 -33.44 -33.26 8.92
CA GLY A 88 -34.29 -32.10 8.82
C GLY A 88 -34.56 -31.77 7.37
N SER A 89 -35.71 -31.13 7.12
CA SER A 89 -36.08 -30.78 5.75
C SER A 89 -35.14 -29.74 5.17
N LYS A 90 -34.70 -28.78 5.98
CA LYS A 90 -33.89 -27.67 5.52
C LYS A 90 -32.41 -27.85 5.78
N VAL A 91 -31.97 -29.00 6.29
CA VAL A 91 -30.56 -29.23 6.58
C VAL A 91 -29.77 -29.14 5.27
N PRO A 92 -28.68 -28.38 5.23
CA PRO A 92 -27.94 -28.20 3.98
C PRO A 92 -27.35 -29.51 3.48
N PHE A 93 -27.29 -29.66 2.16
CA PHE A 93 -26.63 -30.79 1.51
C PHE A 93 -25.77 -30.23 0.39
N CYS A 94 -24.51 -30.63 0.35
CA CYS A 94 -23.53 -30.11 -0.61
C CYS A 94 -22.86 -31.25 -1.34
N PRO A 95 -23.47 -31.76 -2.41
CA PRO A 95 -22.83 -32.84 -3.17
C PRO A 95 -21.72 -32.31 -4.07
N MET A 96 -20.60 -33.01 -4.04
CA MET A 96 -19.41 -32.58 -4.78
C MET A 96 -18.65 -33.79 -5.28
N VAL A 97 -17.82 -33.56 -6.28
CA VAL A 97 -16.91 -34.58 -6.79
C VAL A 97 -15.48 -34.17 -6.46
N GLY A 98 -14.62 -35.16 -6.27
CA GLY A 98 -13.26 -34.87 -5.88
C GLY A 98 -12.40 -34.22 -6.95
N SER A 99 -12.77 -34.38 -8.22
CA SER A 99 -12.02 -33.80 -9.32
C SER A 99 -12.26 -32.31 -9.49
N GLU A 100 -13.22 -31.74 -8.77
CA GLU A 100 -13.50 -30.32 -8.90
C GLU A 100 -12.57 -29.46 -8.06
N VAL A 101 -11.78 -30.06 -7.17
CA VAL A 101 -10.78 -29.29 -6.44
C VAL A 101 -9.66 -28.86 -7.37
N TYR A 102 -9.37 -29.66 -8.40
CA TYR A 102 -8.31 -29.35 -9.35
C TYR A 102 -8.78 -28.25 -10.28
N SER A 103 -8.80 -27.03 -9.74
CA SER A 103 -9.21 -25.87 -10.52
C SER A 103 -8.00 -25.25 -11.20
N THR A 104 -8.26 -24.42 -12.20
CA THR A 104 -7.22 -23.77 -12.98
C THR A 104 -7.02 -22.31 -12.58
N GLU A 105 -7.93 -21.74 -11.79
CA GLU A 105 -7.80 -20.35 -11.36
C GLU A 105 -7.81 -20.26 -9.84
N ILE A 106 -8.63 -21.07 -9.19
CA ILE A 106 -8.71 -21.04 -7.73
C ILE A 106 -7.94 -22.22 -7.15
N LYS A 107 -7.53 -22.06 -5.90
CA LYS A 107 -6.77 -23.09 -5.19
C LYS A 107 -7.70 -24.17 -4.65
N LYS A 108 -7.14 -25.36 -4.43
CA LYS A 108 -7.91 -26.42 -3.82
C LYS A 108 -8.40 -26.01 -2.44
N THR A 109 -7.64 -25.17 -1.74
CA THR A 109 -8.10 -24.63 -0.46
C THR A 109 -9.42 -23.90 -0.62
N GLU A 110 -9.51 -23.02 -1.62
CA GLU A 110 -10.73 -22.26 -1.83
C GLU A 110 -11.91 -23.17 -2.16
N VAL A 111 -11.69 -24.15 -3.03
CA VAL A 111 -12.78 -25.05 -3.41
C VAL A 111 -13.28 -25.84 -2.21
N LEU A 112 -12.34 -26.40 -1.44
CA LEU A 112 -12.73 -27.18 -0.26
C LEU A 112 -13.41 -26.31 0.78
N MET A 113 -12.92 -25.09 0.99
CA MET A 113 -13.57 -24.17 1.93
C MET A 113 -14.98 -23.83 1.48
N GLU A 114 -15.16 -23.55 0.19
CA GLU A 114 -16.48 -23.23 -0.32
C GLU A 114 -17.44 -24.40 -0.13
N ASN A 115 -16.96 -25.61 -0.41
CA ASN A 115 -17.84 -26.77 -0.29
C ASN A 115 -18.12 -27.11 1.17
N PHE A 116 -17.19 -26.81 2.08
CA PHE A 116 -17.50 -26.91 3.51
C PHE A 116 -18.56 -25.89 3.90
N ARG A 117 -18.39 -24.64 3.46
CA ARG A 117 -19.30 -23.57 3.86
C ARG A 117 -20.71 -23.85 3.36
N ARG A 118 -20.83 -24.40 2.14
CA ARG A 118 -22.15 -24.76 1.64
C ARG A 118 -22.86 -25.77 2.53
N ALA A 119 -22.13 -26.50 3.36
CA ALA A 119 -22.69 -27.63 4.10
C ALA A 119 -23.07 -27.30 5.53
N ILE A 120 -22.99 -26.04 5.94
CA ILE A 120 -23.37 -25.63 7.29
C ILE A 120 -24.56 -24.69 7.17
N GLY A 121 -25.65 -25.02 7.86
CA GLY A 121 -26.86 -24.24 7.84
C GLY A 121 -26.95 -23.28 9.01
N LEU A 122 -27.83 -22.29 8.85
CA LEU A 122 -28.02 -21.25 9.86
C LEU A 122 -29.51 -20.95 9.97
N ARG A 123 -30.10 -21.32 11.11
CA ARG A 123 -31.52 -21.05 11.36
C ARG A 123 -31.65 -19.70 12.05
N ILE A 124 -31.90 -18.67 11.24
CA ILE A 124 -32.09 -17.31 11.74
C ILE A 124 -33.61 -17.10 11.84
N LYS A 125 -34.09 -16.86 13.06
CA LYS A 125 -35.50 -16.62 13.28
C LYS A 125 -35.76 -15.13 13.45
N GLU A 126 -36.54 -14.55 12.55
CA GLU A 126 -36.84 -13.12 12.55
C GLU A 126 -38.35 -12.94 12.62
N THR A 127 -38.83 -12.33 13.71
CA THR A 127 -40.27 -12.07 13.86
C THR A 127 -40.75 -11.09 12.80
N LYS A 128 -41.59 -11.57 11.89
CA LYS A 128 -42.12 -10.73 10.82
C LYS A 128 -43.61 -11.01 10.65
N GLU A 129 -44.34 -9.99 10.21
CA GLU A 129 -45.79 -10.08 10.12
C GLU A 129 -46.19 -10.90 8.89
N VAL A 130 -46.71 -12.09 9.12
CA VAL A 130 -47.11 -12.98 8.04
C VAL A 130 -48.62 -13.04 7.97
N TYR A 131 -49.13 -13.32 6.77
CA TYR A 131 -50.57 -13.42 6.55
C TYR A 131 -51.00 -14.88 6.61
N GLU A 132 -50.89 -15.44 7.82
CA GLU A 132 -51.27 -16.83 8.05
C GLU A 132 -52.78 -16.95 8.09
N GLY A 133 -53.33 -17.75 7.18
CA GLY A 133 -54.77 -17.93 7.11
C GLY A 133 -55.12 -19.10 6.21
N GLU A 134 -56.37 -19.51 6.32
CA GLU A 134 -56.90 -20.63 5.54
C GLU A 134 -57.55 -20.08 4.27
N VAL A 135 -56.89 -20.28 3.14
CA VAL A 135 -57.39 -19.78 1.86
C VAL A 135 -58.79 -20.32 1.61
N THR A 136 -59.75 -19.41 1.45
CA THR A 136 -61.12 -19.79 1.15
C THR A 136 -61.45 -19.70 -0.33
N GLU A 137 -61.30 -18.51 -0.92
CA GLU A 137 -61.52 -18.31 -2.34
C GLU A 137 -60.33 -17.52 -2.89
N LEU A 138 -60.20 -17.53 -4.22
CA LEU A 138 -59.12 -16.83 -4.91
C LEU A 138 -59.72 -16.03 -6.07
N THR A 139 -60.80 -15.30 -5.79
CA THR A 139 -61.44 -14.51 -6.82
C THR A 139 -60.54 -13.37 -7.27
N PRO A 140 -60.20 -13.28 -8.56
CA PRO A 140 -59.32 -12.19 -9.01
C PRO A 140 -60.09 -10.93 -9.40
N CYS A 141 -60.88 -10.40 -8.48
CA CYS A 141 -61.65 -9.20 -8.75
C CYS A 141 -61.09 -8.00 -7.99
N HIS A 156 -57.89 -7.17 -7.43
CA HIS A 156 -57.36 -8.51 -7.67
C HIS A 156 -55.98 -8.68 -7.06
N VAL A 157 -55.71 -9.86 -6.53
CA VAL A 157 -56.68 -10.95 -6.52
C VAL A 157 -57.19 -11.15 -5.10
N ILE A 158 -58.41 -10.67 -4.84
CA ILE A 158 -58.97 -10.70 -3.49
C ILE A 158 -59.11 -12.15 -3.06
N ILE A 159 -58.51 -12.48 -1.91
CA ILE A 159 -58.48 -13.85 -1.39
C ILE A 159 -58.95 -13.83 0.06
N GLY A 160 -59.87 -14.73 0.40
CA GLY A 160 -60.30 -14.85 1.78
C GLY A 160 -59.36 -15.74 2.58
N LEU A 161 -59.09 -15.32 3.81
CA LEU A 161 -58.16 -16.02 4.70
C LEU A 161 -58.90 -16.36 5.99
N LYS A 162 -59.43 -17.58 6.06
CA LYS A 162 -60.13 -18.03 7.25
C LYS A 162 -59.15 -18.20 8.41
N THR A 163 -59.49 -17.63 9.56
CA THR A 163 -58.62 -17.68 10.73
C THR A 163 -59.53 -17.71 11.97
N ALA A 164 -58.94 -17.55 13.15
CA ALA A 164 -59.74 -17.48 14.37
C ALA A 164 -60.75 -16.36 14.30
N LYS A 165 -60.34 -15.19 13.80
CA LYS A 165 -61.29 -14.11 13.55
C LYS A 165 -62.32 -14.51 12.50
N GLY A 166 -61.87 -15.19 11.45
CA GLY A 166 -62.71 -15.64 10.35
C GLY A 166 -62.07 -15.31 9.03
N THR A 167 -62.84 -15.50 7.96
CA THR A 167 -62.36 -15.19 6.63
C THR A 167 -61.98 -13.71 6.54
N LYS A 168 -60.75 -13.44 6.10
CA LYS A 168 -60.23 -12.08 6.00
C LYS A 168 -59.79 -11.92 4.54
N GLN A 169 -60.62 -11.26 3.74
CA GLN A 169 -60.35 -11.10 2.32
C GLN A 169 -59.39 -9.94 2.10
N LEU A 170 -58.27 -10.21 1.44
CA LEU A 170 -57.28 -9.21 1.08
C LEU A 170 -56.88 -9.39 -0.38
N LYS A 171 -56.59 -8.28 -1.06
CA LYS A 171 -56.18 -8.33 -2.46
C LYS A 171 -54.71 -8.68 -2.61
N LEU A 172 -54.43 -9.95 -2.93
CA LEU A 172 -53.06 -10.37 -3.23
C LEU A 172 -52.75 -10.03 -4.69
N ASP A 173 -51.87 -9.07 -4.89
CA ASP A 173 -51.52 -8.56 -6.21
C ASP A 173 -51.20 -9.70 -7.18
N PRO A 174 -51.49 -9.53 -8.47
CA PRO A 174 -51.20 -10.58 -9.45
C PRO A 174 -49.82 -11.21 -9.30
N SER A 175 -48.81 -10.41 -8.95
CA SER A 175 -47.46 -10.96 -8.78
C SER A 175 -47.41 -11.94 -7.62
N ILE A 176 -47.93 -11.52 -6.46
CA ILE A 176 -47.94 -12.43 -5.31
C ILE A 176 -48.91 -13.58 -5.54
N PHE A 177 -49.95 -13.37 -6.35
CA PHE A 177 -50.84 -14.48 -6.69
C PHE A 177 -50.12 -15.52 -7.55
N GLU A 178 -49.31 -15.07 -8.52
CA GLU A 178 -48.52 -16.01 -9.30
C GLU A 178 -47.46 -16.70 -8.45
N SER A 179 -46.87 -15.99 -7.48
CA SER A 179 -45.96 -16.65 -6.56
C SER A 179 -46.67 -17.70 -5.72
N LEU A 180 -47.89 -17.42 -5.28
CA LEU A 180 -48.70 -18.41 -4.59
C LEU A 180 -48.95 -19.62 -5.48
N GLN A 181 -49.28 -19.39 -6.76
CA GLN A 181 -49.41 -20.49 -7.69
C GLN A 181 -48.11 -21.29 -7.81
N LYS A 182 -46.97 -20.60 -7.73
CA LYS A 182 -45.68 -21.29 -7.67
C LYS A 182 -45.58 -22.15 -6.42
N GLU A 183 -46.33 -21.81 -5.38
CA GLU A 183 -46.45 -22.63 -4.19
C GLU A 183 -47.54 -23.70 -4.34
N ARG A 184 -48.22 -23.73 -5.49
CA ARG A 184 -49.31 -24.66 -5.72
C ARG A 184 -50.35 -24.57 -4.61
N VAL A 185 -50.74 -23.34 -4.28
CA VAL A 185 -51.68 -23.07 -3.21
C VAL A 185 -53.09 -23.06 -3.80
N GLU A 186 -53.97 -23.88 -3.22
CA GLU A 186 -55.36 -23.94 -3.66
C GLU A 186 -56.30 -23.58 -2.52
N ALA A 187 -57.61 -23.69 -2.77
CA ALA A 187 -58.58 -23.40 -1.73
C ALA A 187 -58.48 -24.43 -0.61
N GLY A 188 -58.90 -24.01 0.58
CA GLY A 188 -58.82 -24.86 1.75
C GLY A 188 -57.40 -25.21 2.16
N ASP A 189 -56.52 -24.21 2.18
CA ASP A 189 -55.11 -24.43 2.50
C ASP A 189 -54.68 -23.36 3.50
N VAL A 190 -54.12 -23.80 4.64
CA VAL A 190 -53.65 -22.89 5.67
C VAL A 190 -52.18 -22.55 5.41
N ILE A 191 -51.92 -21.33 4.96
CA ILE A 191 -50.58 -20.85 4.66
C ILE A 191 -50.44 -19.44 5.23
N TYR A 192 -49.20 -18.96 5.28
CA TYR A 192 -48.94 -17.55 5.60
C TYR A 192 -48.21 -16.89 4.45
N ILE A 193 -48.65 -15.69 4.09
CA ILE A 193 -48.10 -14.93 2.98
C ILE A 193 -47.33 -13.76 3.57
N GLU A 194 -46.02 -13.76 3.41
CA GLU A 194 -45.19 -12.66 3.90
C GLU A 194 -45.59 -11.37 3.21
N ALA A 195 -46.19 -10.45 3.96
CA ALA A 195 -46.63 -9.17 3.41
C ALA A 195 -45.51 -8.16 3.32
N ASN A 196 -44.66 -8.09 4.34
CA ASN A 196 -43.54 -7.15 4.29
C ASN A 196 -42.54 -7.51 3.20
N SER A 197 -42.33 -8.81 2.96
CA SER A 197 -41.42 -9.26 1.92
C SER A 197 -42.11 -9.52 0.59
N GLY A 198 -43.44 -9.50 0.55
CA GLY A 198 -44.16 -9.75 -0.68
C GLY A 198 -43.92 -11.14 -1.25
N ALA A 199 -43.99 -12.16 -0.39
CA ALA A 199 -43.76 -13.54 -0.81
C ALA A 199 -44.82 -14.43 -0.20
N VAL A 200 -45.04 -15.58 -0.85
CA VAL A 200 -46.03 -16.57 -0.44
C VAL A 200 -45.32 -17.91 -0.28
N LYS A 201 -45.62 -18.63 0.80
CA LYS A 201 -45.00 -19.93 1.07
C LYS A 201 -46.06 -20.89 1.60
N ARG A 202 -46.12 -22.09 1.05
CA ARG A 202 -47.12 -23.10 1.42
C ARG A 202 -46.78 -23.73 2.76
N GLN A 203 -47.69 -23.59 3.74
CA GLN A 203 -47.63 -24.38 4.95
C GLN A 203 -48.35 -25.71 4.83
N GLY A 204 -49.33 -25.81 3.94
CA GLY A 204 -50.11 -27.02 3.77
C GLY A 204 -51.58 -26.68 3.56
N ARG A 205 -52.43 -27.66 3.84
CA ARG A 205 -53.87 -27.51 3.72
C ARG A 205 -54.48 -27.30 5.12
N CYS A 206 -55.80 -27.31 5.20
CA CYS A 206 -56.50 -27.11 6.46
C CYS A 206 -56.85 -28.46 7.08
N ASP A 207 -56.78 -28.51 8.41
CA ASP A 207 -57.11 -29.72 9.14
C ASP A 207 -58.56 -30.13 8.96
N THR A 208 -59.43 -29.19 8.55
CA THR A 208 -60.84 -29.53 8.35
C THR A 208 -61.00 -30.70 7.38
N TYR A 209 -60.09 -30.83 6.42
CA TYR A 209 -60.12 -31.90 5.44
C TYR A 209 -59.11 -33.01 5.75
N ALA A 210 -58.55 -33.02 6.96
CA ALA A 210 -57.58 -34.05 7.32
C ALA A 210 -58.23 -35.42 7.31
N THR A 211 -57.78 -36.27 6.41
CA THR A 211 -58.26 -37.64 6.29
C THR A 211 -57.40 -38.54 7.18
N GLU A 212 -57.48 -39.87 7.11
CA GLU A 212 -56.66 -40.72 7.94
C GLU A 212 -55.17 -40.61 7.63
N PHE A 213 -54.80 -40.36 6.38
CA PHE A 213 -53.39 -40.16 6.06
C PHE A 213 -52.94 -38.74 6.38
N ASP A 214 -53.88 -37.82 6.56
CA ASP A 214 -53.57 -36.44 6.91
C ASP A 214 -53.82 -36.25 8.41
N LEU A 215 -52.79 -35.82 9.13
CA LEU A 215 -52.85 -35.72 10.58
C LEU A 215 -52.81 -34.24 11.00
N GLU A 216 -52.74 -34.00 12.30
CA GLU A 216 -52.69 -32.63 12.81
C GLU A 216 -51.27 -32.08 12.70
N ALA A 217 -51.17 -30.77 12.49
CA ALA A 217 -49.89 -30.07 12.40
C ALA A 217 -48.96 -30.74 11.37
N GLU A 218 -49.49 -30.86 10.15
CA GLU A 218 -48.74 -31.42 9.03
C GLU A 218 -49.19 -30.78 7.73
N GLU A 219 -48.91 -31.39 6.59
CA GLU A 219 -49.26 -30.79 5.31
C GLU A 219 -50.76 -30.56 5.17
N TYR A 220 -51.57 -30.96 6.16
CA TYR A 220 -52.89 -30.40 6.42
C TYR A 220 -52.85 -29.74 7.80
N VAL A 221 -52.39 -28.50 7.85
CA VAL A 221 -52.24 -27.75 9.09
C VAL A 221 -53.61 -27.27 9.57
N PRO A 222 -53.79 -27.06 10.87
CA PRO A 222 -55.09 -26.59 11.37
C PRO A 222 -55.30 -25.11 11.08
N LEU A 223 -56.51 -24.65 11.36
CA LEU A 223 -56.85 -23.26 11.16
C LEU A 223 -56.01 -22.37 12.06
N PRO A 224 -55.44 -21.28 11.55
CA PRO A 224 -54.66 -20.39 12.41
C PRO A 224 -55.53 -19.81 13.53
N LYS A 225 -54.92 -19.69 14.71
CA LYS A 225 -55.61 -19.16 15.89
C LYS A 225 -54.99 -17.81 16.24
N GLY A 226 -55.59 -16.75 15.72
CA GLY A 226 -55.09 -15.41 15.96
C GLY A 226 -55.42 -14.50 14.79
N ASP A 227 -54.87 -13.30 14.86
CA ASP A 227 -55.05 -12.35 13.78
C ASP A 227 -54.38 -12.85 12.50
N VAL A 228 -54.99 -12.52 11.36
CA VAL A 228 -54.48 -12.97 10.07
C VAL A 228 -53.04 -12.52 9.89
N HIS A 229 -52.74 -11.29 10.32
CA HIS A 229 -51.37 -10.76 10.24
C HIS A 229 -50.72 -10.95 11.61
N LYS A 230 -49.95 -12.03 11.74
CA LYS A 230 -49.29 -12.38 12.99
C LYS A 230 -47.78 -12.31 12.81
N LYS A 231 -47.10 -11.73 13.80
CA LYS A 231 -45.64 -11.67 13.79
C LYS A 231 -45.09 -13.05 14.13
N LYS A 232 -44.73 -13.82 13.10
CA LYS A 232 -44.22 -15.17 13.27
C LYS A 232 -42.74 -15.19 12.95
N GLU A 233 -41.95 -15.79 13.82
CA GLU A 233 -40.50 -15.87 13.63
C GLU A 233 -40.22 -16.72 12.40
N ILE A 234 -39.81 -16.06 11.31
CA ILE A 234 -39.55 -16.75 10.06
C ILE A 234 -38.21 -17.46 10.15
N ILE A 235 -38.24 -18.78 10.28
CA ILE A 235 -37.01 -19.56 10.33
C ILE A 235 -36.37 -19.53 8.94
N GLN A 236 -35.31 -18.75 8.81
CA GLN A 236 -34.63 -18.56 7.52
C GLN A 236 -33.47 -19.55 7.43
N ASP A 237 -33.57 -20.50 6.50
CA ASP A 237 -32.53 -21.49 6.29
C ASP A 237 -31.57 -20.97 5.23
N VAL A 238 -30.39 -20.52 5.67
CA VAL A 238 -29.39 -19.99 4.76
C VAL A 238 -28.03 -20.53 5.16
N THR A 239 -27.24 -20.92 4.18
CA THR A 239 -25.91 -21.45 4.41
C THR A 239 -24.90 -20.31 4.47
N LEU A 240 -23.74 -20.60 5.08
CA LEU A 240 -22.69 -19.59 5.17
C LEU A 240 -22.26 -19.06 3.81
N HIS A 241 -22.18 -19.91 2.80
CA HIS A 241 -21.85 -19.44 1.46
C HIS A 241 -23.03 -18.71 0.82
N ASP A 242 -24.26 -18.93 1.31
CA ASP A 242 -25.41 -18.14 0.80
C ASP A 242 -25.21 -16.69 1.23
N LEU A 243 -24.66 -16.48 2.43
CA LEU A 243 -24.32 -15.14 2.89
C LEU A 243 -23.02 -14.64 2.29
N ASP A 244 -22.24 -15.51 1.64
CA ASP A 244 -20.97 -15.10 1.07
C ASP A 244 -21.17 -14.29 -0.21
N VAL A 245 -22.14 -14.69 -1.03
CA VAL A 245 -22.36 -14.03 -2.31
C VAL A 245 -22.87 -12.60 -2.10
N ALA A 246 -23.69 -12.38 -1.07
CA ALA A 246 -24.28 -11.07 -0.85
C ALA A 246 -23.21 -10.00 -0.71
N ASN A 247 -22.37 -10.13 0.32
CA ASN A 247 -21.35 -9.11 0.58
C ASN A 247 -20.38 -9.00 -0.59
N ALA A 248 -20.04 -10.14 -1.21
CA ALA A 248 -19.17 -10.11 -2.38
C ALA A 248 -19.79 -9.28 -3.49
N ARG A 249 -21.09 -9.46 -3.74
CA ARG A 249 -21.81 -8.69 -4.74
C ARG A 249 -21.12 -8.75 -6.10
N THR A 272 -12.92 -12.70 -0.77
CA THR A 272 -11.91 -11.98 -0.02
C THR A 272 -11.89 -12.45 1.43
N ASP A 273 -10.69 -12.56 2.00
CA ASP A 273 -10.56 -13.04 3.37
C ASP A 273 -11.26 -12.10 4.35
N LYS A 274 -11.11 -10.79 4.16
CA LYS A 274 -11.78 -9.83 5.03
C LYS A 274 -13.27 -10.10 5.09
N LEU A 275 -13.89 -10.32 3.92
CA LEU A 275 -15.32 -10.59 3.88
C LEU A 275 -15.64 -11.90 4.63
N ARG A 276 -14.80 -12.91 4.45
CA ARG A 276 -14.99 -14.17 5.19
C ARG A 276 -15.10 -13.91 6.68
N GLY A 277 -14.12 -13.20 7.25
CA GLY A 277 -14.11 -12.98 8.68
C GLY A 277 -15.31 -12.17 9.17
N GLU A 278 -15.69 -11.15 8.42
CA GLU A 278 -16.76 -10.26 8.84
C GLU A 278 -18.06 -11.04 9.08
N ILE A 279 -18.45 -11.86 8.09
CA ILE A 279 -19.68 -12.63 8.25
C ILE A 279 -19.55 -13.61 9.42
N ASN A 280 -18.36 -14.19 9.60
CA ASN A 280 -18.17 -15.14 10.69
C ASN A 280 -18.46 -14.50 12.04
N LYS A 281 -17.93 -13.30 12.27
CA LYS A 281 -18.16 -12.63 13.55
C LYS A 281 -19.64 -12.30 13.75
N VAL A 282 -20.30 -11.81 12.70
CA VAL A 282 -21.70 -11.44 12.81
C VAL A 282 -22.55 -12.67 13.13
N VAL A 283 -22.29 -13.77 12.43
CA VAL A 283 -23.04 -15.01 12.66
C VAL A 283 -22.79 -15.50 14.08
N ASN A 284 -21.55 -15.45 14.53
CA ASN A 284 -21.22 -15.87 15.89
C ASN A 284 -22.02 -15.05 16.90
N LYS A 285 -22.02 -13.73 16.74
CA LYS A 285 -22.74 -12.86 17.65
C LYS A 285 -24.23 -13.16 17.64
N TYR A 286 -24.79 -13.37 16.45
CA TYR A 286 -26.20 -13.73 16.35
C TYR A 286 -26.49 -15.02 17.12
N ILE A 287 -25.59 -15.99 16.99
CA ILE A 287 -25.73 -17.26 17.69
C ILE A 287 -25.75 -17.03 19.19
N ASP A 288 -24.80 -16.21 19.68
CA ASP A 288 -24.75 -15.95 21.11
C ASP A 288 -26.02 -15.27 21.60
N GLN A 289 -26.53 -14.31 20.82
CA GLN A 289 -27.72 -13.57 21.24
C GLN A 289 -28.90 -14.50 21.46
N GLY A 290 -29.13 -15.43 20.54
CA GLY A 290 -30.22 -16.36 20.66
C GLY A 290 -31.21 -16.26 19.52
N ILE A 291 -30.77 -15.68 18.41
CA ILE A 291 -31.62 -15.55 17.23
C ILE A 291 -31.16 -16.45 16.09
N ALA A 292 -29.91 -16.91 16.10
CA ALA A 292 -29.39 -17.82 15.09
C ALA A 292 -28.96 -19.12 15.73
N GLU A 293 -29.43 -20.23 15.16
CA GLU A 293 -29.09 -21.58 15.62
C GLU A 293 -28.31 -22.28 14.52
N LEU A 294 -27.08 -22.66 14.81
CA LEU A 294 -26.24 -23.32 13.82
C LEU A 294 -26.68 -24.77 13.64
N VAL A 295 -26.84 -25.18 12.38
CA VAL A 295 -27.24 -26.54 12.06
C VAL A 295 -26.23 -27.14 11.09
N PRO A 296 -25.28 -27.94 11.56
CA PRO A 296 -24.32 -28.57 10.63
C PRO A 296 -25.06 -29.47 9.64
N GLY A 297 -24.59 -29.45 8.40
CA GLY A 297 -25.19 -30.22 7.33
C GLY A 297 -24.38 -31.46 6.99
N VAL A 298 -24.53 -31.91 5.74
CA VAL A 298 -23.84 -33.09 5.25
C VAL A 298 -23.08 -32.70 3.99
N LEU A 299 -21.78 -32.93 3.99
CA LEU A 299 -20.93 -32.63 2.84
C LEU A 299 -20.53 -33.94 2.17
N PHE A 300 -21.11 -34.19 1.01
CA PHE A 300 -20.92 -35.44 0.28
C PHE A 300 -19.81 -35.26 -0.75
N VAL A 301 -18.81 -36.13 -0.69
CA VAL A 301 -17.66 -36.06 -1.59
C VAL A 301 -17.63 -37.35 -2.38
N ASP A 302 -18.02 -37.29 -3.65
CA ASP A 302 -18.00 -38.44 -4.53
C ASP A 302 -16.70 -38.45 -5.33
N GLU A 303 -16.18 -39.65 -5.56
CA GLU A 303 -14.85 -39.83 -6.16
C GLU A 303 -13.77 -39.28 -5.23
N VAL A 304 -13.77 -39.80 -4.01
CA VAL A 304 -12.78 -39.40 -3.02
C VAL A 304 -11.36 -39.74 -3.44
N HIS A 305 -11.19 -40.75 -4.29
CA HIS A 305 -9.86 -41.16 -4.73
C HIS A 305 -9.13 -40.08 -5.51
N MET A 306 -9.84 -39.05 -5.98
CA MET A 306 -9.26 -38.01 -6.81
C MET A 306 -8.72 -36.85 -6.00
N LEU A 307 -8.77 -36.92 -4.66
CA LEU A 307 -8.21 -35.88 -3.83
C LEU A 307 -6.75 -36.18 -3.49
N ASP A 308 -5.97 -35.12 -3.36
CA ASP A 308 -4.55 -35.23 -3.05
C ASP A 308 -4.37 -35.46 -1.54
N ILE A 309 -3.13 -35.67 -1.12
CA ILE A 309 -2.84 -35.84 0.30
C ILE A 309 -3.16 -34.56 1.07
N GLU A 310 -2.84 -33.41 0.46
CA GLU A 310 -3.12 -32.13 1.11
C GLU A 310 -4.61 -31.93 1.32
N CYS A 311 -5.43 -32.29 0.33
CA CYS A 311 -6.87 -32.17 0.50
C CYS A 311 -7.37 -33.07 1.62
N PHE A 312 -6.80 -34.28 1.73
CA PHE A 312 -7.21 -35.16 2.81
C PHE A 312 -6.80 -34.59 4.17
N THR A 313 -5.62 -33.97 4.24
CA THR A 313 -5.20 -33.33 5.47
C THR A 313 -6.15 -32.20 5.84
N TYR A 314 -6.56 -31.39 4.86
CA TYR A 314 -7.55 -30.34 5.13
C TYR A 314 -8.87 -30.95 5.62
N LEU A 315 -9.33 -32.01 4.98
CA LEU A 315 -10.59 -32.62 5.37
C LEU A 315 -10.52 -33.12 6.82
N HIS A 316 -9.43 -33.79 7.16
CA HIS A 316 -9.25 -34.28 8.52
C HIS A 316 -9.22 -33.13 9.52
N ARG A 317 -8.42 -32.10 9.21
CA ARG A 317 -8.30 -30.96 10.10
C ARG A 317 -9.65 -30.30 10.34
N ALA A 318 -10.45 -30.13 9.28
CA ALA A 318 -11.74 -29.48 9.42
C ALA A 318 -12.72 -30.36 10.20
N LEU A 319 -12.82 -31.64 9.84
CA LEU A 319 -13.77 -32.50 10.52
C LEU A 319 -13.38 -32.74 11.98
N GLU A 320 -12.13 -32.47 12.35
CA GLU A 320 -11.76 -32.54 13.76
C GLU A 320 -12.55 -31.53 14.58
N SER A 321 -12.94 -30.42 13.97
CA SER A 321 -13.66 -29.38 14.68
C SER A 321 -15.09 -29.83 15.01
N SER A 322 -15.68 -29.17 16.00
CA SER A 322 -17.04 -29.54 16.43
C SER A 322 -18.09 -29.11 15.42
N ILE A 323 -17.99 -27.88 14.91
CA ILE A 323 -19.02 -27.36 14.01
C ILE A 323 -19.03 -28.13 12.69
N ALA A 324 -17.87 -28.64 12.26
CA ALA A 324 -17.73 -29.31 10.97
C ALA A 324 -18.87 -30.28 10.70
N PRO A 325 -19.45 -30.24 9.51
CA PRO A 325 -20.51 -31.19 9.17
C PRO A 325 -19.93 -32.57 8.91
N ILE A 326 -20.82 -33.51 8.57
CA ILE A 326 -20.37 -34.83 8.16
C ILE A 326 -19.56 -34.72 6.88
N VAL A 327 -18.68 -35.69 6.67
CA VAL A 327 -18.05 -35.88 5.38
C VAL A 327 -18.38 -37.29 4.91
N ILE A 328 -19.38 -37.41 4.03
CA ILE A 328 -19.79 -38.70 3.49
C ILE A 328 -19.03 -38.92 2.18
N PHE A 329 -18.01 -39.77 2.23
CA PHE A 329 -17.26 -40.12 1.03
C PHE A 329 -18.01 -41.16 0.21
N ALA A 330 -17.51 -41.39 -1.01
CA ALA A 330 -18.04 -42.42 -1.88
C ALA A 330 -16.95 -42.81 -2.89
N SER A 331 -16.65 -44.10 -2.96
CA SER A 331 -15.56 -44.60 -3.77
C SER A 331 -16.13 -45.56 -4.79
N ASN A 332 -15.72 -45.40 -6.03
CA ASN A 332 -16.12 -46.32 -7.08
C ASN A 332 -15.08 -47.40 -7.34
N ARG A 333 -14.01 -47.49 -6.53
CA ARG A 333 -12.95 -48.44 -6.80
C ARG A 333 -12.38 -48.98 -5.49
N GLY A 334 -11.42 -49.88 -5.60
CA GLY A 334 -10.85 -50.38 -4.37
C GLY A 334 -9.56 -49.66 -4.06
N ASN A 335 -8.61 -50.41 -3.49
CA ASN A 335 -7.25 -49.93 -3.22
C ASN A 335 -6.77 -49.14 -4.41
N CYS A 336 -6.29 -47.92 -4.18
CA CYS A 336 -5.69 -47.12 -5.23
C CYS A 336 -4.53 -46.35 -4.64
N VAL A 337 -3.61 -45.94 -5.51
CA VAL A 337 -2.47 -45.15 -5.08
C VAL A 337 -2.94 -43.74 -4.70
N ILE A 338 -2.65 -43.33 -3.47
CA ILE A 338 -2.99 -41.99 -3.02
C ILE A 338 -2.32 -40.98 -3.94
N ARG A 339 -3.09 -40.07 -4.51
CA ARG A 339 -2.53 -39.10 -5.42
C ARG A 339 -1.56 -38.19 -4.67
N GLY A 340 -0.56 -37.73 -5.38
CA GLY A 340 0.53 -36.98 -4.76
C GLY A 340 1.72 -37.85 -4.39
N THR A 341 1.47 -38.95 -3.70
CA THR A 341 2.51 -39.92 -3.37
C THR A 341 2.35 -41.15 -4.27
N GLU A 342 3.00 -41.09 -5.43
CA GLU A 342 2.83 -42.14 -6.42
C GLU A 342 3.70 -43.35 -6.11
N ASP A 343 3.66 -43.81 -4.86
CA ASP A 343 4.32 -45.04 -4.48
C ASP A 343 3.46 -45.86 -3.53
N ILE A 344 2.54 -45.20 -2.84
CA ILE A 344 1.79 -45.81 -1.75
C ILE A 344 0.34 -45.99 -2.19
N THR A 345 -0.20 -47.18 -1.95
CA THR A 345 -1.59 -47.51 -2.27
C THR A 345 -2.29 -47.91 -0.98
N SER A 346 -3.42 -47.27 -0.69
CA SER A 346 -4.18 -47.58 0.49
C SER A 346 -5.65 -47.78 0.13
N PRO A 347 -6.41 -48.52 0.94
CA PRO A 347 -7.80 -48.83 0.59
C PRO A 347 -8.61 -47.60 0.19
N HIS A 348 -9.32 -47.71 -0.93
CA HIS A 348 -10.24 -46.67 -1.37
C HIS A 348 -9.54 -45.36 -1.69
N GLY A 349 -8.21 -45.38 -1.71
CA GLY A 349 -7.45 -44.18 -2.01
C GLY A 349 -7.36 -43.16 -0.90
N ILE A 350 -7.85 -43.49 0.30
CA ILE A 350 -7.82 -42.57 1.43
C ILE A 350 -6.59 -42.89 2.28
N PRO A 351 -5.91 -41.90 2.86
CA PRO A 351 -4.76 -42.18 3.72
C PRO A 351 -5.21 -42.85 5.02
N LEU A 352 -4.26 -43.58 5.63
CA LEU A 352 -4.59 -44.39 6.79
C LEU A 352 -5.09 -43.53 7.94
N ASP A 353 -4.46 -42.38 8.17
CA ASP A 353 -4.84 -41.53 9.29
C ASP A 353 -6.33 -41.18 9.25
N LEU A 354 -6.88 -41.01 8.04
CA LEU A 354 -8.29 -40.70 7.91
C LEU A 354 -9.13 -41.96 7.76
N LEU A 355 -8.58 -43.00 7.15
CA LEU A 355 -9.33 -44.24 6.98
C LEU A 355 -9.67 -44.87 8.32
N ASP A 356 -8.73 -44.82 9.27
CA ASP A 356 -8.98 -45.39 10.59
C ASP A 356 -10.05 -44.64 11.36
N ARG A 357 -10.44 -43.45 10.91
CA ARG A 357 -11.46 -42.65 11.57
C ARG A 357 -12.71 -42.53 10.71
N VAL A 358 -13.03 -43.57 9.96
CA VAL A 358 -14.12 -43.56 8.99
C VAL A 358 -14.98 -44.80 9.19
N MET A 359 -16.29 -44.62 9.06
CA MET A 359 -17.26 -45.68 9.19
C MET A 359 -17.78 -46.03 7.79
N ILE A 360 -17.64 -47.30 7.41
CA ILE A 360 -17.83 -47.73 6.03
C ILE A 360 -19.18 -48.40 5.88
N ILE A 361 -19.91 -48.04 4.84
CA ILE A 361 -21.23 -48.60 4.55
C ILE A 361 -21.23 -49.07 3.10
N ARG A 362 -21.60 -50.32 2.89
CA ARG A 362 -21.68 -50.88 1.54
C ARG A 362 -23.05 -50.62 0.93
N THR A 363 -23.12 -50.72 -0.40
CA THR A 363 -24.35 -50.59 -1.14
C THR A 363 -24.49 -51.74 -2.13
N MET A 364 -25.74 -52.13 -2.38
CA MET A 364 -26.04 -53.26 -3.25
C MET A 364 -26.23 -52.81 -4.69
N LEU A 365 -25.95 -53.71 -5.62
CA LEU A 365 -25.96 -53.38 -7.04
C LEU A 365 -27.37 -53.30 -7.62
N TYR A 366 -28.40 -53.63 -6.85
CA TYR A 366 -29.78 -53.55 -7.31
C TYR A 366 -30.14 -54.73 -8.20
N THR A 367 -31.42 -54.90 -8.48
CA THR A 367 -31.95 -55.95 -9.35
C THR A 367 -32.97 -55.34 -10.28
N PRO A 368 -33.32 -56.05 -11.36
CA PRO A 368 -34.23 -55.46 -12.36
C PRO A 368 -35.55 -54.97 -11.79
N GLN A 369 -36.12 -55.68 -10.82
CA GLN A 369 -37.42 -55.28 -10.28
C GLN A 369 -37.30 -53.96 -9.52
N GLU A 370 -36.27 -53.85 -8.68
CA GLU A 370 -36.08 -52.61 -7.93
C GLU A 370 -35.74 -51.45 -8.87
N MET A 371 -34.95 -51.73 -9.91
CA MET A 371 -34.61 -50.70 -10.88
C MET A 371 -35.85 -50.22 -11.62
N LYS A 372 -36.74 -51.15 -11.96
CA LYS A 372 -37.98 -50.77 -12.63
C LYS A 372 -38.86 -49.94 -11.71
N GLN A 373 -38.94 -50.31 -10.43
CA GLN A 373 -39.68 -49.48 -9.47
C GLN A 373 -39.07 -48.09 -9.40
N ILE A 374 -37.74 -48.02 -9.41
CA ILE A 374 -37.03 -46.74 -9.33
C ILE A 374 -37.41 -45.86 -10.52
N ILE A 375 -37.39 -46.46 -11.71
CA ILE A 375 -37.75 -45.71 -12.92
C ILE A 375 -39.20 -45.26 -12.84
N LYS A 376 -40.07 -46.11 -12.29
CA LYS A 376 -41.47 -45.72 -12.13
C LYS A 376 -41.59 -44.48 -11.26
N ILE A 377 -40.87 -44.46 -10.14
CA ILE A 377 -40.92 -43.30 -9.25
C ILE A 377 -40.40 -42.06 -9.96
N ARG A 378 -39.27 -42.19 -10.65
CA ARG A 378 -38.68 -41.03 -11.32
C ARG A 378 -39.60 -40.50 -12.42
N ALA A 379 -40.23 -41.40 -13.16
CA ALA A 379 -41.17 -40.97 -14.20
C ALA A 379 -42.37 -40.27 -13.59
N GLN A 380 -42.90 -40.79 -12.49
CA GLN A 380 -43.99 -40.10 -11.81
C GLN A 380 -43.57 -38.70 -11.39
N THR A 381 -42.35 -38.57 -10.87
CA THR A 381 -41.86 -37.26 -10.46
C THR A 381 -41.75 -36.31 -11.65
N GLU A 382 -41.25 -36.80 -12.78
CA GLU A 382 -41.05 -35.95 -13.94
C GLU A 382 -42.33 -35.74 -14.75
N GLY A 383 -43.35 -36.55 -14.55
CA GLY A 383 -44.58 -36.41 -15.29
C GLY A 383 -44.59 -37.10 -16.64
N ILE A 384 -44.19 -38.37 -16.68
CA ILE A 384 -44.16 -39.15 -17.92
C ILE A 384 -44.97 -40.42 -17.71
N ASN A 385 -45.90 -40.69 -18.61
CA ASN A 385 -46.63 -41.94 -18.61
C ASN A 385 -45.88 -42.95 -19.46
N ILE A 386 -45.57 -44.11 -18.88
CA ILE A 386 -44.73 -45.10 -19.53
C ILE A 386 -45.39 -46.47 -19.40
N SER A 387 -45.30 -47.26 -20.47
CA SER A 387 -45.88 -48.60 -20.46
C SER A 387 -45.02 -49.56 -19.64
N GLU A 388 -45.65 -50.65 -19.18
CA GLU A 388 -44.94 -51.61 -18.34
C GLU A 388 -43.81 -52.28 -19.11
N GLU A 389 -44.04 -52.62 -20.37
CA GLU A 389 -42.98 -53.24 -21.17
C GLU A 389 -41.81 -52.29 -21.33
N ALA A 390 -42.09 -51.00 -21.54
CA ALA A 390 -41.01 -50.01 -21.60
C ALA A 390 -40.26 -49.97 -20.28
N LEU A 391 -40.97 -50.07 -19.15
CA LEU A 391 -40.30 -50.09 -17.86
C LEU A 391 -39.40 -51.31 -17.73
N ASN A 392 -39.86 -52.47 -18.20
CA ASN A 392 -39.03 -53.67 -18.14
C ASN A 392 -37.78 -53.52 -18.98
N HIS A 393 -37.94 -52.97 -20.20
CA HIS A 393 -36.77 -52.76 -21.05
C HIS A 393 -35.80 -51.79 -20.40
N LEU A 394 -36.31 -50.71 -19.80
CA LEU A 394 -35.45 -49.75 -19.12
C LEU A 394 -34.73 -50.39 -17.95
N GLY A 395 -35.42 -51.26 -17.21
CA GLY A 395 -34.78 -51.94 -16.10
C GLY A 395 -33.66 -52.86 -16.56
N GLU A 396 -33.90 -53.62 -17.62
CA GLU A 396 -32.83 -54.47 -18.12
C GLU A 396 -31.67 -53.66 -18.67
N ILE A 397 -31.95 -52.51 -19.30
CA ILE A 397 -30.88 -51.62 -19.74
C ILE A 397 -30.07 -51.14 -18.55
N GLY A 398 -30.75 -50.72 -17.48
CA GLY A 398 -30.04 -50.29 -16.29
C GLY A 398 -29.17 -51.39 -15.71
N THR A 399 -29.69 -52.62 -15.70
CA THR A 399 -28.88 -53.74 -15.24
C THR A 399 -27.65 -53.93 -16.14
N LYS A 400 -27.81 -53.75 -17.44
CA LYS A 400 -26.67 -53.90 -18.34
C LYS A 400 -25.64 -52.80 -18.12
N THR A 401 -26.04 -51.54 -18.24
CA THR A 401 -25.08 -50.44 -18.20
C THR A 401 -25.10 -49.81 -16.82
N THR A 402 -26.21 -49.24 -16.38
CA THR A 402 -26.24 -48.55 -15.09
C THR A 402 -27.62 -47.96 -14.85
N LEU A 403 -27.85 -47.52 -13.62
CA LEU A 403 -29.11 -46.84 -13.30
C LEU A 403 -29.08 -45.40 -13.80
N ARG A 404 -27.93 -44.75 -13.76
CA ARG A 404 -27.83 -43.37 -14.24
C ARG A 404 -28.29 -43.27 -15.70
N TYR A 405 -27.79 -44.17 -16.54
CA TYR A 405 -28.14 -44.15 -17.96
C TYR A 405 -29.63 -44.40 -18.16
N SER A 406 -30.19 -45.37 -17.44
CA SER A 406 -31.61 -45.66 -17.57
C SER A 406 -32.45 -44.47 -17.16
N VAL A 407 -32.08 -43.80 -16.07
CA VAL A 407 -32.82 -42.62 -15.63
C VAL A 407 -32.72 -41.51 -16.65
N GLN A 408 -31.52 -41.29 -17.19
CA GLN A 408 -31.34 -40.22 -18.18
C GLN A 408 -32.05 -40.50 -19.50
N LEU A 409 -32.28 -41.77 -19.83
CA LEU A 409 -32.97 -42.11 -21.07
C LEU A 409 -34.44 -41.74 -21.07
N LEU A 410 -35.03 -41.45 -19.90
CA LEU A 410 -36.46 -41.22 -19.82
C LEU A 410 -36.87 -40.00 -20.62
N THR A 411 -36.22 -38.86 -20.37
CA THR A 411 -36.61 -37.61 -21.01
C THR A 411 -36.56 -37.72 -22.54
N PRO A 412 -35.45 -38.19 -23.11
CA PRO A 412 -35.40 -38.33 -24.58
C PRO A 412 -36.48 -39.24 -25.13
N ALA A 413 -36.82 -40.32 -24.41
CA ALA A 413 -37.85 -41.23 -24.92
C ALA A 413 -39.23 -40.60 -24.91
N ASN A 414 -39.63 -40.01 -23.79
CA ASN A 414 -40.91 -39.30 -23.76
C ASN A 414 -40.94 -38.18 -24.79
N LEU A 415 -39.79 -37.56 -25.04
CA LEU A 415 -39.74 -36.43 -25.95
C LEU A 415 -39.85 -36.89 -27.41
N LEU A 416 -39.23 -38.03 -27.73
CA LEU A 416 -39.44 -38.64 -29.04
C LEU A 416 -40.89 -39.04 -29.23
N ALA A 417 -41.52 -39.58 -28.18
CA ALA A 417 -42.94 -39.92 -28.27
C ALA A 417 -43.77 -38.66 -28.50
N LYS A 418 -43.43 -37.58 -27.80
CA LYS A 418 -44.09 -36.29 -28.06
C LYS A 418 -43.96 -35.92 -29.53
N ILE A 419 -42.77 -36.07 -30.10
CA ILE A 419 -42.59 -35.78 -31.53
C ILE A 419 -43.52 -36.65 -32.37
N ASN A 420 -43.59 -37.94 -32.05
CA ASN A 420 -44.46 -38.86 -32.77
C ASN A 420 -45.94 -38.57 -32.57
N GLY A 421 -46.29 -37.73 -31.61
CA GLY A 421 -47.68 -37.42 -31.34
C GLY A 421 -48.35 -38.30 -30.33
N LYS A 422 -47.59 -39.00 -29.49
CA LYS A 422 -48.13 -39.87 -28.46
C LYS A 422 -47.77 -39.33 -27.09
N ASP A 423 -48.62 -39.63 -26.11
CA ASP A 423 -48.38 -39.23 -24.74
C ASP A 423 -47.68 -40.30 -23.91
N SER A 424 -47.84 -41.57 -24.29
CA SER A 424 -47.26 -42.68 -23.57
C SER A 424 -46.05 -43.22 -24.31
N ILE A 425 -45.05 -43.66 -23.55
CA ILE A 425 -43.84 -44.25 -24.09
C ILE A 425 -44.06 -45.73 -24.29
N GLU A 426 -43.70 -46.24 -25.47
CA GLU A 426 -43.81 -47.65 -25.80
C GLU A 426 -42.43 -48.28 -25.91
N LYS A 427 -42.41 -49.58 -26.17
CA LYS A 427 -41.15 -50.30 -26.25
C LYS A 427 -40.26 -49.77 -27.37
N GLU A 428 -40.85 -49.49 -28.54
CA GLU A 428 -40.05 -49.09 -29.68
C GLU A 428 -39.36 -47.77 -29.43
N HIS A 429 -40.01 -46.86 -28.71
CA HIS A 429 -39.36 -45.59 -28.39
C HIS A 429 -38.12 -45.80 -27.53
N VAL A 430 -38.22 -46.67 -26.52
CA VAL A 430 -37.06 -46.95 -25.68
C VAL A 430 -35.96 -47.61 -26.49
N GLU A 431 -36.33 -48.55 -27.36
CA GLU A 431 -35.32 -49.18 -28.21
C GLU A 431 -34.63 -48.17 -29.11
N GLU A 432 -35.40 -47.26 -29.71
CA GLU A 432 -34.83 -46.26 -30.60
C GLU A 432 -33.90 -45.33 -29.84
N ILE A 433 -34.28 -44.92 -28.63
CA ILE A 433 -33.40 -44.06 -27.85
C ILE A 433 -32.13 -44.80 -27.44
N SER A 434 -32.25 -46.10 -27.11
CA SER A 434 -31.07 -46.87 -26.76
C SER A 434 -30.12 -47.01 -27.95
N GLU A 435 -30.66 -47.20 -29.15
CA GLU A 435 -29.83 -47.27 -30.35
C GLU A 435 -29.38 -45.90 -30.85
N LEU A 436 -29.94 -44.81 -30.31
CA LEU A 436 -29.55 -43.47 -30.73
C LEU A 436 -28.40 -42.94 -29.88
N PHE A 437 -28.59 -42.86 -28.57
CA PHE A 437 -27.54 -42.47 -27.66
C PHE A 437 -26.98 -43.71 -26.96
N TYR A 438 -25.68 -43.67 -26.69
CA TYR A 438 -24.96 -44.78 -26.09
C TYR A 438 -24.53 -44.42 -24.68
N ASP A 439 -23.98 -45.40 -23.98
CA ASP A 439 -23.29 -45.17 -22.72
C ASP A 439 -21.78 -45.19 -22.94
N ALA A 440 -21.05 -44.62 -21.98
CA ALA A 440 -19.63 -44.41 -22.16
C ALA A 440 -18.90 -45.70 -22.53
N LYS A 441 -19.14 -46.77 -21.78
CA LYS A 441 -18.43 -48.03 -22.03
C LYS A 441 -18.76 -48.58 -23.41
N SER A 442 -20.03 -48.56 -23.78
CA SER A 442 -20.43 -49.08 -25.09
C SER A 442 -19.79 -48.28 -26.21
N SER A 443 -19.78 -46.96 -26.10
CA SER A 443 -19.16 -46.13 -27.12
C SER A 443 -17.67 -46.40 -27.23
N ALA A 444 -17.00 -46.51 -26.08
CA ALA A 444 -15.57 -46.79 -26.08
C ALA A 444 -15.28 -48.10 -26.75
N LYS A 445 -16.08 -49.12 -26.47
CA LYS A 445 -15.90 -50.40 -27.15
C LYS A 445 -16.15 -50.24 -28.64
N ILE A 446 -17.26 -49.62 -29.02
CA ILE A 446 -17.55 -49.39 -30.44
C ILE A 446 -16.30 -48.86 -31.13
N LEU A 447 -15.65 -47.87 -30.53
CA LEU A 447 -14.43 -47.34 -31.12
C LEU A 447 -13.32 -48.40 -31.12
N ALA A 448 -13.18 -49.11 -30.00
CA ALA A 448 -12.09 -50.11 -29.88
C ALA A 448 -12.32 -51.25 -30.87
N ASP A 449 -13.58 -51.64 -31.07
CA ASP A 449 -13.91 -52.73 -32.02
C ASP A 449 -13.13 -52.51 -33.32
N GLN A 450 -13.10 -51.26 -33.80
CA GLN A 450 -12.36 -50.94 -35.05
C GLN A 450 -10.89 -50.64 -34.70
N GLN A 451 -10.67 -49.70 -33.78
CA GLN A 451 -9.30 -49.31 -33.35
C GLN A 451 -8.40 -50.56 -33.34
N VAL B 6 34.74 -18.06 21.71
CA VAL B 6 33.29 -17.92 21.77
C VAL B 6 32.62 -19.29 21.88
N LYS B 7 31.30 -19.28 22.06
CA LYS B 7 30.54 -20.52 22.17
C LYS B 7 30.83 -21.46 21.01
N SER B 8 31.40 -22.62 21.33
CA SER B 8 31.71 -23.60 20.29
C SER B 8 30.42 -24.16 19.70
N THR B 9 30.35 -24.20 18.38
CA THR B 9 29.18 -24.71 17.67
C THR B 9 29.36 -26.14 17.18
N THR B 10 30.27 -26.89 17.82
CA THR B 10 30.49 -28.27 17.44
C THR B 10 29.33 -29.14 17.91
N LYS B 11 29.03 -30.16 17.11
CA LYS B 11 27.99 -31.14 17.43
C LYS B 11 28.64 -32.33 18.14
N THR B 12 28.76 -32.20 19.46
CA THR B 12 29.40 -33.23 20.26
C THR B 12 28.73 -34.60 20.07
N GLN B 13 27.42 -34.59 19.80
CA GLN B 13 26.73 -35.86 19.56
C GLN B 13 27.41 -36.66 18.46
N ARG B 14 27.76 -36.00 17.36
CA ARG B 14 28.40 -36.69 16.25
C ARG B 14 29.82 -37.11 16.61
N ILE B 15 30.60 -36.19 17.19
CA ILE B 15 31.98 -36.49 17.56
C ILE B 15 32.07 -37.55 18.64
N ALA B 16 31.00 -37.73 19.43
CA ALA B 16 30.99 -38.79 20.42
C ALA B 16 31.14 -40.14 19.73
N SER B 17 31.29 -41.19 20.54
CA SER B 17 31.49 -42.55 20.07
C SER B 17 32.75 -42.66 19.22
N HIS B 18 33.52 -41.58 19.12
CA HIS B 18 34.89 -41.62 18.63
C HIS B 18 35.83 -40.82 19.52
N SER B 19 35.38 -40.44 20.71
CA SER B 19 36.23 -39.69 21.63
C SER B 19 37.41 -40.50 22.14
N HIS B 20 37.34 -41.83 22.04
CA HIS B 20 38.45 -42.66 22.50
C HIS B 20 39.69 -42.52 21.64
N VAL B 21 39.53 -42.17 20.36
CA VAL B 21 40.66 -42.09 19.44
C VAL B 21 41.35 -40.75 19.59
N LYS B 22 42.65 -40.78 19.91
CA LYS B 22 43.43 -39.56 20.08
C LYS B 22 44.43 -39.36 18.94
N GLY B 23 44.38 -40.18 17.92
CA GLY B 23 45.29 -40.04 16.80
C GLY B 23 45.34 -41.31 15.98
N LEU B 24 46.12 -41.25 14.90
CA LEU B 24 46.27 -42.41 14.03
C LEU B 24 47.10 -43.51 14.67
N GLY B 25 48.00 -43.17 15.59
CA GLY B 25 48.82 -44.17 16.23
C GLY B 25 49.68 -44.91 15.23
N LEU B 26 50.61 -44.20 14.60
CA LEU B 26 51.44 -44.75 13.55
C LEU B 26 52.89 -44.81 14.00
N ASP B 27 53.64 -45.75 13.42
CA ASP B 27 55.04 -45.91 13.73
C ASP B 27 55.85 -44.72 13.21
N GLU B 28 57.01 -44.51 13.83
CA GLU B 28 57.95 -43.53 13.29
C GLU B 28 58.42 -43.96 11.91
N SER B 29 58.70 -45.26 11.73
CA SER B 29 59.12 -45.76 10.43
C SER B 29 58.02 -45.58 9.39
N GLY B 30 56.77 -45.84 9.77
CA GLY B 30 55.65 -45.69 8.85
C GLY B 30 54.66 -46.83 8.91
N LEU B 31 54.96 -47.85 9.72
CA LEU B 31 54.04 -48.96 9.94
C LEU B 31 53.05 -48.60 11.03
N ALA B 32 52.13 -49.51 11.34
CA ALA B 32 51.08 -49.25 12.30
C ALA B 32 51.21 -50.14 13.53
N LYS B 33 51.00 -49.56 14.70
CA LYS B 33 50.91 -50.33 15.93
C LYS B 33 49.72 -51.29 15.86
N GLN B 34 49.78 -52.33 16.69
CA GLN B 34 48.62 -53.20 16.84
C GLN B 34 47.44 -52.44 17.41
N ALA B 35 47.70 -51.57 18.39
CA ALA B 35 46.66 -50.71 18.97
C ALA B 35 47.35 -49.55 19.65
N ALA B 36 47.02 -48.33 19.23
CA ALA B 36 47.61 -47.14 19.82
C ALA B 36 46.67 -45.95 19.60
N SER B 37 46.73 -44.99 20.53
CA SER B 37 45.91 -43.80 20.46
C SER B 37 44.45 -44.13 20.16
N GLY B 38 43.94 -45.19 20.78
CA GLY B 38 42.55 -45.56 20.60
C GLY B 38 42.20 -46.03 19.20
N LEU B 39 43.06 -46.82 18.57
CA LEU B 39 42.79 -47.39 17.26
C LEU B 39 43.29 -48.83 17.23
N VAL B 40 42.43 -49.76 16.84
CA VAL B 40 42.76 -51.17 16.77
C VAL B 40 42.34 -51.70 15.42
N GLY B 41 43.22 -52.42 14.75
CA GLY B 41 42.93 -53.07 13.50
C GLY B 41 43.01 -52.11 12.32
N GLN B 42 42.67 -52.64 11.15
CA GLN B 42 42.72 -51.89 9.90
C GLN B 42 44.05 -51.15 9.76
N GLU B 43 45.12 -51.95 9.71
CA GLU B 43 46.46 -51.36 9.66
C GLU B 43 46.70 -50.63 8.35
N ASN B 44 46.38 -51.26 7.22
CA ASN B 44 46.74 -50.66 5.93
C ASN B 44 46.00 -49.35 5.69
N ALA B 45 44.75 -49.25 6.15
CA ALA B 45 44.03 -48.00 6.04
C ALA B 45 44.70 -46.92 6.90
N ARG B 46 45.18 -47.31 8.08
CA ARG B 46 45.89 -46.37 8.94
C ARG B 46 47.16 -45.87 8.27
N GLU B 47 47.92 -46.77 7.64
CA GLU B 47 49.15 -46.36 6.96
C GLU B 47 48.84 -45.43 5.80
N ALA B 48 47.80 -45.74 5.02
CA ALA B 48 47.41 -44.85 3.94
C ALA B 48 46.96 -43.49 4.45
N CYS B 49 46.21 -43.47 5.55
CA CYS B 49 45.83 -42.19 6.15
C CYS B 49 47.05 -41.41 6.60
N GLY B 50 48.04 -42.09 7.17
CA GLY B 50 49.28 -41.41 7.53
C GLY B 50 50.00 -40.84 6.34
N VAL B 51 49.99 -41.57 5.22
CA VAL B 51 50.55 -41.05 3.98
C VAL B 51 49.82 -39.78 3.57
N ILE B 52 48.50 -39.80 3.69
CA ILE B 52 47.71 -38.61 3.36
C ILE B 52 48.08 -37.44 4.28
N VAL B 53 48.28 -37.72 5.57
CA VAL B 53 48.66 -36.67 6.51
C VAL B 53 50.01 -36.09 6.13
N GLU B 54 50.97 -36.95 5.78
CA GLU B 54 52.28 -36.45 5.35
C GLU B 54 52.16 -35.60 4.10
N LEU B 55 51.31 -36.03 3.16
CA LEU B 55 51.08 -35.23 1.96
C LEU B 55 50.49 -33.87 2.29
N ILE B 56 49.53 -33.83 3.22
CA ILE B 56 48.92 -32.55 3.61
C ILE B 56 49.96 -31.65 4.26
N LYS B 57 50.77 -32.19 5.16
CA LYS B 57 51.81 -31.38 5.80
C LYS B 57 52.81 -30.87 4.78
N SER B 58 53.02 -31.61 3.70
CA SER B 58 53.91 -31.17 2.63
C SER B 58 53.21 -30.25 1.63
N LYS B 59 51.93 -29.98 1.82
CA LYS B 59 51.16 -29.13 0.91
C LYS B 59 51.26 -29.63 -0.52
N LYS B 60 51.23 -30.95 -0.67
CA LYS B 60 51.22 -31.60 -1.97
C LYS B 60 49.86 -32.21 -2.30
N MET B 61 48.85 -31.93 -1.48
CA MET B 61 47.50 -32.47 -1.67
C MET B 61 46.60 -31.51 -2.44
N ALA B 62 47.15 -30.43 -2.99
CA ALA B 62 46.34 -29.41 -3.65
C ALA B 62 45.46 -30.01 -4.74
N GLY B 63 44.17 -29.72 -4.70
CA GLY B 63 43.26 -30.16 -5.74
C GLY B 63 42.81 -31.59 -5.63
N ARG B 64 43.20 -32.30 -4.58
CA ARG B 64 42.82 -33.69 -4.39
C ARG B 64 41.85 -33.84 -3.24
N ALA B 65 41.34 -35.06 -3.08
CA ALA B 65 40.44 -35.41 -1.99
C ALA B 65 40.68 -36.87 -1.63
N VAL B 66 40.02 -37.34 -0.59
CA VAL B 66 40.12 -38.72 -0.14
C VAL B 66 38.71 -39.30 -0.03
N LEU B 67 38.54 -40.50 -0.57
CA LEU B 67 37.26 -41.22 -0.51
C LEU B 67 37.48 -42.51 0.25
N LEU B 68 36.81 -42.66 1.38
CA LEU B 68 36.88 -43.86 2.20
C LEU B 68 35.69 -44.74 1.87
N ALA B 69 35.95 -45.85 1.18
CA ALA B 69 34.91 -46.76 0.73
C ALA B 69 35.02 -48.06 1.51
N GLY B 70 33.92 -48.47 2.14
CA GLY B 70 33.89 -49.69 2.91
C GLY B 70 32.53 -49.99 3.48
N PRO B 71 32.36 -51.19 4.01
CA PRO B 71 31.06 -51.57 4.60
C PRO B 71 30.73 -50.69 5.79
N PRO B 72 29.44 -50.51 6.10
CA PRO B 72 29.08 -49.63 7.21
C PRO B 72 29.64 -50.12 8.53
N GLY B 73 30.01 -49.17 9.39
CA GLY B 73 30.57 -49.50 10.68
C GLY B 73 31.92 -50.19 10.61
N THR B 74 32.81 -49.68 9.76
CA THR B 74 34.17 -50.20 9.64
C THR B 74 35.21 -49.12 9.97
N GLY B 75 34.78 -48.06 10.65
CA GLY B 75 35.70 -47.04 11.11
C GLY B 75 36.04 -45.96 10.13
N LYS B 76 35.19 -45.72 9.12
CA LYS B 76 35.44 -44.63 8.20
C LYS B 76 35.49 -43.29 8.94
N THR B 77 34.46 -43.01 9.73
CA THR B 77 34.46 -41.78 10.53
C THR B 77 35.60 -41.79 11.52
N ALA B 78 35.92 -42.95 12.08
CA ALA B 78 37.01 -43.04 13.04
C ALA B 78 38.33 -42.65 12.39
N LEU B 79 38.61 -43.15 11.20
CA LEU B 79 39.85 -42.80 10.52
C LEU B 79 39.86 -41.34 10.09
N ALA B 80 38.71 -40.83 9.65
CA ALA B 80 38.65 -39.42 9.29
C ALA B 80 38.96 -38.54 10.50
N LEU B 81 38.42 -38.89 11.67
CA LEU B 81 38.72 -38.13 12.88
C LEU B 81 40.18 -38.31 13.30
N ALA B 82 40.72 -39.51 13.10
CA ALA B 82 42.12 -39.75 13.43
C ALA B 82 43.05 -38.89 12.60
N ILE B 83 42.74 -38.69 11.32
CA ILE B 83 43.56 -37.80 10.49
C ILE B 83 43.60 -36.41 11.07
N ALA B 84 42.43 -35.86 11.41
CA ALA B 84 42.38 -34.52 11.99
C ALA B 84 43.14 -34.46 13.31
N GLN B 85 42.98 -35.48 14.15
CA GLN B 85 43.74 -35.52 15.40
C GLN B 85 45.24 -35.50 15.12
N GLU B 86 45.67 -36.24 14.09
CA GLU B 86 47.09 -36.30 13.77
C GLU B 86 47.60 -34.95 13.28
N LEU B 87 46.81 -34.22 12.49
CA LEU B 87 47.24 -32.90 12.07
C LEU B 87 47.26 -31.89 13.21
N GLY B 88 46.65 -32.20 14.34
CA GLY B 88 46.63 -31.31 15.48
C GLY B 88 45.41 -31.59 16.34
N SER B 89 45.56 -31.33 17.64
CA SER B 89 44.47 -31.60 18.58
C SER B 89 43.27 -30.71 18.29
N LYS B 90 43.51 -29.44 17.97
CA LYS B 90 42.44 -28.48 17.75
C LYS B 90 42.06 -28.30 16.29
N VAL B 91 42.65 -29.08 15.38
CA VAL B 91 42.30 -28.98 13.96
C VAL B 91 40.82 -29.28 13.80
N PRO B 92 40.05 -28.42 13.16
CA PRO B 92 38.60 -28.63 13.07
C PRO B 92 38.26 -29.91 12.32
N PHE B 93 37.23 -30.60 12.79
CA PHE B 93 36.67 -31.75 12.11
C PHE B 93 35.16 -31.56 12.04
N CYS B 94 34.63 -31.54 10.82
CA CYS B 94 33.21 -31.30 10.60
C CYS B 94 32.58 -32.49 9.89
N PRO B 95 31.96 -33.43 10.61
CA PRO B 95 31.27 -34.53 9.96
C PRO B 95 29.84 -34.17 9.60
N MET B 96 29.41 -34.68 8.45
CA MET B 96 28.08 -34.39 7.95
C MET B 96 27.63 -35.56 7.09
N VAL B 97 26.37 -35.51 6.66
CA VAL B 97 25.80 -36.55 5.83
C VAL B 97 25.15 -35.91 4.60
N GLY B 98 25.01 -36.67 3.53
CA GLY B 98 24.40 -36.16 2.32
C GLY B 98 22.96 -35.75 2.55
N SER B 99 22.24 -36.54 3.33
CA SER B 99 20.84 -36.24 3.61
C SER B 99 20.66 -35.01 4.51
N GLU B 100 21.74 -34.49 5.09
CA GLU B 100 21.62 -33.33 5.95
C GLU B 100 21.63 -32.01 5.19
N VAL B 101 21.78 -32.04 3.87
CA VAL B 101 21.83 -30.82 3.09
C VAL B 101 20.57 -30.74 2.24
N TYR B 102 19.50 -31.39 2.71
CA TYR B 102 18.23 -31.44 2.01
C TYR B 102 17.09 -30.99 2.91
N SER B 103 17.29 -29.90 3.64
CA SER B 103 16.25 -29.31 4.44
C SER B 103 15.51 -28.23 3.64
N THR B 104 14.21 -28.10 3.92
CA THR B 104 13.38 -27.13 3.21
C THR B 104 13.47 -25.73 3.82
N GLU B 105 13.72 -25.62 5.13
CA GLU B 105 13.90 -24.30 5.73
C GLU B 105 15.14 -23.61 5.14
N ILE B 106 16.28 -24.30 5.19
CA ILE B 106 17.54 -23.79 4.65
C ILE B 106 17.62 -24.16 3.19
N LYS B 107 18.53 -23.52 2.45
CA LYS B 107 18.77 -23.82 1.05
C LYS B 107 20.11 -24.53 0.92
N LYS B 108 20.23 -25.35 -0.13
CA LYS B 108 21.38 -26.25 -0.26
C LYS B 108 22.70 -25.49 -0.11
N THR B 109 22.79 -24.31 -0.70
CA THR B 109 24.02 -23.53 -0.62
C THR B 109 24.35 -23.17 0.84
N GLU B 110 23.33 -22.78 1.60
CA GLU B 110 23.57 -22.29 2.95
C GLU B 110 24.17 -23.38 3.85
N VAL B 111 23.61 -24.59 3.81
CA VAL B 111 24.05 -25.62 4.75
C VAL B 111 25.44 -26.11 4.40
N LEU B 112 25.72 -26.30 3.11
CA LEU B 112 27.08 -26.67 2.69
C LEU B 112 28.08 -25.56 3.02
N MET B 113 27.69 -24.31 2.82
CA MET B 113 28.55 -23.19 3.19
C MET B 113 28.88 -23.24 4.68
N GLU B 114 27.84 -23.41 5.50
CA GLU B 114 28.00 -23.46 6.94
C GLU B 114 28.96 -24.56 7.35
N ASN B 115 28.74 -25.76 6.83
CA ASN B 115 29.62 -26.88 7.18
C ASN B 115 31.05 -26.62 6.73
N PHE B 116 31.20 -26.09 5.51
CA PHE B 116 32.53 -25.84 4.99
C PHE B 116 33.29 -24.85 5.86
N ARG B 117 32.59 -23.81 6.32
CA ARG B 117 33.17 -22.91 7.32
C ARG B 117 33.54 -23.67 8.58
N ARG B 118 32.61 -24.46 9.12
CA ARG B 118 32.89 -25.24 10.31
C ARG B 118 34.15 -26.07 10.18
N ALA B 119 34.51 -26.48 8.96
CA ALA B 119 35.67 -27.33 8.74
C ALA B 119 36.98 -26.54 8.64
N ILE B 120 36.93 -25.22 8.65
CA ILE B 120 38.12 -24.38 8.52
C ILE B 120 38.28 -23.56 9.80
N GLY B 121 39.43 -23.71 10.46
CA GLY B 121 39.65 -23.11 11.75
C GLY B 121 40.58 -21.91 11.73
N LEU B 122 40.67 -21.26 12.89
CA LEU B 122 41.50 -20.07 13.08
C LEU B 122 42.09 -20.11 14.47
N ARG B 123 43.42 -19.99 14.57
CA ARG B 123 44.09 -19.92 15.86
C ARG B 123 44.39 -18.47 16.20
N ILE B 124 43.51 -17.86 17.00
CA ILE B 124 43.71 -16.48 17.43
C ILE B 124 44.59 -16.47 18.66
N LYS B 125 45.91 -16.44 18.45
CA LYS B 125 46.88 -16.42 19.55
C LYS B 125 47.22 -14.96 19.85
N GLU B 126 46.85 -14.50 21.04
CA GLU B 126 47.08 -13.13 21.47
C GLU B 126 47.66 -13.17 22.88
N THR B 127 48.75 -12.45 23.10
CA THR B 127 49.40 -12.41 24.41
C THR B 127 48.56 -11.56 25.36
N LYS B 128 48.03 -12.19 26.40
CA LYS B 128 47.22 -11.51 27.40
C LYS B 128 47.86 -11.67 28.77
N GLU B 129 47.83 -10.61 29.56
CA GLU B 129 48.40 -10.63 30.90
C GLU B 129 47.48 -11.44 31.81
N VAL B 130 47.78 -12.73 31.96
CA VAL B 130 46.99 -13.61 32.80
C VAL B 130 47.76 -13.86 34.10
N TYR B 131 47.01 -14.20 35.14
CA TYR B 131 47.56 -14.32 36.48
C TYR B 131 47.85 -15.80 36.80
N GLU B 132 48.82 -16.34 36.07
CA GLU B 132 49.27 -17.72 36.31
C GLU B 132 49.94 -17.79 37.67
N GLY B 133 49.41 -18.64 38.55
CA GLY B 133 50.01 -18.85 39.84
C GLY B 133 49.33 -20.00 40.55
N GLU B 134 50.06 -20.59 41.51
CA GLU B 134 49.49 -21.67 42.32
C GLU B 134 48.62 -21.08 43.41
N VAL B 135 47.40 -21.60 43.55
CA VAL B 135 46.52 -21.11 44.60
C VAL B 135 47.12 -21.48 45.95
N THR B 136 47.53 -20.47 46.71
CA THR B 136 48.08 -20.71 48.04
C THR B 136 47.00 -20.65 49.10
N GLU B 137 46.10 -19.68 49.02
CA GLU B 137 44.97 -19.58 49.92
C GLU B 137 43.90 -18.72 49.25
N LEU B 138 42.70 -18.76 49.81
CA LEU B 138 41.58 -17.99 49.29
C LEU B 138 40.97 -17.16 50.42
N THR B 139 40.76 -15.87 50.15
CA THR B 139 40.24 -14.94 51.14
C THR B 139 39.07 -14.17 50.53
N PRO B 140 37.96 -14.84 50.26
CA PRO B 140 36.78 -14.15 49.72
C PRO B 140 36.10 -13.27 50.74
N CYS B 141 36.18 -11.95 50.56
CA CYS B 141 35.58 -11.01 51.49
C CYS B 141 34.80 -9.93 50.74
N HIS B 156 37.81 -8.97 49.57
CA HIS B 156 37.42 -8.98 48.17
C HIS B 156 38.17 -10.04 47.38
N VAL B 157 37.97 -11.31 47.75
CA VAL B 157 38.56 -12.43 47.04
C VAL B 157 40.06 -12.23 46.84
N ILE B 158 40.79 -12.03 47.94
CA ILE B 158 42.24 -11.85 47.86
C ILE B 158 42.90 -13.22 47.90
N ILE B 159 43.03 -13.86 46.74
CA ILE B 159 43.59 -15.20 46.67
C ILE B 159 45.10 -15.11 46.49
N GLY B 160 45.84 -15.79 47.35
CA GLY B 160 47.29 -15.84 47.19
C GLY B 160 47.67 -16.74 46.04
N LEU B 161 48.63 -16.29 45.23
CA LEU B 161 49.06 -17.02 44.03
C LEU B 161 50.58 -17.18 44.10
N LYS B 162 51.02 -18.31 44.64
CA LYS B 162 52.46 -18.58 44.72
C LYS B 162 53.03 -18.76 43.32
N THR B 163 54.15 -18.11 43.07
CA THR B 163 54.83 -18.18 41.78
C THR B 163 56.32 -17.99 42.02
N ALA B 164 57.08 -17.70 40.95
CA ALA B 164 58.49 -17.41 41.12
C ALA B 164 58.69 -16.19 42.01
N LYS B 165 57.84 -15.18 41.88
CA LYS B 165 57.88 -14.04 42.80
C LYS B 165 57.42 -14.45 44.20
N GLY B 166 56.54 -15.45 44.30
CA GLY B 166 56.00 -15.89 45.56
C GLY B 166 54.49 -15.72 45.61
N THR B 167 53.94 -16.01 46.78
CA THR B 167 52.51 -15.85 46.99
C THR B 167 52.11 -14.39 46.77
N LYS B 168 51.05 -14.19 46.00
CA LYS B 168 50.55 -12.85 45.68
C LYS B 168 49.07 -12.79 46.03
N GLN B 169 48.74 -12.18 47.16
CA GLN B 169 47.35 -12.02 47.58
C GLN B 169 46.72 -10.93 46.72
N LEU B 170 45.94 -11.35 45.73
CA LEU B 170 45.36 -10.42 44.75
C LEU B 170 43.89 -10.20 45.06
N LYS B 171 43.48 -8.95 45.14
CA LYS B 171 42.08 -8.59 45.38
C LYS B 171 41.24 -8.89 44.13
N LEU B 172 40.40 -9.92 44.20
CA LEU B 172 39.56 -10.34 43.10
C LEU B 172 38.13 -9.83 43.32
N ASP B 173 37.21 -10.27 42.48
CA ASP B 173 35.82 -9.85 42.49
C ASP B 173 34.91 -11.06 42.62
N PRO B 174 33.66 -10.86 43.02
CA PRO B 174 32.73 -12.00 43.14
C PRO B 174 32.58 -12.79 41.84
N SER B 175 32.56 -12.11 40.70
CA SER B 175 32.41 -12.81 39.43
C SER B 175 33.60 -13.73 39.15
N ILE B 176 34.82 -13.23 39.40
CA ILE B 176 35.98 -14.08 39.19
C ILE B 176 36.00 -15.22 40.20
N PHE B 177 35.49 -14.99 41.41
CA PHE B 177 35.37 -16.07 42.38
C PHE B 177 34.39 -17.14 41.92
N GLU B 178 33.25 -16.74 41.35
CA GLU B 178 32.31 -17.75 40.84
C GLU B 178 32.90 -18.48 39.64
N SER B 179 33.71 -17.78 38.83
CA SER B 179 34.43 -18.44 37.74
C SER B 179 35.40 -19.48 38.29
N LEU B 180 36.12 -19.14 39.38
CA LEU B 180 37.01 -20.11 40.02
C LEU B 180 36.22 -21.32 40.51
N GLN B 181 35.07 -21.07 41.13
CA GLN B 181 34.24 -22.18 41.60
C GLN B 181 33.79 -23.06 40.44
N LYS B 182 33.39 -22.45 39.32
CA LYS B 182 32.98 -23.23 38.16
C LYS B 182 34.14 -24.05 37.61
N GLU B 183 35.37 -23.58 37.77
CA GLU B 183 36.56 -24.27 37.27
C GLU B 183 37.10 -25.30 38.24
N ARG B 184 36.40 -25.55 39.34
CA ARG B 184 36.84 -26.51 40.37
C ARG B 184 38.31 -26.30 40.71
N VAL B 185 38.58 -25.12 41.28
CA VAL B 185 39.92 -24.72 41.70
C VAL B 185 40.00 -24.81 43.21
N GLU B 186 41.06 -25.45 43.71
CA GLU B 186 41.25 -25.62 45.15
C GLU B 186 42.65 -25.16 45.51
N ALA B 187 43.05 -25.28 46.77
CA ALA B 187 44.39 -24.88 47.18
C ALA B 187 45.44 -25.77 46.53
N GLY B 188 46.62 -25.19 46.30
CA GLY B 188 47.69 -25.88 45.60
C GLY B 188 47.33 -26.20 44.16
N ASP B 189 46.72 -25.24 43.47
CA ASP B 189 46.22 -25.43 42.11
C ASP B 189 46.80 -24.34 41.22
N VAL B 190 47.67 -24.74 40.29
CA VAL B 190 48.26 -23.80 39.35
C VAL B 190 47.25 -23.49 38.25
N ILE B 191 46.63 -22.31 38.32
CA ILE B 191 45.62 -21.90 37.36
C ILE B 191 46.00 -20.54 36.80
N TYR B 192 45.47 -20.24 35.62
CA TYR B 192 45.73 -18.96 34.95
C TYR B 192 44.47 -18.12 35.03
N ILE B 193 44.59 -16.94 35.64
CA ILE B 193 43.46 -16.06 35.88
C ILE B 193 43.58 -14.91 34.88
N GLU B 194 42.81 -15.01 33.79
CA GLU B 194 42.88 -14.02 32.74
C GLU B 194 42.28 -12.72 33.29
N ALA B 195 43.15 -11.76 33.64
CA ALA B 195 42.72 -10.59 34.38
C ALA B 195 41.94 -9.57 33.56
N ASN B 196 42.37 -9.28 32.33
CA ASN B 196 41.69 -8.29 31.51
C ASN B 196 40.25 -8.66 31.20
N SER B 197 39.89 -9.94 31.35
CA SER B 197 38.51 -10.38 31.14
C SER B 197 37.80 -10.74 32.43
N GLY B 198 38.51 -10.80 33.55
CA GLY B 198 37.90 -11.11 34.83
C GLY B 198 37.29 -12.49 34.89
N ALA B 199 38.00 -13.50 34.40
CA ALA B 199 37.53 -14.88 34.43
C ALA B 199 38.67 -15.79 34.86
N VAL B 200 38.38 -16.66 35.83
CA VAL B 200 39.33 -17.66 36.27
C VAL B 200 39.22 -18.88 35.38
N LYS B 201 40.34 -19.26 34.75
CA LYS B 201 40.39 -20.42 33.87
C LYS B 201 41.38 -21.41 34.45
N ARG B 202 40.89 -22.55 34.91
CA ARG B 202 41.73 -23.56 35.54
C ARG B 202 42.61 -24.27 34.51
N GLN B 203 43.93 -24.23 34.74
CA GLN B 203 44.87 -24.96 33.89
C GLN B 203 45.23 -26.31 34.48
N GLY B 204 45.27 -26.42 35.80
CA GLY B 204 45.58 -27.68 36.46
C GLY B 204 45.98 -27.43 37.91
N ARG B 205 46.64 -28.44 38.48
CA ARG B 205 47.12 -28.41 39.85
C ARG B 205 48.61 -28.09 39.86
N CYS B 206 49.24 -28.18 41.03
CA CYS B 206 50.67 -27.99 41.18
C CYS B 206 51.36 -29.33 41.36
N ASP B 207 52.68 -29.32 41.25
CA ASP B 207 53.46 -30.55 41.40
C ASP B 207 53.47 -31.07 42.84
N THR B 208 53.01 -30.28 43.81
CA THR B 208 53.01 -30.74 45.19
C THR B 208 52.26 -32.06 45.33
N TYR B 209 51.14 -32.20 44.61
CA TYR B 209 50.39 -33.44 44.59
C TYR B 209 50.71 -34.31 43.38
N ALA B 210 51.70 -33.92 42.58
CA ALA B 210 52.05 -34.68 41.39
C ALA B 210 52.72 -36.00 41.77
N THR B 211 52.18 -37.09 41.26
CA THR B 211 52.71 -38.43 41.46
C THR B 211 53.47 -38.86 40.19
N GLU B 212 53.86 -40.14 40.13
CA GLU B 212 54.57 -40.62 38.95
C GLU B 212 53.76 -40.40 37.69
N PHE B 213 52.46 -40.70 37.74
CA PHE B 213 51.62 -40.55 36.56
C PHE B 213 51.25 -39.09 36.32
N ASP B 214 51.10 -38.31 37.40
CA ASP B 214 50.78 -36.89 37.28
C ASP B 214 52.08 -36.09 37.19
N LEU B 215 52.32 -35.46 36.05
CA LEU B 215 53.58 -34.79 35.78
C LEU B 215 53.32 -33.32 35.47
N GLU B 216 54.36 -32.62 35.04
CA GLU B 216 54.31 -31.19 34.78
C GLU B 216 53.61 -30.91 33.44
N ALA B 217 53.23 -29.65 33.26
CA ALA B 217 52.56 -29.20 32.05
C ALA B 217 51.31 -30.03 31.77
N GLU B 218 50.59 -30.37 32.84
CA GLU B 218 49.39 -31.17 32.75
C GLU B 218 48.47 -30.77 33.89
N GLU B 219 47.50 -31.62 34.24
CA GLU B 219 46.58 -31.33 35.34
C GLU B 219 47.28 -31.14 36.68
N TYR B 220 48.61 -31.25 36.72
CA TYR B 220 49.40 -30.96 37.91
C TYR B 220 50.57 -30.06 37.52
N VAL B 221 50.25 -29.00 36.78
CA VAL B 221 51.23 -28.03 36.28
C VAL B 221 52.21 -27.62 37.37
N PRO B 222 53.44 -27.24 37.02
CA PRO B 222 54.40 -26.80 38.03
C PRO B 222 54.10 -25.38 38.49
N LEU B 223 54.89 -24.94 39.47
CA LEU B 223 54.82 -23.56 39.92
C LEU B 223 55.20 -22.62 38.78
N PRO B 224 54.42 -21.58 38.51
CA PRO B 224 54.75 -20.65 37.41
C PRO B 224 56.10 -19.98 37.65
N LYS B 225 57.05 -20.26 36.76
CA LYS B 225 58.38 -19.64 36.83
C LYS B 225 58.29 -18.27 36.16
N GLY B 226 58.08 -17.24 36.96
CA GLY B 226 57.90 -15.89 36.44
C GLY B 226 56.89 -15.10 37.24
N ASP B 227 56.73 -13.81 36.92
CA ASP B 227 55.81 -12.97 37.66
C ASP B 227 54.38 -13.44 37.47
N VAL B 228 53.55 -13.21 38.49
CA VAL B 228 52.18 -13.69 38.51
C VAL B 228 51.43 -13.21 37.28
N HIS B 229 51.56 -11.92 36.94
CA HIS B 229 50.94 -11.40 35.73
C HIS B 229 51.97 -11.54 34.61
N LYS B 230 51.63 -12.36 33.61
CA LYS B 230 52.53 -12.69 32.52
C LYS B 230 51.76 -12.67 31.21
N LYS B 231 52.40 -12.17 30.17
CA LYS B 231 51.80 -12.14 28.83
C LYS B 231 51.87 -13.54 28.24
N LYS B 232 50.74 -14.25 28.28
CA LYS B 232 50.67 -15.63 27.80
C LYS B 232 49.86 -15.69 26.52
N GLU B 233 50.29 -16.53 25.59
CA GLU B 233 49.60 -16.68 24.32
C GLU B 233 48.31 -17.45 24.53
N ILE B 234 47.17 -16.76 24.47
CA ILE B 234 45.87 -17.38 24.59
C ILE B 234 45.42 -17.77 23.18
N ILE B 235 45.87 -18.94 22.73
CA ILE B 235 45.55 -19.43 21.39
C ILE B 235 44.08 -19.86 21.40
N GLN B 236 43.20 -19.02 20.87
CA GLN B 236 41.80 -19.36 20.76
C GLN B 236 41.58 -20.18 19.50
N ASP B 237 41.05 -21.38 19.66
CA ASP B 237 40.74 -22.26 18.53
C ASP B 237 39.26 -22.09 18.20
N VAL B 238 39.00 -21.47 17.05
CA VAL B 238 37.62 -21.19 16.65
C VAL B 238 37.56 -21.17 15.14
N THR B 239 36.45 -21.65 14.59
CA THR B 239 36.21 -21.67 13.16
C THR B 239 35.47 -20.42 12.73
N LEU B 240 35.42 -20.20 11.42
CA LEU B 240 34.75 -19.01 10.91
C LEU B 240 33.28 -19.01 11.26
N HIS B 241 32.63 -20.16 11.21
CA HIS B 241 31.21 -20.22 11.58
C HIS B 241 31.03 -19.84 13.05
N ASP B 242 31.92 -20.30 13.92
CA ASP B 242 31.85 -19.89 15.32
C ASP B 242 31.87 -18.37 15.44
N LEU B 243 32.66 -17.70 14.59
CA LEU B 243 32.66 -16.25 14.58
C LEU B 243 31.30 -15.70 14.14
N ASP B 244 30.72 -16.30 13.10
CA ASP B 244 29.43 -15.82 12.60
C ASP B 244 28.36 -15.94 13.68
N VAL B 245 28.31 -17.10 14.36
CA VAL B 245 27.34 -17.27 15.43
C VAL B 245 27.60 -16.29 16.57
N ALA B 246 28.86 -15.88 16.74
CA ALA B 246 29.18 -14.91 17.79
C ALA B 246 28.44 -13.60 17.56
N ASN B 247 28.39 -13.13 16.32
CA ASN B 247 27.68 -11.90 15.99
C ASN B 247 26.25 -12.20 15.57
N ILE B 271 23.57 -14.74 10.04
CA ILE B 271 24.14 -15.35 8.85
C ILE B 271 23.37 -14.92 7.61
N THR B 272 23.46 -13.63 7.28
CA THR B 272 22.74 -13.07 6.15
C THR B 272 23.72 -12.46 5.14
N ASP B 273 24.94 -12.99 5.10
CA ASP B 273 25.95 -12.59 4.13
C ASP B 273 26.49 -11.18 4.40
N LYS B 274 25.94 -10.49 5.40
CA LYS B 274 26.55 -9.24 5.85
C LYS B 274 27.52 -9.53 6.98
N LEU B 275 27.02 -10.16 8.05
CA LEU B 275 27.90 -10.55 9.14
C LEU B 275 28.91 -11.59 8.68
N ARG B 276 28.48 -12.51 7.81
CA ARG B 276 29.37 -13.55 7.33
C ARG B 276 30.56 -12.95 6.58
N GLY B 277 30.29 -12.00 5.68
CA GLY B 277 31.38 -11.33 5.00
C GLY B 277 32.21 -10.47 5.93
N GLU B 278 31.56 -9.76 6.85
CA GLU B 278 32.28 -8.92 7.79
C GLU B 278 33.19 -9.75 8.68
N ILE B 279 32.73 -10.93 9.11
CA ILE B 279 33.59 -11.85 9.84
C ILE B 279 34.80 -12.21 8.99
N ASN B 280 34.59 -12.40 7.68
CA ASN B 280 35.70 -12.70 6.79
C ASN B 280 36.74 -11.58 6.80
N LYS B 281 36.27 -10.33 6.75
CA LYS B 281 37.20 -9.20 6.76
C LYS B 281 37.93 -9.10 8.09
N VAL B 282 37.23 -9.34 9.20
CA VAL B 282 37.87 -9.28 10.51
C VAL B 282 38.94 -10.36 10.62
N VAL B 283 38.63 -11.57 10.13
CA VAL B 283 39.61 -12.65 10.15
C VAL B 283 40.81 -12.30 9.28
N ASN B 284 40.56 -11.69 8.13
CA ASN B 284 41.66 -11.27 7.28
C ASN B 284 42.56 -10.26 7.99
N LYS B 285 41.94 -9.30 8.67
CA LYS B 285 42.71 -8.32 9.43
C LYS B 285 43.54 -9.00 10.51
N TYR B 286 42.93 -9.93 11.25
CA TYR B 286 43.66 -10.67 12.27
C TYR B 286 44.85 -11.39 11.66
N ILE B 287 44.66 -11.99 10.49
CA ILE B 287 45.76 -12.69 9.82
C ILE B 287 46.87 -11.72 9.46
N ASP B 288 46.51 -10.55 8.93
CA ASP B 288 47.52 -9.56 8.56
C ASP B 288 48.32 -9.12 9.77
N GLN B 289 47.64 -8.91 10.90
CA GLN B 289 48.35 -8.51 12.11
C GLN B 289 49.36 -9.57 12.55
N GLY B 290 49.18 -10.81 12.08
CA GLY B 290 50.07 -11.89 12.47
C GLY B 290 49.72 -12.59 13.76
N ILE B 291 48.54 -12.33 14.31
CA ILE B 291 48.13 -12.93 15.57
C ILE B 291 47.23 -14.14 15.36
N ALA B 292 46.53 -14.23 14.22
CA ALA B 292 45.69 -15.36 13.90
C ALA B 292 46.25 -16.07 12.67
N GLU B 293 46.37 -17.39 12.75
CA GLU B 293 46.96 -18.20 11.69
C GLU B 293 45.94 -19.22 11.22
N LEU B 294 45.73 -19.30 9.91
CA LEU B 294 44.73 -20.20 9.35
C LEU B 294 45.17 -21.65 9.47
N VAL B 295 44.27 -22.51 9.93
CA VAL B 295 44.56 -23.94 10.06
C VAL B 295 43.42 -24.72 9.38
N PRO B 296 43.60 -25.14 8.13
CA PRO B 296 42.53 -25.89 7.44
C PRO B 296 42.23 -27.19 8.17
N GLY B 297 40.95 -27.54 8.22
CA GLY B 297 40.48 -28.74 8.90
C GLY B 297 40.18 -29.87 7.93
N VAL B 298 39.26 -30.74 8.33
CA VAL B 298 38.85 -31.88 7.53
C VAL B 298 37.34 -31.90 7.48
N LEU B 299 36.78 -31.87 6.26
CA LEU B 299 35.34 -31.90 6.05
C LEU B 299 34.96 -33.32 5.62
N PHE B 300 34.42 -34.09 6.55
CA PHE B 300 34.06 -35.48 6.31
C PHE B 300 32.59 -35.56 5.92
N VAL B 301 32.33 -36.12 4.73
CA VAL B 301 30.98 -36.18 4.17
C VAL B 301 30.61 -37.65 4.04
N ASP B 302 29.77 -38.13 4.95
CA ASP B 302 29.26 -39.49 4.89
C ASP B 302 28.06 -39.55 3.96
N GLU B 303 27.72 -40.78 3.54
CA GLU B 303 26.58 -41.00 2.66
C GLU B 303 26.67 -40.12 1.42
N VAL B 304 27.86 -40.11 0.81
CA VAL B 304 28.13 -39.20 -0.29
C VAL B 304 27.25 -39.44 -1.50
N HIS B 305 26.74 -40.66 -1.69
CA HIS B 305 25.94 -40.95 -2.86
C HIS B 305 24.63 -40.18 -2.88
N MET B 306 24.22 -39.59 -1.75
CA MET B 306 22.96 -38.89 -1.66
C MET B 306 23.05 -37.43 -2.08
N LEU B 307 24.25 -36.91 -2.31
CA LEU B 307 24.40 -35.56 -2.83
C LEU B 307 24.05 -35.54 -4.31
N ASP B 308 23.64 -34.37 -4.78
CA ASP B 308 23.27 -34.20 -6.19
C ASP B 308 24.44 -33.61 -6.96
N ILE B 309 24.24 -33.39 -8.26
CA ILE B 309 25.34 -32.94 -9.11
C ILE B 309 25.76 -31.52 -8.75
N GLU B 310 24.79 -30.67 -8.42
CA GLU B 310 25.11 -29.29 -8.08
C GLU B 310 25.96 -29.20 -6.83
N CYS B 311 25.66 -30.01 -5.81
CA CYS B 311 26.49 -30.02 -4.62
C CYS B 311 27.89 -30.48 -4.94
N PHE B 312 28.04 -31.46 -5.83
CA PHE B 312 29.37 -31.90 -6.23
C PHE B 312 30.13 -30.79 -6.94
N THR B 313 29.45 -30.05 -7.81
CA THR B 313 30.11 -28.92 -8.48
C THR B 313 30.55 -27.87 -7.48
N TYR B 314 29.69 -27.55 -6.51
CA TYR B 314 30.08 -26.61 -5.46
C TYR B 314 31.27 -27.12 -4.68
N LEU B 315 31.28 -28.42 -4.35
CA LEU B 315 32.39 -28.99 -3.61
C LEU B 315 33.68 -28.88 -4.42
N HIS B 316 33.62 -29.16 -5.71
CA HIS B 316 34.80 -29.03 -6.57
C HIS B 316 35.32 -27.60 -6.56
N ARG B 317 34.43 -26.64 -6.81
CA ARG B 317 34.87 -25.25 -6.90
C ARG B 317 35.45 -24.77 -5.57
N ALA B 318 34.85 -25.18 -4.46
CA ALA B 318 35.41 -24.83 -3.16
C ALA B 318 36.77 -25.50 -2.95
N LEU B 319 36.91 -26.74 -3.41
CA LEU B 319 38.17 -27.45 -3.28
C LEU B 319 39.28 -26.77 -4.07
N GLU B 320 38.93 -26.13 -5.19
CA GLU B 320 39.94 -25.47 -6.00
C GLU B 320 40.69 -24.40 -5.20
N SER B 321 40.02 -23.78 -4.23
CA SER B 321 40.65 -22.71 -3.47
C SER B 321 41.85 -23.22 -2.68
N SER B 322 42.74 -22.30 -2.33
CA SER B 322 43.95 -22.67 -1.61
C SER B 322 43.65 -22.99 -0.14
N ILE B 323 42.80 -22.18 0.50
CA ILE B 323 42.52 -22.37 1.91
C ILE B 323 41.52 -23.50 2.16
N ALA B 324 41.01 -24.14 1.11
CA ALA B 324 40.00 -25.16 1.29
C ALA B 324 40.57 -26.34 2.11
N PRO B 325 39.78 -26.89 3.02
CA PRO B 325 40.23 -28.04 3.79
C PRO B 325 40.17 -29.32 2.96
N ILE B 326 40.81 -30.36 3.49
CA ILE B 326 40.76 -31.66 2.84
C ILE B 326 39.35 -32.22 2.93
N VAL B 327 38.82 -32.67 1.81
CA VAL B 327 37.46 -33.22 1.75
C VAL B 327 37.56 -34.74 1.76
N ILE B 328 37.01 -35.37 2.79
CA ILE B 328 37.05 -36.82 2.94
C ILE B 328 35.64 -37.35 2.73
N PHE B 329 35.45 -38.13 1.67
CA PHE B 329 34.18 -38.74 1.38
C PHE B 329 34.08 -40.12 2.03
N ALA B 330 32.87 -40.66 2.07
CA ALA B 330 32.65 -42.00 2.57
C ALA B 330 31.45 -42.60 1.84
N SER B 331 31.59 -43.85 1.41
CA SER B 331 30.54 -44.50 0.65
C SER B 331 30.39 -45.94 1.09
N ASN B 332 29.17 -46.31 1.47
CA ASN B 332 28.85 -47.68 1.84
C ASN B 332 28.31 -48.50 0.69
N ARG B 333 28.14 -47.90 -0.49
CA ARG B 333 27.60 -48.59 -1.65
C ARG B 333 28.56 -48.44 -2.83
N GLY B 334 28.23 -49.14 -3.93
CA GLY B 334 29.04 -49.11 -5.13
C GLY B 334 28.53 -48.12 -6.16
N ASN B 335 28.64 -48.47 -7.44
CA ASN B 335 28.18 -47.57 -8.48
C ASN B 335 26.69 -47.29 -8.33
N CYS B 336 26.35 -46.00 -8.31
CA CYS B 336 24.98 -45.55 -8.12
C CYS B 336 24.70 -44.38 -9.04
N VAL B 337 23.42 -44.18 -9.38
CA VAL B 337 23.05 -43.08 -10.26
C VAL B 337 23.19 -41.77 -9.50
N ILE B 338 23.92 -40.82 -10.10
CA ILE B 338 24.08 -39.51 -9.49
C ILE B 338 22.72 -38.87 -9.30
N ARG B 339 22.51 -38.27 -8.12
CA ARG B 339 21.24 -37.63 -7.84
C ARG B 339 20.98 -36.49 -8.82
N GLY B 340 19.73 -36.33 -9.22
CA GLY B 340 19.37 -35.36 -10.22
C GLY B 340 19.38 -35.95 -11.62
N THR B 341 20.57 -36.27 -12.12
CA THR B 341 20.68 -36.91 -13.43
C THR B 341 19.96 -38.26 -13.41
N GLU B 342 18.90 -38.38 -14.21
CA GLU B 342 18.08 -39.59 -14.17
C GLU B 342 18.89 -40.83 -14.49
N ASP B 343 19.58 -40.81 -15.64
CA ASP B 343 20.47 -41.89 -16.03
C ASP B 343 21.90 -41.53 -15.65
N ILE B 344 22.87 -42.29 -16.16
CA ILE B 344 24.28 -41.99 -15.92
C ILE B 344 24.65 -42.33 -14.48
N THR B 345 24.98 -43.60 -14.26
CA THR B 345 25.41 -44.07 -12.94
C THR B 345 26.93 -44.06 -12.88
N SER B 346 27.49 -43.34 -11.93
CA SER B 346 28.93 -43.27 -11.76
C SER B 346 29.35 -43.93 -10.44
N PRO B 347 30.57 -44.45 -10.36
CA PRO B 347 31.02 -45.10 -9.12
C PRO B 347 30.73 -44.29 -7.88
N HIS B 348 30.02 -44.89 -6.93
CA HIS B 348 29.68 -44.26 -5.65
C HIS B 348 28.75 -43.08 -5.79
N GLY B 349 28.29 -42.77 -7.00
CA GLY B 349 27.49 -41.59 -7.24
C GLY B 349 28.27 -40.32 -7.47
N ILE B 350 29.58 -40.35 -7.32
CA ILE B 350 30.41 -39.16 -7.55
C ILE B 350 30.57 -38.97 -9.06
N PRO B 351 30.47 -37.74 -9.56
CA PRO B 351 30.73 -37.51 -10.99
C PRO B 351 32.21 -37.64 -11.30
N LEU B 352 32.49 -37.93 -12.57
CA LEU B 352 33.85 -38.31 -12.96
C LEU B 352 34.84 -37.17 -12.73
N ASP B 353 34.45 -35.94 -13.06
CA ASP B 353 35.39 -34.83 -12.99
C ASP B 353 35.93 -34.64 -11.57
N LEU B 354 35.19 -35.13 -10.58
CA LEU B 354 35.67 -35.10 -9.20
C LEU B 354 36.24 -36.44 -8.77
N LEU B 355 35.72 -37.55 -9.32
CA LEU B 355 36.27 -38.86 -9.00
C LEU B 355 37.73 -38.98 -9.42
N ASP B 356 38.11 -38.31 -10.50
CA ASP B 356 39.50 -38.34 -10.95
C ASP B 356 40.42 -37.52 -10.06
N ARG B 357 39.87 -36.72 -9.13
CA ARG B 357 40.65 -35.89 -8.23
C ARG B 357 40.58 -36.39 -6.80
N VAL B 358 40.28 -37.68 -6.59
CA VAL B 358 40.15 -38.24 -5.25
C VAL B 358 41.05 -39.46 -5.14
N MET B 359 41.50 -39.72 -3.92
CA MET B 359 42.36 -40.86 -3.61
C MET B 359 41.58 -41.79 -2.70
N ILE B 360 41.35 -43.02 -3.17
CA ILE B 360 40.42 -43.93 -2.52
C ILE B 360 41.15 -44.72 -1.45
N ILE B 361 40.56 -44.79 -0.26
CA ILE B 361 41.13 -45.48 0.89
C ILE B 361 40.17 -46.58 1.31
N ARG B 362 40.69 -47.78 1.52
CA ARG B 362 39.86 -48.96 1.72
C ARG B 362 39.84 -49.37 3.17
N THR B 363 38.64 -49.60 3.72
CA THR B 363 38.46 -50.02 5.10
C THR B 363 38.11 -51.50 5.13
N MET B 364 38.90 -52.28 5.85
CA MET B 364 38.69 -53.72 5.95
C MET B 364 37.52 -54.02 6.90
N LEU B 365 37.27 -55.29 7.12
CA LEU B 365 36.23 -55.74 8.03
C LEU B 365 36.85 -56.36 9.27
N TYR B 366 36.26 -56.04 10.43
CA TYR B 366 36.78 -56.48 11.71
C TYR B 366 36.40 -57.92 12.00
N THR B 367 37.31 -58.65 12.63
CA THR B 367 37.07 -59.98 13.14
C THR B 367 36.61 -59.92 14.59
N PRO B 368 36.17 -61.05 15.15
CA PRO B 368 35.65 -61.02 16.52
C PRO B 368 36.61 -60.44 17.54
N GLN B 369 37.92 -60.71 17.41
CA GLN B 369 38.87 -60.25 18.42
C GLN B 369 39.00 -58.73 18.41
N GLU B 370 39.19 -58.14 17.22
CA GLU B 370 39.24 -56.69 17.12
C GLU B 370 37.92 -56.07 17.52
N MET B 371 36.82 -56.75 17.17
CA MET B 371 35.49 -56.33 17.59
C MET B 371 35.46 -56.17 19.10
N LYS B 372 35.93 -57.21 19.81
CA LYS B 372 35.90 -57.20 21.26
C LYS B 372 36.82 -56.13 21.83
N GLN B 373 38.01 -55.95 21.25
CA GLN B 373 38.91 -54.92 21.75
C GLN B 373 38.31 -53.53 21.60
N ILE B 374 37.67 -53.26 20.46
CA ILE B 374 37.03 -51.96 20.26
C ILE B 374 35.90 -51.77 21.27
N ILE B 375 35.10 -52.82 21.48
CA ILE B 375 34.02 -52.72 22.46
C ILE B 375 34.57 -52.45 23.85
N LYS B 376 35.70 -53.08 24.18
CA LYS B 376 36.35 -52.84 25.46
C LYS B 376 36.80 -51.39 25.59
N ILE B 377 37.37 -50.84 24.51
CA ILE B 377 37.79 -49.44 24.53
C ILE B 377 36.59 -48.54 24.80
N ARG B 378 35.48 -48.79 24.10
CA ARG B 378 34.28 -47.99 24.31
C ARG B 378 33.76 -48.12 25.74
N ALA B 379 33.75 -49.35 26.27
CA ALA B 379 33.27 -49.56 27.63
C ALA B 379 34.13 -48.79 28.62
N GLN B 380 35.46 -48.83 28.45
CA GLN B 380 36.33 -48.08 29.34
C GLN B 380 36.08 -46.58 29.23
N THR B 381 35.91 -46.08 28.01
CA THR B 381 35.68 -44.65 27.83
C THR B 381 34.39 -44.21 28.50
N GLU B 382 33.32 -44.99 28.32
CA GLU B 382 32.03 -44.63 28.92
C GLU B 382 31.95 -44.98 30.41
N GLY B 383 32.88 -45.79 30.91
CA GLY B 383 32.90 -46.11 32.32
C GLY B 383 32.06 -47.31 32.72
N ILE B 384 31.88 -48.27 31.81
CA ILE B 384 31.12 -49.48 32.10
C ILE B 384 32.08 -50.58 32.50
N ASN B 385 31.87 -51.16 33.68
CA ASN B 385 32.58 -52.35 34.11
C ASN B 385 31.86 -53.57 33.54
N ILE B 386 32.53 -54.28 32.63
CA ILE B 386 31.90 -55.34 31.86
C ILE B 386 32.73 -56.60 32.00
N SER B 387 32.05 -57.75 32.05
CA SER B 387 32.72 -59.03 32.15
C SER B 387 33.19 -59.51 30.78
N GLU B 388 34.11 -60.48 30.80
CA GLU B 388 34.65 -61.00 29.55
C GLU B 388 33.57 -61.67 28.71
N GLU B 389 32.68 -62.43 29.36
CA GLU B 389 31.61 -63.10 28.63
C GLU B 389 30.71 -62.08 27.93
N ALA B 390 30.38 -61.00 28.62
CA ALA B 390 29.59 -59.94 28.00
C ALA B 390 30.31 -59.33 26.80
N LEU B 391 31.63 -59.12 26.93
CA LEU B 391 32.39 -58.59 25.80
C LEU B 391 32.32 -59.54 24.61
N ASN B 392 32.50 -60.83 24.85
CA ASN B 392 32.46 -61.80 23.76
C ASN B 392 31.09 -61.83 23.11
N HIS B 393 30.02 -61.80 23.90
CA HIS B 393 28.69 -61.81 23.33
C HIS B 393 28.42 -60.54 22.53
N LEU B 394 28.86 -59.39 23.03
CA LEU B 394 28.71 -58.15 22.28
C LEU B 394 29.47 -58.21 20.96
N GLY B 395 30.68 -58.77 20.99
CA GLY B 395 31.42 -58.93 19.75
C GLY B 395 30.70 -59.83 18.76
N GLU B 396 30.11 -60.91 19.26
CA GLU B 396 29.33 -61.79 18.38
C GLU B 396 28.15 -61.04 17.78
N ILE B 397 27.46 -60.25 18.61
CA ILE B 397 26.32 -59.47 18.12
C ILE B 397 26.78 -58.50 17.03
N GLY B 398 27.89 -57.82 17.26
CA GLY B 398 28.44 -56.88 16.30
C GLY B 398 28.80 -57.56 14.99
N THR B 399 29.43 -58.73 15.08
CA THR B 399 29.73 -59.51 13.88
C THR B 399 28.45 -59.88 13.15
N LYS B 400 27.38 -60.13 13.90
CA LYS B 400 26.10 -60.49 13.31
C LYS B 400 25.52 -59.34 12.50
N THR B 401 25.46 -58.14 13.10
CA THR B 401 24.84 -57.00 12.44
C THR B 401 25.83 -55.87 12.14
N THR B 402 26.49 -55.32 13.16
CA THR B 402 27.40 -54.21 12.95
C THR B 402 28.01 -53.78 14.27
N LEU B 403 29.08 -53.00 14.18
CA LEU B 403 29.69 -52.41 15.37
C LEU B 403 28.79 -51.37 16.02
N ARG B 404 28.07 -50.60 15.22
CA ARG B 404 27.25 -49.53 15.77
C ARG B 404 26.15 -50.09 16.67
N TYR B 405 25.51 -51.17 16.25
CA TYR B 405 24.50 -51.81 17.09
C TYR B 405 25.12 -52.32 18.39
N SER B 406 26.30 -52.93 18.31
CA SER B 406 26.96 -53.44 19.50
C SER B 406 27.25 -52.32 20.48
N VAL B 407 27.74 -51.18 19.97
CA VAL B 407 28.04 -50.05 20.85
C VAL B 407 26.75 -49.48 21.45
N GLN B 408 25.69 -49.35 20.64
CA GLN B 408 24.43 -48.86 21.16
C GLN B 408 23.81 -49.79 22.20
N LEU B 409 24.15 -51.08 22.16
CA LEU B 409 23.62 -52.03 23.14
C LEU B 409 24.26 -51.89 24.52
N LEU B 410 25.23 -50.99 24.68
CA LEU B 410 25.95 -50.90 25.94
C LEU B 410 25.13 -50.20 27.02
N THR B 411 24.78 -48.93 26.79
CA THR B 411 24.10 -48.15 27.81
C THR B 411 22.82 -48.80 28.29
N PRO B 412 21.91 -49.25 27.41
CA PRO B 412 20.72 -49.95 27.91
C PRO B 412 21.06 -51.16 28.76
N ALA B 413 22.11 -51.90 28.40
CA ALA B 413 22.55 -53.01 29.23
C ALA B 413 23.04 -52.54 30.60
N ASN B 414 23.80 -51.43 30.62
CA ASN B 414 24.27 -50.91 31.90
C ASN B 414 23.10 -50.51 32.79
N LEU B 415 22.10 -49.83 32.23
CA LEU B 415 20.94 -49.45 33.02
C LEU B 415 20.09 -50.65 33.44
N LEU B 416 20.01 -51.68 32.60
CA LEU B 416 19.34 -52.91 33.02
C LEU B 416 20.05 -53.53 34.21
N ALA B 417 21.38 -53.59 34.17
CA ALA B 417 22.15 -54.11 35.30
C ALA B 417 21.92 -53.25 36.54
N LYS B 418 21.91 -51.93 36.37
CA LYS B 418 21.64 -51.04 37.51
C LYS B 418 20.26 -51.34 38.11
N ILE B 419 19.25 -51.51 37.27
CA ILE B 419 17.92 -51.80 37.76
C ILE B 419 17.91 -53.12 38.53
N ASN B 420 18.57 -54.14 37.99
CA ASN B 420 18.70 -55.40 38.70
C ASN B 420 19.50 -55.25 39.99
N GLY B 421 20.31 -54.20 40.10
CA GLY B 421 21.09 -53.93 41.29
C GLY B 421 22.56 -54.29 41.18
N LYS B 422 22.95 -55.04 40.15
CA LYS B 422 24.34 -55.40 39.97
C LYS B 422 25.10 -54.29 39.25
N ASP B 423 26.33 -54.05 39.69
CA ASP B 423 27.14 -52.97 39.14
C ASP B 423 27.83 -53.35 37.83
N SER B 424 28.05 -54.63 37.57
CA SER B 424 28.70 -55.09 36.35
C SER B 424 27.69 -55.72 35.41
N ILE B 425 28.01 -55.67 34.12
CA ILE B 425 27.13 -56.20 33.08
C ILE B 425 27.34 -57.71 32.98
N GLU B 426 26.23 -58.44 32.86
CA GLU B 426 26.24 -59.89 32.75
C GLU B 426 25.74 -60.32 31.39
N LYS B 427 26.33 -61.40 30.87
CA LYS B 427 26.04 -61.82 29.50
C LYS B 427 24.58 -62.25 29.34
N GLU B 428 24.02 -62.92 30.34
CA GLU B 428 22.66 -63.44 30.20
C GLU B 428 21.65 -62.32 29.97
N HIS B 429 21.77 -61.22 30.72
CA HIS B 429 20.85 -60.11 30.51
C HIS B 429 21.21 -59.29 29.28
N VAL B 430 22.47 -59.34 28.82
CA VAL B 430 22.76 -58.81 27.50
C VAL B 430 21.99 -59.59 26.45
N GLU B 431 21.79 -60.90 26.68
CA GLU B 431 20.98 -61.70 25.78
C GLU B 431 19.56 -61.15 25.68
N GLU B 432 18.98 -60.76 26.81
CA GLU B 432 17.59 -60.27 26.84
C GLU B 432 17.50 -58.79 26.55
N ILE B 433 18.63 -58.10 26.46
CA ILE B 433 18.65 -56.73 25.96
C ILE B 433 18.73 -56.79 24.44
N SER B 434 19.37 -57.84 23.93
CA SER B 434 19.35 -58.08 22.49
C SER B 434 17.96 -58.50 22.02
N GLU B 435 17.21 -59.20 22.87
CA GLU B 435 15.85 -59.60 22.55
C GLU B 435 14.82 -58.49 22.77
N LEU B 436 15.19 -57.42 23.47
CA LEU B 436 14.30 -56.29 23.67
C LEU B 436 14.38 -55.31 22.51
N PHE B 437 15.60 -54.92 22.13
CA PHE B 437 15.83 -54.03 21.00
C PHE B 437 16.28 -54.85 19.79
N TYR B 438 15.87 -54.40 18.61
CA TYR B 438 16.15 -55.11 17.37
C TYR B 438 17.03 -54.27 16.46
N ASP B 439 17.69 -54.95 15.54
CA ASP B 439 18.44 -54.30 14.47
C ASP B 439 17.50 -53.91 13.35
N ALA B 440 17.82 -52.80 12.67
CA ALA B 440 16.96 -52.28 11.62
C ALA B 440 16.62 -53.37 10.61
N LYS B 441 17.63 -54.07 10.10
CA LYS B 441 17.38 -55.13 9.13
C LYS B 441 16.53 -56.25 9.74
N SER B 442 16.77 -56.57 11.02
CA SER B 442 15.98 -57.60 11.68
C SER B 442 14.51 -57.23 11.73
N SER B 443 14.21 -55.98 12.14
CA SER B 443 12.83 -55.54 12.18
C SER B 443 12.22 -55.51 10.79
N ALA B 444 12.98 -55.07 9.80
CA ALA B 444 12.49 -55.07 8.43
C ALA B 444 12.08 -56.47 8.00
N LYS B 445 12.96 -57.45 8.24
CA LYS B 445 12.66 -58.81 7.83
C LYS B 445 11.45 -59.35 8.59
N ILE B 446 11.37 -59.07 9.89
CA ILE B 446 10.25 -59.60 10.68
C ILE B 446 8.93 -59.03 10.18
N LEU B 447 8.91 -57.73 9.89
CA LEU B 447 7.69 -57.12 9.37
C LEU B 447 7.35 -57.67 7.99
N ALA B 448 8.37 -57.85 7.14
CA ALA B 448 8.12 -58.32 5.77
C ALA B 448 7.48 -59.70 5.77
N ASP B 449 8.03 -60.63 6.56
CA ASP B 449 7.51 -61.98 6.59
C ASP B 449 6.07 -62.00 7.10
N GLN B 450 5.79 -61.22 8.14
CA GLN B 450 4.45 -61.19 8.73
C GLN B 450 3.40 -60.84 7.69
N GLN B 451 3.66 -59.83 6.88
CA GLN B 451 2.74 -59.42 5.82
C GLN B 451 2.64 -60.50 4.76
N VAL C 6 20.49 -0.36 -42.20
CA VAL C 6 20.46 -1.36 -41.15
C VAL C 6 21.16 -2.63 -41.60
N LYS C 7 22.06 -3.14 -40.75
CA LYS C 7 22.80 -4.34 -41.09
C LYS C 7 21.85 -5.52 -41.23
N SER C 8 22.03 -6.30 -42.29
CA SER C 8 21.20 -7.48 -42.51
C SER C 8 21.55 -8.55 -41.48
N THR C 9 20.54 -9.02 -40.76
CA THR C 9 20.73 -10.04 -39.72
C THR C 9 20.29 -11.37 -40.29
N THR C 10 21.23 -12.08 -40.91
CA THR C 10 20.96 -13.37 -41.53
C THR C 10 22.08 -14.34 -41.20
N LYS C 11 21.72 -15.57 -40.85
CA LYS C 11 22.70 -16.62 -40.55
C LYS C 11 23.32 -17.07 -41.86
N THR C 12 24.34 -16.33 -42.29
CA THR C 12 24.99 -16.64 -43.56
C THR C 12 25.54 -18.05 -43.59
N GLN C 13 26.05 -18.55 -42.45
CA GLN C 13 26.64 -19.88 -42.42
C GLN C 13 25.62 -20.96 -42.72
N ARG C 14 24.40 -20.84 -42.17
CA ARG C 14 23.39 -21.88 -42.36
C ARG C 14 23.07 -22.06 -43.84
N ILE C 15 22.75 -20.96 -44.53
CA ILE C 15 22.39 -21.05 -45.95
C ILE C 15 23.60 -21.12 -46.87
N ALA C 16 24.81 -20.93 -46.35
CA ALA C 16 25.98 -20.94 -47.20
C ALA C 16 26.16 -22.30 -47.88
N SER C 17 25.71 -23.37 -47.25
CA SER C 17 25.87 -24.70 -47.83
C SER C 17 24.95 -24.94 -49.02
N HIS C 18 23.94 -24.11 -49.23
CA HIS C 18 23.03 -24.24 -50.36
C HIS C 18 23.11 -23.05 -51.30
N SER C 19 24.27 -22.41 -51.37
CA SER C 19 24.45 -21.25 -52.24
C SER C 19 24.36 -21.60 -53.71
N HIS C 20 24.56 -22.87 -54.08
CA HIS C 20 24.46 -23.25 -55.49
C HIS C 20 23.02 -23.26 -55.97
N VAL C 21 22.07 -23.28 -55.04
CA VAL C 21 20.65 -23.36 -55.38
C VAL C 21 20.15 -21.97 -55.74
N LYS C 22 19.70 -21.82 -56.99
CA LYS C 22 19.22 -20.53 -57.49
C LYS C 22 17.73 -20.56 -57.82
N GLY C 23 17.07 -21.69 -57.64
CA GLY C 23 15.66 -21.79 -57.94
C GLY C 23 15.22 -23.25 -57.97
N LEU C 24 13.92 -23.42 -58.24
CA LEU C 24 13.35 -24.76 -58.27
C LEU C 24 13.74 -25.52 -59.52
N GLY C 25 14.02 -24.81 -60.61
CA GLY C 25 14.49 -25.44 -61.83
C GLY C 25 13.49 -26.34 -62.53
N LEU C 26 12.24 -25.91 -62.62
CA LEU C 26 11.21 -26.63 -63.34
C LEU C 26 10.66 -25.76 -64.47
N ASP C 27 10.27 -26.43 -65.55
CA ASP C 27 9.83 -25.74 -66.75
C ASP C 27 8.40 -25.21 -66.60
N GLU C 28 7.95 -24.49 -67.63
CA GLU C 28 6.62 -23.89 -67.58
C GLU C 28 5.54 -24.96 -67.57
N SER C 29 5.76 -26.08 -68.25
CA SER C 29 4.76 -27.14 -68.30
C SER C 29 4.42 -27.64 -66.90
N GLY C 30 5.43 -27.83 -66.06
CA GLY C 30 5.22 -28.28 -64.70
C GLY C 30 6.20 -29.35 -64.26
N LEU C 31 6.62 -30.20 -65.20
CA LEU C 31 7.61 -31.22 -64.88
C LEU C 31 8.99 -30.59 -64.74
N ALA C 32 9.84 -31.25 -63.96
CA ALA C 32 11.16 -30.72 -63.63
C ALA C 32 12.24 -31.43 -64.43
N LYS C 33 13.21 -30.67 -64.91
CA LYS C 33 14.35 -31.24 -65.61
C LYS C 33 15.30 -31.93 -64.63
N GLN C 34 16.18 -32.76 -65.17
CA GLN C 34 17.09 -33.52 -64.33
C GLN C 34 17.99 -32.61 -63.50
N ALA C 35 18.56 -31.58 -64.13
CA ALA C 35 19.46 -30.66 -63.45
C ALA C 35 19.23 -29.26 -64.00
N ALA C 36 18.91 -28.32 -63.10
CA ALA C 36 18.70 -26.94 -63.50
C ALA C 36 18.67 -26.08 -62.25
N SER C 37 19.21 -24.86 -62.35
CA SER C 37 19.23 -23.93 -61.23
C SER C 37 19.87 -24.56 -60.00
N GLY C 38 20.93 -25.33 -60.20
CA GLY C 38 21.62 -25.95 -59.08
C GLY C 38 20.76 -26.92 -58.29
N LEU C 39 19.95 -27.73 -58.98
CA LEU C 39 19.09 -28.70 -58.34
C LEU C 39 19.12 -29.98 -59.15
N VAL C 40 19.50 -31.08 -58.53
CA VAL C 40 19.67 -32.37 -59.20
C VAL C 40 18.75 -33.39 -58.53
N GLY C 41 17.97 -34.09 -59.33
CA GLY C 41 17.10 -35.13 -58.84
C GLY C 41 15.91 -34.60 -58.07
N GLN C 42 15.32 -35.44 -57.21
CA GLN C 42 14.18 -35.04 -56.40
C GLN C 42 13.07 -34.44 -57.27
N GLU C 43 12.79 -35.12 -58.39
CA GLU C 43 11.83 -34.58 -59.34
C GLU C 43 10.44 -34.48 -58.73
N ASN C 44 10.01 -35.51 -58.02
CA ASN C 44 8.66 -35.49 -57.44
C ASN C 44 8.51 -34.34 -56.45
N ALA C 45 9.45 -34.23 -55.50
CA ALA C 45 9.40 -33.13 -54.54
C ALA C 45 9.54 -31.79 -55.24
N ARG C 46 10.30 -31.74 -56.33
CA ARG C 46 10.45 -30.50 -57.07
C ARG C 46 9.13 -30.05 -57.68
N GLU C 47 8.40 -30.98 -58.29
CA GLU C 47 7.09 -30.65 -58.84
C GLU C 47 6.11 -30.27 -57.73
N ALA C 48 6.16 -30.98 -56.61
CA ALA C 48 5.32 -30.61 -55.48
C ALA C 48 5.60 -29.18 -55.04
N CYS C 49 6.88 -28.83 -54.92
CA CYS C 49 7.25 -27.47 -54.54
C CYS C 49 6.77 -26.46 -55.56
N GLY C 50 6.84 -26.80 -56.84
CA GLY C 50 6.29 -25.91 -57.86
C GLY C 50 4.80 -25.68 -57.67
N VAL C 51 4.07 -26.75 -57.36
CA VAL C 51 2.63 -26.63 -57.11
C VAL C 51 2.38 -25.73 -55.91
N ILE C 52 3.17 -25.92 -54.86
CA ILE C 52 3.02 -25.08 -53.66
C ILE C 52 3.31 -23.62 -53.98
N VAL C 53 4.31 -23.39 -54.83
CA VAL C 53 4.63 -22.03 -55.24
C VAL C 53 3.44 -21.40 -55.97
N GLU C 54 2.85 -22.16 -56.90
CA GLU C 54 1.67 -21.63 -57.59
C GLU C 54 0.54 -21.36 -56.63
N LEU C 55 0.32 -22.25 -55.65
CA LEU C 55 -0.71 -22.00 -54.65
C LEU C 55 -0.43 -20.72 -53.86
N ILE C 56 0.83 -20.51 -53.46
CA ILE C 56 1.17 -19.31 -52.69
C ILE C 56 0.92 -18.07 -53.54
N LYS C 57 1.32 -18.10 -54.80
CA LYS C 57 1.10 -16.94 -55.67
C LYS C 57 -0.37 -16.75 -55.98
N SER C 58 -1.18 -17.80 -55.84
CA SER C 58 -2.62 -17.70 -56.00
C SER C 58 -3.34 -17.32 -54.72
N LYS C 59 -2.60 -17.18 -53.61
CA LYS C 59 -3.19 -16.85 -52.31
C LYS C 59 -4.27 -17.84 -51.93
N LYS C 60 -4.05 -19.10 -52.29
CA LYS C 60 -4.93 -20.19 -51.90
C LYS C 60 -4.35 -21.02 -50.75
N MET C 61 -3.28 -20.55 -50.12
CA MET C 61 -2.72 -21.22 -48.96
C MET C 61 -3.49 -20.78 -47.71
N ALA C 62 -4.80 -20.95 -47.72
CA ALA C 62 -5.63 -20.46 -46.63
C ALA C 62 -5.37 -21.27 -45.36
N GLY C 63 -4.57 -20.72 -44.46
CA GLY C 63 -4.32 -21.40 -43.20
C GLY C 63 -3.75 -22.78 -43.35
N ARG C 64 -2.84 -22.96 -44.31
CA ARG C 64 -2.21 -24.25 -44.57
C ARG C 64 -0.70 -24.12 -44.49
N ALA C 65 -0.04 -25.27 -44.41
CA ALA C 65 1.41 -25.33 -44.34
C ALA C 65 1.88 -26.52 -45.16
N VAL C 66 3.19 -26.68 -45.26
CA VAL C 66 3.81 -27.75 -46.02
C VAL C 66 4.76 -28.51 -45.10
N LEU C 67 4.69 -29.84 -45.15
CA LEU C 67 5.56 -30.70 -44.37
C LEU C 67 6.44 -31.50 -45.33
N LEU C 68 7.74 -31.31 -45.22
CA LEU C 68 8.71 -32.00 -46.07
C LEU C 68 9.25 -33.19 -45.28
N ALA C 69 8.83 -34.39 -45.68
CA ALA C 69 9.26 -35.61 -45.01
C ALA C 69 10.29 -36.34 -45.87
N GLY C 70 11.42 -36.67 -45.25
CA GLY C 70 12.46 -37.42 -45.92
C GLY C 70 13.67 -37.64 -45.04
N PRO C 71 14.46 -38.65 -45.37
CA PRO C 71 15.60 -39.02 -44.51
C PRO C 71 16.63 -37.91 -44.48
N PRO C 72 17.56 -37.94 -43.52
CA PRO C 72 18.54 -36.86 -43.43
C PRO C 72 19.41 -36.80 -44.69
N GLY C 73 19.80 -35.58 -45.06
CA GLY C 73 20.61 -35.38 -46.23
C GLY C 73 19.94 -35.69 -47.55
N THR C 74 18.70 -35.23 -47.73
CA THR C 74 18.00 -35.38 -49.00
C THR C 74 17.52 -34.04 -49.54
N GLY C 75 18.06 -32.93 -49.03
CA GLY C 75 17.75 -31.63 -49.60
C GLY C 75 16.44 -31.01 -49.17
N LYS C 76 15.94 -31.35 -47.98
CA LYS C 76 14.75 -30.67 -47.48
C LYS C 76 15.00 -29.17 -47.35
N THR C 77 16.09 -28.80 -46.68
CA THR C 77 16.45 -27.38 -46.58
C THR C 77 16.73 -26.81 -47.97
N ALA C 78 17.37 -27.60 -48.82
CA ALA C 78 17.62 -27.14 -50.19
C ALA C 78 16.32 -26.86 -50.92
N LEU C 79 15.32 -27.74 -50.75
CA LEU C 79 14.04 -27.52 -51.42
C LEU C 79 13.33 -26.29 -50.85
N ALA C 80 13.39 -26.09 -49.54
CA ALA C 80 12.79 -24.89 -48.97
C ALA C 80 13.46 -23.63 -49.51
N LEU C 81 14.79 -23.63 -49.59
CA LEU C 81 15.51 -22.49 -50.14
C LEU C 81 15.15 -22.29 -51.60
N ALA C 82 14.99 -23.37 -52.36
CA ALA C 82 14.59 -23.25 -53.76
C ALA C 82 13.20 -22.63 -53.88
N ILE C 83 12.27 -23.02 -53.01
CA ILE C 83 10.94 -22.41 -53.03
C ILE C 83 11.05 -20.91 -52.74
N ALA C 84 11.83 -20.56 -51.72
CA ALA C 84 12.01 -19.15 -51.39
C ALA C 84 12.59 -18.38 -52.57
N GLN C 85 13.56 -18.97 -53.25
CA GLN C 85 14.14 -18.32 -54.43
C GLN C 85 13.10 -18.17 -55.53
N GLU C 86 12.29 -19.21 -55.74
CA GLU C 86 11.29 -19.17 -56.80
C GLU C 86 10.25 -18.08 -56.56
N LEU C 87 9.89 -17.84 -55.30
CA LEU C 87 8.97 -16.75 -55.01
C LEU C 87 9.62 -15.38 -55.19
N GLY C 88 10.92 -15.32 -55.35
CA GLY C 88 11.63 -14.07 -55.53
C GLY C 88 13.06 -14.19 -55.01
N SER C 89 13.98 -13.53 -55.70
CA SER C 89 15.39 -13.63 -55.33
C SER C 89 15.64 -13.06 -53.94
N LYS C 90 14.98 -11.95 -53.60
CA LYS C 90 15.16 -11.31 -52.31
C LYS C 90 14.08 -11.67 -51.29
N VAL C 91 13.23 -12.66 -51.59
CA VAL C 91 12.22 -13.11 -50.64
C VAL C 91 12.91 -13.70 -49.41
N PRO C 92 12.51 -13.30 -48.20
CA PRO C 92 13.22 -13.78 -47.01
C PRO C 92 13.11 -15.28 -46.84
N PHE C 93 14.17 -15.88 -46.30
CA PHE C 93 14.21 -17.30 -45.96
C PHE C 93 14.87 -17.46 -44.61
N CYS C 94 14.16 -18.04 -43.65
CA CYS C 94 14.66 -18.19 -42.29
C CYS C 94 14.61 -19.65 -41.87
N PRO C 95 15.69 -20.39 -42.02
CA PRO C 95 15.74 -21.76 -41.50
C PRO C 95 15.94 -21.78 -40.00
N MET C 96 15.41 -22.82 -39.37
CA MET C 96 15.49 -22.95 -37.93
C MET C 96 15.13 -24.39 -37.55
N VAL C 97 15.93 -24.94 -36.64
CA VAL C 97 15.69 -26.28 -36.11
C VAL C 97 14.99 -26.16 -34.77
N GLY C 98 13.91 -26.93 -34.59
CA GLY C 98 13.07 -26.79 -33.42
C GLY C 98 13.78 -27.02 -32.11
N SER C 99 14.93 -27.69 -32.12
CA SER C 99 15.63 -27.99 -30.88
C SER C 99 16.13 -26.73 -30.18
N GLU C 100 16.08 -25.57 -30.83
CA GLU C 100 16.58 -24.34 -30.24
C GLU C 100 15.49 -23.33 -29.96
N VAL C 101 14.23 -23.76 -29.96
CA VAL C 101 13.13 -22.93 -29.47
C VAL C 101 13.19 -22.78 -27.96
N TYR C 102 13.42 -23.89 -27.27
CA TYR C 102 13.46 -23.92 -25.80
C TYR C 102 14.89 -23.84 -25.28
N SER C 103 15.50 -22.69 -25.56
CA SER C 103 16.84 -22.39 -25.06
C SER C 103 16.82 -22.16 -23.56
N THR C 104 18.01 -22.33 -22.94
CA THR C 104 18.11 -22.18 -21.49
C THR C 104 17.55 -20.85 -21.02
N GLU C 105 17.78 -19.79 -21.78
CA GLU C 105 17.35 -18.44 -21.47
C GLU C 105 16.37 -18.00 -22.56
N ILE C 106 15.99 -16.72 -22.55
CA ILE C 106 15.02 -16.20 -23.51
C ILE C 106 13.70 -16.90 -23.20
N LYS C 107 12.79 -16.98 -24.17
CA LYS C 107 11.51 -17.62 -23.97
C LYS C 107 11.06 -18.20 -25.30
N LYS C 108 10.49 -19.41 -25.26
CA LYS C 108 10.07 -20.07 -26.50
C LYS C 108 9.22 -19.13 -27.35
N THR C 109 8.31 -18.40 -26.71
CA THR C 109 7.49 -17.45 -27.45
C THR C 109 8.35 -16.42 -28.17
N GLU C 110 9.35 -15.87 -27.47
CA GLU C 110 10.18 -14.84 -28.08
C GLU C 110 11.04 -15.40 -29.20
N VAL C 111 11.56 -16.62 -29.03
CA VAL C 111 12.39 -17.23 -30.07
C VAL C 111 11.56 -17.46 -31.32
N LEU C 112 10.38 -18.06 -31.16
CA LEU C 112 9.51 -18.26 -32.32
C LEU C 112 9.08 -16.92 -32.90
N MET C 113 8.91 -15.91 -32.05
CA MET C 113 8.51 -14.59 -32.51
C MET C 113 9.55 -14.01 -33.45
N GLU C 114 10.81 -14.04 -33.02
CA GLU C 114 11.89 -13.52 -33.85
C GLU C 114 12.08 -14.34 -35.11
N ASN C 115 11.92 -15.66 -35.00
CA ASN C 115 12.02 -16.51 -36.19
C ASN C 115 10.96 -16.13 -37.22
N PHE C 116 9.73 -15.90 -36.76
CA PHE C 116 8.67 -15.45 -37.65
C PHE C 116 9.00 -14.09 -38.25
N ARG C 117 9.50 -13.17 -37.43
CA ARG C 117 9.86 -11.85 -37.94
C ARG C 117 10.86 -11.94 -39.08
N ARG C 118 11.91 -12.75 -38.88
CA ARG C 118 12.97 -12.83 -39.89
C ARG C 118 12.45 -13.36 -41.22
N ALA C 119 11.21 -13.85 -41.24
CA ALA C 119 10.63 -14.42 -42.45
C ALA C 119 9.69 -13.46 -43.17
N ILE C 120 9.47 -12.26 -42.66
CA ILE C 120 8.58 -11.29 -43.27
C ILE C 120 9.41 -10.11 -43.76
N GLY C 121 9.39 -9.88 -45.08
CA GLY C 121 10.19 -8.84 -45.68
C GLY C 121 9.38 -7.61 -46.06
N LEU C 122 10.11 -6.56 -46.41
CA LEU C 122 9.52 -5.28 -46.82
C LEU C 122 10.24 -4.79 -48.06
N ARG C 123 9.50 -4.58 -49.14
CA ARG C 123 10.06 -4.01 -50.37
C ARG C 123 9.89 -2.50 -50.31
N ILE C 124 10.90 -1.83 -49.74
CA ILE C 124 10.89 -0.38 -49.63
C ILE C 124 11.45 0.24 -50.90
N LYS C 125 10.58 0.63 -51.81
CA LYS C 125 11.00 1.29 -53.03
C LYS C 125 10.98 2.80 -52.82
N GLU C 126 12.14 3.43 -52.90
CA GLU C 126 12.30 4.86 -52.68
C GLU C 126 13.01 5.47 -53.87
N THR C 127 12.55 6.65 -54.30
CA THR C 127 13.13 7.34 -55.45
C THR C 127 14.25 8.25 -54.97
N LYS C 128 15.49 7.86 -55.26
CA LYS C 128 16.67 8.65 -54.94
C LYS C 128 17.49 8.90 -56.20
N GLU C 129 17.96 10.14 -56.34
CA GLU C 129 18.79 10.53 -57.48
C GLU C 129 20.15 9.86 -57.37
N VAL C 130 20.38 8.82 -58.15
CA VAL C 130 21.64 8.09 -58.15
C VAL C 130 22.41 8.43 -59.42
N TYR C 131 23.70 8.12 -59.41
CA TYR C 131 24.57 8.33 -60.56
C TYR C 131 24.66 7.04 -61.36
N GLU C 132 23.58 6.74 -62.07
CA GLU C 132 23.52 5.56 -62.92
C GLU C 132 24.10 5.93 -64.29
N GLY C 133 25.32 5.48 -64.56
CA GLY C 133 25.97 5.81 -65.81
C GLY C 133 27.05 4.80 -66.13
N GLU C 134 27.35 4.69 -67.43
CA GLU C 134 28.38 3.78 -67.90
C GLU C 134 29.75 4.41 -67.68
N VAL C 135 30.57 3.77 -66.84
CA VAL C 135 31.91 4.26 -66.56
C VAL C 135 32.73 4.26 -67.85
N THR C 136 33.07 5.46 -68.32
CA THR C 136 33.92 5.61 -69.49
C THR C 136 35.39 5.72 -69.10
N GLU C 137 35.67 6.41 -67.99
CA GLU C 137 37.01 6.53 -67.44
C GLU C 137 36.89 6.67 -65.93
N LEU C 138 37.98 6.34 -65.24
CA LEU C 138 37.98 6.20 -63.78
C LEU C 138 39.13 6.99 -63.17
N THR C 139 39.28 8.24 -63.59
CA THR C 139 40.33 9.09 -63.02
C THR C 139 40.08 9.26 -61.53
N PRO C 140 41.05 8.94 -60.67
CA PRO C 140 40.82 9.03 -59.22
C PRO C 140 41.18 10.39 -58.64
N CYS C 141 41.50 11.35 -59.51
CA CYS C 141 41.88 12.68 -59.06
C CYS C 141 40.83 13.72 -59.46
N HIS C 156 39.95 14.09 -56.50
CA HIS C 156 38.54 14.02 -56.10
C HIS C 156 37.76 13.07 -57.00
N VAL C 157 38.47 12.14 -57.63
CA VAL C 157 37.85 11.03 -58.36
C VAL C 157 36.78 11.53 -59.32
N ILE C 158 37.19 12.24 -60.37
CA ILE C 158 36.26 12.65 -61.41
C ILE C 158 36.10 11.50 -62.40
N ILE C 159 35.14 10.62 -62.13
CA ILE C 159 34.89 9.44 -62.96
C ILE C 159 33.86 9.79 -64.02
N GLY C 160 34.21 9.53 -65.29
CA GLY C 160 33.30 9.81 -66.38
C GLY C 160 32.21 8.75 -66.45
N LEU C 161 30.95 9.19 -66.45
CA LEU C 161 29.79 8.31 -66.54
C LEU C 161 29.00 8.70 -67.78
N LYS C 162 29.23 7.95 -68.86
CA LYS C 162 28.56 8.24 -70.12
C LYS C 162 27.19 7.58 -70.14
N THR C 163 26.16 8.38 -70.42
CA THR C 163 24.79 7.90 -70.49
C THR C 163 24.15 8.52 -71.72
N ALA C 164 22.81 8.40 -71.83
CA ALA C 164 22.11 9.04 -72.93
C ALA C 164 22.39 10.54 -72.97
N LYS C 165 22.53 11.15 -71.79
CA LYS C 165 22.92 12.55 -71.74
C LYS C 165 24.38 12.73 -72.15
N GLY C 166 25.25 11.82 -71.73
CA GLY C 166 26.66 11.89 -72.08
C GLY C 166 27.57 11.60 -70.91
N THR C 167 28.88 11.65 -71.15
CA THR C 167 29.84 11.45 -70.06
C THR C 167 29.80 12.63 -69.11
N LYS C 168 29.84 12.34 -67.81
CA LYS C 168 29.73 13.35 -66.77
C LYS C 168 30.87 13.12 -65.77
N GLN C 169 31.79 14.09 -65.68
CA GLN C 169 32.94 13.96 -64.79
C GLN C 169 32.50 14.33 -63.37
N LEU C 170 31.71 13.44 -62.78
CA LEU C 170 31.14 13.67 -61.45
C LEU C 170 32.21 13.46 -60.39
N LYS C 171 32.53 14.51 -59.65
CA LYS C 171 33.58 14.46 -58.63
C LYS C 171 33.11 13.62 -57.45
N LEU C 172 33.78 12.50 -57.21
CA LEU C 172 33.47 11.61 -56.11
C LEU C 172 34.45 11.87 -54.96
N ASP C 173 34.41 11.01 -53.94
CA ASP C 173 35.29 11.13 -52.79
C ASP C 173 36.12 9.87 -52.64
N PRO C 174 37.30 9.96 -52.01
CA PRO C 174 38.12 8.76 -51.82
C PRO C 174 37.36 7.62 -51.16
N SER C 175 36.45 7.92 -50.23
CA SER C 175 35.62 6.87 -49.65
C SER C 175 34.73 6.22 -50.71
N ILE C 176 34.15 7.03 -51.59
CA ILE C 176 33.34 6.49 -52.67
C ILE C 176 34.19 5.68 -53.64
N PHE C 177 35.42 6.12 -53.90
CA PHE C 177 36.31 5.35 -54.76
C PHE C 177 36.66 4.00 -54.12
N GLU C 178 36.89 3.99 -52.81
CA GLU C 178 37.13 2.73 -52.11
C GLU C 178 35.91 1.82 -52.20
N SER C 179 34.71 2.39 -52.04
CA SER C 179 33.50 1.59 -52.19
C SER C 179 33.39 1.01 -53.59
N LEU C 180 33.72 1.80 -54.62
CA LEU C 180 33.71 1.29 -55.98
C LEU C 180 34.71 0.15 -56.14
N GLN C 181 35.91 0.31 -55.58
CA GLN C 181 36.89 -0.77 -55.64
C GLN C 181 36.38 -2.02 -54.94
N LYS C 182 35.64 -1.86 -53.83
CA LYS C 182 35.04 -3.02 -53.18
C LYS C 182 33.99 -3.67 -54.07
N GLU C 183 33.36 -2.90 -54.95
CA GLU C 183 32.39 -3.41 -55.90
C GLU C 183 33.04 -3.88 -57.20
N ARG C 184 34.37 -3.87 -57.28
CA ARG C 184 35.10 -4.31 -58.46
C ARG C 184 34.53 -3.69 -59.73
N VAL C 185 34.44 -2.37 -59.73
CA VAL C 185 33.93 -1.61 -60.87
C VAL C 185 35.11 -1.22 -61.75
N GLU C 186 35.04 -1.57 -63.03
CA GLU C 186 36.10 -1.24 -63.97
C GLU C 186 35.54 -0.44 -65.14
N ALA C 187 36.36 -0.20 -66.15
CA ALA C 187 35.90 0.52 -67.34
C ALA C 187 34.83 -0.28 -68.05
N GLY C 188 33.87 0.44 -68.64
CA GLY C 188 32.75 -0.19 -69.31
C GLY C 188 31.87 -0.98 -68.34
N ASP C 189 31.62 -0.39 -67.17
CA ASP C 189 30.81 -1.01 -66.13
C ASP C 189 29.65 -0.07 -65.82
N VAL C 190 28.44 -0.46 -66.23
CA VAL C 190 27.25 0.36 -66.00
C VAL C 190 26.86 0.26 -64.54
N ILE C 191 27.25 1.26 -63.74
CA ILE C 191 27.03 1.27 -62.30
C ILE C 191 26.22 2.51 -61.94
N TYR C 192 25.49 2.41 -60.83
CA TYR C 192 24.77 3.54 -60.27
C TYR C 192 25.39 3.90 -58.92
N ILE C 193 25.63 5.19 -58.71
CA ILE C 193 26.26 5.70 -57.51
C ILE C 193 25.25 6.64 -56.84
N GLU C 194 24.47 6.09 -55.91
CA GLU C 194 23.46 6.88 -55.21
C GLU C 194 24.12 8.14 -54.65
N ALA C 195 23.72 9.31 -55.15
CA ALA C 195 24.48 10.53 -54.87
C ALA C 195 24.30 11.01 -53.43
N ASN C 196 23.10 10.89 -52.87
CA ASN C 196 22.83 11.39 -51.53
C ASN C 196 23.47 10.54 -50.44
N SER C 197 23.97 9.35 -50.76
CA SER C 197 24.62 8.49 -49.79
C SER C 197 26.03 8.09 -50.19
N GLY C 198 26.46 8.41 -51.40
CA GLY C 198 27.82 8.11 -51.83
C GLY C 198 28.17 6.63 -51.76
N ALA C 199 27.28 5.78 -52.25
CA ALA C 199 27.50 4.33 -52.24
C ALA C 199 27.47 3.84 -53.68
N VAL C 200 28.56 3.23 -54.12
CA VAL C 200 28.63 2.67 -55.47
C VAL C 200 28.26 1.19 -55.40
N LYS C 201 27.31 0.79 -56.26
CA LYS C 201 26.84 -0.59 -56.31
C LYS C 201 26.92 -1.08 -57.74
N ARG C 202 27.75 -2.10 -57.96
CA ARG C 202 28.01 -2.62 -59.31
C ARG C 202 26.76 -3.28 -59.85
N GLN C 203 26.09 -2.61 -60.79
CA GLN C 203 24.97 -3.23 -61.49
C GLN C 203 25.45 -4.20 -62.56
N GLY C 204 26.60 -3.92 -63.18
CA GLY C 204 27.15 -4.77 -64.22
C GLY C 204 27.93 -3.93 -65.21
N ARG C 205 28.22 -4.55 -66.36
CA ARG C 205 28.95 -3.93 -67.45
C ARG C 205 27.95 -3.35 -68.45
N CYS C 206 28.45 -2.90 -69.60
CA CYS C 206 27.62 -2.32 -70.64
C CYS C 206 27.18 -3.39 -71.63
N ASP C 207 26.04 -3.15 -72.27
CA ASP C 207 25.58 -4.01 -73.35
C ASP C 207 26.44 -3.90 -74.60
N THR C 208 27.32 -2.89 -74.68
CA THR C 208 28.17 -2.74 -75.84
C THR C 208 29.15 -3.91 -75.98
N TYR C 209 29.55 -4.50 -74.86
CA TYR C 209 30.45 -5.65 -74.87
C TYR C 209 29.70 -6.98 -74.67
N ALA C 210 28.38 -6.97 -74.80
CA ALA C 210 27.60 -8.19 -74.64
C ALA C 210 27.99 -9.22 -75.70
N THR C 211 28.23 -10.45 -75.25
CA THR C 211 28.60 -11.59 -76.08
C THR C 211 27.53 -12.67 -75.93
N GLU C 212 27.83 -13.89 -76.38
CA GLU C 212 26.89 -14.99 -76.26
C GLU C 212 26.37 -15.17 -74.83
N PHE C 213 27.25 -15.20 -73.82
CA PHE C 213 26.77 -15.34 -72.44
C PHE C 213 26.32 -14.00 -71.87
N ASP C 214 27.07 -12.94 -72.12
CA ASP C 214 26.66 -11.61 -71.64
C ASP C 214 25.47 -11.11 -72.47
N LEU C 215 24.44 -10.63 -71.78
CA LEU C 215 23.15 -10.40 -72.40
C LEU C 215 22.60 -9.04 -71.96
N GLU C 216 21.31 -8.83 -72.18
CA GLU C 216 20.65 -7.60 -71.78
C GLU C 216 20.17 -7.67 -70.33
N ALA C 217 20.34 -6.58 -69.61
CA ALA C 217 19.75 -6.37 -68.28
C ALA C 217 20.23 -7.41 -67.27
N GLU C 218 21.55 -7.55 -67.18
CA GLU C 218 22.21 -8.37 -66.16
C GLU C 218 23.60 -7.81 -65.91
N GLU C 219 24.54 -8.64 -65.47
CA GLU C 219 25.91 -8.21 -65.22
C GLU C 219 26.53 -7.51 -66.42
N TYR C 220 25.85 -7.48 -67.57
CA TYR C 220 26.23 -6.65 -68.72
C TYR C 220 25.05 -5.73 -69.06
N VAL C 221 24.56 -5.03 -68.05
CA VAL C 221 23.38 -4.16 -68.17
C VAL C 221 23.57 -3.15 -69.30
N PRO C 222 22.52 -2.81 -70.03
CA PRO C 222 22.68 -1.90 -71.17
C PRO C 222 23.00 -0.48 -70.73
N LEU C 223 23.27 0.35 -71.72
CA LEU C 223 23.59 1.74 -71.48
C LEU C 223 22.43 2.45 -70.79
N PRO C 224 22.67 3.20 -69.72
CA PRO C 224 21.57 3.91 -69.04
C PRO C 224 20.96 4.98 -69.94
N LYS C 225 19.65 4.93 -70.09
CA LYS C 225 18.91 5.92 -70.87
C LYS C 225 18.44 7.03 -69.93
N GLY C 226 18.98 8.23 -70.10
CA GLY C 226 18.63 9.37 -69.30
C GLY C 226 19.84 10.01 -68.66
N ASP C 227 19.59 11.10 -67.93
CA ASP C 227 20.67 11.81 -67.26
C ASP C 227 21.30 10.93 -66.20
N VAL C 228 22.60 11.12 -65.99
CA VAL C 228 23.36 10.33 -65.01
C VAL C 228 22.69 10.47 -63.65
N HIS C 229 22.32 11.69 -63.28
CA HIS C 229 21.62 11.93 -62.04
C HIS C 229 20.13 11.71 -62.23
N LYS C 230 19.68 10.46 -62.06
CA LYS C 230 18.29 10.08 -62.29
C LYS C 230 17.68 9.58 -60.99
N LYS C 231 16.42 9.95 -60.75
CA LYS C 231 15.69 9.48 -59.58
C LYS C 231 15.29 8.03 -59.81
N LYS C 232 16.13 7.11 -59.36
CA LYS C 232 15.88 5.68 -59.52
C LYS C 232 15.02 5.18 -58.37
N GLU C 233 14.03 4.35 -58.71
CA GLU C 233 13.15 3.78 -57.69
C GLU C 233 13.83 2.57 -57.05
N ILE C 234 14.80 2.83 -56.18
CA ILE C 234 15.60 1.77 -55.59
C ILE C 234 14.78 1.05 -54.52
N ILE C 235 14.73 -0.28 -54.60
CA ILE C 235 14.01 -1.08 -53.62
C ILE C 235 15.00 -1.67 -52.62
N GLN C 236 14.75 -1.42 -51.33
CA GLN C 236 15.55 -2.00 -50.26
C GLN C 236 14.82 -3.22 -49.71
N ASP C 237 15.49 -4.36 -49.68
CA ASP C 237 14.93 -5.58 -49.13
C ASP C 237 15.36 -5.67 -47.67
N VAL C 238 14.39 -5.63 -46.77
CA VAL C 238 14.66 -5.68 -45.34
C VAL C 238 13.45 -6.29 -44.64
N THR C 239 13.72 -7.18 -43.68
CA THR C 239 12.67 -7.82 -42.92
C THR C 239 12.45 -7.07 -41.61
N LEU C 240 11.35 -7.40 -40.93
CA LEU C 240 10.99 -6.67 -39.72
C LEU C 240 12.05 -6.82 -38.64
N HIS C 241 12.66 -8.00 -38.52
CA HIS C 241 13.57 -8.25 -37.41
C HIS C 241 14.79 -7.32 -37.47
N ASP C 242 15.31 -7.08 -38.67
CA ASP C 242 16.45 -6.18 -38.80
C ASP C 242 16.13 -4.81 -38.21
N LEU C 243 14.93 -4.29 -38.50
CA LEU C 243 14.52 -3.04 -37.91
C LEU C 243 14.46 -3.14 -36.39
N ASP C 244 13.96 -4.26 -35.88
CA ASP C 244 13.86 -4.44 -34.43
C ASP C 244 15.25 -4.39 -33.78
N VAL C 245 16.22 -5.08 -34.37
CA VAL C 245 17.57 -5.03 -33.81
C VAL C 245 18.18 -3.66 -34.00
N ALA C 246 17.83 -2.96 -35.08
CA ALA C 246 18.35 -1.62 -35.30
C ALA C 246 17.92 -0.67 -34.19
N ASN C 247 16.66 -0.78 -33.77
CA ASN C 247 16.11 0.09 -32.72
C ASN C 247 16.44 -0.47 -31.33
N ALA C 248 17.73 -0.63 -31.08
CA ALA C 248 18.21 -1.13 -29.80
C ALA C 248 19.73 -1.17 -29.76
N LYS C 274 5.45 -2.02 -26.46
CA LYS C 274 6.87 -1.90 -26.18
C LYS C 274 7.63 -1.41 -27.41
N LEU C 275 8.96 -1.57 -27.38
CA LEU C 275 9.78 -1.18 -28.51
C LEU C 275 9.40 -1.99 -29.75
N ARG C 276 9.14 -3.29 -29.58
CA ARG C 276 8.76 -4.14 -30.69
C ARG C 276 7.49 -3.64 -31.36
N GLY C 277 6.46 -3.34 -30.55
CA GLY C 277 5.21 -2.86 -31.12
C GLY C 277 5.37 -1.54 -31.86
N GLU C 278 6.19 -0.65 -31.31
CA GLU C 278 6.41 0.65 -31.96
C GLU C 278 6.98 0.49 -33.35
N ILE C 279 7.91 -0.44 -33.53
CA ILE C 279 8.46 -0.70 -34.86
C ILE C 279 7.37 -1.16 -35.80
N ASN C 280 6.42 -1.95 -35.29
CA ASN C 280 5.30 -2.39 -36.13
C ASN C 280 4.48 -1.20 -36.62
N LYS C 281 4.21 -0.25 -35.74
CA LYS C 281 3.38 0.89 -36.11
C LYS C 281 4.05 1.73 -37.19
N VAL C 282 5.37 1.95 -37.07
CA VAL C 282 6.09 2.70 -38.08
C VAL C 282 6.07 1.98 -39.41
N VAL C 283 6.20 0.65 -39.39
CA VAL C 283 6.15 -0.13 -40.62
C VAL C 283 4.78 0.00 -41.26
N ASN C 284 3.72 -0.06 -40.44
CA ASN C 284 2.37 0.09 -40.97
C ASN C 284 2.19 1.48 -41.59
N LYS C 285 2.73 2.51 -40.94
CA LYS C 285 2.68 3.85 -41.51
C LYS C 285 3.39 3.90 -42.85
N TYR C 286 4.57 3.29 -42.93
CA TYR C 286 5.33 3.25 -44.16
C TYR C 286 4.54 2.60 -45.29
N ILE C 287 3.94 1.43 -45.00
CA ILE C 287 3.16 0.74 -46.02
C ILE C 287 1.96 1.59 -46.44
N ASP C 288 1.30 2.21 -45.47
CA ASP C 288 0.13 3.05 -45.76
C ASP C 288 0.51 4.20 -46.68
N GLN C 289 1.67 4.82 -46.43
CA GLN C 289 2.12 5.93 -47.28
C GLN C 289 2.14 5.53 -48.75
N GLY C 290 2.59 4.31 -49.04
CA GLY C 290 2.58 3.82 -50.40
C GLY C 290 3.95 3.50 -50.96
N ILE C 291 4.90 3.18 -50.08
CA ILE C 291 6.25 2.83 -50.51
C ILE C 291 6.75 1.52 -49.92
N ALA C 292 6.02 0.88 -49.01
CA ALA C 292 6.44 -0.37 -48.39
C ALA C 292 5.43 -1.46 -48.77
N GLU C 293 5.82 -2.32 -49.70
CA GLU C 293 4.98 -3.44 -50.11
C GLU C 293 5.41 -4.69 -49.36
N LEU C 294 4.50 -5.22 -48.53
CA LEU C 294 4.82 -6.40 -47.73
C LEU C 294 5.00 -7.62 -48.61
N VAL C 295 6.00 -8.42 -48.30
CA VAL C 295 6.26 -9.67 -49.02
C VAL C 295 6.49 -10.79 -48.01
N PRO C 296 5.52 -11.68 -47.81
CA PRO C 296 5.74 -12.79 -46.87
C PRO C 296 6.80 -13.74 -47.38
N GLY C 297 7.64 -14.22 -46.47
CA GLY C 297 8.71 -15.14 -46.78
C GLY C 297 8.36 -16.57 -46.47
N VAL C 298 9.38 -17.39 -46.24
CA VAL C 298 9.22 -18.81 -45.93
C VAL C 298 9.94 -19.09 -44.62
N LEU C 299 9.24 -19.72 -43.68
CA LEU C 299 9.81 -20.12 -42.41
C LEU C 299 10.00 -21.63 -42.42
N PHE C 300 11.25 -22.07 -42.49
CA PHE C 300 11.58 -23.49 -42.55
C PHE C 300 11.93 -23.98 -41.16
N VAL C 301 11.14 -24.93 -40.65
CA VAL C 301 11.30 -25.44 -39.30
C VAL C 301 11.76 -26.89 -39.42
N ASP C 302 13.04 -27.12 -39.20
CA ASP C 302 13.60 -28.47 -39.18
C ASP C 302 13.44 -29.08 -37.79
N GLU C 303 13.60 -30.40 -37.73
CA GLU C 303 13.52 -31.14 -36.47
C GLU C 303 12.20 -30.83 -35.75
N VAL C 304 11.12 -30.79 -36.53
CA VAL C 304 9.82 -30.44 -36.00
C VAL C 304 9.33 -31.41 -34.94
N HIS C 305 9.80 -32.65 -34.96
CA HIS C 305 9.31 -33.65 -34.02
C HIS C 305 9.67 -33.31 -32.58
N MET C 306 10.57 -32.35 -32.36
CA MET C 306 11.03 -32.06 -31.01
C MET C 306 10.60 -30.64 -30.62
N LEU C 307 9.36 -30.31 -30.96
CA LEU C 307 8.77 -29.02 -30.64
C LEU C 307 7.60 -29.21 -29.67
N ASP C 308 7.49 -28.31 -28.70
CA ASP C 308 6.43 -28.41 -27.71
C ASP C 308 5.07 -28.26 -28.37
N ILE C 309 4.05 -28.84 -27.73
CA ILE C 309 2.69 -28.70 -28.24
C ILE C 309 2.24 -27.24 -28.14
N GLU C 310 2.72 -26.53 -27.12
CA GLU C 310 2.44 -25.09 -27.03
C GLU C 310 3.03 -24.35 -28.22
N CYS C 311 4.25 -24.70 -28.61
CA CYS C 311 4.85 -24.08 -29.79
C CYS C 311 4.05 -24.41 -31.04
N PHE C 312 3.51 -25.63 -31.13
CA PHE C 312 2.69 -25.99 -32.28
C PHE C 312 1.43 -25.13 -32.32
N THR C 313 0.78 -24.94 -31.17
CA THR C 313 -0.39 -24.08 -31.13
C THR C 313 -0.05 -22.66 -31.52
N TYR C 314 1.09 -22.15 -31.05
CA TYR C 314 1.50 -20.80 -31.39
C TYR C 314 1.72 -20.66 -32.89
N LEU C 315 2.39 -21.65 -33.49
CA LEU C 315 2.61 -21.61 -34.94
C LEU C 315 1.29 -21.67 -35.69
N HIS C 316 0.37 -22.51 -35.24
CA HIS C 316 -0.96 -22.58 -35.87
C HIS C 316 -1.63 -21.21 -35.83
N ARG C 317 -1.64 -20.58 -34.67
CA ARG C 317 -2.28 -19.27 -34.54
C ARG C 317 -1.60 -18.23 -35.40
N ALA C 318 -0.27 -18.28 -35.49
CA ALA C 318 0.45 -17.33 -36.33
C ALA C 318 0.12 -17.52 -37.80
N LEU C 319 0.08 -18.77 -38.26
CA LEU C 319 -0.24 -19.03 -39.66
C LEU C 319 -1.71 -18.80 -39.96
N GLU C 320 -2.55 -18.68 -38.94
CA GLU C 320 -3.96 -18.38 -39.17
C GLU C 320 -4.10 -17.03 -39.88
N SER C 321 -3.28 -16.07 -39.51
CA SER C 321 -3.40 -14.73 -40.07
C SER C 321 -3.07 -14.72 -41.56
N SER C 322 -3.58 -13.71 -42.25
CA SER C 322 -3.39 -13.61 -43.69
C SER C 322 -1.98 -13.14 -44.03
N ILE C 323 -1.43 -12.23 -43.24
CA ILE C 323 -0.09 -11.70 -43.53
C ILE C 323 0.97 -12.74 -43.23
N ALA C 324 0.59 -13.87 -42.63
CA ALA C 324 1.57 -14.83 -42.18
C ALA C 324 2.38 -15.40 -43.34
N PRO C 325 3.66 -15.68 -43.11
CA PRO C 325 4.46 -16.36 -44.13
C PRO C 325 4.12 -17.84 -44.19
N ILE C 326 4.61 -18.48 -45.25
CA ILE C 326 4.40 -19.93 -45.40
C ILE C 326 5.28 -20.66 -44.40
N VAL C 327 4.68 -21.54 -43.61
CA VAL C 327 5.40 -22.33 -42.62
C VAL C 327 5.65 -23.70 -43.19
N ILE C 328 6.91 -24.02 -43.47
CA ILE C 328 7.30 -25.29 -44.07
C ILE C 328 8.04 -26.09 -43.01
N PHE C 329 7.54 -27.31 -42.74
CA PHE C 329 8.14 -28.19 -41.76
C PHE C 329 9.10 -29.16 -42.44
N ALA C 330 9.85 -29.90 -41.63
CA ALA C 330 10.72 -30.96 -42.12
C ALA C 330 10.98 -31.92 -40.98
N SER C 331 10.91 -33.22 -41.29
CA SER C 331 11.06 -34.23 -40.26
C SER C 331 11.70 -35.47 -40.85
N ASN C 332 12.29 -36.27 -39.96
CA ASN C 332 12.91 -37.53 -40.34
C ASN C 332 12.30 -38.74 -39.65
N ARG C 333 11.49 -38.55 -38.62
CA ARG C 333 10.93 -39.65 -37.86
C ARG C 333 9.70 -40.21 -38.57
N GLY C 334 8.98 -41.10 -37.88
CA GLY C 334 7.76 -41.67 -38.41
C GLY C 334 6.53 -41.20 -37.69
N ASN C 335 6.02 -42.03 -36.78
CA ASN C 335 4.86 -41.66 -35.98
C ASN C 335 5.27 -41.31 -34.56
N CYS C 336 6.43 -40.67 -34.43
CA CYS C 336 7.01 -40.34 -33.15
C CYS C 336 6.00 -39.66 -32.21
N VAL C 337 6.19 -39.88 -30.91
CA VAL C 337 5.29 -39.34 -29.90
C VAL C 337 5.32 -37.82 -29.92
N ILE C 338 4.15 -37.20 -29.73
CA ILE C 338 4.09 -35.76 -29.53
C ILE C 338 4.94 -35.39 -28.34
N ARG C 339 5.49 -34.18 -28.33
CA ARG C 339 6.47 -33.80 -27.33
C ARG C 339 5.86 -33.68 -25.94
N GLY C 340 4.85 -32.82 -25.80
CA GLY C 340 4.33 -32.51 -24.48
C GLY C 340 3.13 -33.34 -24.04
N THR C 341 2.90 -34.46 -24.68
CA THR C 341 1.77 -35.32 -24.33
C THR C 341 2.20 -36.64 -23.72
N GLU C 342 3.22 -37.29 -24.27
CA GLU C 342 3.82 -38.49 -23.71
C GLU C 342 2.99 -39.74 -23.96
N ASP C 343 1.76 -39.59 -24.45
CA ASP C 343 0.98 -40.77 -24.77
C ASP C 343 0.36 -40.71 -26.16
N ILE C 344 -0.01 -39.54 -26.66
CA ILE C 344 -0.51 -39.45 -28.02
C ILE C 344 0.67 -39.48 -28.97
N THR C 345 0.66 -40.43 -29.90
CA THR C 345 1.67 -40.52 -30.95
C THR C 345 1.03 -40.15 -32.28
N SER C 346 1.59 -39.15 -32.96
CA SER C 346 1.04 -38.67 -34.22
C SER C 346 2.16 -38.56 -35.24
N PRO C 347 1.83 -38.65 -36.53
CA PRO C 347 2.85 -38.60 -37.58
C PRO C 347 3.81 -37.42 -37.40
N HIS C 348 5.10 -37.71 -37.34
CA HIS C 348 6.15 -36.70 -37.32
C HIS C 348 6.03 -35.78 -36.11
N GLY C 349 5.35 -36.24 -35.05
CA GLY C 349 5.26 -35.44 -33.85
C GLY C 349 4.21 -34.35 -33.90
N ILE C 350 3.84 -33.93 -35.10
CA ILE C 350 2.84 -32.88 -35.29
C ILE C 350 1.51 -33.33 -34.67
N PRO C 351 0.86 -32.48 -33.90
CA PRO C 351 -0.49 -32.84 -33.40
C PRO C 351 -1.49 -32.89 -34.54
N LEU C 352 -2.50 -33.73 -34.35
CA LEU C 352 -3.45 -33.98 -35.44
C LEU C 352 -4.10 -32.69 -35.93
N ASP C 353 -4.26 -31.69 -35.05
CA ASP C 353 -4.96 -30.48 -35.44
C ASP C 353 -4.24 -29.76 -36.59
N LEU C 354 -2.98 -29.38 -36.35
CA LEU C 354 -2.14 -28.78 -37.38
C LEU C 354 -1.98 -29.74 -38.56
N LEU C 355 -1.80 -31.02 -38.28
CA LEU C 355 -1.38 -31.96 -39.31
C LEU C 355 -2.53 -32.26 -40.27
N ASP C 356 -3.76 -32.01 -39.83
CA ASP C 356 -4.92 -32.01 -40.72
C ASP C 356 -4.83 -30.89 -41.75
N ARG C 357 -4.11 -29.82 -41.44
CA ARG C 357 -3.87 -28.75 -42.40
C ARG C 357 -2.37 -28.74 -42.71
N VAL C 358 -1.98 -29.62 -43.64
CA VAL C 358 -0.58 -29.80 -44.01
C VAL C 358 -0.54 -30.52 -45.34
N MET C 359 0.36 -30.09 -46.21
CA MET C 359 0.57 -30.72 -47.51
C MET C 359 1.92 -31.43 -47.46
N ILE C 360 1.90 -32.76 -47.33
CA ILE C 360 3.13 -33.52 -47.16
C ILE C 360 3.80 -33.71 -48.51
N ILE C 361 5.09 -33.39 -48.58
CA ILE C 361 5.88 -33.55 -49.78
C ILE C 361 7.02 -34.49 -49.44
N ARG C 362 7.04 -35.66 -50.06
CA ARG C 362 8.07 -36.66 -49.76
C ARG C 362 9.33 -36.39 -50.55
N THR C 363 10.49 -36.61 -49.92
CA THR C 363 11.78 -36.45 -50.56
C THR C 363 12.47 -37.81 -50.65
N MET C 364 13.00 -38.12 -51.83
CA MET C 364 13.55 -39.44 -52.08
C MET C 364 15.04 -39.46 -51.72
N LEU C 365 15.68 -40.59 -51.98
CA LEU C 365 17.11 -40.76 -51.74
C LEU C 365 17.89 -40.65 -53.04
N TYR C 366 19.17 -40.31 -52.91
CA TYR C 366 20.05 -40.11 -54.06
C TYR C 366 20.89 -41.35 -54.30
N THR C 367 20.95 -41.78 -55.56
CA THR C 367 21.82 -42.86 -55.99
C THR C 367 23.22 -42.33 -56.26
N PRO C 368 24.21 -43.21 -56.33
CA PRO C 368 25.60 -42.78 -56.49
C PRO C 368 25.80 -41.65 -57.50
N GLN C 369 25.09 -41.73 -58.64
CA GLN C 369 25.26 -40.73 -59.69
C GLN C 369 24.87 -39.34 -59.19
N GLU C 370 23.69 -39.22 -58.58
CA GLU C 370 23.24 -37.93 -58.08
C GLU C 370 24.15 -37.41 -56.98
N MET C 371 24.58 -38.30 -56.10
CA MET C 371 25.49 -37.90 -55.02
C MET C 371 26.78 -37.32 -55.60
N LYS C 372 27.34 -38.00 -56.60
CA LYS C 372 28.56 -37.53 -57.23
C LYS C 372 28.34 -36.19 -57.92
N GLN C 373 27.21 -36.05 -58.62
CA GLN C 373 26.90 -34.79 -59.29
C GLN C 373 26.80 -33.65 -58.30
N ILE C 374 26.12 -33.88 -57.18
CA ILE C 374 25.91 -32.85 -56.18
C ILE C 374 27.22 -32.48 -55.52
N ILE C 375 28.06 -33.47 -55.24
CA ILE C 375 29.37 -33.21 -54.66
C ILE C 375 30.21 -32.37 -55.61
N LYS C 376 30.18 -32.72 -56.90
CA LYS C 376 30.95 -31.94 -57.87
C LYS C 376 30.44 -30.51 -57.96
N ILE C 377 29.12 -30.33 -57.90
CA ILE C 377 28.56 -28.99 -57.94
C ILE C 377 29.02 -28.18 -56.74
N ARG C 378 28.98 -28.78 -55.55
CA ARG C 378 29.42 -28.07 -54.36
C ARG C 378 30.91 -27.73 -54.45
N ALA C 379 31.72 -28.66 -54.96
CA ALA C 379 33.14 -28.38 -55.12
C ALA C 379 33.37 -27.22 -56.08
N GLN C 380 32.63 -27.19 -57.18
CA GLN C 380 32.75 -26.09 -58.12
C GLN C 380 32.38 -24.77 -57.46
N THR C 381 31.29 -24.78 -56.68
CA THR C 381 30.90 -23.56 -55.96
C THR C 381 31.97 -23.12 -54.96
N GLU C 382 32.69 -24.07 -54.36
CA GLU C 382 33.77 -23.75 -53.45
C GLU C 382 35.10 -23.48 -54.15
N GLY C 383 35.17 -23.68 -55.46
CA GLY C 383 36.44 -23.55 -56.16
C GLY C 383 37.39 -24.70 -55.90
N ILE C 384 36.90 -25.92 -55.98
CA ILE C 384 37.68 -27.11 -55.64
C ILE C 384 37.78 -27.98 -56.89
N ASN C 385 39.01 -28.31 -57.29
CA ASN C 385 39.24 -29.24 -58.38
C ASN C 385 39.42 -30.63 -57.83
N ILE C 386 38.58 -31.57 -58.28
CA ILE C 386 38.53 -32.91 -57.74
C ILE C 386 38.47 -33.92 -58.87
N SER C 387 39.19 -35.03 -58.72
CA SER C 387 39.20 -36.09 -59.72
C SER C 387 37.91 -36.90 -59.66
N GLU C 388 37.59 -37.56 -60.77
CA GLU C 388 36.36 -38.34 -60.84
C GLU C 388 36.39 -39.54 -59.91
N GLU C 389 37.55 -40.20 -59.76
CA GLU C 389 37.64 -41.31 -58.82
C GLU C 389 37.44 -40.83 -57.39
N ALA C 390 38.00 -39.66 -57.06
CA ALA C 390 37.74 -39.06 -55.76
C ALA C 390 36.26 -38.77 -55.58
N LEU C 391 35.59 -38.28 -56.63
CA LEU C 391 34.17 -38.04 -56.55
C LEU C 391 33.39 -39.32 -56.33
N ASN C 392 33.82 -40.41 -56.96
CA ASN C 392 33.17 -41.70 -56.73
C ASN C 392 33.34 -42.16 -55.29
N HIS C 393 34.55 -42.05 -54.75
CA HIS C 393 34.76 -42.45 -53.36
C HIS C 393 33.92 -41.59 -52.43
N LEU C 394 33.83 -40.29 -52.73
CA LEU C 394 32.98 -39.40 -51.94
C LEU C 394 31.51 -39.80 -52.04
N GLY C 395 31.08 -40.26 -53.22
CA GLY C 395 29.69 -40.69 -53.37
C GLY C 395 29.37 -41.92 -52.54
N GLU C 396 30.25 -42.93 -52.59
CA GLU C 396 30.04 -44.08 -51.72
C GLU C 396 30.17 -43.73 -50.24
N ILE C 397 30.99 -42.75 -49.89
CA ILE C 397 31.04 -42.29 -48.51
C ILE C 397 29.69 -41.69 -48.11
N GLY C 398 29.15 -40.83 -48.97
CA GLY C 398 27.87 -40.22 -48.68
C GLY C 398 26.75 -41.23 -48.57
N THR C 399 26.78 -42.27 -49.41
CA THR C 399 25.73 -43.28 -49.37
C THR C 399 25.66 -43.95 -48.00
N LYS C 400 26.82 -44.24 -47.41
CA LYS C 400 26.81 -44.86 -46.07
C LYS C 400 26.31 -43.90 -45.00
N THR C 401 26.85 -42.68 -44.95
CA THR C 401 26.51 -41.82 -43.83
C THR C 401 25.46 -40.76 -44.15
N THR C 402 25.78 -39.83 -45.06
CA THR C 402 24.89 -38.72 -45.37
C THR C 402 25.53 -37.82 -46.42
N LEU C 403 24.73 -37.01 -47.11
CA LEU C 403 25.30 -36.00 -47.99
C LEU C 403 26.06 -34.93 -47.22
N ARG C 404 25.58 -34.60 -46.02
CA ARG C 404 26.29 -33.62 -45.19
C ARG C 404 27.74 -34.03 -44.98
N TYR C 405 27.97 -35.29 -44.63
CA TYR C 405 29.33 -35.74 -44.35
C TYR C 405 30.22 -35.61 -45.58
N SER C 406 29.71 -36.06 -46.73
CA SER C 406 30.49 -35.96 -47.96
C SER C 406 30.82 -34.51 -48.29
N VAL C 407 29.83 -33.62 -48.17
CA VAL C 407 30.08 -32.21 -48.47
C VAL C 407 31.10 -31.62 -47.51
N GLN C 408 30.97 -31.92 -46.22
CA GLN C 408 31.91 -31.40 -45.24
C GLN C 408 33.32 -31.91 -45.46
N LEU C 409 33.46 -33.13 -45.99
CA LEU C 409 34.79 -33.67 -46.22
C LEU C 409 35.59 -32.89 -47.25
N LEU C 410 34.94 -32.04 -48.04
CA LEU C 410 35.65 -31.38 -49.14
C LEU C 410 36.74 -30.44 -48.62
N THR C 411 36.38 -29.53 -47.71
CA THR C 411 37.31 -28.48 -47.31
C THR C 411 38.59 -29.06 -46.71
N PRO C 412 38.51 -29.94 -45.72
CA PRO C 412 39.74 -30.55 -45.19
C PRO C 412 40.51 -31.30 -46.26
N ALA C 413 39.81 -31.97 -47.19
CA ALA C 413 40.50 -32.65 -48.26
C ALA C 413 41.27 -31.67 -49.15
N ASN C 414 40.65 -30.53 -49.49
CA ASN C 414 41.35 -29.54 -50.29
C ASN C 414 42.55 -28.98 -49.55
N LEU C 415 42.41 -28.72 -48.25
CA LEU C 415 43.56 -28.23 -47.48
C LEU C 415 44.68 -29.26 -47.45
N LEU C 416 44.36 -30.53 -47.25
CA LEU C 416 45.38 -31.57 -47.27
C LEU C 416 46.07 -31.64 -48.62
N ALA C 417 45.31 -31.56 -49.70
CA ALA C 417 45.90 -31.54 -51.04
C ALA C 417 46.82 -30.34 -51.21
N LYS C 418 46.39 -29.18 -50.71
CA LYS C 418 47.21 -27.98 -50.81
C LYS C 418 48.53 -28.16 -50.06
N ILE C 419 48.48 -28.79 -48.88
CA ILE C 419 49.70 -28.97 -48.10
C ILE C 419 50.73 -29.77 -48.89
N ASN C 420 50.29 -30.85 -49.55
CA ASN C 420 51.19 -31.68 -50.35
C ASN C 420 51.60 -31.03 -51.66
N GLY C 421 51.19 -29.79 -51.90
CA GLY C 421 51.60 -29.10 -53.11
C GLY C 421 50.84 -29.47 -54.37
N LYS C 422 49.69 -30.14 -54.24
CA LYS C 422 48.88 -30.51 -55.38
C LYS C 422 47.67 -29.60 -55.49
N ASP C 423 47.38 -29.17 -56.71
CA ASP C 423 46.26 -28.27 -56.97
C ASP C 423 44.92 -28.99 -56.97
N SER C 424 44.92 -30.31 -57.11
CA SER C 424 43.70 -31.09 -57.16
C SER C 424 43.68 -32.12 -56.03
N ILE C 425 42.52 -32.71 -55.80
CA ILE C 425 42.34 -33.74 -54.79
C ILE C 425 42.26 -35.10 -55.47
N GLU C 426 43.09 -36.04 -55.03
CA GLU C 426 43.10 -37.40 -55.55
C GLU C 426 42.41 -38.33 -54.57
N LYS C 427 42.23 -39.58 -55.02
CA LYS C 427 41.54 -40.56 -54.20
C LYS C 427 42.30 -40.81 -52.89
N GLU C 428 43.62 -40.69 -52.93
CA GLU C 428 44.41 -40.90 -51.71
C GLU C 428 44.08 -39.84 -50.67
N HIS C 429 43.91 -38.58 -51.09
CA HIS C 429 43.57 -37.53 -50.14
C HIS C 429 42.23 -37.80 -49.49
N VAL C 430 41.22 -38.21 -50.28
CA VAL C 430 39.91 -38.52 -49.72
C VAL C 430 39.99 -39.71 -48.78
N GLU C 431 40.77 -40.74 -49.16
CA GLU C 431 40.98 -41.87 -48.27
C GLU C 431 41.53 -41.42 -46.93
N GLU C 432 42.58 -40.60 -46.95
CA GLU C 432 43.20 -40.15 -45.72
C GLU C 432 42.24 -39.31 -44.89
N ILE C 433 41.49 -38.42 -45.54
CA ILE C 433 40.54 -37.59 -44.80
C ILE C 433 39.46 -38.45 -44.16
N SER C 434 38.95 -39.46 -44.89
CA SER C 434 37.96 -40.35 -44.32
C SER C 434 38.53 -41.13 -43.14
N GLU C 435 39.80 -41.52 -43.23
CA GLU C 435 40.46 -42.21 -42.12
C GLU C 435 40.78 -41.29 -40.96
N LEU C 436 40.78 -39.97 -41.17
CA LEU C 436 41.10 -39.02 -40.12
C LEU C 436 39.85 -38.61 -39.34
N PHE C 437 38.88 -38.00 -40.02
CA PHE C 437 37.63 -37.61 -39.40
C PHE C 437 36.56 -38.66 -39.68
N TYR C 438 35.74 -38.92 -38.67
CA TYR C 438 34.71 -39.94 -38.73
C TYR C 438 33.34 -39.31 -38.85
N ASP C 439 32.32 -40.14 -38.79
CA ASP C 439 30.93 -39.69 -38.77
C ASP C 439 30.25 -40.25 -37.52
N ALA C 440 29.18 -39.57 -37.11
CA ALA C 440 28.52 -39.89 -35.84
C ALA C 440 28.20 -41.38 -35.74
N LYS C 441 27.59 -41.94 -36.79
CA LYS C 441 27.18 -43.35 -36.75
C LYS C 441 28.37 -44.26 -36.52
N SER C 442 29.43 -44.10 -37.32
CA SER C 442 30.57 -45.00 -37.22
C SER C 442 31.27 -44.87 -35.88
N SER C 443 31.46 -43.64 -35.40
CA SER C 443 32.13 -43.45 -34.12
C SER C 443 31.30 -44.02 -32.98
N ALA C 444 29.99 -43.83 -33.03
CA ALA C 444 29.11 -44.41 -32.01
C ALA C 444 29.20 -45.93 -32.04
N LYS C 445 29.25 -46.51 -33.23
CA LYS C 445 29.41 -47.97 -33.34
C LYS C 445 30.73 -48.41 -32.73
N ILE C 446 31.80 -47.65 -32.99
CA ILE C 446 33.11 -47.98 -32.41
C ILE C 446 33.03 -47.97 -30.89
N LEU C 447 32.43 -46.92 -30.33
CA LEU C 447 32.34 -46.82 -28.88
C LEU C 447 31.50 -47.97 -28.30
N ALA C 448 30.36 -48.25 -28.92
CA ALA C 448 29.50 -49.32 -28.43
C ALA C 448 30.15 -50.68 -28.64
N ASP C 449 30.85 -50.86 -29.76
CA ASP C 449 31.49 -52.14 -30.06
C ASP C 449 32.43 -52.56 -28.93
N GLN C 450 33.26 -51.62 -28.46
CA GLN C 450 34.17 -51.93 -27.37
C GLN C 450 33.38 -52.27 -26.11
N GLN C 451 32.31 -51.53 -25.84
CA GLN C 451 31.48 -51.78 -24.67
C GLN C 451 31.06 -53.24 -24.57
N GLY D 23 -11.16 -40.53 24.18
CA GLY D 23 -10.01 -40.99 23.44
C GLY D 23 -9.80 -42.49 23.52
N ALA D 24 -9.04 -43.04 22.57
CA ALA D 24 -8.76 -44.46 22.58
C ALA D 24 -7.96 -44.87 23.82
N HIS D 25 -6.98 -44.05 24.20
CA HIS D 25 -6.05 -44.38 25.28
C HIS D 25 -6.39 -43.66 26.58
N SER D 26 -7.67 -43.51 26.88
CA SER D 26 -8.06 -42.86 28.12
C SER D 26 -7.57 -43.64 29.33
N HIS D 27 -7.47 -44.97 29.22
CA HIS D 27 -7.11 -45.82 30.33
C HIS D 27 -5.60 -46.05 30.43
N ILE D 28 -4.82 -45.52 29.49
CA ILE D 28 -3.39 -45.79 29.45
C ILE D 28 -2.71 -44.79 30.38
N ARG D 29 -2.77 -45.08 31.68
CA ARG D 29 -2.17 -44.22 32.71
C ARG D 29 -0.78 -44.72 33.08
N GLY D 30 0.10 -44.84 32.09
CA GLY D 30 1.47 -45.28 32.34
C GLY D 30 1.69 -46.71 31.87
N LEU D 31 2.96 -47.05 31.64
CA LEU D 31 3.27 -48.42 31.22
C LEU D 31 2.89 -49.43 32.28
N GLY D 32 3.25 -49.18 33.53
CA GLY D 32 2.93 -50.11 34.59
C GLY D 32 3.89 -51.28 34.70
N LEU D 33 5.17 -50.99 34.94
CA LEU D 33 6.18 -52.02 35.16
C LEU D 33 6.34 -52.23 36.66
N ASP D 34 6.19 -53.47 37.10
CA ASP D 34 6.29 -53.78 38.52
C ASP D 34 7.71 -53.54 39.02
N ASP D 35 7.86 -52.52 39.87
CA ASP D 35 9.13 -52.12 40.46
C ASP D 35 10.18 -52.13 39.35
N ALA D 36 11.11 -53.10 39.35
CA ALA D 36 12.17 -53.15 38.36
C ALA D 36 11.66 -53.70 37.04
N LEU D 37 11.25 -52.83 36.14
CA LEU D 37 10.65 -53.22 34.86
C LEU D 37 9.72 -54.41 35.07
N GLU D 38 9.97 -55.51 34.35
CA GLU D 38 9.18 -56.74 34.44
C GLU D 38 7.70 -56.41 34.63
N PRO D 39 7.07 -55.74 33.67
CA PRO D 39 5.70 -55.27 33.88
C PRO D 39 4.74 -56.42 34.14
N ARG D 40 3.76 -56.17 34.99
CA ARG D 40 2.73 -57.14 35.30
C ARG D 40 1.79 -57.33 34.11
N GLN D 41 1.14 -58.48 34.08
CA GLN D 41 0.30 -58.82 32.93
C GLN D 41 -0.77 -57.75 32.70
N ALA D 42 -1.31 -57.18 33.77
CA ALA D 42 -2.30 -56.12 33.67
C ALA D 42 -2.04 -55.08 34.74
N SER D 43 -1.88 -53.83 34.33
CA SER D 43 -1.67 -52.75 35.27
C SER D 43 -1.70 -51.39 34.59
N GLN D 44 -2.27 -50.39 35.26
CA GLN D 44 -2.29 -49.01 34.77
C GLN D 44 -2.88 -48.97 33.35
N GLY D 45 -3.90 -49.79 33.13
CA GLY D 45 -4.53 -49.87 31.84
C GLY D 45 -3.57 -50.33 30.76
N MET D 46 -2.80 -51.38 31.04
CA MET D 46 -1.79 -51.88 30.11
C MET D 46 -1.75 -53.39 30.22
N VAL D 47 -2.22 -54.07 29.18
CA VAL D 47 -2.26 -55.53 29.13
C VAL D 47 -1.70 -55.96 27.79
N GLY D 48 -0.66 -56.79 27.82
CA GLY D 48 -0.08 -57.34 26.60
C GLY D 48 1.23 -56.66 26.24
N GLN D 49 1.88 -57.23 25.23
CA GLN D 49 3.18 -56.77 24.75
C GLN D 49 4.08 -56.38 25.91
N LEU D 50 4.28 -57.33 26.82
CA LEU D 50 5.11 -57.06 27.99
C LEU D 50 6.55 -56.78 27.61
N ALA D 51 7.04 -57.38 26.51
CA ALA D 51 8.41 -57.14 26.08
C ALA D 51 8.61 -55.69 25.67
N ALA D 52 7.71 -55.16 24.82
CA ALA D 52 7.80 -53.76 24.43
C ALA D 52 7.66 -52.84 25.61
N ARG D 53 6.82 -53.19 26.58
CA ARG D 53 6.70 -52.38 27.80
C ARG D 53 7.99 -52.39 28.60
N ARG D 54 8.65 -53.54 28.70
CA ARG D 54 9.91 -53.62 29.42
C ARG D 54 10.98 -52.78 28.73
N ALA D 55 11.00 -52.82 27.40
CA ALA D 55 11.91 -51.97 26.65
C ALA D 55 11.61 -50.50 26.87
N ALA D 56 10.31 -50.14 26.90
CA ALA D 56 9.94 -48.76 27.14
C ALA D 56 10.32 -48.32 28.55
N GLY D 57 10.29 -49.25 29.50
CA GLY D 57 10.77 -48.93 30.83
C GLY D 57 12.26 -48.66 30.86
N VAL D 58 13.03 -49.47 30.12
CA VAL D 58 14.45 -49.20 29.96
C VAL D 58 14.65 -47.81 29.36
N VAL D 59 13.86 -47.48 28.35
CA VAL D 59 13.97 -46.17 27.71
C VAL D 59 13.61 -45.05 28.68
N LEU D 60 12.62 -45.29 29.54
CA LEU D 60 12.24 -44.28 30.54
C LEU D 60 13.37 -44.06 31.54
N GLU D 61 14.01 -45.15 31.97
CA GLU D 61 15.18 -45.00 32.84
C GLU D 61 16.28 -44.21 32.15
N MET D 62 16.53 -44.50 30.87
CA MET D 62 17.51 -43.74 30.11
C MET D 62 17.14 -42.26 30.05
N ILE D 63 15.85 -41.98 29.83
CA ILE D 63 15.39 -40.60 29.71
C ILE D 63 15.60 -39.85 31.02
N ARG D 64 15.21 -40.49 32.14
CA ARG D 64 15.40 -39.86 33.43
C ARG D 64 16.87 -39.63 33.73
N GLU D 65 17.72 -40.60 33.39
CA GLU D 65 19.15 -40.43 33.60
C GLU D 65 19.80 -39.48 32.59
N GLY D 66 19.07 -39.13 31.52
CA GLY D 66 19.61 -38.19 30.54
C GLY D 66 20.52 -38.82 29.51
N LYS D 67 20.59 -40.16 29.46
CA LYS D 67 21.41 -40.82 28.46
C LYS D 67 20.61 -41.13 27.21
N ILE D 68 19.94 -40.12 26.66
CA ILE D 68 19.19 -40.26 25.42
C ILE D 68 19.46 -39.11 24.46
N ALA D 69 20.49 -38.33 24.71
CA ALA D 69 20.82 -37.20 23.84
C ALA D 69 21.12 -37.69 22.43
N GLY D 70 20.55 -37.04 21.44
CA GLY D 70 20.79 -37.42 20.06
C GLY D 70 20.34 -38.81 19.70
N ARG D 71 19.23 -39.28 20.28
CA ARG D 71 18.67 -40.58 19.95
C ARG D 71 17.15 -40.47 19.88
N ALA D 72 16.54 -41.47 19.27
CA ALA D 72 15.10 -41.53 19.12
C ALA D 72 14.63 -42.96 19.33
N VAL D 73 13.32 -43.13 19.41
CA VAL D 73 12.72 -44.44 19.60
C VAL D 73 11.78 -44.72 18.43
N LEU D 74 11.92 -45.91 17.86
CA LEU D 74 11.07 -46.36 16.77
C LEU D 74 10.36 -47.64 17.21
N ILE D 75 9.04 -47.63 17.16
CA ILE D 75 8.22 -48.75 17.58
C ILE D 75 7.66 -49.39 16.32
N ALA D 76 8.23 -50.52 15.92
CA ALA D 76 7.77 -51.23 14.75
C ALA D 76 6.74 -52.29 15.13
N GLY D 77 5.72 -52.44 14.29
CA GLY D 77 4.67 -53.40 14.55
C GLY D 77 3.43 -53.14 13.73
N GLN D 78 2.63 -54.18 13.52
CA GLN D 78 1.44 -54.07 12.70
C GLN D 78 0.42 -53.16 13.39
N PRO D 79 -0.51 -52.58 12.62
CA PRO D 79 -1.49 -51.68 13.23
C PRO D 79 -2.38 -52.41 14.23
N GLY D 80 -2.81 -51.67 15.25
CA GLY D 80 -3.70 -52.23 16.25
C GLY D 80 -3.02 -53.08 17.30
N THR D 81 -1.76 -52.81 17.62
CA THR D 81 -1.03 -53.56 18.63
C THR D 81 -0.49 -52.68 19.75
N GLY D 82 -1.24 -51.68 20.17
CA GLY D 82 -0.77 -50.82 21.25
C GLY D 82 0.41 -49.96 20.87
N LYS D 83 0.63 -49.76 19.57
CA LYS D 83 1.80 -49.02 19.12
C LYS D 83 1.77 -47.58 19.62
N THR D 84 0.60 -46.93 19.56
CA THR D 84 0.44 -45.60 20.14
C THR D 84 0.13 -45.65 21.62
N ALA D 85 -0.50 -46.73 22.10
CA ALA D 85 -0.77 -46.88 23.52
C ALA D 85 0.52 -46.95 24.32
N ILE D 86 1.55 -47.60 23.80
CA ILE D 86 2.82 -47.65 24.51
C ILE D 86 3.43 -46.26 24.62
N ALA D 87 3.38 -45.48 23.55
CA ALA D 87 3.89 -44.11 23.61
C ALA D 87 3.11 -43.26 24.60
N MET D 88 1.77 -43.39 24.62
CA MET D 88 0.99 -42.65 25.60
C MET D 88 1.33 -43.06 27.03
N GLY D 89 1.47 -44.37 27.26
CA GLY D 89 1.84 -44.84 28.58
C GLY D 89 3.21 -44.34 29.00
N MET D 90 4.14 -44.23 28.05
CA MET D 90 5.46 -43.71 28.38
C MET D 90 5.38 -42.27 28.88
N ALA D 91 4.60 -41.43 28.20
CA ALA D 91 4.42 -40.06 28.65
C ALA D 91 3.75 -40.03 30.01
N GLN D 92 2.73 -40.87 30.21
CA GLN D 92 2.06 -40.90 31.51
C GLN D 92 3.01 -41.28 32.63
N ALA D 93 3.84 -42.31 32.41
CA ALA D 93 4.77 -42.76 33.43
C ALA D 93 5.94 -41.81 33.63
N LEU D 94 6.25 -40.98 32.62
CA LEU D 94 7.33 -40.03 32.78
C LEU D 94 6.96 -38.93 33.77
N GLY D 95 5.71 -38.50 33.76
CA GLY D 95 5.25 -37.46 34.65
C GLY D 95 3.74 -37.27 34.60
N PRO D 96 3.22 -36.41 35.47
CA PRO D 96 1.76 -36.20 35.52
C PRO D 96 1.22 -35.53 34.27
N ASP D 97 1.84 -34.43 33.86
CA ASP D 97 1.37 -33.63 32.74
C ASP D 97 2.45 -33.43 31.69
N THR D 98 3.20 -34.49 31.39
CA THR D 98 4.19 -34.43 30.32
C THR D 98 3.47 -34.35 28.98
N PRO D 99 3.80 -33.37 28.14
CA PRO D 99 3.06 -33.20 26.89
C PRO D 99 3.18 -34.42 25.99
N PHE D 100 2.10 -34.73 25.29
CA PHE D 100 2.05 -35.81 24.32
C PHE D 100 1.46 -35.28 23.02
N THR D 101 2.20 -35.41 21.93
CA THR D 101 1.78 -34.94 20.62
C THR D 101 1.74 -36.12 19.67
N ALA D 102 0.54 -36.64 19.43
CA ALA D 102 0.35 -37.79 18.55
C ALA D 102 -0.11 -37.30 17.19
N ILE D 103 0.80 -37.28 16.22
CA ILE D 103 0.50 -36.85 14.87
C ILE D 103 0.84 -37.98 13.91
N ALA D 104 0.43 -37.82 12.67
CA ALA D 104 0.68 -38.80 11.62
C ALA D 104 1.66 -38.23 10.58
N GLY D 105 2.43 -39.13 9.99
CA GLY D 105 3.38 -38.70 8.96
C GLY D 105 2.69 -38.01 7.80
N SER D 106 1.49 -38.46 7.46
CA SER D 106 0.72 -37.87 6.36
C SER D 106 -0.12 -36.70 6.84
N GLU D 107 0.28 -36.07 7.94
CA GLU D 107 -0.43 -34.94 8.50
C GLU D 107 0.35 -33.64 8.40
N ILE D 108 1.58 -33.68 7.89
CA ILE D 108 2.36 -32.46 7.74
C ILE D 108 2.38 -31.94 6.30
N PHE D 109 2.08 -32.79 5.32
CA PHE D 109 1.87 -32.31 3.96
C PHE D 109 0.51 -31.65 3.93
N SER D 110 0.48 -30.34 4.16
CA SER D 110 -0.75 -29.58 4.25
C SER D 110 -0.73 -28.44 3.26
N LEU D 111 -1.92 -28.09 2.77
CA LEU D 111 -2.07 -26.96 1.86
C LEU D 111 -2.11 -25.61 2.55
N GLU D 112 -2.26 -25.58 3.88
CA GLU D 112 -2.27 -24.32 4.62
C GLU D 112 -0.92 -23.98 5.22
N MET D 113 -0.07 -24.99 5.45
CA MET D 113 1.27 -24.75 6.00
C MET D 113 2.24 -25.68 5.29
N SER D 114 3.50 -25.28 5.28
CA SER D 114 4.57 -26.10 4.73
C SER D 114 4.98 -27.17 5.72
N LYS D 115 5.80 -28.12 5.26
CA LYS D 115 6.24 -29.21 6.12
C LYS D 115 7.04 -28.67 7.31
N THR D 116 7.88 -27.66 7.08
CA THR D 116 8.58 -27.03 8.18
C THR D 116 7.61 -26.51 9.21
N GLU D 117 6.55 -25.83 8.76
CA GLU D 117 5.59 -25.27 9.70
C GLU D 117 4.95 -26.35 10.55
N ALA D 118 4.47 -27.43 9.90
CA ALA D 118 3.82 -28.50 10.63
C ALA D 118 4.77 -29.16 11.62
N LEU D 119 6.00 -29.44 11.19
CA LEU D 119 6.96 -30.09 12.07
C LEU D 119 7.33 -29.19 13.24
N THR D 120 7.52 -27.89 12.99
CA THR D 120 7.85 -26.97 14.06
C THR D 120 6.71 -26.89 15.07
N GLN D 121 5.47 -26.79 14.58
CA GLN D 121 4.33 -26.73 15.48
C GLN D 121 4.23 -28.00 16.32
N ALA D 122 4.44 -29.16 15.69
CA ALA D 122 4.39 -30.41 16.43
C ALA D 122 5.49 -30.47 17.48
N PHE D 123 6.69 -30.03 17.12
CA PHE D 123 7.80 -30.05 18.06
C PHE D 123 7.54 -29.13 19.24
N ARG D 124 7.00 -27.94 18.99
CA ARG D 124 6.75 -27.00 20.06
C ARG D 124 5.70 -27.53 21.03
N ARG D 125 4.65 -28.14 20.50
CA ARG D 125 3.58 -28.65 21.36
C ARG D 125 4.13 -29.64 22.37
N SER D 126 5.02 -30.52 21.94
CA SER D 126 5.59 -31.54 22.81
C SER D 126 6.45 -30.94 23.90
N ILE D 127 6.94 -29.72 23.70
CA ILE D 127 7.78 -29.03 24.69
C ILE D 127 6.86 -28.36 25.69
N GLY D 128 6.78 -28.91 26.89
CA GLY D 128 5.92 -28.38 27.94
C GLY D 128 6.66 -27.50 28.92
N VAL D 129 5.98 -26.46 29.38
CA VAL D 129 6.52 -25.52 30.37
C VAL D 129 5.56 -25.47 31.55
N ARG D 130 6.10 -25.68 32.75
CA ARG D 130 5.30 -25.65 33.96
C ARG D 130 5.47 -24.30 34.65
N ILE D 131 4.35 -23.73 35.08
CA ILE D 131 4.35 -22.44 35.78
C ILE D 131 3.35 -22.50 36.92
N LYS D 132 3.84 -22.54 38.16
CA LYS D 132 2.94 -22.58 39.31
C LYS D 132 2.16 -21.29 39.43
N GLU D 133 0.86 -21.41 39.64
CA GLU D 133 -0.06 -20.29 39.79
C GLU D 133 -0.78 -20.43 41.12
N GLU D 134 -0.39 -19.59 42.08
CA GLU D 134 -0.99 -19.66 43.40
C GLU D 134 -2.49 -19.40 43.33
N THR D 135 -3.26 -20.33 43.89
CA THR D 135 -4.72 -20.26 43.90
C THR D 135 -5.21 -20.58 45.30
N GLU D 136 -5.84 -19.61 45.95
CA GLU D 136 -6.32 -19.80 47.31
C GLU D 136 -7.59 -20.63 47.34
N ILE D 137 -7.52 -21.85 47.88
CA ILE D 137 -8.71 -22.67 48.05
C ILE D 137 -9.40 -22.29 49.36
N ILE D 138 -10.47 -21.51 49.26
CA ILE D 138 -11.25 -21.15 50.43
C ILE D 138 -12.29 -22.24 50.65
N GLU D 139 -11.89 -23.31 51.33
CA GLU D 139 -12.72 -24.48 51.54
C GLU D 139 -13.11 -24.59 53.01
N GLY D 140 -13.83 -25.64 53.34
CA GLY D 140 -14.26 -25.91 54.70
C GLY D 140 -15.56 -26.68 54.70
N GLU D 141 -15.74 -27.50 55.75
CA GLU D 141 -16.98 -28.24 55.90
C GLU D 141 -18.13 -27.25 56.11
N VAL D 142 -19.19 -27.41 55.32
CA VAL D 142 -20.31 -26.48 55.38
C VAL D 142 -21.28 -26.92 56.46
N VAL D 143 -21.07 -26.41 57.67
CA VAL D 143 -21.96 -26.78 58.78
C VAL D 143 -23.35 -26.19 58.57
N GLU D 144 -23.43 -24.97 58.02
CA GLU D 144 -24.70 -24.30 57.83
C GLU D 144 -24.60 -23.31 56.69
N ILE D 145 -25.59 -23.33 55.80
CA ILE D 145 -25.67 -22.33 54.72
C ILE D 145 -26.29 -21.07 55.30
N GLN D 146 -25.50 -20.01 55.46
CA GLN D 146 -26.01 -18.74 55.98
C GLN D 146 -26.43 -17.84 54.83
N ILE D 147 -27.37 -18.34 54.04
CA ILE D 147 -27.86 -17.59 52.88
C ILE D 147 -28.46 -16.27 53.35
N ASP D 148 -28.17 -15.22 52.60
CA ASP D 148 -28.53 -13.87 53.03
C ASP D 148 -29.43 -13.17 52.01
N VAL D 158 -27.11 -12.49 49.21
CA VAL D 158 -26.53 -13.82 49.23
C VAL D 158 -25.11 -13.79 48.70
N GLY D 159 -24.17 -14.19 49.55
CA GLY D 159 -24.50 -14.64 50.89
C GLY D 159 -23.30 -14.98 51.74
N LYS D 160 -23.40 -16.08 52.49
CA LYS D 160 -22.35 -16.51 53.41
C LYS D 160 -22.33 -18.03 53.45
N LEU D 161 -21.26 -18.58 54.04
CA LEU D 161 -21.15 -20.02 54.24
C LEU D 161 -20.17 -20.25 55.39
N THR D 162 -20.67 -20.73 56.52
CA THR D 162 -19.81 -21.03 57.65
C THR D 162 -19.00 -22.28 57.36
N LEU D 163 -17.71 -22.12 57.08
CA LEU D 163 -16.83 -23.22 56.70
C LEU D 163 -15.95 -23.55 57.90
N LYS D 164 -16.01 -24.79 58.36
CA LYS D 164 -15.25 -25.25 59.51
C LYS D 164 -14.22 -26.28 59.07
N THR D 165 -13.03 -26.20 59.65
CA THR D 165 -11.96 -27.15 59.37
C THR D 165 -11.26 -27.44 60.69
N THR D 166 -10.12 -28.14 60.62
CA THR D 166 -9.35 -28.40 61.82
C THR D 166 -8.77 -27.13 62.43
N GLU D 167 -8.61 -26.08 61.62
CA GLU D 167 -8.12 -24.80 62.11
C GLU D 167 -9.18 -24.10 62.94
N MET D 168 -10.32 -23.77 62.32
CA MET D 168 -11.42 -23.13 63.03
C MET D 168 -12.67 -23.12 62.18
N GLU D 169 -13.73 -22.47 62.67
CA GLU D 169 -14.97 -22.28 61.92
C GLU D 169 -15.08 -20.81 61.54
N THR D 170 -15.04 -20.53 60.24
CA THR D 170 -15.04 -19.17 59.72
C THR D 170 -16.23 -18.98 58.79
N ILE D 171 -17.02 -17.94 59.05
CA ILE D 171 -18.13 -17.59 58.17
C ILE D 171 -17.57 -16.85 56.96
N TYR D 172 -17.67 -17.48 55.79
CA TYR D 172 -17.03 -16.97 54.57
C TYR D 172 -18.10 -16.35 53.67
N ASP D 173 -17.83 -15.13 53.21
CA ASP D 173 -18.74 -14.44 52.30
C ASP D 173 -18.79 -15.14 50.95
N LEU D 174 -20.00 -15.24 50.40
CA LEU D 174 -20.21 -15.80 49.08
C LEU D 174 -21.05 -14.82 48.24
N GLY D 175 -21.42 -15.27 47.05
CA GLY D 175 -22.35 -14.56 46.19
C GLY D 175 -23.59 -15.39 45.91
N THR D 176 -24.47 -14.82 45.10
CA THR D 176 -25.68 -15.56 44.70
C THR D 176 -25.32 -16.83 43.94
N LYS D 177 -24.48 -16.71 42.91
CA LYS D 177 -24.06 -17.89 42.18
C LYS D 177 -23.11 -18.76 42.99
N MET D 178 -22.38 -18.17 43.93
CA MET D 178 -21.58 -18.97 44.84
C MET D 178 -22.43 -19.91 45.68
N ILE D 179 -23.56 -19.40 46.21
CA ILE D 179 -24.48 -20.27 46.94
C ILE D 179 -25.16 -21.25 45.99
N GLU D 180 -25.50 -20.81 44.77
CA GLU D 180 -26.10 -21.73 43.81
C GLU D 180 -25.15 -22.86 43.46
N SER D 181 -23.84 -22.62 43.52
CA SER D 181 -22.89 -23.70 43.26
C SER D 181 -23.11 -24.87 44.20
N LEU D 182 -23.59 -24.60 45.41
CA LEU D 182 -23.84 -25.68 46.36
C LEU D 182 -25.00 -26.56 45.90
N THR D 183 -26.00 -25.96 45.24
CA THR D 183 -27.14 -26.74 44.76
C THR D 183 -26.74 -27.62 43.58
N LYS D 184 -25.99 -27.09 42.62
CA LYS D 184 -25.48 -27.93 41.55
C LYS D 184 -24.55 -29.00 42.12
N ASP D 185 -23.93 -28.72 43.25
CA ASP D 185 -23.16 -29.68 44.02
C ASP D 185 -24.04 -30.24 45.13
N LYS D 186 -23.43 -30.95 46.09
CA LYS D 186 -24.14 -31.37 47.31
C LYS D 186 -24.16 -30.19 48.29
N VAL D 187 -25.37 -29.67 48.54
CA VAL D 187 -25.50 -28.45 49.34
C VAL D 187 -25.06 -28.71 50.77
N GLN D 188 -25.72 -29.66 51.45
CA GLN D 188 -25.47 -29.90 52.85
C GLN D 188 -24.35 -30.91 53.02
N ALA D 189 -23.20 -30.62 52.39
CA ALA D 189 -22.03 -31.50 52.50
C ALA D 189 -20.81 -30.65 52.13
N GLY D 190 -19.78 -30.71 52.95
CA GLY D 190 -18.62 -29.85 52.80
C GLY D 190 -18.17 -29.62 51.37
N ASP D 191 -18.15 -28.37 50.94
CA ASP D 191 -17.84 -28.01 49.56
C ASP D 191 -16.44 -27.40 49.49
N VAL D 192 -15.56 -28.02 48.72
CA VAL D 192 -14.22 -27.48 48.53
C VAL D 192 -14.32 -26.33 47.53
N ILE D 193 -14.12 -25.12 48.01
CA ILE D 193 -14.25 -23.92 47.19
C ILE D 193 -12.89 -23.26 47.03
N THR D 194 -12.69 -22.63 45.88
CA THR D 194 -11.47 -21.91 45.55
C THR D 194 -11.79 -20.41 45.63
N ILE D 195 -10.78 -19.56 45.43
CA ILE D 195 -10.95 -18.13 45.56
C ILE D 195 -11.91 -17.67 44.47
N ASP D 196 -13.14 -17.34 44.85
CA ASP D 196 -14.19 -16.92 43.92
C ASP D 196 -14.32 -17.93 42.77
N LYS D 197 -14.62 -19.17 43.15
CA LYS D 197 -14.71 -20.27 42.20
C LYS D 197 -15.88 -21.16 42.59
N ALA D 198 -15.97 -22.32 41.93
CA ALA D 198 -17.06 -23.26 42.20
C ALA D 198 -16.78 -24.05 43.48
N THR D 199 -17.83 -24.69 43.98
CA THR D 199 -17.74 -25.50 45.19
C THR D 199 -17.41 -26.95 44.83
N GLY D 200 -17.36 -27.81 45.81
CA GLY D 200 -17.04 -29.21 45.59
C GLY D 200 -18.07 -30.13 46.22
N LYS D 201 -18.31 -31.26 45.56
CA LYS D 201 -19.28 -32.25 46.03
C LYS D 201 -18.55 -33.23 46.95
N ILE D 202 -18.40 -32.82 48.20
CA ILE D 202 -17.67 -33.61 49.20
C ILE D 202 -18.51 -33.73 50.46
N SER D 203 -18.25 -34.75 51.27
CA SER D 203 -19.01 -35.00 52.48
C SER D 203 -18.73 -33.93 53.53
N LYS D 204 -19.60 -33.87 54.53
CA LYS D 204 -19.50 -32.88 55.59
C LYS D 204 -19.42 -33.55 56.96
N CYS D 227 -14.50 -34.56 53.32
CA CYS D 227 -14.70 -33.42 54.21
C CYS D 227 -13.45 -32.56 54.31
N PRO D 228 -13.55 -31.31 53.85
CA PRO D 228 -12.41 -30.40 53.96
C PRO D 228 -12.02 -30.15 55.41
N ASP D 229 -10.87 -30.65 55.82
CA ASP D 229 -10.44 -30.53 57.22
C ASP D 229 -8.97 -30.13 57.28
N GLY D 230 -8.59 -29.15 56.46
CA GLY D 230 -7.25 -28.59 56.52
C GLY D 230 -7.27 -27.18 57.07
N GLU D 231 -7.03 -26.21 56.20
CA GLU D 231 -7.15 -24.80 56.56
C GLU D 231 -8.29 -24.16 55.77
N LEU D 232 -8.96 -23.20 56.42
CA LEU D 232 -10.10 -22.52 55.81
C LEU D 232 -9.72 -21.91 54.48
N GLN D 233 -8.65 -21.12 54.47
CA GLN D 233 -8.11 -20.54 53.25
C GLN D 233 -6.69 -21.07 53.04
N LYS D 234 -6.46 -21.70 51.88
CA LYS D 234 -5.17 -22.31 51.61
C LYS D 234 -4.59 -21.81 50.30
N ARG D 235 -3.48 -22.40 49.86
CA ARG D 235 -2.80 -21.98 48.65
C ARG D 235 -2.50 -23.20 47.79
N LYS D 236 -2.69 -23.05 46.48
CA LYS D 236 -2.47 -24.11 45.51
C LYS D 236 -1.67 -23.52 44.34
N GLU D 237 -0.35 -23.71 44.38
CA GLU D 237 0.52 -23.27 43.30
C GLU D 237 0.32 -24.23 42.12
N VAL D 238 -0.77 -24.01 41.39
CA VAL D 238 -1.11 -24.87 40.27
C VAL D 238 -0.09 -24.66 39.17
N VAL D 239 0.79 -25.64 38.97
CA VAL D 239 1.86 -25.52 37.99
C VAL D 239 1.28 -25.82 36.62
N HIS D 240 0.81 -24.78 35.94
CA HIS D 240 0.21 -24.94 34.63
C HIS D 240 1.26 -25.40 33.61
N THR D 241 1.01 -26.54 33.00
CA THR D 241 1.89 -27.06 31.95
C THR D 241 1.37 -26.56 30.62
N VAL D 242 2.03 -25.53 30.08
CA VAL D 242 1.62 -24.89 28.84
C VAL D 242 2.64 -25.21 27.76
N SER D 243 2.16 -25.77 26.65
CA SER D 243 3.03 -26.04 25.51
C SER D 243 3.46 -24.74 24.85
N LEU D 244 4.68 -24.74 24.31
CA LEU D 244 5.20 -23.58 23.60
C LEU D 244 4.22 -23.13 22.54
N HIS D 245 3.61 -24.08 21.83
CA HIS D 245 2.67 -23.73 20.78
C HIS D 245 1.45 -23.01 21.35
N GLU D 246 0.98 -23.42 22.53
CA GLU D 246 -0.14 -22.73 23.14
C GLU D 246 0.19 -21.27 23.42
N ILE D 247 1.39 -21.02 23.95
CA ILE D 247 1.83 -19.66 24.19
C ILE D 247 1.92 -18.89 22.88
N ASP D 248 2.41 -19.53 21.82
CA ASP D 248 2.48 -18.87 20.52
C ASP D 248 1.10 -18.47 20.05
N VAL D 249 0.12 -19.37 20.18
CA VAL D 249 -1.25 -19.03 19.78
C VAL D 249 -1.77 -17.87 20.61
N ILE D 250 -1.47 -17.88 21.90
CA ILE D 250 -1.88 -16.79 22.79
C ILE D 250 -1.34 -15.47 22.28
N ASN D 251 -0.06 -15.46 21.88
CA ASN D 251 0.64 -14.23 21.53
C ASN D 251 0.77 -14.04 20.02
N SER D 252 0.00 -14.80 19.24
CA SER D 252 0.11 -14.69 17.79
C SER D 252 -0.99 -13.80 17.21
N ARG D 253 -2.24 -14.17 17.44
CA ARG D 253 -3.37 -13.34 17.02
C ARG D 253 -4.65 -13.79 17.69
N THR D 254 -5.78 -13.26 17.25
CA THR D 254 -7.08 -13.58 17.81
C THR D 254 -7.57 -14.91 17.25
N GLN D 255 -8.82 -15.25 17.54
CA GLN D 255 -9.40 -16.52 17.08
C GLN D 255 -10.89 -16.31 16.84
N GLY D 256 -11.62 -17.39 16.67
CA GLY D 256 -13.06 -17.33 16.47
C GLY D 256 -13.64 -18.72 16.44
N PHE D 257 -14.97 -18.79 16.61
CA PHE D 257 -15.64 -20.08 16.63
C PHE D 257 -15.56 -20.78 15.27
N LEU D 258 -15.23 -20.06 14.19
CA LEU D 258 -14.94 -20.68 12.91
C LEU D 258 -13.47 -20.53 12.53
N ALA D 259 -12.60 -20.29 13.49
CA ALA D 259 -11.18 -20.13 13.19
C ALA D 259 -10.62 -21.37 12.50
N LEU D 260 -11.09 -22.56 12.89
CA LEU D 260 -10.58 -23.79 12.29
C LEU D 260 -10.93 -23.87 10.80
N PHE D 261 -12.01 -23.22 10.38
CA PHE D 261 -12.37 -23.17 8.97
C PHE D 261 -11.76 -21.93 8.32
N SER D 262 -12.09 -20.76 8.85
CA SER D 262 -11.60 -19.50 8.30
C SER D 262 -10.73 -18.77 9.30
N GLU D 267 1.96 -19.97 8.80
CA GLU D 267 0.79 -19.38 9.45
C GLU D 267 1.20 -18.48 10.61
N ILE D 268 1.71 -19.10 11.68
CA ILE D 268 2.11 -18.36 12.86
C ILE D 268 3.42 -17.65 12.61
N LYS D 269 3.49 -16.36 12.96
CA LYS D 269 4.67 -15.55 12.74
C LYS D 269 5.89 -16.17 13.43
N SER D 270 7.00 -16.25 12.70
CA SER D 270 8.23 -16.75 13.29
C SER D 270 8.81 -15.77 14.29
N GLU D 271 8.55 -14.47 14.08
CA GLU D 271 9.01 -13.46 15.03
C GLU D 271 8.46 -13.73 16.41
N VAL D 272 7.17 -14.11 16.47
CA VAL D 272 6.57 -14.46 17.75
C VAL D 272 7.29 -15.65 18.37
N ARG D 273 7.64 -16.64 17.56
CA ARG D 273 8.36 -17.80 18.09
C ARG D 273 9.69 -17.39 18.71
N GLU D 274 10.47 -16.58 18.00
CA GLU D 274 11.77 -16.19 18.52
C GLU D 274 11.62 -15.36 19.80
N GLN D 275 10.65 -14.44 19.80
CA GLN D 275 10.41 -13.63 20.99
C GLN D 275 10.02 -14.51 22.18
N ILE D 276 9.14 -15.48 21.95
CA ILE D 276 8.69 -16.34 23.03
C ILE D 276 9.83 -17.23 23.53
N ASN D 277 10.71 -17.67 22.62
CA ASN D 277 11.85 -18.46 23.05
C ASN D 277 12.79 -17.62 23.92
N ALA D 278 13.05 -16.37 23.51
CA ALA D 278 13.88 -15.50 24.34
C ALA D 278 13.24 -15.28 25.71
N LYS D 279 11.92 -15.07 25.73
CA LYS D 279 11.19 -14.87 26.98
C LYS D 279 11.25 -16.11 27.88
N VAL D 280 11.13 -17.30 27.28
CA VAL D 280 11.21 -18.54 28.04
C VAL D 280 12.59 -18.69 28.65
N ALA D 281 13.64 -18.40 27.87
CA ALA D 281 14.99 -18.44 28.41
C ALA D 281 15.15 -17.42 29.53
N GLU D 282 14.56 -16.24 29.37
CA GLU D 282 14.69 -15.18 30.36
C GLU D 282 14.10 -15.60 31.69
N TRP D 283 12.92 -16.23 31.68
CA TRP D 283 12.39 -16.70 32.96
C TRP D 283 12.96 -18.05 33.38
N ARG D 284 13.66 -18.76 32.50
CA ARG D 284 14.35 -19.97 32.95
C ARG D 284 15.59 -19.61 33.77
N GLU D 285 16.33 -18.61 33.31
CA GLU D 285 17.51 -18.18 34.07
C GLU D 285 17.11 -17.66 35.45
N GLU D 286 16.12 -16.76 35.50
CA GLU D 286 15.57 -16.34 36.78
C GLU D 286 14.89 -17.50 37.48
N GLY D 287 13.98 -18.17 36.77
CA GLY D 287 13.30 -19.35 37.27
C GLY D 287 11.85 -19.11 37.64
N LYS D 288 10.95 -19.44 36.71
CA LYS D 288 9.55 -19.67 37.04
C LYS D 288 9.37 -21.14 37.41
N ALA D 289 9.75 -22.02 36.50
CA ALA D 289 9.87 -23.45 36.71
C ALA D 289 10.72 -24.00 35.57
N GLU D 290 10.89 -25.32 35.53
CA GLU D 290 11.75 -25.93 34.54
C GLU D 290 10.92 -26.47 33.38
N ILE D 291 11.45 -26.29 32.17
CA ILE D 291 10.83 -26.87 30.99
C ILE D 291 10.89 -28.38 31.09
N ILE D 292 9.74 -29.03 30.96
CA ILE D 292 9.68 -30.49 31.01
C ILE D 292 9.49 -30.99 29.59
N PRO D 293 10.53 -31.55 28.97
CA PRO D 293 10.40 -32.02 27.57
C PRO D 293 9.55 -33.26 27.49
N GLY D 294 8.48 -33.20 26.70
CA GLY D 294 7.56 -34.28 26.55
C GLY D 294 7.97 -35.25 25.48
N VAL D 295 6.98 -35.93 24.90
CA VAL D 295 7.21 -36.92 23.86
C VAL D 295 6.29 -36.59 22.69
N LEU D 296 6.85 -36.53 21.49
CA LEU D 296 6.06 -36.35 20.28
C LEU D 296 6.09 -37.63 19.47
N PHE D 297 4.91 -38.17 19.18
CA PHE D 297 4.75 -39.46 18.53
C PHE D 297 4.33 -39.23 17.09
N ILE D 298 5.06 -39.83 16.15
CA ILE D 298 4.81 -39.67 14.73
C ILE D 298 4.41 -41.03 14.18
N ASP D 299 3.11 -41.32 14.15
CA ASP D 299 2.63 -42.53 13.52
C ASP D 299 2.77 -42.41 11.99
N GLU D 300 2.90 -43.56 11.35
CA GLU D 300 3.07 -43.60 9.90
C GLU D 300 4.26 -42.75 9.46
N VAL D 301 5.36 -42.88 10.19
CA VAL D 301 6.56 -42.11 9.87
C VAL D 301 7.10 -42.47 8.50
N HIS D 302 6.82 -43.68 8.01
CA HIS D 302 7.21 -44.05 6.66
C HIS D 302 6.66 -43.06 5.63
N MET D 303 5.52 -42.45 5.93
CA MET D 303 4.95 -41.45 5.03
C MET D 303 5.85 -40.22 4.93
N LEU D 304 6.58 -39.91 5.99
CA LEU D 304 7.46 -38.76 5.98
C LEU D 304 8.46 -38.85 4.82
N ASP D 305 9.01 -37.71 4.43
CA ASP D 305 9.97 -37.64 3.36
C ASP D 305 11.34 -37.21 3.90
N ILE D 306 12.33 -37.13 3.02
CA ILE D 306 13.70 -36.90 3.46
C ILE D 306 13.87 -35.50 4.06
N GLU D 307 13.20 -34.51 3.49
CA GLU D 307 13.35 -33.14 3.96
C GLU D 307 12.85 -32.99 5.40
N SER D 308 11.72 -33.61 5.70
CA SER D 308 11.22 -33.64 7.07
C SER D 308 12.17 -34.41 7.98
N PHE D 309 12.86 -35.41 7.43
CA PHE D 309 13.82 -36.16 8.25
C PHE D 309 15.02 -35.28 8.61
N SER D 310 15.48 -34.46 7.67
CA SER D 310 16.52 -33.49 8.00
C SER D 310 16.03 -32.50 9.04
N PHE D 311 14.78 -32.06 8.93
CA PHE D 311 14.21 -31.22 10.00
C PHE D 311 14.24 -31.94 11.33
N LEU D 312 13.88 -33.22 11.35
CA LEU D 312 13.88 -33.98 12.59
C LEU D 312 15.26 -34.03 13.21
N ASN D 313 16.28 -34.25 12.39
CA ASN D 313 17.65 -34.22 12.90
C ASN D 313 17.97 -32.86 13.49
N ARG D 314 17.69 -31.79 12.74
CA ARG D 314 17.93 -30.45 13.25
C ARG D 314 17.31 -30.25 14.62
N ALA D 315 16.02 -30.59 14.75
CA ALA D 315 15.31 -30.39 15.99
C ALA D 315 15.83 -31.28 17.12
N LEU D 316 16.19 -32.53 16.81
CA LEU D 316 16.77 -33.41 17.81
C LEU D 316 18.14 -32.93 18.25
N GLU D 317 18.75 -32.00 17.52
CA GLU D 317 20.02 -31.40 17.92
C GLU D 317 19.79 -30.12 18.71
N SER D 318 18.73 -30.08 19.51
CA SER D 318 18.40 -28.94 20.35
C SER D 318 18.36 -29.37 21.81
N ASP D 319 18.55 -28.39 22.70
CA ASP D 319 18.57 -28.67 24.13
C ASP D 319 17.17 -28.91 24.67
N MET D 320 16.15 -28.26 24.10
CA MET D 320 14.77 -28.46 24.51
C MET D 320 14.07 -29.55 23.72
N ALA D 321 14.79 -30.27 22.86
CA ALA D 321 14.15 -31.26 22.02
C ALA D 321 13.50 -32.34 22.87
N PRO D 322 12.24 -32.68 22.60
CA PRO D 322 11.59 -33.76 23.35
C PRO D 322 12.01 -35.13 22.84
N VAL D 323 11.50 -36.19 23.46
CA VAL D 323 11.80 -37.54 23.00
C VAL D 323 10.99 -37.79 21.72
N LEU D 324 11.67 -38.24 20.67
CA LEU D 324 11.06 -38.46 19.37
C LEU D 324 10.74 -39.94 19.24
N ILE D 325 9.46 -40.28 19.32
CA ILE D 325 9.00 -41.64 19.16
C ILE D 325 8.24 -41.74 17.85
N MET D 326 8.64 -42.71 17.01
CA MET D 326 8.04 -42.92 15.71
C MET D 326 7.55 -44.36 15.63
N ALA D 327 6.68 -44.62 14.65
CA ALA D 327 6.08 -45.94 14.51
C ALA D 327 5.88 -46.24 13.04
N THR D 328 5.89 -47.54 12.72
CA THR D 328 5.73 -47.98 11.35
C THR D 328 5.13 -49.37 11.33
N ASN D 329 4.52 -49.71 10.20
CA ASN D 329 4.00 -51.05 9.96
C ASN D 329 4.55 -51.68 8.69
N ARG D 330 5.36 -50.96 7.92
CA ARG D 330 5.94 -51.48 6.69
C ARG D 330 7.44 -51.73 6.89
N GLY D 331 7.97 -52.65 6.08
CA GLY D 331 9.37 -53.00 6.15
C GLY D 331 10.23 -52.10 5.30
N ILE D 332 11.01 -52.68 4.39
CA ILE D 332 11.92 -51.90 3.55
C ILE D 332 11.09 -51.23 2.45
N THR D 333 11.10 -49.90 2.44
CA THR D 333 10.49 -49.11 1.37
C THR D 333 11.45 -47.97 1.05
N ARG D 334 11.21 -47.29 -0.07
CA ARG D 334 12.12 -46.23 -0.48
C ARG D 334 11.88 -44.97 0.34
N ILE D 335 12.95 -44.25 0.64
CA ILE D 335 12.83 -42.97 1.32
C ILE D 335 12.08 -41.99 0.43
N ARG D 336 11.04 -41.38 0.98
CA ARG D 336 10.25 -40.40 0.23
C ARG D 336 11.16 -39.26 -0.21
N GLY D 337 11.35 -39.13 -1.52
CA GLY D 337 12.21 -38.12 -2.08
C GLY D 337 13.46 -38.66 -2.75
N THR D 338 13.98 -39.80 -2.30
CA THR D 338 15.12 -40.43 -2.92
C THR D 338 14.64 -41.61 -3.78
N SER D 339 15.58 -42.38 -4.31
CA SER D 339 15.26 -43.54 -5.15
C SER D 339 15.83 -44.83 -4.58
N TYR D 340 16.27 -44.82 -3.32
CA TYR D 340 16.83 -46.00 -2.67
C TYR D 340 15.86 -46.53 -1.64
N GLN D 341 16.13 -47.75 -1.17
CA GLN D 341 15.28 -48.44 -0.20
C GLN D 341 16.00 -48.56 1.12
N SER D 342 15.29 -48.28 2.22
CA SER D 342 15.86 -48.38 3.54
C SER D 342 14.83 -48.96 4.50
N PRO D 343 15.27 -49.63 5.55
CA PRO D 343 14.31 -50.19 6.51
C PRO D 343 13.36 -49.12 7.04
N HIS D 344 12.07 -49.46 7.07
CA HIS D 344 11.02 -48.55 7.53
C HIS D 344 11.09 -47.19 6.84
N GLY D 345 11.70 -47.13 5.66
CA GLY D 345 11.72 -45.89 4.91
C GLY D 345 12.33 -44.72 5.64
N ILE D 346 13.40 -44.95 6.39
CA ILE D 346 14.08 -43.91 7.15
C ILE D 346 15.51 -43.81 6.64
N PRO D 347 16.07 -42.61 6.53
CA PRO D 347 17.46 -42.49 6.08
C PRO D 347 18.42 -43.11 7.09
N ILE D 348 19.59 -43.52 6.59
CA ILE D 348 20.54 -44.24 7.44
C ILE D 348 21.06 -43.33 8.55
N ASP D 349 21.23 -42.04 8.27
CA ASP D 349 21.78 -41.14 9.28
C ASP D 349 20.95 -41.15 10.55
N LEU D 350 19.62 -41.07 10.42
CA LEU D 350 18.75 -41.13 11.58
C LEU D 350 18.58 -42.55 12.10
N LEU D 351 18.57 -43.54 11.21
CA LEU D 351 18.38 -44.92 11.64
C LEU D 351 19.52 -45.40 12.52
N ASP D 352 20.72 -44.85 12.31
CA ASP D 352 21.87 -45.26 13.12
C ASP D 352 21.63 -44.99 14.59
N ARG D 353 21.10 -43.81 14.90
CA ARG D 353 20.83 -43.42 16.30
C ARG D 353 19.38 -43.67 16.64
N LEU D 354 18.98 -44.94 16.66
CA LEU D 354 17.60 -45.31 16.95
C LEU D 354 17.57 -46.47 17.92
N LEU D 355 16.74 -46.37 18.96
CA LEU D 355 16.44 -47.49 19.82
C LEU D 355 15.13 -48.12 19.33
N ILE D 356 15.28 -49.10 18.45
CA ILE D 356 14.13 -49.69 17.78
C ILE D 356 13.52 -50.78 18.65
N VAL D 357 12.29 -50.56 19.11
CA VAL D 357 11.56 -51.52 19.93
C VAL D 357 10.28 -51.89 19.19
N SER D 358 10.07 -53.19 19.01
CA SER D 358 8.93 -53.69 18.25
C SER D 358 7.89 -54.28 19.19
N THR D 359 6.66 -54.38 18.67
CA THR D 359 5.54 -54.93 19.42
C THR D 359 4.91 -56.05 18.61
N THR D 360 4.72 -57.20 19.25
CA THR D 360 4.17 -58.37 18.60
C THR D 360 2.65 -58.27 18.48
N PRO D 361 2.06 -58.96 17.51
CA PRO D 361 0.60 -58.92 17.36
C PRO D 361 -0.10 -59.53 18.57
N TYR D 362 -1.32 -59.06 18.81
CA TYR D 362 -2.05 -59.41 20.02
C TYR D 362 -2.55 -60.85 19.99
N SER D 363 -2.83 -61.36 21.19
CA SER D 363 -3.39 -62.68 21.42
C SER D 363 -4.90 -62.53 21.69
N GLU D 364 -5.55 -63.64 22.06
CA GLU D 364 -7.00 -63.63 22.24
C GLU D 364 -7.42 -62.97 23.55
N LYS D 365 -6.90 -63.45 24.68
CA LYS D 365 -7.34 -62.92 25.97
C LYS D 365 -6.97 -61.44 26.11
N ASP D 366 -5.81 -61.05 25.59
CA ASP D 366 -5.41 -59.65 25.68
C ASP D 366 -6.41 -58.74 24.98
N THR D 367 -6.86 -59.14 23.79
CA THR D 367 -7.89 -58.35 23.11
C THR D 367 -9.19 -58.35 23.89
N LYS D 368 -9.49 -59.45 24.59
CA LYS D 368 -10.69 -59.49 25.42
C LYS D 368 -10.62 -58.45 26.53
N GLN D 369 -9.49 -58.38 27.22
CA GLN D 369 -9.32 -57.35 28.25
C GLN D 369 -9.35 -55.96 27.61
N ILE D 370 -8.80 -55.84 26.41
CA ILE D 370 -8.82 -54.56 25.70
C ILE D 370 -10.25 -54.07 25.53
N LEU D 371 -11.09 -54.94 24.97
CA LEU D 371 -12.48 -54.58 24.75
C LEU D 371 -13.19 -54.34 26.08
N ARG D 372 -12.87 -55.14 27.10
CA ARG D 372 -13.46 -54.93 28.41
C ARG D 372 -13.24 -53.51 28.89
N ILE D 373 -11.97 -53.07 28.87
CA ILE D 373 -11.66 -51.73 29.36
C ILE D 373 -12.29 -50.67 28.47
N ARG D 374 -12.34 -50.93 27.15
CA ARG D 374 -12.95 -49.96 26.25
C ARG D 374 -14.42 -49.75 26.57
N CYS D 375 -15.16 -50.84 26.77
CA CYS D 375 -16.57 -50.70 27.15
C CYS D 375 -16.72 -50.09 28.53
N GLU D 376 -15.79 -50.38 29.45
CA GLU D 376 -15.86 -49.71 30.76
C GLU D 376 -15.75 -48.20 30.59
N GLU D 377 -14.85 -47.75 29.71
CA GLU D 377 -14.80 -46.34 29.36
C GLU D 377 -16.03 -45.89 28.59
N GLU D 378 -16.76 -46.81 27.97
CA GLU D 378 -18.00 -46.51 27.27
C GLU D 378 -19.24 -46.77 28.11
N ASP D 379 -19.09 -47.02 29.41
CA ASP D 379 -20.21 -47.35 30.29
C ASP D 379 -21.21 -48.28 29.62
N VAL D 380 -20.70 -49.34 28.98
CA VAL D 380 -21.52 -50.26 28.20
C VAL D 380 -21.42 -51.64 28.83
N GLU D 381 -22.57 -52.22 29.13
CA GLU D 381 -22.62 -53.59 29.64
C GLU D 381 -22.81 -54.55 28.47
N MET D 382 -21.99 -55.59 28.44
CA MET D 382 -21.98 -56.53 27.33
C MET D 382 -21.93 -57.95 27.86
N SER D 383 -22.57 -58.86 27.14
CA SER D 383 -22.59 -60.27 27.53
C SER D 383 -21.26 -60.94 27.18
N GLU D 384 -20.98 -62.04 27.88
CA GLU D 384 -19.74 -62.77 27.64
C GLU D 384 -19.70 -63.39 26.24
N ASP D 385 -20.85 -63.87 25.74
CA ASP D 385 -20.90 -64.34 24.36
C ASP D 385 -20.62 -63.19 23.40
N ALA D 386 -21.18 -62.01 23.68
CA ALA D 386 -20.88 -60.84 22.86
C ALA D 386 -19.39 -60.53 22.91
N TYR D 387 -18.79 -60.63 24.10
CA TYR D 387 -17.36 -60.36 24.21
C TYR D 387 -16.54 -61.35 23.43
N THR D 388 -16.93 -62.63 23.45
CA THR D 388 -16.21 -63.64 22.68
C THR D 388 -16.32 -63.36 21.18
N VAL D 389 -17.52 -63.01 20.71
CA VAL D 389 -17.67 -62.70 19.29
C VAL D 389 -16.84 -61.47 18.93
N LEU D 390 -16.79 -60.48 19.83
CA LEU D 390 -16.02 -59.28 19.58
C LEU D 390 -14.52 -59.59 19.50
N THR D 391 -14.03 -60.44 20.39
CA THR D 391 -12.62 -60.80 20.33
C THR D 391 -12.30 -61.59 19.06
N ARG D 392 -13.21 -62.49 18.67
CA ARG D 392 -13.00 -63.23 17.42
C ARG D 392 -12.93 -62.29 16.22
N ILE D 393 -13.83 -61.29 16.17
CA ILE D 393 -13.77 -60.33 15.08
C ILE D 393 -12.49 -59.50 15.17
N GLY D 394 -12.04 -59.21 16.39
CA GLY D 394 -10.85 -58.39 16.57
C GLY D 394 -9.60 -59.05 16.03
N LEU D 395 -9.48 -60.37 16.22
CA LEU D 395 -8.32 -61.10 15.72
C LEU D 395 -8.27 -61.07 14.19
N GLU D 396 -9.38 -61.39 13.54
CA GLU D 396 -9.40 -61.42 12.08
C GLU D 396 -9.25 -60.03 11.50
N THR D 397 -10.20 -59.15 11.81
CA THR D 397 -10.12 -57.75 11.38
C THR D 397 -9.23 -56.99 12.37
N SER D 398 -9.26 -55.66 12.29
CA SER D 398 -8.53 -54.82 13.23
C SER D 398 -9.35 -54.64 14.51
N LEU D 399 -8.66 -54.22 15.57
CA LEU D 399 -9.32 -53.96 16.84
C LEU D 399 -10.11 -52.66 16.84
N ARG D 400 -9.68 -51.69 16.03
CA ARG D 400 -10.44 -50.44 15.88
C ARG D 400 -11.82 -50.72 15.31
N TYR D 401 -11.91 -51.60 14.32
CA TYR D 401 -13.22 -52.02 13.84
C TYR D 401 -14.03 -52.68 14.94
N ALA D 402 -13.34 -53.40 15.83
CA ALA D 402 -14.02 -53.99 16.98
C ALA D 402 -14.65 -52.93 17.87
N ILE D 403 -13.91 -51.86 18.15
CA ILE D 403 -14.47 -50.78 18.96
C ILE D 403 -15.66 -50.11 18.25
N GLN D 404 -15.55 -49.89 16.94
CA GLN D 404 -16.68 -49.35 16.20
C GLN D 404 -17.90 -50.25 16.35
N LEU D 405 -17.70 -51.57 16.22
CA LEU D 405 -18.79 -52.50 16.44
C LEU D 405 -19.36 -52.39 17.84
N ILE D 406 -18.50 -52.17 18.83
CA ILE D 406 -18.98 -52.00 20.21
C ILE D 406 -19.96 -50.85 20.29
N THR D 407 -19.56 -49.70 19.74
CA THR D 407 -20.43 -48.52 19.83
C THR D 407 -21.73 -48.73 19.06
N ALA D 408 -21.63 -49.29 17.85
CA ALA D 408 -22.84 -49.51 17.05
C ALA D 408 -23.79 -50.49 17.73
N ALA D 409 -23.24 -51.55 18.34
CA ALA D 409 -24.07 -52.49 19.06
C ALA D 409 -24.70 -51.86 20.29
N SER D 410 -23.99 -50.93 20.94
CA SER D 410 -24.61 -50.21 22.04
C SER D 410 -25.82 -49.42 21.56
N LEU D 411 -25.68 -48.74 20.42
CA LEU D 411 -26.83 -48.02 19.86
C LEU D 411 -27.96 -48.97 19.52
N VAL D 412 -27.65 -50.10 18.88
CA VAL D 412 -28.68 -51.06 18.51
C VAL D 412 -29.40 -51.59 19.74
N CYS D 413 -28.66 -51.87 20.82
CA CYS D 413 -29.28 -52.30 22.06
C CYS D 413 -30.20 -51.22 22.60
N ARG D 414 -29.76 -49.95 22.54
CA ARG D 414 -30.65 -48.86 22.89
C ARG D 414 -31.93 -48.91 22.08
N LYS D 415 -31.85 -49.33 20.82
CA LYS D 415 -33.04 -49.38 19.97
C LYS D 415 -34.06 -50.39 20.50
N ARG D 416 -33.61 -51.60 20.84
CA ARG D 416 -34.56 -52.65 21.17
C ARG D 416 -35.03 -52.53 22.61
N LYS D 417 -34.83 -51.36 23.20
CA LYS D 417 -35.30 -51.08 24.56
C LYS D 417 -34.65 -52.02 25.57
N GLY D 418 -33.41 -52.41 25.30
CA GLY D 418 -32.65 -53.25 26.20
C GLY D 418 -31.73 -52.45 27.11
N THR D 419 -31.13 -53.15 28.06
CA THR D 419 -30.18 -52.58 29.01
C THR D 419 -28.76 -53.03 28.76
N GLU D 420 -28.58 -54.27 28.31
CA GLU D 420 -27.27 -54.85 28.04
C GLU D 420 -27.23 -55.34 26.61
N VAL D 421 -26.04 -55.36 26.02
CA VAL D 421 -25.87 -55.76 24.63
C VAL D 421 -25.70 -57.27 24.55
N GLN D 422 -26.46 -57.92 23.67
CA GLN D 422 -26.35 -59.35 23.43
C GLN D 422 -25.57 -59.61 22.15
N VAL D 423 -25.33 -60.89 21.89
CA VAL D 423 -24.56 -61.30 20.72
C VAL D 423 -25.28 -60.91 19.44
N ASP D 424 -26.60 -61.10 19.40
CA ASP D 424 -27.35 -60.77 18.20
C ASP D 424 -27.24 -59.29 17.87
N ASP D 425 -27.23 -58.45 18.90
CA ASP D 425 -27.07 -57.02 18.66
C ASP D 425 -25.72 -56.72 18.02
N ILE D 426 -24.65 -57.38 18.48
CA ILE D 426 -23.34 -57.17 17.89
C ILE D 426 -23.31 -57.65 16.44
N LYS D 427 -23.88 -58.83 16.18
CA LYS D 427 -23.87 -59.34 14.81
C LYS D 427 -24.82 -58.59 13.89
N ARG D 428 -25.74 -57.81 14.43
CA ARG D 428 -26.55 -56.90 13.62
C ARG D 428 -25.79 -55.64 13.25
N VAL D 429 -24.62 -55.43 13.84
CA VAL D 429 -23.74 -54.34 13.43
C VAL D 429 -22.54 -54.83 12.63
N TYR D 430 -22.05 -56.05 12.89
CA TYR D 430 -21.02 -56.61 12.03
C TYR D 430 -21.48 -56.71 10.58
N SER D 431 -22.78 -56.89 10.36
CA SER D 431 -23.31 -56.95 9.00
C SER D 431 -23.55 -55.55 8.44
N LEU D 432 -23.86 -54.58 9.31
CA LEU D 432 -24.20 -53.25 8.83
C LEU D 432 -22.98 -52.51 8.30
N PHE D 433 -21.99 -52.27 9.17
CA PHE D 433 -20.78 -51.54 8.79
C PHE D 433 -19.64 -52.53 8.58
N LEU D 434 -18.92 -52.37 7.48
CA LEU D 434 -17.84 -53.26 7.11
C LEU D 434 -16.50 -52.66 7.54
N ASP D 435 -15.50 -53.52 7.66
CA ASP D 435 -14.15 -53.11 7.99
C ASP D 435 -13.38 -52.75 6.72
N GLU D 436 -12.23 -52.10 6.91
CA GLU D 436 -11.46 -51.62 5.77
C GLU D 436 -11.13 -52.74 4.80
N SER D 437 -10.69 -53.89 5.32
CA SER D 437 -10.30 -55.00 4.45
C SER D 437 -11.48 -55.53 3.66
N ARG D 438 -12.61 -55.76 4.34
CA ARG D 438 -13.78 -56.34 3.68
C ARG D 438 -14.29 -55.47 2.54
N SER D 439 -14.46 -54.18 2.80
CA SER D 439 -15.02 -53.28 1.79
C SER D 439 -14.14 -53.26 0.54
N THR D 440 -12.84 -53.06 0.72
CA THR D 440 -11.94 -53.03 -0.43
C THR D 440 -11.92 -54.37 -1.15
N GLN D 441 -11.87 -55.46 -0.40
CA GLN D 441 -11.81 -56.78 -1.04
C GLN D 441 -13.08 -57.05 -1.82
N TYR D 442 -14.24 -56.72 -1.24
CA TYR D 442 -15.50 -56.92 -1.96
C TYR D 442 -15.62 -55.98 -3.15
N MET D 443 -15.11 -54.75 -3.00
CA MET D 443 -15.32 -53.75 -4.03
C MET D 443 -14.46 -54.05 -5.26
N LYS D 444 -13.27 -54.63 -5.05
CA LYS D 444 -12.48 -55.12 -6.17
C LYS D 444 -13.17 -56.31 -6.82
N GLU D 445 -13.91 -57.09 -6.02
CA GLU D 445 -14.68 -58.21 -6.57
C GLU D 445 -15.65 -57.71 -7.64
N TYR D 446 -16.32 -56.59 -7.39
CA TYR D 446 -17.20 -56.00 -8.39
C TYR D 446 -16.43 -55.63 -9.65
N GLN D 447 -15.26 -55.01 -9.49
CA GLN D 447 -14.45 -54.59 -10.62
C GLN D 447 -14.16 -55.77 -11.54
N ILE E 22 45.12 -29.83 -11.95
CA ILE E 22 46.01 -28.90 -11.28
C ILE E 22 47.25 -28.65 -12.11
N GLY E 23 48.03 -29.70 -12.35
CA GLY E 23 49.26 -29.56 -13.11
C GLY E 23 49.45 -30.63 -14.16
N ALA E 24 48.36 -31.17 -14.69
CA ALA E 24 48.42 -32.13 -15.78
C ALA E 24 48.54 -31.41 -17.11
N HIS E 25 48.95 -32.15 -18.13
CA HIS E 25 49.20 -31.58 -19.46
C HIS E 25 50.13 -30.38 -19.37
N SER E 26 51.06 -30.41 -18.42
CA SER E 26 51.97 -29.28 -18.22
C SER E 26 53.21 -29.44 -19.09
N HIS E 27 53.15 -30.34 -20.06
CA HIS E 27 54.27 -30.55 -20.96
C HIS E 27 53.87 -30.63 -22.42
N ILE E 28 52.58 -30.47 -22.76
CA ILE E 28 52.16 -30.51 -24.15
C ILE E 28 52.28 -29.11 -24.73
N ARG E 29 53.48 -28.77 -25.21
CA ARG E 29 53.73 -27.47 -25.81
C ARG E 29 53.60 -27.61 -27.32
N GLY E 30 52.35 -27.62 -27.79
CA GLY E 30 52.06 -27.85 -29.18
C GLY E 30 51.82 -29.31 -29.50
N LEU E 31 51.46 -29.57 -30.76
CA LEU E 31 51.17 -30.91 -31.23
C LEU E 31 52.39 -31.64 -31.75
N GLY E 32 53.48 -30.95 -32.01
CA GLY E 32 54.72 -31.59 -32.38
C GLY E 32 54.66 -32.40 -33.67
N LEU E 33 54.13 -31.82 -34.75
CA LEU E 33 54.15 -32.50 -36.03
C LEU E 33 55.07 -31.78 -37.00
N ASP E 34 54.78 -30.51 -37.26
CA ASP E 34 55.57 -29.70 -38.20
C ASP E 34 55.76 -30.51 -39.49
N ASP E 35 56.83 -30.21 -40.23
CA ASP E 35 57.24 -30.98 -41.40
C ASP E 35 56.04 -31.35 -42.27
N ALA E 36 55.20 -30.34 -42.53
CA ALA E 36 53.99 -30.51 -43.34
C ALA E 36 53.13 -31.66 -42.80
N LEU E 37 52.71 -31.51 -41.55
CA LEU E 37 51.85 -32.50 -40.90
C LEU E 37 52.52 -33.87 -40.85
N GLU E 38 53.71 -33.95 -40.25
CA GLU E 38 54.42 -35.21 -40.04
C GLU E 38 54.68 -35.37 -38.56
N PRO E 39 53.77 -36.04 -37.84
CA PRO E 39 53.92 -36.15 -36.38
C PRO E 39 55.12 -37.02 -36.01
N ARG E 40 55.97 -36.47 -35.16
CA ARG E 40 57.09 -37.22 -34.62
C ARG E 40 56.68 -37.96 -33.36
N GLN E 41 57.33 -39.10 -33.11
CA GLN E 41 56.95 -39.94 -31.98
C GLN E 41 56.97 -39.17 -30.68
N ALA E 42 58.05 -38.44 -30.41
CA ALA E 42 58.19 -37.70 -29.17
C ALA E 42 57.89 -36.20 -29.33
N SER E 43 58.52 -35.54 -30.29
CA SER E 43 58.33 -34.11 -30.55
C SER E 43 58.42 -33.38 -29.21
N GLN E 44 57.52 -32.44 -28.92
CA GLN E 44 57.53 -31.71 -27.67
C GLN E 44 56.49 -32.29 -26.72
N GLY E 45 56.85 -33.40 -26.08
CA GLY E 45 55.98 -34.01 -25.10
C GLY E 45 54.94 -34.92 -25.72
N MET E 46 54.48 -34.57 -26.91
CA MET E 46 53.42 -35.34 -27.57
C MET E 46 54.00 -36.66 -28.06
N VAL E 47 53.64 -37.74 -27.39
CA VAL E 47 54.10 -39.08 -27.74
C VAL E 47 52.88 -39.94 -28.05
N GLY E 48 52.89 -40.59 -29.21
CA GLY E 48 51.78 -41.41 -29.63
C GLY E 48 50.66 -40.60 -30.24
N GLN E 49 49.60 -41.32 -30.59
CA GLN E 49 48.40 -40.70 -31.15
C GLN E 49 48.73 -39.89 -32.41
N LEU E 50 49.21 -40.59 -33.44
CA LEU E 50 49.59 -39.91 -34.67
C LEU E 50 48.37 -39.47 -35.46
N ALA E 51 47.35 -40.31 -35.55
CA ALA E 51 46.16 -39.97 -36.33
C ALA E 51 45.47 -38.74 -35.76
N ALA E 52 45.21 -38.74 -34.46
CA ALA E 52 44.58 -37.60 -33.81
C ALA E 52 45.45 -36.35 -33.88
N ARG E 53 46.76 -36.50 -33.76
CA ARG E 53 47.64 -35.33 -33.88
C ARG E 53 47.57 -34.74 -35.28
N ARG E 54 47.56 -35.57 -36.32
CA ARG E 54 47.48 -35.07 -37.68
C ARG E 54 46.13 -34.41 -37.94
N ALA E 55 45.06 -34.98 -37.39
CA ALA E 55 43.76 -34.35 -37.51
C ALA E 55 43.74 -32.99 -36.81
N ALA E 56 44.34 -32.91 -35.63
CA ALA E 56 44.41 -31.63 -34.93
C ALA E 56 45.25 -30.62 -35.70
N GLY E 57 46.30 -31.08 -36.37
CA GLY E 57 47.06 -30.17 -37.22
C GLY E 57 46.26 -29.66 -38.39
N VAL E 58 45.47 -30.54 -39.01
CA VAL E 58 44.56 -30.10 -40.07
C VAL E 58 43.61 -29.04 -39.53
N VAL E 59 43.06 -29.27 -38.33
CA VAL E 59 42.16 -28.30 -37.74
C VAL E 59 42.88 -26.98 -37.44
N LEU E 60 44.15 -27.05 -37.03
CA LEU E 60 44.91 -25.83 -36.78
C LEU E 60 45.09 -25.04 -38.07
N GLU E 61 45.43 -25.72 -39.16
CA GLU E 61 45.51 -25.04 -40.45
C GLU E 61 44.17 -24.42 -40.83
N MET E 62 43.08 -25.13 -40.58
CA MET E 62 41.76 -24.58 -40.84
C MET E 62 41.52 -23.31 -40.02
N ILE E 63 41.94 -23.33 -38.75
CA ILE E 63 41.73 -22.17 -37.89
C ILE E 63 42.53 -20.98 -38.41
N ARG E 64 43.81 -21.18 -38.74
CA ARG E 64 44.61 -20.07 -39.25
C ARG E 64 44.04 -19.54 -40.55
N GLU E 65 43.59 -20.44 -41.43
CA GLU E 65 42.96 -20.00 -42.66
C GLU E 65 41.55 -19.45 -42.44
N GLY E 66 40.97 -19.68 -41.27
CA GLY E 66 39.65 -19.13 -40.97
C GLY E 66 38.53 -19.71 -41.80
N LYS E 67 38.58 -21.00 -42.11
CA LYS E 67 37.49 -21.70 -42.79
C LYS E 67 36.76 -22.67 -41.86
N ILE E 68 36.73 -22.38 -40.55
CA ILE E 68 36.04 -23.21 -39.58
C ILE E 68 34.86 -22.50 -38.94
N ALA E 69 34.48 -21.34 -39.47
CA ALA E 69 33.35 -20.60 -38.92
C ALA E 69 32.11 -21.48 -38.92
N GLY E 70 31.39 -21.48 -37.80
CA GLY E 70 30.20 -22.30 -37.67
C GLY E 70 30.47 -23.79 -37.67
N ARG E 71 31.58 -24.22 -37.06
CA ARG E 71 31.90 -25.63 -36.95
C ARG E 71 32.59 -25.87 -35.62
N ALA E 72 32.63 -27.13 -35.21
CA ALA E 72 33.21 -27.51 -33.94
C ALA E 72 33.96 -28.82 -34.09
N VAL E 73 34.76 -29.16 -33.09
CA VAL E 73 35.55 -30.38 -33.07
C VAL E 73 35.11 -31.22 -31.89
N LEU E 74 34.93 -32.52 -32.14
CA LEU E 74 34.55 -33.48 -31.10
C LEU E 74 35.56 -34.62 -31.11
N ILE E 75 36.21 -34.83 -29.98
CA ILE E 75 37.26 -35.85 -29.85
C ILE E 75 36.66 -37.02 -29.07
N ALA E 76 36.16 -38.01 -29.80
CA ALA E 76 35.59 -39.19 -29.16
C ALA E 76 36.68 -40.20 -28.85
N GLY E 77 36.52 -40.87 -27.71
CA GLY E 77 37.50 -41.86 -27.28
C GLY E 77 37.38 -42.24 -25.83
N GLN E 78 38.01 -43.35 -25.45
CA GLN E 78 37.93 -43.82 -24.08
C GLN E 78 38.67 -42.88 -23.14
N PRO E 79 38.36 -42.93 -21.84
CA PRO E 79 39.01 -42.04 -20.90
C PRO E 79 40.50 -42.32 -20.80
N GLY E 80 41.28 -41.27 -20.53
CA GLY E 80 42.71 -41.41 -20.38
C GLY E 80 43.43 -41.79 -21.65
N THR E 81 43.06 -41.18 -22.78
CA THR E 81 43.73 -41.46 -24.05
C THR E 81 44.28 -40.20 -24.70
N GLY E 82 44.33 -39.09 -23.99
CA GLY E 82 44.94 -37.88 -24.49
C GLY E 82 44.00 -36.84 -25.07
N LYS E 83 42.68 -37.00 -24.89
CA LYS E 83 41.75 -36.05 -25.50
C LYS E 83 41.99 -34.64 -24.99
N THR E 84 42.26 -34.48 -23.70
CA THR E 84 42.63 -33.16 -23.20
C THR E 84 44.03 -32.77 -23.62
N ALA E 85 44.94 -33.74 -23.74
CA ALA E 85 46.28 -33.45 -24.22
C ALA E 85 46.24 -32.90 -25.64
N ILE E 86 45.33 -33.40 -26.47
CA ILE E 86 45.22 -32.90 -27.83
C ILE E 86 44.80 -31.44 -27.85
N ALA E 87 43.83 -31.09 -27.00
CA ALA E 87 43.45 -29.69 -26.87
C ALA E 87 44.59 -28.83 -26.33
N MET E 88 45.35 -29.33 -25.36
CA MET E 88 46.49 -28.55 -24.88
C MET E 88 47.47 -28.30 -26.01
N GLY E 89 47.78 -29.35 -26.78
CA GLY E 89 48.69 -29.21 -27.90
C GLY E 89 48.18 -28.22 -28.93
N MET E 90 46.90 -28.31 -29.29
CA MET E 90 46.35 -27.40 -30.29
C MET E 90 46.41 -25.96 -29.79
N ALA E 91 46.04 -25.74 -28.52
CA ALA E 91 46.08 -24.39 -27.97
C ALA E 91 47.50 -23.84 -27.97
N GLN E 92 48.49 -24.64 -27.57
CA GLN E 92 49.85 -24.15 -27.60
C GLN E 92 50.33 -23.88 -29.01
N ALA E 93 49.95 -24.75 -29.96
CA ALA E 93 50.39 -24.58 -31.34
C ALA E 93 49.78 -23.34 -31.99
N LEU E 94 48.56 -22.97 -31.62
CA LEU E 94 47.99 -21.76 -32.19
C LEU E 94 48.80 -20.52 -31.84
N GLY E 95 49.29 -20.43 -30.60
CA GLY E 95 50.06 -19.30 -30.17
C GLY E 95 50.61 -19.49 -28.77
N PRO E 96 51.69 -18.76 -28.44
CA PRO E 96 52.29 -18.92 -27.12
C PRO E 96 51.35 -18.54 -25.98
N ASP E 97 50.42 -17.61 -26.21
CA ASP E 97 49.51 -17.15 -25.18
C ASP E 97 48.06 -17.28 -25.60
N THR E 98 47.74 -18.21 -26.49
CA THR E 98 46.36 -18.43 -26.87
C THR E 98 45.58 -18.96 -25.68
N PRO E 99 44.47 -18.35 -25.30
CA PRO E 99 43.74 -18.80 -24.11
C PRO E 99 43.22 -20.22 -24.28
N PHE E 100 43.16 -20.94 -23.17
CA PHE E 100 42.50 -22.24 -23.10
C PHE E 100 41.59 -22.26 -21.88
N THR E 101 40.39 -22.79 -22.06
CA THR E 101 39.44 -23.00 -20.98
C THR E 101 38.97 -24.45 -21.04
N ALA E 102 39.32 -25.24 -20.03
CA ALA E 102 38.93 -26.63 -19.97
C ALA E 102 37.90 -26.79 -18.85
N ILE E 103 36.65 -27.00 -19.23
CA ILE E 103 35.58 -27.22 -18.28
C ILE E 103 34.95 -28.58 -18.54
N ALA E 104 34.23 -29.08 -17.54
CA ALA E 104 33.52 -30.34 -17.64
C ALA E 104 32.03 -30.09 -17.83
N GLY E 105 31.38 -31.02 -18.51
CA GLY E 105 29.95 -30.85 -18.77
C GLY E 105 29.14 -30.70 -17.50
N SER E 106 29.51 -31.45 -16.46
CA SER E 106 28.81 -31.35 -15.18
C SER E 106 29.13 -30.05 -14.46
N GLU E 107 30.13 -29.29 -14.92
CA GLU E 107 30.52 -28.06 -14.25
C GLU E 107 29.48 -26.96 -14.43
N ILE E 108 28.55 -27.10 -15.37
CA ILE E 108 27.58 -26.05 -15.61
C ILE E 108 26.36 -26.16 -14.69
N PHE E 109 26.04 -27.36 -14.20
CA PHE E 109 24.94 -27.54 -13.25
C PHE E 109 25.43 -27.19 -11.86
N SER E 110 25.39 -25.90 -11.57
CA SER E 110 25.72 -25.38 -10.25
C SER E 110 24.52 -24.65 -9.66
N LEU E 111 24.40 -24.70 -8.34
CA LEU E 111 23.28 -24.06 -7.68
C LEU E 111 23.39 -22.54 -7.73
N GLU E 112 24.61 -22.02 -7.69
CA GLU E 112 24.84 -20.58 -7.74
C GLU E 112 24.45 -20.00 -9.09
N MET E 113 25.05 -20.50 -10.17
CA MET E 113 24.85 -19.98 -11.50
C MET E 113 23.96 -20.90 -12.32
N SER E 114 23.19 -20.31 -13.23
CA SER E 114 22.40 -21.09 -14.16
C SER E 114 23.28 -21.58 -15.31
N LYS E 115 22.77 -22.56 -16.06
CA LYS E 115 23.51 -23.09 -17.20
C LYS E 115 23.94 -21.96 -18.12
N THR E 116 23.05 -21.01 -18.36
CA THR E 116 23.38 -19.87 -19.21
C THR E 116 24.59 -19.11 -18.66
N GLU E 117 24.57 -18.80 -17.36
CA GLU E 117 25.66 -18.04 -16.77
C GLU E 117 26.98 -18.79 -16.85
N ALA E 118 26.96 -20.09 -16.53
CA ALA E 118 28.20 -20.87 -16.56
C ALA E 118 28.76 -20.94 -17.98
N LEU E 119 27.90 -21.22 -18.95
CA LEU E 119 28.36 -21.32 -20.33
C LEU E 119 28.90 -19.99 -20.82
N THR E 120 28.22 -18.88 -20.49
CA THR E 120 28.68 -17.58 -20.94
C THR E 120 30.02 -17.23 -20.30
N GLN E 121 30.20 -17.57 -19.01
CA GLN E 121 31.48 -17.33 -18.37
C GLN E 121 32.59 -18.15 -19.02
N ALA E 122 32.30 -19.42 -19.33
CA ALA E 122 33.31 -20.25 -19.98
C ALA E 122 33.69 -19.67 -21.34
N PHE E 123 32.69 -19.27 -22.12
CA PHE E 123 32.97 -18.67 -23.42
C PHE E 123 33.77 -17.37 -23.28
N ARG E 124 33.43 -16.56 -22.28
CA ARG E 124 34.15 -15.32 -22.06
C ARG E 124 35.61 -15.59 -21.73
N ARG E 125 35.88 -16.56 -20.86
CA ARG E 125 37.25 -16.89 -20.52
C ARG E 125 37.98 -17.45 -21.73
N SER E 126 37.29 -18.19 -22.59
CA SER E 126 37.93 -18.76 -23.77
C SER E 126 38.27 -17.71 -24.82
N ILE E 127 37.72 -16.50 -24.71
CA ILE E 127 37.96 -15.44 -25.68
C ILE E 127 39.03 -14.53 -25.08
N GLY E 128 40.23 -14.59 -25.63
CA GLY E 128 41.34 -13.79 -25.17
C GLY E 128 41.54 -12.54 -26.01
N VAL E 129 41.84 -11.43 -25.34
CA VAL E 129 42.11 -10.16 -25.99
C VAL E 129 43.54 -9.75 -25.68
N ARG E 130 44.31 -9.43 -26.71
CA ARG E 130 45.72 -9.05 -26.52
C ARG E 130 45.83 -7.52 -26.45
N ILE E 131 45.42 -6.98 -25.30
CA ILE E 131 45.60 -5.55 -25.06
C ILE E 131 47.08 -5.28 -24.94
N LYS E 132 47.63 -4.56 -25.92
CA LYS E 132 49.07 -4.36 -26.02
C LYS E 132 49.42 -3.15 -25.17
N GLU E 133 49.29 -3.34 -23.86
CA GLU E 133 49.40 -2.25 -22.90
C GLU E 133 50.71 -1.50 -23.06
N GLU E 134 50.62 -0.17 -23.03
CA GLU E 134 51.78 0.68 -23.19
C GLU E 134 52.49 0.86 -21.86
N THR E 135 53.75 0.46 -21.80
CA THR E 135 54.58 0.63 -20.62
C THR E 135 55.77 1.53 -20.96
N GLU E 136 56.01 2.54 -20.13
CA GLU E 136 57.12 3.47 -20.32
C GLU E 136 58.35 2.87 -19.65
N ILE E 137 59.17 2.17 -20.44
CA ILE E 137 60.33 1.47 -19.90
C ILE E 137 61.48 2.43 -19.74
N ILE E 138 61.72 2.88 -18.51
CA ILE E 138 62.91 3.68 -18.21
C ILE E 138 64.03 2.71 -17.85
N GLU E 139 64.65 2.12 -18.87
CA GLU E 139 65.66 1.09 -18.68
C GLU E 139 67.06 1.66 -18.97
N GLY E 140 68.06 0.80 -18.96
CA GLY E 140 69.44 1.21 -19.18
C GLY E 140 70.41 0.46 -18.29
N GLU E 141 71.46 -0.10 -18.88
CA GLU E 141 72.43 -0.86 -18.12
C GLU E 141 73.06 0.04 -17.07
N VAL E 142 72.80 -0.26 -15.80
CA VAL E 142 73.25 0.59 -14.70
C VAL E 142 74.76 0.55 -14.60
N VAL E 143 75.41 1.68 -14.86
CA VAL E 143 76.86 1.75 -14.71
C VAL E 143 77.24 1.93 -13.25
N GLU E 144 76.37 2.52 -12.46
CA GLU E 144 76.58 2.67 -11.02
C GLU E 144 75.23 2.67 -10.33
N ILE E 145 75.12 1.93 -9.22
CA ILE E 145 73.90 1.89 -8.43
C ILE E 145 73.88 3.12 -7.53
N GLN E 146 73.19 4.18 -7.97
CA GLN E 146 73.13 5.42 -7.22
C GLN E 146 72.03 5.36 -6.18
N ILE E 147 72.37 5.76 -4.96
CA ILE E 147 71.42 5.75 -3.85
C ILE E 147 70.73 7.11 -3.79
N VAL E 158 65.26 8.05 -1.21
CA VAL E 158 64.80 8.18 -2.58
C VAL E 158 65.74 9.09 -3.36
N GLY E 159 66.30 8.56 -4.45
CA GLY E 159 67.25 9.31 -5.25
C GLY E 159 67.19 8.98 -6.72
N LYS E 160 68.36 8.80 -7.34
CA LYS E 160 68.43 8.50 -8.77
C LYS E 160 69.29 7.27 -9.02
N LEU E 161 69.54 6.95 -10.29
CA LEU E 161 70.37 5.79 -10.64
C LEU E 161 70.95 6.02 -12.03
N THR E 162 72.27 6.03 -12.12
CA THR E 162 72.95 6.21 -13.40
C THR E 162 72.67 5.02 -14.32
N LEU E 163 71.94 5.26 -15.40
CA LEU E 163 71.61 4.24 -16.38
C LEU E 163 72.14 4.65 -17.74
N LYS E 164 72.62 3.67 -18.51
CA LYS E 164 73.25 3.94 -19.80
C LYS E 164 72.77 2.94 -20.82
N THR E 165 72.44 3.45 -22.02
CA THR E 165 72.05 2.62 -23.14
C THR E 165 72.85 3.03 -24.38
N THR E 166 72.56 2.42 -25.53
CA THR E 166 73.26 2.79 -26.75
C THR E 166 72.98 4.23 -27.17
N GLU E 167 71.87 4.80 -26.70
CA GLU E 167 71.53 6.17 -27.07
C GLU E 167 72.33 7.18 -26.27
N MET E 168 72.20 7.15 -24.95
CA MET E 168 72.87 8.10 -24.08
C MET E 168 72.79 7.57 -22.64
N GLU E 169 73.46 8.26 -21.72
CA GLU E 169 73.49 7.84 -20.32
C GLU E 169 72.86 8.94 -19.47
N THR E 170 71.81 8.60 -18.74
CA THR E 170 71.05 9.58 -17.96
C THR E 170 70.75 9.01 -16.58
N ILE E 171 71.02 9.80 -15.54
CA ILE E 171 70.64 9.41 -14.19
C ILE E 171 69.14 9.60 -14.04
N TYR E 172 68.45 8.54 -13.62
CA TYR E 172 67.00 8.50 -13.59
C TYR E 172 66.52 8.44 -12.14
N ASP E 173 65.40 9.11 -11.86
CA ASP E 173 64.86 9.14 -10.51
C ASP E 173 64.23 7.80 -10.14
N LEU E 174 64.56 7.31 -8.95
CA LEU E 174 64.01 6.07 -8.41
C LEU E 174 63.64 6.28 -6.94
N GLY E 175 63.26 5.19 -6.29
CA GLY E 175 62.89 5.20 -4.88
C GLY E 175 63.81 4.33 -4.03
N THR E 176 63.53 4.34 -2.73
CA THR E 176 64.32 3.54 -1.79
C THR E 176 64.08 2.05 -1.99
N LYS E 177 62.82 1.65 -2.10
CA LYS E 177 62.51 0.23 -2.26
C LYS E 177 63.02 -0.31 -3.60
N MET E 178 62.96 0.50 -4.65
CA MET E 178 63.51 0.06 -5.93
C MET E 178 65.01 -0.17 -5.83
N ILE E 179 65.72 0.72 -5.13
CA ILE E 179 67.15 0.53 -4.96
C ILE E 179 67.44 -0.70 -4.10
N GLU E 180 66.59 -0.96 -3.10
CA GLU E 180 66.75 -2.18 -2.31
C GLU E 180 66.59 -3.41 -3.19
N SER E 181 65.58 -3.40 -4.07
CA SER E 181 65.38 -4.52 -4.98
C SER E 181 66.57 -4.68 -5.93
N LEU E 182 67.08 -3.56 -6.44
CA LEU E 182 68.24 -3.61 -7.33
C LEU E 182 69.46 -4.21 -6.63
N THR E 183 69.72 -3.79 -5.38
CA THR E 183 70.82 -4.37 -4.64
C THR E 183 70.59 -5.85 -4.37
N LYS E 184 69.34 -6.25 -4.11
CA LYS E 184 69.02 -7.67 -3.95
C LYS E 184 69.19 -8.43 -5.26
N ASP E 185 69.07 -7.76 -6.40
CA ASP E 185 69.27 -8.38 -7.70
C ASP E 185 70.76 -8.40 -8.04
N LYS E 186 71.09 -9.00 -9.18
CA LYS E 186 72.48 -9.07 -9.64
C LYS E 186 72.87 -7.70 -10.16
N VAL E 187 73.63 -6.96 -9.36
CA VAL E 187 74.10 -5.62 -9.72
C VAL E 187 75.61 -5.65 -9.83
N GLN E 188 76.12 -5.20 -10.97
CA GLN E 188 75.24 -4.73 -12.05
C GLN E 188 75.27 -5.71 -13.20
N ALA E 189 74.08 -6.01 -13.74
CA ALA E 189 73.92 -6.91 -14.87
C ALA E 189 72.89 -6.39 -15.86
N GLY E 190 72.86 -5.08 -16.09
CA GLY E 190 71.86 -4.48 -16.94
C GLY E 190 70.64 -4.02 -16.16
N ASP E 191 69.95 -4.97 -15.54
CA ASP E 191 68.80 -4.68 -14.68
C ASP E 191 67.76 -3.84 -15.42
N VAL E 192 67.23 -4.43 -16.48
CA VAL E 192 66.23 -3.76 -17.31
C VAL E 192 65.05 -3.38 -16.43
N ILE E 193 64.82 -2.08 -16.26
CA ILE E 193 63.76 -1.55 -15.41
C ILE E 193 62.67 -0.96 -16.29
N THR E 194 61.42 -1.38 -16.06
CA THR E 194 60.37 -1.01 -16.99
C THR E 194 59.67 0.29 -16.60
N ILE E 195 58.96 0.30 -15.48
CA ILE E 195 58.26 1.51 -15.05
C ILE E 195 58.61 1.78 -13.59
N ASP E 196 59.81 1.39 -13.18
CA ASP E 196 60.24 1.46 -11.79
C ASP E 196 59.62 0.33 -10.97
N LYS E 197 59.33 -0.79 -11.64
CA LYS E 197 58.81 -1.97 -10.97
C LYS E 197 59.76 -3.17 -11.09
N ALA E 198 60.12 -3.52 -12.31
CA ALA E 198 60.91 -4.72 -12.57
C ALA E 198 62.32 -4.35 -13.02
N THR E 199 63.25 -5.29 -12.82
CA THR E 199 64.66 -5.12 -13.18
C THR E 199 65.22 -6.47 -13.64
N GLY E 200 65.30 -6.65 -14.95
CA GLY E 200 65.86 -7.88 -15.51
C GLY E 200 67.37 -7.82 -15.64
N LYS E 201 68.07 -8.53 -14.75
CA LYS E 201 69.53 -8.56 -14.75
C LYS E 201 70.02 -9.81 -15.47
N ILE E 202 69.97 -9.76 -16.80
CA ILE E 202 70.38 -10.88 -17.64
C ILE E 202 71.70 -10.56 -18.32
N SER E 203 71.83 -9.36 -18.87
CA SER E 203 73.03 -8.95 -19.59
C SER E 203 73.15 -7.43 -19.54
N LYS E 204 74.23 -6.92 -20.13
CA LYS E 204 74.49 -5.49 -20.15
C LYS E 204 74.18 -4.88 -21.52
N CYS E 227 69.69 -7.06 -21.36
CA CYS E 227 70.49 -6.20 -22.21
C CYS E 227 69.73 -4.93 -22.59
N PRO E 228 69.64 -3.98 -21.65
CA PRO E 228 68.95 -2.71 -21.93
C PRO E 228 69.87 -1.69 -22.61
N ASP E 229 70.06 -1.88 -23.92
CA ASP E 229 70.95 -1.06 -24.72
C ASP E 229 70.20 -0.49 -25.92
N GLY E 230 69.02 0.09 -25.64
CA GLY E 230 68.27 0.79 -26.65
C GLY E 230 68.20 2.28 -26.34
N GLU E 231 66.99 2.81 -26.18
CA GLU E 231 66.80 4.17 -25.71
C GLU E 231 66.41 4.15 -24.24
N LEU E 232 66.94 5.12 -23.48
CA LEU E 232 66.81 5.08 -22.02
C LEU E 232 65.34 4.97 -21.61
N GLN E 233 64.55 5.99 -21.93
CA GLN E 233 63.13 6.02 -21.57
C GLN E 233 62.33 5.67 -22.83
N LYS E 234 62.05 4.38 -22.99
CA LYS E 234 61.41 3.84 -24.19
C LYS E 234 59.97 3.44 -23.89
N ARG E 235 59.31 2.91 -24.92
CA ARG E 235 57.94 2.43 -24.82
C ARG E 235 57.86 1.00 -25.35
N LYS E 236 57.03 0.19 -24.70
CA LYS E 236 56.92 -1.22 -25.03
C LYS E 236 55.44 -1.58 -25.09
N GLU E 237 55.02 -2.15 -26.21
CA GLU E 237 53.63 -2.53 -26.42
C GLU E 237 53.39 -3.88 -25.78
N VAL E 238 53.38 -3.87 -24.44
CA VAL E 238 53.30 -5.09 -23.64
C VAL E 238 52.09 -5.93 -24.04
N VAL E 239 52.33 -7.17 -24.45
CA VAL E 239 51.24 -8.06 -24.80
C VAL E 239 50.59 -8.60 -23.53
N HIS E 240 49.27 -8.45 -23.44
CA HIS E 240 48.51 -8.91 -22.29
C HIS E 240 47.26 -9.63 -22.79
N THR E 241 47.28 -10.96 -22.76
CA THR E 241 46.17 -11.76 -23.24
C THR E 241 45.15 -11.94 -22.12
N VAL E 242 44.42 -10.85 -21.85
CA VAL E 242 43.39 -10.84 -20.81
C VAL E 242 42.07 -11.25 -21.42
N SER E 243 41.47 -12.32 -20.88
CA SER E 243 40.15 -12.73 -21.31
C SER E 243 39.08 -11.80 -20.77
N LEU E 244 37.94 -11.75 -21.47
CA LEU E 244 36.83 -10.91 -21.06
C LEU E 244 36.40 -11.23 -19.63
N HIS E 245 36.54 -12.49 -19.22
CA HIS E 245 36.14 -12.84 -17.85
C HIS E 245 37.05 -12.17 -16.82
N GLU E 246 38.33 -12.03 -17.13
CA GLU E 246 39.21 -11.29 -16.23
C GLU E 246 38.79 -9.83 -16.12
N ILE E 247 38.37 -9.23 -17.24
CA ILE E 247 37.84 -7.87 -17.20
C ILE E 247 36.61 -7.82 -16.30
N ASP E 248 35.69 -8.77 -16.47
CA ASP E 248 34.49 -8.79 -15.65
C ASP E 248 34.83 -8.93 -14.18
N VAL E 249 35.79 -9.80 -13.86
CA VAL E 249 36.20 -9.99 -12.47
C VAL E 249 36.78 -8.70 -11.91
N ILE E 250 37.61 -8.01 -12.69
CA ILE E 250 38.15 -6.73 -12.25
C ILE E 250 37.02 -5.76 -11.96
N ASN E 251 36.04 -5.66 -12.85
CA ASN E 251 34.92 -4.77 -12.64
C ASN E 251 34.07 -5.20 -11.45
N SER E 252 33.84 -6.50 -11.30
CA SER E 252 33.01 -7.01 -10.21
C SER E 252 33.61 -6.63 -8.87
N ARG E 253 32.76 -6.22 -7.94
CA ARG E 253 33.21 -5.71 -6.64
C ARG E 253 33.99 -6.76 -5.87
N THR E 254 33.52 -8.01 -5.88
CA THR E 254 34.27 -9.09 -5.24
C THR E 254 34.69 -10.16 -6.26
N PHE E 257 39.13 -13.15 0.24
CA PHE E 257 39.94 -14.31 -0.13
C PHE E 257 39.22 -15.62 0.20
N LEU E 258 38.05 -15.51 0.83
CA LEU E 258 37.12 -16.62 0.98
C LEU E 258 35.84 -16.37 0.19
N ALA E 259 35.95 -15.75 -0.98
CA ALA E 259 34.77 -15.58 -1.80
C ALA E 259 34.13 -16.92 -2.15
N LEU E 260 34.95 -17.92 -2.47
CA LEU E 260 34.43 -19.24 -2.80
C LEU E 260 33.72 -19.89 -1.60
N PHE E 261 34.07 -19.50 -0.38
CA PHE E 261 33.55 -20.11 0.82
C PHE E 261 32.33 -19.33 1.31
N SER E 262 32.53 -18.03 1.53
CA SER E 262 31.48 -17.12 1.95
C SER E 262 30.94 -16.34 0.76
N GLY E 266 30.56 -16.10 -7.99
CA GLY E 266 29.17 -15.70 -8.07
C GLY E 266 28.66 -15.61 -9.50
N GLU E 267 27.90 -14.56 -9.78
CA GLU E 267 27.31 -14.33 -11.11
C GLU E 267 27.50 -12.88 -11.47
N ILE E 268 28.19 -12.62 -12.59
CA ILE E 268 28.46 -11.26 -13.03
C ILE E 268 27.17 -10.64 -13.56
N LYS E 269 26.93 -9.39 -13.21
CA LYS E 269 25.73 -8.69 -13.67
C LYS E 269 25.85 -8.33 -15.15
N SER E 270 24.69 -8.26 -15.82
CA SER E 270 24.68 -8.03 -17.26
C SER E 270 25.22 -6.66 -17.62
N GLU E 271 24.99 -5.66 -16.76
CA GLU E 271 25.44 -4.30 -17.06
C GLU E 271 26.95 -4.26 -17.21
N VAL E 272 27.68 -4.97 -16.36
CA VAL E 272 29.13 -5.03 -16.47
C VAL E 272 29.52 -5.68 -17.79
N ARG E 273 28.81 -6.74 -18.18
CA ARG E 273 29.05 -7.36 -19.48
C ARG E 273 28.93 -6.34 -20.60
N GLU E 274 27.84 -5.56 -20.60
CA GLU E 274 27.64 -4.57 -21.65
C GLU E 274 28.76 -3.53 -21.64
N GLN E 275 29.12 -3.06 -20.45
CA GLN E 275 30.14 -2.02 -20.35
C GLN E 275 31.49 -2.51 -20.89
N ILE E 276 31.92 -3.71 -20.48
CA ILE E 276 33.22 -4.18 -20.94
C ILE E 276 33.16 -4.56 -22.41
N ASN E 277 32.00 -5.00 -22.91
CA ASN E 277 31.88 -5.23 -24.34
C ASN E 277 32.09 -3.93 -25.12
N ALA E 278 31.44 -2.85 -24.69
CA ALA E 278 31.65 -1.56 -25.35
C ALA E 278 33.09 -1.10 -25.24
N LYS E 279 33.70 -1.29 -24.06
CA LYS E 279 35.09 -0.89 -23.88
C LYS E 279 36.02 -1.67 -24.81
N VAL E 280 35.82 -2.99 -24.90
CA VAL E 280 36.63 -3.81 -25.78
C VAL E 280 36.46 -3.37 -27.23
N ALA E 281 35.22 -3.08 -27.62
CA ALA E 281 34.99 -2.53 -28.95
C ALA E 281 35.79 -1.25 -29.15
N GLU E 282 35.83 -0.41 -28.11
CA GLU E 282 36.56 0.85 -28.20
C GLU E 282 38.05 0.61 -28.49
N TRP E 283 38.70 -0.23 -27.67
CA TRP E 283 40.11 -0.47 -27.94
C TRP E 283 40.33 -1.22 -29.25
N ARG E 284 39.42 -2.10 -29.64
CA ARG E 284 39.57 -2.78 -30.92
C ARG E 284 39.55 -1.78 -32.07
N GLU E 285 38.65 -0.80 -31.99
CA GLU E 285 38.62 0.25 -33.00
C GLU E 285 39.89 1.09 -32.95
N GLU E 286 40.36 1.44 -31.75
CA GLU E 286 41.53 2.30 -31.64
C GLU E 286 42.78 1.58 -32.13
N GLY E 287 42.84 0.27 -31.92
CA GLY E 287 43.99 -0.53 -32.27
C GLY E 287 44.76 -1.11 -31.09
N LYS E 288 44.26 -0.94 -29.87
CA LYS E 288 44.93 -1.45 -28.68
C LYS E 288 44.77 -2.96 -28.57
N ALA E 289 43.53 -3.43 -28.55
CA ALA E 289 43.25 -4.84 -28.33
C ALA E 289 43.09 -5.56 -29.67
N GLU E 290 43.81 -6.66 -29.84
CA GLU E 290 43.68 -7.54 -30.98
C GLU E 290 43.01 -8.83 -30.49
N ILE E 291 41.71 -8.96 -30.77
CA ILE E 291 40.97 -10.10 -30.25
C ILE E 291 41.57 -11.38 -30.80
N ILE E 292 42.01 -12.25 -29.89
CA ILE E 292 42.58 -13.54 -30.28
C ILE E 292 41.59 -14.65 -29.92
N PRO E 293 41.03 -15.34 -30.91
CA PRO E 293 40.08 -16.43 -30.62
C PRO E 293 40.81 -17.61 -30.00
N GLY E 294 40.41 -17.96 -28.77
CA GLY E 294 41.02 -19.04 -28.05
C GLY E 294 40.39 -20.39 -28.35
N VAL E 295 40.58 -21.33 -27.43
CA VAL E 295 40.03 -22.67 -27.55
C VAL E 295 39.28 -22.99 -26.27
N LEU E 296 38.05 -23.45 -26.41
CA LEU E 296 37.23 -23.87 -25.27
C LEU E 296 37.00 -25.36 -25.36
N PHE E 297 37.39 -26.09 -24.32
CA PHE E 297 37.30 -27.54 -24.28
C PHE E 297 36.23 -27.92 -23.26
N ILE E 298 35.23 -28.69 -23.71
CA ILE E 298 34.14 -29.12 -22.86
C ILE E 298 34.26 -30.63 -22.70
N ASP E 299 34.95 -31.07 -21.67
CA ASP E 299 35.07 -32.49 -21.39
C ASP E 299 33.75 -33.03 -20.84
N GLU E 300 33.40 -34.24 -21.25
CA GLU E 300 32.15 -34.87 -20.85
C GLU E 300 30.96 -34.09 -21.41
N VAL E 301 31.02 -33.79 -22.71
CA VAL E 301 29.97 -33.00 -23.35
C VAL E 301 28.62 -33.70 -23.27
N HIS E 302 28.60 -35.02 -23.19
CA HIS E 302 27.33 -35.73 -23.09
C HIS E 302 26.53 -35.34 -21.85
N MET E 303 27.19 -34.76 -20.84
CA MET E 303 26.47 -34.39 -19.63
C MET E 303 25.55 -33.20 -19.88
N LEU E 304 25.95 -32.28 -20.74
CA LEU E 304 25.09 -31.14 -21.05
C LEU E 304 23.73 -31.61 -21.54
N ASP E 305 22.73 -30.73 -21.43
CA ASP E 305 21.39 -31.01 -21.91
C ASP E 305 21.14 -30.25 -23.21
N ILE E 306 19.93 -30.41 -23.73
CA ILE E 306 19.62 -29.86 -25.04
C ILE E 306 19.60 -28.34 -25.03
N GLU E 307 19.12 -27.73 -23.93
CA GLU E 307 19.08 -26.27 -23.87
C GLU E 307 20.49 -25.67 -23.82
N SER E 308 21.40 -26.29 -23.08
CA SER E 308 22.79 -25.85 -23.11
C SER E 308 23.38 -26.00 -24.50
N PHE E 309 23.01 -27.07 -25.21
CA PHE E 309 23.47 -27.24 -26.59
C PHE E 309 22.96 -26.11 -27.48
N SER E 310 21.70 -25.73 -27.31
CA SER E 310 21.16 -24.62 -28.07
C SER E 310 21.89 -23.32 -27.74
N PHE E 311 22.23 -23.10 -26.48
CA PHE E 311 22.99 -21.90 -26.14
C PHE E 311 24.38 -21.94 -26.78
N LEU E 312 25.01 -23.12 -26.83
CA LEU E 312 26.29 -23.25 -27.50
C LEU E 312 26.17 -22.90 -28.97
N ASN E 313 25.12 -23.39 -29.62
CA ASN E 313 24.90 -23.06 -31.03
C ASN E 313 24.71 -21.56 -31.20
N ARG E 314 23.96 -20.93 -30.30
CA ARG E 314 23.81 -19.48 -30.33
C ARG E 314 25.16 -18.79 -30.26
N ALA E 315 26.00 -19.21 -29.31
CA ALA E 315 27.24 -18.50 -29.03
C ALA E 315 28.32 -18.74 -30.08
N LEU E 316 28.30 -19.88 -30.76
CA LEU E 316 29.34 -20.17 -31.74
C LEU E 316 29.12 -19.45 -33.07
N GLU E 317 28.01 -18.72 -33.22
CA GLU E 317 27.70 -17.99 -34.46
C GLU E 317 28.06 -16.52 -34.34
N SER E 318 29.15 -16.21 -33.63
CA SER E 318 29.60 -14.83 -33.46
C SER E 318 31.04 -14.70 -33.97
N ASP E 319 31.42 -13.47 -34.28
CA ASP E 319 32.78 -13.23 -34.78
C ASP E 319 33.83 -13.38 -33.69
N MET E 320 33.42 -13.38 -32.42
CA MET E 320 34.34 -13.61 -31.31
C MET E 320 34.38 -15.07 -30.89
N ALA E 321 33.61 -15.93 -31.53
CA ALA E 321 33.46 -17.30 -31.07
C ALA E 321 34.82 -18.01 -31.07
N PRO E 322 35.17 -18.68 -29.99
CA PRO E 322 36.40 -19.48 -29.98
C PRO E 322 36.15 -20.85 -30.60
N VAL E 323 37.25 -21.49 -31.01
CA VAL E 323 37.17 -22.85 -31.53
C VAL E 323 36.68 -23.76 -30.41
N LEU E 324 35.58 -24.46 -30.64
CA LEU E 324 34.97 -25.30 -29.62
C LEU E 324 35.36 -26.75 -29.85
N ILE E 325 36.04 -27.34 -28.88
CA ILE E 325 36.40 -28.75 -28.91
C ILE E 325 35.74 -29.46 -27.74
N MET E 326 35.03 -30.54 -28.04
CA MET E 326 34.32 -31.34 -27.05
C MET E 326 34.92 -32.73 -27.00
N ALA E 327 34.70 -33.41 -25.89
CA ALA E 327 35.22 -34.75 -25.70
C ALA E 327 34.18 -35.58 -24.96
N THR E 328 34.04 -36.83 -25.38
CA THR E 328 33.07 -37.72 -24.76
C THR E 328 33.46 -39.16 -25.06
N ASN E 329 33.01 -40.07 -24.20
CA ASN E 329 33.34 -41.48 -24.31
C ASN E 329 32.09 -42.35 -24.33
N ARG E 330 30.95 -41.81 -24.73
CA ARG E 330 29.69 -42.53 -24.77
C ARG E 330 29.23 -42.70 -26.21
N GLY E 331 28.61 -43.84 -26.50
CA GLY E 331 28.03 -44.07 -27.80
C GLY E 331 26.65 -43.48 -27.91
N ILE E 332 25.70 -44.22 -28.46
CA ILE E 332 24.31 -43.74 -28.54
C ILE E 332 23.73 -43.73 -27.14
N THR E 333 23.51 -42.54 -26.59
CA THR E 333 23.00 -42.37 -25.23
C THR E 333 21.85 -41.37 -25.25
N ARG E 334 21.10 -41.35 -24.15
CA ARG E 334 19.97 -40.43 -24.02
C ARG E 334 20.46 -38.99 -24.10
N ILE E 335 19.86 -38.22 -25.00
CA ILE E 335 20.15 -36.80 -25.09
C ILE E 335 19.48 -36.09 -23.92
N ARG E 336 20.30 -35.54 -23.03
CA ARG E 336 19.77 -35.00 -21.77
C ARG E 336 18.69 -33.97 -22.04
N GLY E 337 17.65 -33.99 -21.19
CA GLY E 337 16.51 -33.12 -21.37
C GLY E 337 15.56 -33.53 -22.45
N THR E 338 15.66 -34.75 -22.95
CA THR E 338 14.85 -35.22 -24.06
C THR E 338 14.69 -36.73 -23.93
N SER E 339 13.81 -37.30 -24.75
CA SER E 339 13.48 -38.72 -24.67
C SER E 339 13.89 -39.45 -25.96
N TYR E 340 15.01 -39.04 -26.55
CA TYR E 340 15.47 -39.63 -27.80
C TYR E 340 16.87 -40.19 -27.59
N GLN E 341 17.26 -41.11 -28.47
CA GLN E 341 18.60 -41.65 -28.49
C GLN E 341 19.40 -40.99 -29.60
N SER E 342 20.53 -40.39 -29.23
CA SER E 342 21.37 -39.69 -30.20
C SER E 342 22.83 -40.06 -29.97
N PRO E 343 23.60 -40.26 -31.04
CA PRO E 343 25.02 -40.54 -30.87
C PRO E 343 25.70 -39.48 -30.02
N HIS E 344 26.46 -39.93 -29.03
CA HIS E 344 27.23 -39.06 -28.15
C HIS E 344 26.36 -38.16 -27.28
N GLY E 345 25.05 -38.38 -27.28
CA GLY E 345 24.17 -37.50 -26.52
C GLY E 345 24.18 -36.07 -26.99
N ILE E 346 24.29 -35.85 -28.29
CA ILE E 346 24.35 -34.50 -28.86
C ILE E 346 23.20 -34.33 -29.85
N PRO E 347 22.54 -33.17 -29.87
CA PRO E 347 21.47 -32.98 -30.84
C PRO E 347 22.00 -32.98 -32.27
N ILE E 348 21.15 -33.40 -33.20
CA ILE E 348 21.59 -33.61 -34.57
C ILE E 348 22.08 -32.31 -35.20
N ASP E 349 21.44 -31.19 -34.86
CA ASP E 349 21.82 -29.92 -35.47
C ASP E 349 23.28 -29.61 -35.23
N LEU E 350 23.76 -29.83 -34.00
CA LEU E 350 25.18 -29.61 -33.70
C LEU E 350 26.04 -30.73 -34.27
N LEU E 351 25.54 -31.96 -34.25
CA LEU E 351 26.33 -33.10 -34.72
C LEU E 351 26.64 -33.01 -36.20
N ASP E 352 25.75 -32.39 -36.98
CA ASP E 352 25.94 -32.36 -38.43
C ASP E 352 27.27 -31.69 -38.79
N ARG E 353 27.51 -30.49 -38.26
CA ARG E 353 28.75 -29.76 -38.55
C ARG E 353 29.75 -29.93 -37.39
N LEU E 354 30.22 -31.17 -37.23
CA LEU E 354 31.22 -31.47 -36.22
C LEU E 354 32.38 -32.22 -36.88
N LEU E 355 33.58 -31.66 -36.77
CA LEU E 355 34.78 -32.40 -37.14
C LEU E 355 35.13 -33.33 -35.98
N ILE E 356 34.82 -34.61 -36.12
CA ILE E 356 34.93 -35.57 -35.03
C ILE E 356 36.20 -36.38 -35.22
N VAL E 357 37.06 -36.36 -34.21
CA VAL E 357 38.34 -37.05 -34.21
C VAL E 357 38.28 -38.20 -33.23
N SER E 358 38.74 -39.37 -33.66
CA SER E 358 38.72 -40.58 -32.84
C SER E 358 40.07 -40.75 -32.18
N THR E 359 40.09 -40.78 -30.85
CA THR E 359 41.31 -40.99 -30.09
C THR E 359 41.46 -42.48 -29.77
N THR E 360 42.46 -43.12 -30.37
CA THR E 360 42.63 -44.55 -30.20
C THR E 360 43.20 -44.87 -28.82
N PRO E 361 43.00 -46.10 -28.34
CA PRO E 361 43.60 -46.49 -27.06
C PRO E 361 45.12 -46.52 -27.15
N TYR E 362 45.76 -46.71 -26.01
CA TYR E 362 47.20 -46.55 -25.91
C TYR E 362 47.94 -47.86 -26.05
N SER E 363 49.20 -47.74 -26.47
CA SER E 363 50.10 -48.87 -26.66
C SER E 363 51.08 -48.97 -25.49
N GLU E 364 51.95 -49.98 -25.57
CA GLU E 364 52.87 -50.25 -24.47
C GLU E 364 53.96 -49.19 -24.37
N LYS E 365 54.79 -49.07 -25.40
CA LYS E 365 55.92 -48.15 -25.34
C LYS E 365 55.45 -46.72 -25.14
N ASP E 366 54.31 -46.36 -25.75
CA ASP E 366 53.79 -45.00 -25.57
C ASP E 366 53.46 -44.74 -24.10
N THR E 367 52.80 -45.69 -23.45
CA THR E 367 52.50 -45.55 -22.03
C THR E 367 53.78 -45.41 -21.22
N LYS E 368 54.80 -46.23 -21.54
CA LYS E 368 56.05 -46.12 -20.80
C LYS E 368 56.68 -44.75 -20.96
N GLN E 369 56.68 -44.21 -22.19
CA GLN E 369 57.26 -42.88 -22.41
C GLN E 369 56.49 -41.80 -21.67
N ILE E 370 55.15 -41.89 -21.67
CA ILE E 370 54.35 -40.92 -20.92
C ILE E 370 54.72 -40.97 -19.45
N LEU E 371 54.87 -42.18 -18.90
CA LEU E 371 55.25 -42.31 -17.50
C LEU E 371 56.63 -41.71 -17.25
N ARG E 372 57.56 -41.92 -18.18
CA ARG E 372 58.89 -41.31 -18.03
C ARG E 372 58.79 -39.79 -17.98
N ILE E 373 58.01 -39.20 -18.89
CA ILE E 373 57.89 -37.74 -18.92
C ILE E 373 57.29 -37.24 -17.62
N ARG E 374 56.22 -37.89 -17.15
CA ARG E 374 55.61 -37.48 -15.89
C ARG E 374 56.61 -37.60 -14.74
N CYS E 375 57.41 -38.67 -14.74
CA CYS E 375 58.43 -38.81 -13.70
C CYS E 375 59.42 -37.66 -13.75
N GLU E 376 59.86 -37.28 -14.95
CA GLU E 376 60.78 -36.14 -15.05
C GLU E 376 60.14 -34.87 -14.51
N GLU E 377 58.84 -34.70 -14.74
CA GLU E 377 58.17 -33.51 -14.22
C GLU E 377 57.99 -33.59 -12.71
N GLU E 378 57.99 -34.79 -12.14
CA GLU E 378 57.82 -34.95 -10.71
C GLU E 378 59.13 -35.09 -9.95
N ASP E 379 60.27 -34.97 -10.62
CA ASP E 379 61.58 -35.07 -9.97
C ASP E 379 61.73 -36.41 -9.25
N VAL E 380 61.22 -37.46 -9.86
CA VAL E 380 61.21 -38.81 -9.28
C VAL E 380 62.12 -39.70 -10.10
N GLU E 381 63.06 -40.36 -9.43
CA GLU E 381 63.92 -41.34 -10.09
C GLU E 381 63.37 -42.74 -9.78
N MET E 382 63.08 -43.51 -10.83
CA MET E 382 62.50 -44.83 -10.66
C MET E 382 63.31 -45.84 -11.46
N SER E 383 63.42 -47.05 -10.92
CA SER E 383 64.15 -48.12 -11.58
C SER E 383 63.27 -48.76 -12.66
N GLU E 384 63.93 -49.48 -13.57
CA GLU E 384 63.25 -49.95 -14.77
C GLU E 384 62.12 -50.91 -14.46
N ASP E 385 62.32 -51.87 -13.55
CA ASP E 385 61.24 -52.80 -13.25
C ASP E 385 60.05 -52.07 -12.62
N ALA E 386 60.32 -51.07 -11.79
CA ALA E 386 59.24 -50.24 -11.28
C ALA E 386 58.53 -49.53 -12.42
N TYR E 387 59.27 -49.06 -13.41
CA TYR E 387 58.67 -48.40 -14.56
C TYR E 387 57.73 -49.36 -15.29
N THR E 388 58.18 -50.59 -15.51
CA THR E 388 57.35 -51.55 -16.23
C THR E 388 56.14 -51.98 -15.40
N VAL E 389 56.28 -52.03 -14.08
CA VAL E 389 55.13 -52.34 -13.22
C VAL E 389 54.09 -51.22 -13.31
N LEU E 390 54.54 -49.97 -13.22
CA LEU E 390 53.62 -48.85 -13.39
C LEU E 390 52.99 -48.89 -14.77
N THR E 391 53.74 -49.28 -15.78
CA THR E 391 53.21 -49.40 -17.13
C THR E 391 52.11 -50.45 -17.19
N ARG E 392 52.34 -51.61 -16.57
CA ARG E 392 51.32 -52.66 -16.57
C ARG E 392 50.08 -52.18 -15.84
N ILE E 393 50.25 -51.47 -14.74
CA ILE E 393 49.11 -50.92 -14.02
C ILE E 393 48.33 -49.97 -14.92
N GLY E 394 49.03 -49.03 -15.55
CA GLY E 394 48.37 -48.08 -16.42
C GLY E 394 47.78 -48.69 -17.68
N LEU E 395 48.21 -49.90 -18.03
CA LEU E 395 47.59 -50.61 -19.15
C LEU E 395 46.32 -51.32 -18.70
N GLU E 396 46.36 -51.95 -17.52
CA GLU E 396 45.18 -52.67 -17.03
C GLU E 396 44.16 -51.70 -16.45
N THR E 397 44.62 -50.60 -15.88
CA THR E 397 43.79 -49.52 -15.37
C THR E 397 44.11 -48.24 -16.16
N SER E 398 43.57 -47.11 -15.72
CA SER E 398 43.77 -45.85 -16.41
C SER E 398 45.16 -45.30 -16.16
N LEU E 399 45.64 -44.48 -17.10
CA LEU E 399 46.92 -43.81 -16.91
C LEU E 399 46.89 -42.87 -15.73
N ARG E 400 45.75 -42.22 -15.50
CA ARG E 400 45.64 -41.30 -14.37
C ARG E 400 45.90 -42.01 -13.05
N TYR E 401 45.47 -43.27 -12.94
CA TYR E 401 45.72 -44.02 -11.72
C TYR E 401 47.21 -44.23 -11.50
N ALA E 402 47.95 -44.54 -12.56
CA ALA E 402 49.40 -44.68 -12.44
C ALA E 402 50.06 -43.37 -12.06
N ILE E 403 49.63 -42.27 -12.68
CA ILE E 403 50.20 -40.98 -12.35
C ILE E 403 49.94 -40.63 -10.89
N GLN E 404 48.76 -40.99 -10.39
CA GLN E 404 48.48 -40.85 -8.96
C GLN E 404 49.41 -41.72 -8.13
N LEU E 405 49.63 -42.95 -8.57
CA LEU E 405 50.46 -43.88 -7.81
C LEU E 405 51.89 -43.36 -7.70
N ILE E 406 52.34 -42.62 -8.70
CA ILE E 406 53.73 -42.15 -8.74
C ILE E 406 54.05 -41.31 -7.51
N THR E 407 53.20 -40.31 -7.22
CA THR E 407 53.48 -39.42 -6.09
C THR E 407 53.48 -40.18 -4.77
N ALA E 408 52.50 -41.07 -4.58
CA ALA E 408 52.47 -41.86 -3.35
C ALA E 408 53.72 -42.73 -3.22
N ALA E 409 54.17 -43.32 -4.33
CA ALA E 409 55.37 -44.13 -4.29
C ALA E 409 56.59 -43.29 -3.93
N SER E 410 56.62 -42.02 -4.36
CA SER E 410 57.73 -41.16 -3.98
C SER E 410 57.83 -41.01 -2.47
N LEU E 411 56.71 -40.71 -1.80
CA LEU E 411 56.72 -40.60 -0.35
C LEU E 411 57.00 -41.93 0.32
N VAL E 412 56.50 -43.03 -0.24
CA VAL E 412 56.79 -44.34 0.32
C VAL E 412 58.29 -44.60 0.30
N CYS E 413 58.94 -44.28 -0.82
CA CYS E 413 60.39 -44.45 -0.91
C CYS E 413 61.10 -43.56 0.09
N ARG E 414 60.64 -42.31 0.24
CA ARG E 414 61.25 -41.44 1.24
C ARG E 414 61.06 -41.96 2.66
N LYS E 415 60.00 -42.75 2.91
CA LYS E 415 59.78 -43.27 4.25
C LYS E 415 60.94 -44.12 4.72
N ARG E 416 61.45 -45.00 3.86
CA ARG E 416 62.61 -45.82 4.18
C ARG E 416 63.92 -45.12 3.82
N LYS E 417 63.90 -43.79 3.71
CA LYS E 417 65.09 -42.99 3.44
C LYS E 417 65.83 -43.50 2.19
N GLY E 418 65.05 -43.65 1.11
CA GLY E 418 65.59 -44.03 -0.17
C GLY E 418 65.57 -42.85 -1.15
N THR E 419 66.25 -43.04 -2.27
CA THR E 419 66.31 -42.05 -3.33
C THR E 419 65.63 -42.50 -4.61
N GLU E 420 65.76 -43.77 -4.98
CA GLU E 420 65.13 -44.33 -6.16
C GLU E 420 64.03 -45.29 -5.73
N VAL E 421 62.83 -45.09 -6.27
CA VAL E 421 61.68 -45.94 -5.92
C VAL E 421 61.83 -47.29 -6.60
N GLN E 422 61.65 -48.36 -5.83
CA GLN E 422 61.78 -49.72 -6.34
C GLN E 422 60.40 -50.32 -6.60
N VAL E 423 60.41 -51.59 -7.03
CA VAL E 423 59.16 -52.29 -7.30
C VAL E 423 58.36 -52.49 -6.02
N ASP E 424 59.05 -52.66 -4.89
CA ASP E 424 58.35 -52.88 -3.63
C ASP E 424 57.48 -51.69 -3.26
N ASP E 425 57.98 -50.47 -3.48
CA ASP E 425 57.15 -49.29 -3.23
C ASP E 425 55.93 -49.26 -4.12
N ILE E 426 56.09 -49.64 -5.39
CA ILE E 426 54.95 -49.68 -6.29
C ILE E 426 53.91 -50.68 -5.80
N LYS E 427 54.37 -51.87 -5.39
CA LYS E 427 53.43 -52.86 -4.86
C LYS E 427 52.72 -52.34 -3.62
N ARG E 428 53.45 -51.71 -2.70
CA ARG E 428 52.85 -51.19 -1.48
C ARG E 428 51.78 -50.15 -1.81
N VAL E 429 52.13 -49.16 -2.64
CA VAL E 429 51.18 -48.11 -2.96
C VAL E 429 49.98 -48.64 -3.72
N TYR E 430 50.18 -49.63 -4.60
CA TYR E 430 49.06 -50.28 -5.26
C TYR E 430 48.15 -50.96 -4.26
N SER E 431 48.73 -51.59 -3.24
CA SER E 431 47.92 -52.23 -2.21
C SER E 431 47.14 -51.20 -1.40
N LEU E 432 47.74 -50.06 -1.10
CA LEU E 432 47.09 -49.08 -0.22
C LEU E 432 45.93 -48.39 -0.94
N PHE E 433 46.21 -47.67 -2.02
CA PHE E 433 45.21 -46.89 -2.73
C PHE E 433 44.78 -47.66 -3.98
N LEU E 434 43.48 -47.81 -4.17
CA LEU E 434 42.95 -48.62 -5.26
C LEU E 434 42.23 -47.74 -6.28
N ASP E 435 42.00 -48.32 -7.45
CA ASP E 435 41.39 -47.63 -8.58
C ASP E 435 39.88 -47.76 -8.54
N GLU E 436 39.21 -46.91 -9.32
CA GLU E 436 37.75 -46.90 -9.33
C GLU E 436 37.19 -48.27 -9.66
N SER E 437 37.78 -48.96 -10.63
CA SER E 437 37.26 -50.24 -11.07
C SER E 437 37.27 -51.25 -9.92
N ARG E 438 38.39 -51.37 -9.22
CA ARG E 438 38.48 -52.30 -8.11
C ARG E 438 37.51 -51.92 -6.99
N SER E 439 37.45 -50.63 -6.66
CA SER E 439 36.59 -50.17 -5.58
C SER E 439 35.13 -50.52 -5.86
N THR E 440 34.63 -50.11 -7.02
CA THR E 440 33.26 -50.41 -7.38
C THR E 440 33.03 -51.92 -7.45
N GLN E 441 34.06 -52.67 -7.87
CA GLN E 441 33.87 -54.09 -8.16
C GLN E 441 33.47 -54.87 -6.92
N TYR E 442 34.24 -54.73 -5.84
CA TYR E 442 33.94 -55.55 -4.66
C TYR E 442 32.80 -54.96 -3.85
N MET E 443 32.61 -53.64 -3.92
CA MET E 443 31.49 -53.03 -3.21
C MET E 443 30.16 -53.61 -3.70
N LYS E 444 30.03 -53.78 -5.01
CA LYS E 444 28.87 -54.50 -5.53
C LYS E 444 28.90 -55.95 -5.07
N GLU E 445 30.09 -56.53 -4.93
CA GLU E 445 30.20 -57.91 -4.46
C GLU E 445 29.71 -58.02 -3.01
N TYR E 446 30.02 -57.01 -2.19
CA TYR E 446 29.51 -57.00 -0.82
C TYR E 446 28.00 -56.84 -0.81
N GLN E 447 27.47 -56.04 -1.73
CA GLN E 447 26.03 -55.83 -1.82
C GLN E 447 25.28 -57.14 -2.06
N ASP E 448 25.76 -57.95 -3.00
CA ASP E 448 25.04 -59.17 -3.37
C ASP E 448 24.98 -60.17 -2.21
N ILE F 22 -11.64 -20.91 -41.90
CA ILE F 22 -12.29 -20.31 -43.05
C ILE F 22 -12.55 -21.35 -44.13
N GLY F 23 -13.73 -21.31 -44.73
CA GLY F 23 -14.08 -22.25 -45.77
C GLY F 23 -14.46 -23.61 -45.23
N ALA F 24 -13.56 -24.59 -45.43
CA ALA F 24 -13.82 -25.96 -44.98
C ALA F 24 -15.16 -26.45 -45.51
N HIS F 25 -16.06 -26.82 -44.60
CA HIS F 25 -17.36 -27.38 -44.97
C HIS F 25 -18.43 -26.28 -44.87
N SER F 26 -18.40 -25.37 -45.83
CA SER F 26 -19.44 -24.34 -45.97
C SER F 26 -20.50 -24.76 -46.98
N HIS F 27 -21.14 -25.91 -46.76
CA HIS F 27 -22.20 -26.37 -47.65
C HIS F 27 -23.40 -26.93 -46.90
N ILE F 28 -23.35 -27.01 -45.58
CA ILE F 28 -24.44 -27.53 -44.77
C ILE F 28 -25.09 -26.36 -44.04
N ARG F 29 -26.40 -26.22 -44.23
CA ARG F 29 -27.17 -25.16 -43.58
C ARG F 29 -28.24 -25.74 -42.67
N GLY F 30 -28.04 -26.97 -42.21
CA GLY F 30 -28.99 -27.63 -41.35
C GLY F 30 -28.71 -29.11 -41.26
N LEU F 31 -29.38 -29.75 -40.31
CA LEU F 31 -29.20 -31.18 -40.10
C LEU F 31 -29.77 -31.97 -41.27
N GLY F 32 -30.85 -31.50 -41.87
CA GLY F 32 -31.47 -32.20 -42.98
C GLY F 32 -32.28 -33.40 -42.59
N LEU F 33 -32.85 -33.41 -41.39
CA LEU F 33 -33.61 -34.54 -40.86
C LEU F 33 -35.11 -34.37 -41.05
N ASP F 34 -35.49 -33.58 -42.05
CA ASP F 34 -36.94 -33.45 -42.36
C ASP F 34 -37.69 -33.06 -41.08
N ASP F 35 -38.69 -33.85 -40.72
CA ASP F 35 -39.49 -33.63 -39.52
C ASP F 35 -39.66 -34.96 -38.78
N ALA F 36 -40.02 -34.85 -37.50
CA ALA F 36 -40.20 -36.01 -36.64
C ALA F 36 -38.97 -36.91 -36.65
N LEU F 37 -37.80 -36.27 -36.68
CA LEU F 37 -36.52 -36.95 -36.66
C LEU F 37 -36.46 -38.06 -37.71
N GLU F 38 -36.64 -37.64 -38.97
CA GLU F 38 -36.55 -38.52 -40.12
C GLU F 38 -35.58 -37.88 -41.11
N PRO F 39 -34.30 -38.22 -41.04
CA PRO F 39 -33.34 -37.70 -42.01
C PRO F 39 -33.70 -38.07 -43.44
N ARG F 40 -33.79 -37.09 -44.32
CA ARG F 40 -34.14 -37.32 -45.72
C ARG F 40 -32.89 -37.51 -46.59
N GLN F 41 -31.98 -38.38 -46.15
CA GLN F 41 -30.71 -38.58 -46.82
C GLN F 41 -30.11 -37.25 -47.26
N ALA F 42 -29.80 -37.11 -48.55
CA ALA F 42 -29.14 -35.91 -49.05
C ALA F 42 -30.03 -34.69 -48.86
N SER F 43 -29.57 -33.76 -48.03
CA SER F 43 -30.31 -32.51 -47.80
C SER F 43 -29.45 -31.52 -47.02
N GLN F 44 -29.45 -30.26 -47.46
CA GLN F 44 -28.58 -29.22 -46.92
C GLN F 44 -27.23 -29.77 -46.47
N GLY F 45 -26.54 -30.47 -47.37
CA GLY F 45 -25.22 -30.99 -47.05
C GLY F 45 -25.21 -32.40 -46.51
N MET F 46 -25.74 -32.61 -45.30
CA MET F 46 -25.72 -33.94 -44.70
C MET F 46 -26.25 -34.97 -45.68
N VAL F 47 -25.42 -35.99 -45.95
CA VAL F 47 -25.78 -37.02 -46.91
C VAL F 47 -25.58 -38.40 -46.30
N GLY F 48 -25.61 -38.48 -44.97
CA GLY F 48 -25.42 -39.76 -44.32
C GLY F 48 -25.54 -39.60 -42.82
N GLN F 49 -25.18 -40.68 -42.12
CA GLN F 49 -25.21 -40.72 -40.66
C GLN F 49 -26.63 -40.47 -40.15
N LEU F 50 -27.55 -41.34 -40.59
CA LEU F 50 -28.95 -41.16 -40.23
C LEU F 50 -29.16 -41.26 -38.72
N ALA F 51 -28.51 -42.21 -38.07
CA ALA F 51 -28.62 -42.34 -36.62
C ALA F 51 -28.11 -41.08 -35.92
N ALA F 52 -26.91 -40.63 -36.30
CA ALA F 52 -26.34 -39.43 -35.71
C ALA F 52 -27.19 -38.20 -36.01
N ARG F 53 -27.75 -38.13 -37.21
CA ARG F 53 -28.62 -37.01 -37.55
C ARG F 53 -29.88 -37.01 -36.69
N ARG F 54 -30.48 -38.18 -36.48
CA ARG F 54 -31.67 -38.28 -35.65
C ARG F 54 -31.35 -37.86 -34.22
N ALA F 55 -30.21 -38.31 -33.70
CA ALA F 55 -29.81 -37.93 -32.34
C ALA F 55 -29.57 -36.43 -32.25
N ALA F 56 -28.93 -35.85 -33.27
CA ALA F 56 -28.68 -34.42 -33.26
C ALA F 56 -29.98 -33.63 -33.31
N GLY F 57 -30.96 -34.11 -34.07
CA GLY F 57 -32.26 -33.44 -34.09
C GLY F 57 -32.96 -33.53 -32.75
N VAL F 58 -32.90 -34.70 -32.12
CA VAL F 58 -33.47 -34.84 -30.77
C VAL F 58 -32.82 -33.83 -29.83
N VAL F 59 -31.49 -33.73 -29.89
CA VAL F 59 -30.77 -32.79 -29.04
C VAL F 59 -31.18 -31.36 -29.34
N LEU F 60 -31.32 -31.01 -30.62
CA LEU F 60 -31.69 -29.66 -31.00
C LEU F 60 -33.05 -29.28 -30.44
N GLU F 61 -34.03 -30.16 -30.58
CA GLU F 61 -35.36 -29.79 -30.13
C GLU F 61 -35.45 -29.87 -28.60
N MET F 62 -34.59 -30.69 -27.98
CA MET F 62 -34.43 -30.62 -26.53
C MET F 62 -33.92 -29.25 -26.11
N ILE F 63 -32.93 -28.72 -26.84
CA ILE F 63 -32.42 -27.38 -26.55
C ILE F 63 -33.52 -26.35 -26.71
N ARG F 64 -34.31 -26.48 -27.79
CA ARG F 64 -35.41 -25.54 -28.00
C ARG F 64 -36.37 -25.57 -26.83
N GLU F 65 -36.75 -26.76 -26.37
CA GLU F 65 -37.65 -26.83 -25.23
C GLU F 65 -36.97 -26.58 -23.89
N GLY F 66 -35.64 -26.48 -23.88
CA GLY F 66 -34.93 -26.00 -22.71
C GLY F 66 -34.72 -26.99 -21.59
N LYS F 67 -34.70 -28.28 -21.88
CA LYS F 67 -34.38 -29.29 -20.89
C LYS F 67 -33.00 -29.90 -21.06
N ILE F 68 -32.12 -29.23 -21.82
CA ILE F 68 -30.73 -29.68 -21.94
C ILE F 68 -29.82 -28.97 -20.94
N ALA F 69 -30.37 -28.12 -20.08
CA ALA F 69 -29.56 -27.41 -19.10
C ALA F 69 -28.78 -28.38 -18.24
N GLY F 70 -27.51 -28.06 -18.00
CA GLY F 70 -26.65 -28.96 -17.25
C GLY F 70 -26.33 -30.25 -17.95
N ARG F 71 -26.18 -30.22 -19.27
CA ARG F 71 -25.82 -31.41 -20.04
C ARG F 71 -24.84 -31.00 -21.12
N ALA F 72 -24.35 -31.99 -21.87
CA ALA F 72 -23.44 -31.76 -22.97
C ALA F 72 -23.56 -32.91 -23.95
N VAL F 73 -23.03 -32.69 -25.15
CA VAL F 73 -23.04 -33.70 -26.20
C VAL F 73 -21.61 -33.99 -26.61
N LEU F 74 -21.28 -35.28 -26.71
CA LEU F 74 -19.98 -35.71 -27.17
C LEU F 74 -20.18 -36.73 -28.30
N ILE F 75 -19.58 -36.44 -29.45
CA ILE F 75 -19.79 -37.21 -30.67
C ILE F 75 -18.54 -38.07 -30.89
N ALA F 76 -18.67 -39.37 -30.70
CA ALA F 76 -17.58 -40.28 -30.93
C ALA F 76 -17.62 -40.83 -32.36
N GLY F 77 -16.47 -41.19 -32.88
CA GLY F 77 -16.35 -41.75 -34.21
C GLY F 77 -14.95 -41.57 -34.75
N GLN F 78 -14.57 -42.47 -35.67
CA GLN F 78 -13.26 -42.43 -36.26
C GLN F 78 -13.11 -41.17 -37.12
N PRO F 79 -11.88 -40.76 -37.39
CA PRO F 79 -11.67 -39.52 -38.15
C PRO F 79 -12.30 -39.63 -39.54
N GLY F 80 -12.82 -38.51 -40.03
CA GLY F 80 -13.40 -38.46 -41.35
C GLY F 80 -14.81 -39.00 -41.44
N THR F 81 -15.59 -38.93 -40.37
CA THR F 81 -16.98 -39.36 -40.39
C THR F 81 -17.96 -38.22 -40.17
N GLY F 82 -17.51 -36.98 -40.33
CA GLY F 82 -18.43 -35.86 -40.25
C GLY F 82 -18.78 -35.39 -38.85
N LYS F 83 -17.89 -35.60 -37.87
CA LYS F 83 -18.19 -35.17 -36.52
C LYS F 83 -18.38 -33.66 -36.44
N THR F 84 -17.51 -32.91 -37.12
CA THR F 84 -17.67 -31.46 -37.16
C THR F 84 -18.84 -31.05 -38.05
N ALA F 85 -19.11 -31.82 -39.10
CA ALA F 85 -20.23 -31.50 -39.98
C ALA F 85 -21.56 -31.57 -39.24
N ILE F 86 -21.75 -32.57 -38.38
CA ILE F 86 -23.00 -32.68 -37.63
C ILE F 86 -23.15 -31.50 -36.68
N ALA F 87 -22.06 -31.11 -36.01
CA ALA F 87 -22.14 -29.96 -35.12
C ALA F 87 -22.45 -28.67 -35.88
N MET F 88 -21.83 -28.47 -37.04
CA MET F 88 -22.14 -27.29 -37.84
C MET F 88 -23.60 -27.31 -38.30
N GLY F 89 -24.09 -28.48 -38.70
CA GLY F 89 -25.48 -28.58 -39.10
C GLY F 89 -26.43 -28.27 -37.96
N MET F 90 -26.11 -28.75 -36.76
CA MET F 90 -26.95 -28.43 -35.61
C MET F 90 -26.92 -26.94 -35.30
N ALA F 91 -25.74 -26.33 -35.39
CA ALA F 91 -25.64 -24.89 -35.15
C ALA F 91 -26.49 -24.12 -36.16
N GLN F 92 -26.44 -24.53 -37.44
CA GLN F 92 -27.27 -23.88 -38.44
C GLN F 92 -28.75 -24.09 -38.16
N ALA F 93 -29.14 -25.32 -37.78
CA ALA F 93 -30.54 -25.61 -37.53
C ALA F 93 -31.08 -24.85 -36.34
N LEU F 94 -30.25 -24.58 -35.32
CA LEU F 94 -30.71 -23.80 -34.18
C LEU F 94 -31.16 -22.41 -34.62
N GLY F 95 -30.45 -21.81 -35.56
CA GLY F 95 -30.77 -20.49 -36.05
C GLY F 95 -29.87 -20.08 -37.19
N PRO F 96 -30.38 -19.25 -38.09
CA PRO F 96 -29.57 -18.83 -39.24
C PRO F 96 -28.33 -18.05 -38.87
N ASP F 97 -28.31 -17.43 -37.68
CA ASP F 97 -27.16 -16.65 -37.24
C ASP F 97 -26.66 -17.08 -35.86
N THR F 98 -26.91 -18.33 -35.48
CA THR F 98 -26.43 -18.82 -34.19
C THR F 98 -24.92 -19.02 -34.23
N PRO F 99 -24.18 -18.47 -33.27
CA PRO F 99 -22.71 -18.59 -33.32
C PRO F 99 -22.26 -20.05 -33.26
N PHE F 100 -21.20 -20.35 -33.98
CA PHE F 100 -20.55 -21.65 -33.96
C PHE F 100 -19.06 -21.46 -33.78
N THR F 101 -18.47 -22.11 -32.78
CA THR F 101 -17.05 -21.97 -32.46
C THR F 101 -16.44 -23.36 -32.37
N ALA F 102 -15.60 -23.70 -33.34
CA ALA F 102 -14.95 -24.99 -33.39
C ALA F 102 -13.47 -24.83 -33.03
N ILE F 103 -13.10 -25.36 -31.86
CA ILE F 103 -11.72 -25.32 -31.42
C ILE F 103 -11.25 -26.76 -31.18
N ALA F 104 -9.95 -26.92 -30.97
CA ALA F 104 -9.34 -28.21 -30.73
C ALA F 104 -8.82 -28.29 -29.29
N GLY F 105 -8.76 -29.52 -28.78
CA GLY F 105 -8.30 -29.72 -27.42
C GLY F 105 -6.90 -29.18 -27.20
N SER F 106 -6.00 -29.43 -28.16
CA SER F 106 -4.64 -28.91 -28.07
C SER F 106 -4.60 -27.40 -28.23
N GLU F 107 -5.70 -26.78 -28.66
CA GLU F 107 -5.74 -25.34 -28.89
C GLU F 107 -5.59 -24.53 -27.62
N ILE F 108 -5.75 -25.14 -26.44
CA ILE F 108 -5.78 -24.36 -25.20
C ILE F 108 -4.39 -24.22 -24.57
N PHE F 109 -3.54 -25.24 -24.65
CA PHE F 109 -2.18 -25.14 -24.12
C PHE F 109 -1.38 -24.27 -25.09
N SER F 110 -1.57 -22.98 -24.97
CA SER F 110 -0.95 -22.00 -25.85
C SER F 110 0.04 -21.15 -25.06
N LEU F 111 1.00 -20.58 -25.78
CA LEU F 111 2.08 -19.85 -25.12
C LEU F 111 1.63 -18.52 -24.55
N GLU F 112 0.74 -17.81 -25.25
CA GLU F 112 0.32 -16.49 -24.78
C GLU F 112 -0.69 -16.61 -23.64
N MET F 113 -1.71 -17.44 -23.81
CA MET F 113 -2.79 -17.56 -22.85
C MET F 113 -2.69 -18.87 -22.09
N SER F 114 -3.10 -18.83 -20.83
CA SER F 114 -3.27 -20.06 -20.07
C SER F 114 -4.55 -20.76 -20.49
N LYS F 115 -4.66 -22.04 -20.11
CA LYS F 115 -5.86 -22.79 -20.48
C LYS F 115 -7.11 -22.10 -19.96
N THR F 116 -7.01 -21.40 -18.83
CA THR F 116 -8.13 -20.63 -18.33
C THR F 116 -8.58 -19.59 -19.37
N GLU F 117 -7.64 -18.78 -19.84
CA GLU F 117 -7.98 -17.73 -20.79
C GLU F 117 -8.43 -18.33 -22.11
N ALA F 118 -7.78 -19.40 -22.57
CA ALA F 118 -8.17 -20.02 -23.83
C ALA F 118 -9.60 -20.53 -23.77
N LEU F 119 -9.97 -21.21 -22.70
CA LEU F 119 -11.33 -21.72 -22.59
C LEU F 119 -12.34 -20.59 -22.37
N THR F 120 -11.97 -19.54 -21.65
CA THR F 120 -12.86 -18.41 -21.50
C THR F 120 -13.15 -17.75 -22.85
N GLN F 121 -12.11 -17.56 -23.66
CA GLN F 121 -12.30 -17.01 -24.99
C GLN F 121 -13.15 -17.95 -25.84
N ALA F 122 -12.90 -19.25 -25.75
CA ALA F 122 -13.71 -20.20 -26.52
C ALA F 122 -15.17 -20.13 -26.15
N PHE F 123 -15.48 -20.01 -24.85
CA PHE F 123 -16.87 -19.88 -24.43
C PHE F 123 -17.47 -18.58 -24.94
N ARG F 124 -16.78 -17.45 -24.70
CA ARG F 124 -17.36 -16.17 -25.09
C ARG F 124 -17.48 -16.06 -26.60
N ARG F 125 -16.72 -16.84 -27.35
CA ARG F 125 -16.89 -16.89 -28.80
C ARG F 125 -18.23 -17.45 -29.20
N SER F 126 -18.85 -18.26 -28.34
CA SER F 126 -20.11 -18.91 -28.66
C SER F 126 -21.34 -18.14 -28.18
N ILE F 127 -21.17 -17.24 -27.22
CA ILE F 127 -22.28 -16.45 -26.69
C ILE F 127 -22.49 -15.28 -27.64
N GLY F 128 -23.50 -15.38 -28.49
CA GLY F 128 -23.79 -14.34 -29.47
C GLY F 128 -24.85 -13.38 -28.97
N VAL F 129 -24.72 -12.12 -29.37
CA VAL F 129 -25.65 -11.06 -29.01
C VAL F 129 -26.25 -10.51 -30.30
N ARG F 130 -27.56 -10.72 -30.48
CA ARG F 130 -28.28 -10.18 -31.62
C ARG F 130 -28.80 -8.80 -31.24
N ILE F 131 -28.10 -7.77 -31.71
CA ILE F 131 -28.41 -6.38 -31.39
C ILE F 131 -28.92 -5.70 -32.65
N LYS F 132 -30.07 -5.05 -32.54
CA LYS F 132 -30.64 -4.34 -33.68
C LYS F 132 -29.81 -3.11 -34.03
N GLU F 133 -29.86 -2.73 -35.30
CA GLU F 133 -29.07 -1.59 -35.78
C GLU F 133 -29.76 -1.01 -37.01
N GLU F 134 -30.39 0.15 -36.86
CA GLU F 134 -31.07 0.78 -37.98
C GLU F 134 -30.09 1.06 -39.11
N THR F 135 -30.54 0.81 -40.34
CA THR F 135 -29.71 1.01 -41.52
C THR F 135 -30.62 1.33 -42.71
N GLU F 136 -30.16 2.23 -43.56
CA GLU F 136 -30.93 2.63 -44.75
C GLU F 136 -30.46 1.87 -45.98
N ILE F 137 -30.82 0.59 -46.01
CA ILE F 137 -30.51 -0.27 -47.15
C ILE F 137 -31.09 0.35 -48.42
N ILE F 138 -30.22 0.62 -49.39
CA ILE F 138 -30.65 1.23 -50.65
C ILE F 138 -31.18 0.10 -51.53
N GLU F 139 -32.45 -0.22 -51.37
CA GLU F 139 -33.05 -1.38 -52.00
C GLU F 139 -34.20 -0.96 -52.91
N GLY F 140 -34.58 -1.85 -53.81
CA GLY F 140 -35.67 -1.62 -54.75
C GLY F 140 -35.64 -2.70 -55.81
N GLU F 141 -36.83 -3.14 -56.21
CA GLU F 141 -36.97 -4.17 -57.23
C GLU F 141 -36.55 -3.58 -58.56
N VAL F 142 -35.39 -4.00 -59.06
CA VAL F 142 -34.85 -3.43 -60.29
C VAL F 142 -35.81 -3.73 -61.43
N VAL F 143 -36.40 -2.68 -62.00
CA VAL F 143 -37.25 -2.81 -63.18
C VAL F 143 -36.43 -2.67 -64.45
N GLU F 144 -35.42 -1.81 -64.42
CA GLU F 144 -34.48 -1.64 -65.52
C GLU F 144 -33.07 -1.53 -64.94
N ILE F 145 -32.12 -2.19 -65.59
CA ILE F 145 -30.74 -2.19 -65.11
C ILE F 145 -30.01 -0.99 -65.71
N GLN F 146 -30.15 0.17 -65.06
CA GLN F 146 -29.49 1.37 -65.52
C GLN F 146 -28.01 1.33 -65.17
N ILE F 147 -27.17 1.75 -66.12
CA ILE F 147 -25.72 1.77 -65.95
C ILE F 147 -25.28 3.21 -65.75
N VAL F 158 -20.10 4.79 -63.28
CA VAL F 158 -21.08 5.36 -62.36
C VAL F 158 -22.31 5.83 -63.13
N GLY F 159 -23.48 5.69 -62.51
CA GLY F 159 -24.71 6.11 -63.15
C GLY F 159 -25.94 5.87 -62.30
N LYS F 160 -27.07 5.59 -62.94
CA LYS F 160 -28.35 5.43 -62.27
C LYS F 160 -28.73 3.95 -62.28
N LEU F 161 -29.82 3.62 -61.57
CA LEU F 161 -30.39 2.28 -61.63
C LEU F 161 -31.83 2.36 -61.15
N THR F 162 -32.78 2.16 -62.06
CA THR F 162 -34.18 2.22 -61.71
C THR F 162 -34.51 1.16 -60.66
N LEU F 163 -35.19 1.57 -59.60
CA LEU F 163 -35.58 0.68 -58.52
C LEU F 163 -37.01 1.01 -58.11
N LYS F 164 -37.82 -0.04 -57.91
CA LYS F 164 -39.23 0.12 -57.57
C LYS F 164 -39.52 -0.56 -56.24
N THR F 165 -40.28 0.12 -55.39
CA THR F 165 -40.74 -0.46 -54.14
C THR F 165 -42.20 -0.06 -53.89
N THR F 166 -42.80 -0.58 -52.82
CA THR F 166 -44.15 -0.17 -52.49
C THR F 166 -44.23 1.32 -52.18
N GLU F 167 -43.13 1.90 -51.72
CA GLU F 167 -43.06 3.32 -51.42
C GLU F 167 -43.15 4.17 -52.68
N MET F 168 -42.33 3.86 -53.68
CA MET F 168 -42.35 4.56 -54.95
C MET F 168 -41.36 3.88 -55.90
N GLU F 169 -41.21 4.44 -57.09
CA GLU F 169 -40.23 3.96 -58.08
C GLU F 169 -39.40 5.14 -58.55
N THR F 170 -38.08 4.95 -58.62
CA THR F 170 -37.18 5.97 -59.12
C THR F 170 -35.86 5.31 -59.52
N ILE F 171 -35.06 6.06 -60.27
CA ILE F 171 -33.79 5.55 -60.79
C ILE F 171 -32.68 5.79 -59.76
N TYR F 172 -32.57 4.87 -58.80
CA TYR F 172 -31.60 5.00 -57.72
C TYR F 172 -30.19 4.85 -58.28
N ASP F 173 -29.33 5.81 -57.97
CA ASP F 173 -27.99 5.86 -58.55
C ASP F 173 -27.06 4.86 -57.87
N LEU F 174 -26.19 4.24 -58.65
CA LEU F 174 -25.19 3.31 -58.15
C LEU F 174 -23.85 3.54 -58.84
N GLY F 175 -22.79 2.99 -58.25
CA GLY F 175 -21.48 3.04 -58.85
C GLY F 175 -21.25 1.93 -59.86
N THR F 176 -20.10 1.99 -60.52
CA THR F 176 -19.77 0.98 -61.52
C THR F 176 -19.64 -0.40 -60.88
N LYS F 177 -18.98 -0.47 -59.72
CA LYS F 177 -18.84 -1.74 -59.03
C LYS F 177 -20.16 -2.22 -58.44
N MET F 178 -21.03 -1.30 -58.01
CA MET F 178 -22.34 -1.73 -57.52
C MET F 178 -23.16 -2.39 -58.62
N ILE F 179 -23.17 -1.79 -59.82
CA ILE F 179 -23.86 -2.43 -60.94
C ILE F 179 -23.15 -3.71 -61.38
N GLU F 180 -21.82 -3.76 -61.28
CA GLU F 180 -21.11 -5.00 -61.60
C GLU F 180 -21.52 -6.13 -60.66
N SER F 181 -21.65 -5.82 -59.37
CA SER F 181 -22.18 -6.80 -58.42
C SER F 181 -23.64 -7.14 -58.67
N LEU F 182 -24.43 -6.16 -59.13
CA LEU F 182 -25.80 -6.45 -59.52
C LEU F 182 -25.84 -7.47 -60.65
N THR F 183 -24.97 -7.32 -61.64
CA THR F 183 -24.84 -8.33 -62.68
C THR F 183 -24.21 -9.62 -62.15
N LYS F 184 -23.38 -9.53 -61.10
CA LYS F 184 -22.86 -10.73 -60.47
C LYS F 184 -23.99 -11.58 -59.88
N ASP F 185 -24.94 -10.93 -59.21
CA ASP F 185 -26.15 -11.62 -58.77
C ASP F 185 -27.08 -11.82 -59.97
N LYS F 186 -28.08 -12.68 -59.78
CA LYS F 186 -29.02 -12.95 -60.87
C LYS F 186 -29.73 -11.67 -61.26
N VAL F 187 -29.75 -11.38 -62.55
CA VAL F 187 -30.29 -10.13 -63.08
C VAL F 187 -31.65 -10.41 -63.70
N GLN F 188 -32.65 -9.63 -63.32
CA GLN F 188 -32.45 -8.55 -62.37
C GLN F 188 -33.25 -8.75 -61.09
N ALA F 189 -33.38 -10.01 -60.67
CA ALA F 189 -34.06 -10.32 -59.42
C ALA F 189 -33.41 -9.57 -58.26
N GLY F 190 -34.23 -8.87 -57.48
CA GLY F 190 -33.71 -8.05 -56.40
C GLY F 190 -33.71 -6.59 -56.75
N ASP F 191 -32.74 -5.85 -56.24
CA ASP F 191 -31.72 -6.43 -55.37
C ASP F 191 -31.66 -5.67 -54.06
N VAL F 192 -31.25 -6.35 -52.99
CA VAL F 192 -31.14 -5.72 -51.68
C VAL F 192 -29.77 -5.09 -51.54
N ILE F 193 -29.63 -3.87 -52.05
CA ILE F 193 -28.36 -3.14 -51.97
C ILE F 193 -28.31 -2.40 -50.64
N THR F 194 -27.50 -2.89 -49.70
CA THR F 194 -27.36 -2.19 -48.43
C THR F 194 -26.74 -0.81 -48.66
N ILE F 195 -26.97 0.09 -47.70
CA ILE F 195 -26.65 1.50 -47.87
C ILE F 195 -25.19 1.65 -48.29
N ASP F 196 -24.98 2.21 -49.47
CA ASP F 196 -23.65 2.50 -50.00
C ASP F 196 -22.77 1.25 -49.94
N LYS F 197 -23.38 0.11 -50.22
CA LYS F 197 -22.73 -1.17 -50.03
C LYS F 197 -23.23 -2.13 -51.11
N ALA F 198 -22.99 -3.43 -50.91
CA ALA F 198 -23.27 -4.43 -51.93
C ALA F 198 -24.76 -4.72 -52.02
N THR F 199 -25.12 -5.53 -53.01
CA THR F 199 -26.51 -5.89 -53.30
C THR F 199 -26.75 -7.37 -53.02
N GLY F 200 -27.98 -7.80 -53.28
CA GLY F 200 -28.36 -9.19 -53.09
C GLY F 200 -29.54 -9.61 -53.95
N LYS F 201 -29.46 -10.79 -54.56
CA LYS F 201 -30.52 -11.27 -55.43
C LYS F 201 -31.68 -11.81 -54.58
N ILE F 202 -32.89 -11.33 -54.84
CA ILE F 202 -34.07 -11.84 -54.16
C ILE F 202 -35.09 -12.33 -55.19
N SER F 203 -35.61 -11.42 -56.00
CA SER F 203 -36.57 -11.77 -57.04
C SER F 203 -36.96 -10.52 -57.81
N LYS F 204 -37.46 -10.71 -59.01
CA LYS F 204 -37.93 -9.60 -59.84
C LYS F 204 -39.17 -9.99 -60.64
N CYS F 227 -39.26 -10.30 -54.80
CA CYS F 227 -39.24 -8.88 -55.10
C CYS F 227 -39.22 -8.04 -53.82
N PRO F 228 -38.03 -7.70 -53.35
CA PRO F 228 -37.93 -6.86 -52.14
C PRO F 228 -38.71 -5.56 -52.29
N ASP F 229 -39.67 -5.33 -51.40
CA ASP F 229 -40.53 -4.16 -51.51
C ASP F 229 -40.66 -3.46 -50.15
N GLY F 230 -41.60 -2.52 -50.05
CA GLY F 230 -41.75 -1.77 -48.82
C GLY F 230 -41.35 -0.32 -49.03
N GLU F 231 -40.36 0.14 -48.28
CA GLU F 231 -39.83 1.49 -48.43
C GLU F 231 -38.53 1.45 -49.21
N LEU F 232 -38.34 2.43 -50.10
CA LEU F 232 -37.05 2.58 -50.75
C LEU F 232 -35.96 2.79 -49.71
N GLN F 233 -36.30 3.49 -48.62
CA GLN F 233 -35.55 3.43 -47.36
C GLN F 233 -36.21 2.43 -46.41
N LYS F 234 -35.82 1.17 -46.58
CA LYS F 234 -36.09 0.19 -45.55
C LYS F 234 -35.17 0.48 -44.37
N ARG F 235 -35.68 1.25 -43.40
CA ARG F 235 -34.88 1.64 -42.25
C ARG F 235 -34.96 0.49 -41.27
N LYS F 236 -34.40 -0.64 -41.67
CA LYS F 236 -34.49 -1.89 -40.95
C LYS F 236 -33.32 -2.01 -39.98
N GLU F 237 -33.66 -2.18 -38.71
CA GLU F 237 -32.65 -2.37 -37.67
C GLU F 237 -32.09 -3.79 -37.81
N VAL F 238 -30.99 -3.92 -38.53
CA VAL F 238 -30.37 -5.21 -38.77
C VAL F 238 -29.95 -5.78 -37.42
N VAL F 239 -30.35 -7.01 -37.14
CA VAL F 239 -30.03 -7.65 -35.88
C VAL F 239 -28.66 -8.31 -36.01
N HIS F 240 -27.62 -7.54 -35.76
CA HIS F 240 -26.26 -8.06 -35.88
C HIS F 240 -25.94 -8.99 -34.72
N THR F 241 -25.48 -10.20 -35.05
CA THR F 241 -25.10 -11.17 -34.03
C THR F 241 -23.60 -11.00 -33.76
N VAL F 242 -23.28 -10.29 -32.69
CA VAL F 242 -21.90 -10.05 -32.28
C VAL F 242 -21.63 -10.87 -31.03
N SER F 243 -20.66 -11.78 -31.12
CA SER F 243 -20.29 -12.58 -29.97
C SER F 243 -19.59 -11.73 -28.91
N LEU F 244 -19.70 -12.16 -27.65
CA LEU F 244 -19.10 -11.44 -26.54
C LEU F 244 -17.62 -11.16 -26.81
N HIS F 245 -16.93 -12.15 -27.39
CA HIS F 245 -15.50 -11.98 -27.66
C HIS F 245 -15.27 -10.89 -28.70
N GLU F 246 -16.18 -10.77 -29.68
CA GLU F 246 -16.05 -9.72 -30.67
C GLU F 246 -16.11 -8.34 -30.02
N ILE F 247 -17.07 -8.13 -29.11
CA ILE F 247 -17.16 -6.86 -28.40
C ILE F 247 -15.92 -6.64 -27.55
N ASP F 248 -15.45 -7.69 -26.88
CA ASP F 248 -14.27 -7.57 -26.03
C ASP F 248 -13.06 -7.13 -26.85
N VAL F 249 -12.84 -7.75 -28.01
CA VAL F 249 -11.71 -7.39 -28.85
C VAL F 249 -11.88 -5.98 -29.40
N ILE F 250 -13.13 -5.60 -29.72
CA ILE F 250 -13.38 -4.25 -30.21
C ILE F 250 -12.95 -3.22 -29.17
N ASN F 251 -13.37 -3.41 -27.93
CA ASN F 251 -12.99 -2.45 -26.88
C ASN F 251 -11.47 -2.43 -26.67
N SER F 252 -10.83 -3.59 -26.67
CA SER F 252 -9.40 -3.66 -26.49
C SER F 252 -8.67 -3.05 -27.69
N PHE F 257 -1.84 -4.22 -37.52
CA PHE F 257 -2.38 -5.35 -38.25
C PHE F 257 -1.41 -6.53 -38.27
N LEU F 258 -0.22 -6.32 -37.69
CA LEU F 258 0.75 -7.39 -37.46
C LEU F 258 0.76 -7.83 -36.01
N ALA F 259 -0.32 -7.56 -35.28
CA ALA F 259 -0.35 -7.90 -33.85
C ALA F 259 -0.03 -9.36 -33.60
N LEU F 260 -0.50 -10.25 -34.48
CA LEU F 260 -0.21 -11.67 -34.31
C LEU F 260 1.28 -11.96 -34.45
N PHE F 261 2.02 -11.05 -35.08
CA PHE F 261 3.45 -11.23 -35.33
C PHE F 261 4.28 -10.29 -34.47
N SER F 262 3.67 -9.24 -33.95
CA SER F 262 4.37 -8.28 -33.10
C SER F 262 3.48 -7.08 -32.77
N GLU F 267 -4.78 -11.54 -21.66
CA GLU F 267 -4.36 -10.85 -22.88
C GLU F 267 -5.12 -9.54 -23.06
N ILE F 268 -6.24 -9.42 -22.36
CA ILE F 268 -7.09 -8.24 -22.44
C ILE F 268 -7.36 -7.62 -21.07
N LYS F 269 -6.58 -7.98 -20.06
CA LYS F 269 -6.82 -7.52 -18.68
C LYS F 269 -8.19 -8.09 -18.27
N SER F 270 -8.94 -7.41 -17.41
CA SER F 270 -10.26 -7.88 -17.01
C SER F 270 -11.27 -6.76 -17.03
N GLU F 271 -10.80 -5.52 -16.95
CA GLU F 271 -11.71 -4.38 -16.92
C GLU F 271 -12.50 -4.27 -18.21
N VAL F 272 -11.84 -4.50 -19.35
CA VAL F 272 -12.55 -4.51 -20.63
C VAL F 272 -13.63 -5.59 -20.62
N ARG F 273 -13.30 -6.76 -20.06
CA ARG F 273 -14.27 -7.84 -19.99
C ARG F 273 -15.48 -7.42 -19.16
N GLU F 274 -15.24 -6.81 -18.00
CA GLU F 274 -16.33 -6.40 -17.12
C GLU F 274 -17.21 -5.36 -17.80
N GLN F 275 -16.58 -4.38 -18.46
CA GLN F 275 -17.35 -3.37 -19.17
C GLN F 275 -18.18 -4.00 -20.29
N ILE F 276 -17.59 -4.95 -21.01
CA ILE F 276 -18.33 -5.62 -22.08
C ILE F 276 -19.55 -6.33 -21.51
N ASN F 277 -19.37 -7.06 -20.42
CA ASN F 277 -20.48 -7.78 -19.81
C ASN F 277 -21.58 -6.81 -19.37
N ALA F 278 -21.19 -5.74 -18.68
CA ALA F 278 -22.17 -4.78 -18.21
C ALA F 278 -22.96 -4.17 -19.37
N LYS F 279 -22.25 -3.72 -20.40
CA LYS F 279 -22.90 -3.07 -21.53
C LYS F 279 -23.83 -4.04 -22.26
N VAL F 280 -23.38 -5.27 -22.48
CA VAL F 280 -24.20 -6.26 -23.18
C VAL F 280 -25.45 -6.58 -22.38
N ALA F 281 -25.29 -6.76 -21.08
CA ALA F 281 -26.43 -7.03 -20.21
C ALA F 281 -27.43 -5.88 -20.26
N GLU F 282 -26.91 -4.64 -20.22
CA GLU F 282 -27.78 -3.48 -20.29
C GLU F 282 -28.57 -3.46 -21.58
N TRP F 283 -27.88 -3.64 -22.71
CA TRP F 283 -28.58 -3.62 -24.00
C TRP F 283 -29.63 -4.73 -24.08
N ARG F 284 -29.27 -5.93 -23.64
CA ARG F 284 -30.21 -7.05 -23.72
C ARG F 284 -31.44 -6.78 -22.85
N GLU F 285 -31.23 -6.25 -21.65
CA GLU F 285 -32.34 -5.94 -20.77
C GLU F 285 -33.26 -4.87 -21.39
N GLU F 286 -32.65 -3.82 -21.94
CA GLU F 286 -33.43 -2.74 -22.55
C GLU F 286 -34.31 -3.25 -23.68
N GLY F 287 -33.87 -4.31 -24.34
CA GLY F 287 -34.55 -4.83 -25.52
C GLY F 287 -33.84 -4.54 -26.81
N LYS F 288 -32.65 -3.95 -26.77
CA LYS F 288 -31.89 -3.66 -27.99
C LYS F 288 -31.12 -4.89 -28.45
N ALA F 289 -30.46 -5.58 -27.51
CA ALA F 289 -29.70 -6.78 -27.81
C ALA F 289 -30.53 -8.02 -27.43
N GLU F 290 -30.03 -9.18 -27.83
CA GLU F 290 -30.72 -10.44 -27.56
C GLU F 290 -29.65 -11.53 -27.41
N ILE F 291 -29.31 -11.84 -26.16
CA ILE F 291 -28.30 -12.86 -25.90
C ILE F 291 -28.84 -14.22 -26.31
N ILE F 292 -28.25 -14.80 -27.34
CA ILE F 292 -28.64 -16.10 -27.86
C ILE F 292 -27.45 -17.05 -27.75
N PRO F 293 -27.44 -17.92 -26.75
CA PRO F 293 -26.34 -18.89 -26.63
C PRO F 293 -26.23 -19.74 -27.89
N GLY F 294 -25.00 -19.97 -28.33
CA GLY F 294 -24.76 -20.74 -29.53
C GLY F 294 -24.31 -22.16 -29.24
N VAL F 295 -23.37 -22.65 -30.04
CA VAL F 295 -22.83 -24.00 -29.87
C VAL F 295 -21.31 -23.90 -29.86
N LEU F 296 -20.67 -24.52 -28.88
CA LEU F 296 -19.23 -24.56 -28.77
C LEU F 296 -18.75 -25.98 -29.04
N PHE F 297 -17.89 -26.13 -30.03
CA PHE F 297 -17.40 -27.44 -30.46
C PHE F 297 -15.92 -27.55 -30.10
N ILE F 298 -15.56 -28.61 -29.37
CA ILE F 298 -14.19 -28.84 -28.94
C ILE F 298 -13.77 -30.19 -29.52
N ASP F 299 -13.11 -30.16 -30.68
CA ASP F 299 -12.55 -31.37 -31.25
C ASP F 299 -11.35 -31.82 -30.40
N GLU F 300 -11.03 -33.10 -30.51
CA GLU F 300 -9.90 -33.67 -29.77
C GLU F 300 -10.06 -33.42 -28.27
N VAL F 301 -11.25 -33.77 -27.75
CA VAL F 301 -11.55 -33.51 -26.34
C VAL F 301 -10.61 -34.30 -25.45
N HIS F 302 -10.13 -35.45 -25.91
CA HIS F 302 -9.22 -36.25 -25.10
C HIS F 302 -7.95 -35.50 -24.75
N MET F 303 -7.57 -34.50 -25.55
CA MET F 303 -6.35 -33.73 -25.27
C MET F 303 -6.52 -32.88 -24.02
N LEU F 304 -7.74 -32.50 -23.68
CA LEU F 304 -7.98 -31.69 -22.50
C LEU F 304 -7.60 -32.47 -21.25
N ASP F 305 -7.13 -31.75 -20.23
CA ASP F 305 -6.70 -32.34 -18.97
C ASP F 305 -7.79 -32.19 -17.92
N ILE F 306 -7.48 -32.67 -16.71
CA ILE F 306 -8.48 -32.65 -15.64
C ILE F 306 -8.80 -31.22 -15.22
N GLU F 307 -7.79 -30.35 -15.16
CA GLU F 307 -8.01 -28.96 -14.74
C GLU F 307 -8.94 -28.22 -15.69
N SER F 308 -8.78 -28.39 -17.00
CA SER F 308 -9.69 -27.75 -17.95
C SER F 308 -11.07 -28.39 -17.90
N PHE F 309 -11.13 -29.69 -17.62
CA PHE F 309 -12.42 -30.34 -17.48
C PHE F 309 -13.20 -29.77 -16.30
N SER F 310 -12.50 -29.49 -15.19
CA SER F 310 -13.17 -28.86 -14.06
C SER F 310 -13.70 -27.48 -14.42
N PHE F 311 -12.93 -26.70 -15.18
CA PHE F 311 -13.41 -25.39 -15.59
C PHE F 311 -14.60 -25.51 -16.52
N LEU F 312 -14.59 -26.51 -17.40
CA LEU F 312 -15.75 -26.75 -18.26
C LEU F 312 -16.98 -27.07 -17.42
N ASN F 313 -16.80 -27.91 -16.41
CA ASN F 313 -17.90 -28.25 -15.52
C ASN F 313 -18.45 -27.01 -14.83
N ARG F 314 -17.54 -26.15 -14.34
CA ARG F 314 -17.96 -24.91 -13.68
C ARG F 314 -18.72 -24.01 -14.64
N ALA F 315 -18.21 -23.84 -15.86
CA ALA F 315 -18.84 -22.97 -16.84
C ALA F 315 -20.18 -23.48 -17.32
N LEU F 316 -20.38 -24.80 -17.36
CA LEU F 316 -21.67 -25.35 -17.73
C LEU F 316 -22.75 -25.00 -16.73
N GLU F 317 -22.37 -24.53 -15.54
CA GLU F 317 -23.33 -24.18 -14.49
C GLU F 317 -24.00 -22.84 -14.72
N SER F 318 -23.42 -21.97 -15.55
CA SER F 318 -23.96 -20.64 -15.73
C SER F 318 -25.22 -20.67 -16.59
N ASP F 319 -25.99 -19.58 -16.50
CA ASP F 319 -27.21 -19.46 -17.29
C ASP F 319 -26.92 -19.14 -18.75
N MET F 320 -25.82 -18.44 -19.03
CA MET F 320 -25.45 -18.07 -20.38
C MET F 320 -24.69 -19.16 -21.12
N ALA F 321 -24.46 -20.30 -20.48
CA ALA F 321 -23.61 -21.32 -21.07
C ALA F 321 -24.20 -21.80 -22.39
N PRO F 322 -23.42 -21.86 -23.46
CA PRO F 322 -23.91 -22.41 -24.72
C PRO F 322 -23.89 -23.93 -24.71
N VAL F 323 -24.60 -24.52 -25.67
CA VAL F 323 -24.60 -25.96 -25.82
C VAL F 323 -23.18 -26.42 -26.13
N LEU F 324 -22.68 -27.36 -25.33
CA LEU F 324 -21.31 -27.82 -25.46
C LEU F 324 -21.27 -29.14 -26.23
N ILE F 325 -20.53 -29.18 -27.31
CA ILE F 325 -20.33 -30.38 -28.11
C ILE F 325 -18.85 -30.69 -28.16
N MET F 326 -18.51 -31.95 -27.91
CA MET F 326 -17.14 -32.42 -27.95
C MET F 326 -17.06 -33.64 -28.87
N ALA F 327 -15.88 -33.84 -29.46
CA ALA F 327 -15.65 -34.95 -30.36
C ALA F 327 -14.39 -35.69 -29.95
N THR F 328 -14.46 -37.01 -29.94
CA THR F 328 -13.35 -37.84 -29.53
C THR F 328 -13.36 -39.13 -30.33
N ASN F 329 -12.18 -39.73 -30.49
CA ASN F 329 -12.06 -40.96 -31.26
C ASN F 329 -11.10 -41.95 -30.63
N ARG F 330 -10.98 -41.96 -29.30
CA ARG F 330 -10.02 -42.86 -28.67
C ARG F 330 -10.68 -43.96 -27.87
N GLY F 331 -11.46 -43.59 -26.86
CA GLY F 331 -12.04 -44.58 -25.98
C GLY F 331 -11.03 -45.13 -25.01
N ILE F 332 -11.43 -45.32 -23.76
CA ILE F 332 -10.59 -45.95 -22.73
C ILE F 332 -9.18 -45.37 -22.76
N THR F 333 -9.07 -44.05 -22.71
CA THR F 333 -7.77 -43.37 -22.72
C THR F 333 -7.55 -42.68 -21.39
N ARG F 334 -6.32 -42.77 -20.88
CA ARG F 334 -5.99 -42.16 -19.59
C ARG F 334 -6.22 -40.66 -19.65
N ILE F 335 -6.88 -40.14 -18.62
CA ILE F 335 -7.10 -38.69 -18.54
C ILE F 335 -5.76 -37.99 -18.57
N ARG F 336 -5.67 -36.91 -19.33
CA ARG F 336 -4.39 -36.23 -19.48
C ARG F 336 -3.82 -35.85 -18.12
N GLY F 337 -4.66 -35.26 -17.27
CA GLY F 337 -4.29 -35.13 -15.87
C GLY F 337 -4.54 -36.43 -15.12
N THR F 338 -3.87 -36.57 -13.98
CA THR F 338 -4.03 -37.76 -13.17
C THR F 338 -3.53 -38.99 -13.93
N SER F 339 -3.75 -40.18 -13.38
CA SER F 339 -3.25 -41.41 -13.96
C SER F 339 -4.33 -42.49 -13.93
N TYR F 340 -5.55 -42.11 -14.28
CA TYR F 340 -6.70 -43.02 -14.21
C TYR F 340 -7.31 -43.14 -15.60
N GLN F 341 -7.45 -44.37 -16.08
CA GLN F 341 -8.05 -44.61 -17.39
C GLN F 341 -9.56 -44.43 -17.32
N SER F 342 -10.13 -43.84 -18.37
CA SER F 342 -11.56 -43.60 -18.44
C SER F 342 -11.96 -43.48 -19.90
N PRO F 343 -13.22 -43.78 -20.23
CA PRO F 343 -13.65 -43.69 -21.63
C PRO F 343 -13.41 -42.31 -22.21
N HIS F 344 -12.89 -42.28 -23.44
CA HIS F 344 -12.59 -41.04 -24.15
C HIS F 344 -11.80 -40.05 -23.30
N GLY F 345 -11.09 -40.54 -22.28
CA GLY F 345 -10.26 -39.67 -21.48
C GLY F 345 -11.01 -38.52 -20.84
N ILE F 346 -12.22 -38.74 -20.39
CA ILE F 346 -13.02 -37.70 -19.76
C ILE F 346 -13.36 -38.13 -18.33
N PRO F 347 -13.20 -37.26 -17.34
CA PRO F 347 -13.54 -37.65 -15.97
C PRO F 347 -15.02 -38.02 -15.87
N ILE F 348 -15.30 -39.02 -15.05
CA ILE F 348 -16.64 -39.58 -15.00
C ILE F 348 -17.65 -38.53 -14.54
N ASP F 349 -17.21 -37.55 -13.75
CA ASP F 349 -18.14 -36.52 -13.28
C ASP F 349 -18.80 -35.82 -14.46
N LEU F 350 -18.08 -35.66 -15.57
CA LEU F 350 -18.64 -35.07 -16.77
C LEU F 350 -19.25 -36.10 -17.69
N LEU F 351 -18.75 -37.34 -17.67
CA LEU F 351 -19.30 -38.38 -18.54
C LEU F 351 -20.71 -38.78 -18.11
N ASP F 352 -21.01 -38.69 -16.80
CA ASP F 352 -22.33 -39.07 -16.33
C ASP F 352 -23.42 -38.27 -17.03
N ARG F 353 -23.27 -36.95 -17.07
CA ARG F 353 -24.21 -36.08 -17.77
C ARG F 353 -23.67 -35.73 -19.16
N LEU F 354 -23.64 -36.73 -20.03
CA LEU F 354 -23.20 -36.54 -21.40
C LEU F 354 -24.14 -37.30 -22.32
N LEU F 355 -24.61 -36.63 -23.37
CA LEU F 355 -25.41 -37.27 -24.41
C LEU F 355 -24.47 -37.70 -25.53
N ILE F 356 -24.27 -39.00 -25.67
CA ILE F 356 -23.24 -39.55 -26.55
C ILE F 356 -23.88 -39.88 -27.89
N VAL F 357 -23.24 -39.42 -28.97
CA VAL F 357 -23.67 -39.70 -30.33
C VAL F 357 -22.49 -40.29 -31.08
N SER F 358 -22.70 -41.42 -31.75
CA SER F 358 -21.65 -42.15 -32.44
C SER F 358 -21.85 -42.03 -33.94
N THR F 359 -20.83 -41.53 -34.63
CA THR F 359 -20.88 -41.42 -36.09
C THR F 359 -20.31 -42.68 -36.73
N THR F 360 -21.14 -43.36 -37.51
CA THR F 360 -20.71 -44.59 -38.16
C THR F 360 -19.72 -44.27 -39.28
N PRO F 361 -18.88 -45.24 -39.68
CA PRO F 361 -17.98 -45.01 -40.80
C PRO F 361 -18.77 -44.84 -42.09
N TYR F 362 -18.06 -44.36 -43.12
CA TYR F 362 -18.68 -43.94 -44.37
C TYR F 362 -18.67 -45.07 -45.39
N SER F 363 -19.68 -45.10 -46.24
CA SER F 363 -19.76 -46.05 -47.34
C SER F 363 -19.53 -45.33 -48.67
N GLU F 364 -19.32 -46.14 -49.71
CA GLU F 364 -18.81 -45.61 -50.98
C GLU F 364 -19.74 -44.55 -51.57
N LYS F 365 -21.05 -44.83 -51.60
CA LYS F 365 -21.97 -43.93 -52.29
C LYS F 365 -22.05 -42.57 -51.59
N ASP F 366 -22.11 -42.58 -50.26
CA ASP F 366 -22.12 -41.32 -49.53
C ASP F 366 -20.81 -40.56 -49.72
N THR F 367 -19.69 -41.27 -49.75
CA THR F 367 -18.42 -40.62 -50.00
C THR F 367 -18.41 -39.94 -51.37
N LYS F 368 -18.93 -40.64 -52.38
CA LYS F 368 -18.97 -40.06 -53.72
C LYS F 368 -19.89 -38.84 -53.76
N GLN F 369 -21.03 -38.91 -53.08
CA GLN F 369 -21.92 -37.75 -53.00
C GLN F 369 -21.23 -36.58 -52.33
N ILE F 370 -20.50 -36.84 -51.25
CA ILE F 370 -19.79 -35.79 -50.53
C ILE F 370 -18.75 -35.15 -51.44
N LEU F 371 -18.01 -35.98 -52.18
CA LEU F 371 -17.04 -35.44 -53.12
C LEU F 371 -17.71 -34.62 -54.20
N ARG F 372 -18.85 -35.10 -54.72
CA ARG F 372 -19.60 -34.32 -55.71
C ARG F 372 -19.91 -32.93 -55.17
N ILE F 373 -20.43 -32.87 -53.94
CA ILE F 373 -20.76 -31.58 -53.34
C ILE F 373 -19.52 -30.71 -53.23
N ARG F 374 -18.42 -31.30 -52.76
CA ARG F 374 -17.21 -30.50 -52.55
C ARG F 374 -16.67 -29.94 -53.86
N CYS F 375 -16.61 -30.76 -54.91
CA CYS F 375 -16.20 -30.23 -56.21
C CYS F 375 -17.14 -29.16 -56.71
N GLU F 376 -18.45 -29.33 -56.48
CA GLU F 376 -19.39 -28.26 -56.80
C GLU F 376 -19.00 -26.98 -56.06
N GLU F 377 -18.46 -27.11 -54.85
CA GLU F 377 -18.06 -25.93 -54.09
C GLU F 377 -16.78 -25.33 -54.63
N GLU F 378 -15.87 -26.16 -55.14
CA GLU F 378 -14.57 -25.68 -55.59
C GLU F 378 -14.49 -25.47 -57.10
N ASP F 379 -15.63 -25.45 -57.79
CA ASP F 379 -15.67 -25.08 -59.21
C ASP F 379 -14.78 -25.98 -60.06
N VAL F 380 -14.79 -27.28 -59.76
CA VAL F 380 -13.96 -28.25 -60.47
C VAL F 380 -14.89 -29.29 -61.10
N GLU F 381 -14.68 -29.56 -62.39
CA GLU F 381 -15.39 -30.63 -63.09
C GLU F 381 -14.52 -31.87 -63.11
N MET F 382 -15.12 -33.02 -62.82
CA MET F 382 -14.39 -34.27 -62.68
C MET F 382 -14.97 -35.32 -63.61
N SER F 383 -14.09 -36.17 -64.13
CA SER F 383 -14.52 -37.32 -64.90
C SER F 383 -15.08 -38.39 -63.96
N GLU F 384 -16.05 -39.16 -64.47
CA GLU F 384 -16.68 -40.18 -63.63
C GLU F 384 -15.66 -41.21 -63.14
N ASP F 385 -14.75 -41.64 -64.01
CA ASP F 385 -13.67 -42.51 -63.55
C ASP F 385 -12.84 -41.84 -62.47
N ALA F 386 -12.59 -40.53 -62.65
CA ALA F 386 -11.87 -39.78 -61.61
C ALA F 386 -12.66 -39.78 -60.31
N TYR F 387 -13.98 -39.63 -60.39
CA TYR F 387 -14.79 -39.68 -59.18
C TYR F 387 -14.70 -41.04 -58.49
N THR F 388 -14.76 -42.12 -59.27
CA THR F 388 -14.64 -43.44 -58.66
C THR F 388 -13.27 -43.65 -58.02
N VAL F 389 -12.20 -43.22 -58.69
CA VAL F 389 -10.87 -43.38 -58.10
C VAL F 389 -10.74 -42.56 -56.83
N LEU F 390 -11.27 -41.33 -56.83
CA LEU F 390 -11.24 -40.52 -55.62
C LEU F 390 -12.05 -41.17 -54.50
N THR F 391 -13.18 -41.78 -54.84
CA THR F 391 -13.98 -42.46 -53.83
C THR F 391 -13.20 -43.63 -53.22
N ARG F 392 -12.54 -44.43 -54.07
CA ARG F 392 -11.78 -45.56 -53.55
C ARG F 392 -10.61 -45.06 -52.70
N ILE F 393 -9.99 -43.95 -53.10
CA ILE F 393 -8.93 -43.36 -52.29
C ILE F 393 -9.47 -42.93 -50.94
N GLY F 394 -10.60 -42.23 -50.94
CA GLY F 394 -11.18 -41.76 -49.69
C GLY F 394 -11.60 -42.90 -48.78
N LEU F 395 -11.92 -44.06 -49.37
CA LEU F 395 -12.17 -45.23 -48.53
C LEU F 395 -10.86 -45.82 -48.00
N GLU F 396 -9.81 -45.85 -48.82
CA GLU F 396 -8.54 -46.41 -48.36
C GLU F 396 -7.79 -45.43 -47.45
N THR F 397 -8.01 -44.13 -47.64
CA THR F 397 -7.37 -43.11 -46.83
C THR F 397 -8.43 -42.19 -46.25
N SER F 398 -8.03 -41.08 -45.63
CA SER F 398 -8.99 -40.18 -45.04
C SER F 398 -9.70 -39.36 -46.10
N LEU F 399 -10.93 -38.95 -45.78
CA LEU F 399 -11.67 -38.05 -46.66
C LEU F 399 -10.93 -36.74 -46.85
N ARG F 400 -10.34 -36.25 -45.76
CA ARG F 400 -9.58 -34.98 -45.85
C ARG F 400 -8.47 -35.01 -46.95
N TYR F 401 -7.73 -36.11 -46.98
CA TYR F 401 -6.74 -36.26 -48.04
C TYR F 401 -7.40 -36.23 -49.42
N ALA F 402 -8.55 -36.88 -49.54
CA ALA F 402 -9.26 -36.87 -50.82
C ALA F 402 -9.63 -35.45 -51.22
N ILE F 403 -10.12 -34.65 -50.27
CA ILE F 403 -10.46 -33.27 -50.57
C ILE F 403 -9.21 -32.48 -50.94
N GLN F 404 -8.12 -32.67 -50.20
CA GLN F 404 -6.86 -32.03 -50.54
C GLN F 404 -6.48 -32.34 -51.99
N LEU F 405 -6.69 -33.59 -52.41
CA LEU F 405 -6.30 -34.01 -53.75
C LEU F 405 -6.94 -33.12 -54.82
N ILE F 406 -8.16 -32.63 -54.54
CA ILE F 406 -8.95 -31.95 -55.57
C ILE F 406 -8.27 -30.67 -56.04
N THR F 407 -7.87 -29.82 -55.10
CA THR F 407 -7.28 -28.54 -55.47
C THR F 407 -5.98 -28.73 -56.25
N ALA F 408 -5.13 -29.66 -55.81
CA ALA F 408 -3.91 -29.94 -56.54
C ALA F 408 -4.19 -30.49 -57.93
N ALA F 409 -5.20 -31.36 -58.06
CA ALA F 409 -5.57 -31.86 -59.38
C ALA F 409 -6.05 -30.74 -60.29
N SER F 410 -6.73 -29.74 -59.72
CA SER F 410 -7.18 -28.61 -60.54
C SER F 410 -6.00 -27.88 -61.17
N LEU F 411 -4.98 -27.58 -60.38
CA LEU F 411 -3.81 -26.90 -60.92
C LEU F 411 -3.03 -27.80 -61.87
N VAL F 412 -2.98 -29.10 -61.59
CA VAL F 412 -2.32 -30.03 -62.52
C VAL F 412 -3.04 -30.00 -63.87
N CYS F 413 -4.36 -29.99 -63.85
CA CYS F 413 -5.13 -29.89 -65.08
C CYS F 413 -4.84 -28.59 -65.81
N ARG F 414 -4.82 -27.47 -65.07
CA ARG F 414 -4.52 -26.19 -65.71
C ARG F 414 -3.10 -26.13 -66.26
N LYS F 415 -2.18 -26.94 -65.72
CA LYS F 415 -0.82 -26.94 -66.25
C LYS F 415 -0.81 -27.35 -67.71
N ARG F 416 -1.58 -28.40 -68.06
CA ARG F 416 -1.70 -28.86 -69.44
C ARG F 416 -2.77 -28.11 -70.20
N LYS F 417 -3.29 -27.03 -69.64
CA LYS F 417 -4.29 -26.19 -70.29
C LYS F 417 -5.51 -27.01 -70.69
N GLY F 418 -6.09 -27.68 -69.69
CA GLY F 418 -7.32 -28.42 -69.87
C GLY F 418 -8.48 -27.71 -69.19
N THR F 419 -9.68 -28.25 -69.43
CA THR F 419 -10.90 -27.72 -68.84
C THR F 419 -11.49 -28.60 -67.76
N GLU F 420 -11.43 -29.92 -67.92
CA GLU F 420 -11.90 -30.87 -66.92
C GLU F 420 -10.78 -31.82 -66.54
N VAL F 421 -10.65 -32.06 -65.25
CA VAL F 421 -9.58 -32.91 -64.74
C VAL F 421 -9.85 -34.36 -65.13
N GLN F 422 -8.80 -35.07 -65.52
CA GLN F 422 -8.90 -36.47 -65.89
C GLN F 422 -8.36 -37.36 -64.78
N VAL F 423 -8.45 -38.67 -64.99
CA VAL F 423 -7.89 -39.63 -64.04
C VAL F 423 -6.37 -39.47 -63.98
N ASP F 424 -5.75 -39.12 -65.10
CA ASP F 424 -4.30 -38.98 -65.13
C ASP F 424 -3.83 -37.91 -64.16
N ASP F 425 -4.53 -36.77 -64.11
CA ASP F 425 -4.17 -35.73 -63.17
C ASP F 425 -4.34 -36.21 -61.73
N ILE F 426 -5.41 -36.95 -61.46
CA ILE F 426 -5.64 -37.46 -60.11
C ILE F 426 -4.49 -38.36 -59.68
N LYS F 427 -4.08 -39.28 -60.56
CA LYS F 427 -2.97 -40.16 -60.22
C LYS F 427 -1.65 -39.40 -60.10
N ARG F 428 -1.42 -38.40 -60.95
CA ARG F 428 -0.19 -37.62 -60.84
C ARG F 428 -0.11 -36.90 -59.51
N VAL F 429 -1.22 -36.29 -59.08
CA VAL F 429 -1.22 -35.61 -57.78
C VAL F 429 -1.18 -36.59 -56.62
N TYR F 430 -1.76 -37.77 -56.77
CA TYR F 430 -1.62 -38.82 -55.75
C TYR F 430 -0.15 -39.21 -55.59
N SER F 431 0.58 -39.36 -56.69
CA SER F 431 2.00 -39.65 -56.60
C SER F 431 2.76 -38.45 -56.04
N LEU F 432 2.26 -37.24 -56.29
CA LEU F 432 2.98 -36.03 -55.88
C LEU F 432 2.97 -35.87 -54.37
N PHE F 433 1.78 -35.74 -53.77
CA PHE F 433 1.65 -35.45 -52.35
C PHE F 433 1.29 -36.71 -51.58
N LEU F 434 2.12 -37.08 -50.61
CA LEU F 434 1.85 -38.24 -49.78
C LEU F 434 0.75 -37.91 -48.77
N ASP F 435 0.06 -38.95 -48.30
CA ASP F 435 -0.94 -38.79 -47.25
C ASP F 435 -0.39 -39.30 -45.92
N GLU F 436 -1.22 -39.19 -44.88
CA GLU F 436 -0.79 -39.51 -43.52
C GLU F 436 -0.20 -40.91 -43.43
N SER F 437 -0.96 -41.93 -43.83
CA SER F 437 -0.53 -43.30 -43.58
C SER F 437 0.72 -43.64 -44.37
N ARG F 438 0.78 -43.26 -45.65
CA ARG F 438 1.91 -43.63 -46.47
C ARG F 438 3.22 -43.03 -45.94
N SER F 439 3.17 -41.76 -45.55
CA SER F 439 4.39 -41.10 -45.11
C SER F 439 5.01 -41.81 -43.91
N THR F 440 4.18 -42.13 -42.91
CA THR F 440 4.67 -42.87 -41.75
C THR F 440 5.25 -44.21 -42.16
N GLN F 441 4.41 -45.09 -42.71
CA GLN F 441 4.88 -46.40 -43.15
C GLN F 441 6.26 -46.30 -43.80
N TYR F 442 6.38 -45.39 -44.78
CA TYR F 442 7.62 -45.21 -45.53
C TYR F 442 8.74 -44.70 -44.63
N MET F 443 8.42 -43.88 -43.64
CA MET F 443 9.47 -43.39 -42.75
C MET F 443 9.95 -44.47 -41.78
N LYS F 444 9.04 -45.20 -41.16
CA LYS F 444 9.48 -46.19 -40.18
C LYS F 444 10.31 -47.27 -40.85
N GLU F 445 9.89 -47.70 -42.05
CA GLU F 445 10.64 -48.70 -42.79
C GLU F 445 12.08 -48.25 -42.99
N TYR F 446 12.28 -46.94 -43.18
CA TYR F 446 13.63 -46.39 -43.30
C TYR F 446 14.40 -46.62 -42.01
N GLN F 447 13.79 -46.32 -40.87
CA GLN F 447 14.43 -46.49 -39.59
C GLN F 447 14.62 -47.98 -39.26
N VAL G 6 1.07 3.23 44.74
CA VAL G 6 2.36 2.93 44.04
C VAL G 6 3.28 4.15 44.17
N LYS G 7 4.41 4.12 43.46
CA LYS G 7 5.39 5.23 43.53
C LYS G 7 4.46 6.45 43.48
N SER G 8 4.62 7.39 44.42
CA SER G 8 3.69 8.55 44.48
C SER G 8 4.02 9.35 43.21
N THR G 9 3.01 10.04 42.67
CA THR G 9 3.22 10.86 41.48
C THR G 9 2.66 12.25 41.75
N THR G 10 3.50 13.11 42.31
CA THR G 10 3.11 14.47 42.66
C THR G 10 4.25 15.42 42.35
N LYS G 11 3.90 16.64 41.92
CA LYS G 11 4.88 17.69 41.68
C LYS G 11 5.22 18.35 43.01
N THR G 12 6.11 17.70 43.75
CA THR G 12 6.48 18.17 45.08
C THR G 12 7.02 19.61 45.03
N GLN G 13 7.71 19.95 43.94
CA GLN G 13 8.30 21.28 43.85
C GLN G 13 7.24 22.37 43.97
N ARG G 14 6.06 22.12 43.39
CA ARG G 14 5.02 23.14 43.39
C ARG G 14 4.56 23.49 44.80
N ILE G 15 4.32 22.46 45.62
CA ILE G 15 3.86 22.67 47.00
C ILE G 15 5.05 22.61 47.93
N ALA G 16 6.26 22.60 47.37
CA ALA G 16 7.47 22.51 48.19
C ALA G 16 7.74 23.79 48.97
N SER G 17 7.20 24.93 48.51
CA SER G 17 7.46 26.19 49.17
C SER G 17 6.56 26.44 50.38
N HIS G 18 5.56 25.60 50.61
CA HIS G 18 4.64 25.78 51.74
C HIS G 18 4.59 24.53 52.59
N SER G 19 5.73 23.89 52.80
CA SER G 19 5.80 22.72 53.67
C SER G 19 5.71 23.08 55.14
N HIS G 20 5.98 24.33 55.50
CA HIS G 20 5.90 24.75 56.90
C HIS G 20 4.47 24.68 57.42
N VAL G 21 3.49 24.85 56.54
CA VAL G 21 2.09 24.90 56.97
C VAL G 21 1.60 23.48 57.20
N LYS G 22 1.02 23.24 58.38
CA LYS G 22 0.47 21.94 58.75
C LYS G 22 -1.04 21.97 58.96
N GLY G 23 -1.71 23.04 58.56
CA GLY G 23 -3.14 23.11 58.70
C GLY G 23 -3.61 24.55 58.70
N LEU G 24 -4.93 24.70 58.84
CA LEU G 24 -5.52 26.03 58.90
C LEU G 24 -5.25 26.71 60.24
N GLY G 25 -5.23 25.94 61.32
CA GLY G 25 -4.94 26.49 62.64
C GLY G 25 -6.06 27.33 63.21
N LEU G 26 -7.21 26.71 63.45
CA LEU G 26 -8.36 27.38 64.03
C LEU G 26 -8.72 26.78 65.37
N ASP G 27 -9.27 27.62 66.24
CA ASP G 27 -9.75 27.21 67.54
C ASP G 27 -11.08 26.46 67.39
N GLU G 28 -11.35 25.54 68.30
CA GLU G 28 -12.63 24.85 68.31
C GLU G 28 -13.79 25.82 68.10
N SER G 29 -13.68 27.04 68.64
CA SER G 29 -14.70 28.05 68.38
C SER G 29 -14.79 28.37 66.90
N GLY G 30 -13.64 28.55 66.25
CA GLY G 30 -13.62 28.81 64.82
C GLY G 30 -12.73 29.97 64.45
N LEU G 31 -12.46 30.85 65.41
CA LEU G 31 -11.57 31.97 65.16
C LEU G 31 -10.15 31.48 64.94
N ALA G 32 -9.44 32.16 64.04
CA ALA G 32 -8.06 31.81 63.71
C ALA G 32 -7.11 32.67 64.53
N LYS G 33 -6.17 32.01 65.19
CA LYS G 33 -5.19 32.72 65.99
C LYS G 33 -4.13 33.36 65.11
N GLN G 34 -3.29 34.20 65.72
CA GLN G 34 -2.27 34.94 65.00
C GLN G 34 -1.37 34.01 64.19
N ALA G 35 -0.89 32.94 64.83
CA ALA G 35 -0.02 31.98 64.17
C ALA G 35 -0.28 30.60 64.74
N ALA G 36 -0.62 29.65 63.87
CA ALA G 36 -0.85 28.29 64.30
C ALA G 36 -0.63 27.35 63.12
N SER G 37 0.02 26.22 63.39
CA SER G 37 0.27 25.19 62.39
C SER G 37 0.95 25.78 61.15
N GLY G 38 1.91 26.66 61.39
CA GLY G 38 2.63 27.29 60.31
C GLY G 38 1.76 28.16 59.42
N LEU G 39 0.89 28.96 60.02
CA LEU G 39 -0.02 29.82 59.27
C LEU G 39 -0.06 31.17 59.96
N VAL G 40 0.52 32.18 59.33
CA VAL G 40 0.66 33.50 59.93
C VAL G 40 0.12 34.54 58.96
N GLY G 41 -0.26 35.69 59.51
CA GLY G 41 -0.73 36.79 58.69
C GLY G 41 -2.23 36.95 58.66
N GLN G 42 -2.81 36.81 57.48
CA GLN G 42 -4.25 36.97 57.30
C GLN G 42 -4.99 36.08 58.28
N GLU G 43 -6.22 36.46 58.60
CA GLU G 43 -7.14 35.55 59.27
C GLU G 43 -8.52 35.48 58.64
N ASN G 44 -9.01 36.55 58.00
CA ASN G 44 -10.37 36.57 57.49
C ASN G 44 -10.60 35.46 56.47
N ALA G 45 -9.63 35.25 55.58
CA ALA G 45 -9.74 34.15 54.63
C ALA G 45 -9.69 32.80 55.33
N ARG G 46 -9.04 32.73 56.50
CA ARG G 46 -8.81 31.43 57.13
C ARG G 46 -10.10 30.87 57.75
N GLU G 47 -10.81 31.67 58.56
CA GLU G 47 -12.07 31.15 59.09
C GLU G 47 -13.05 30.84 57.95
N ALA G 48 -13.04 31.67 56.91
CA ALA G 48 -13.82 31.35 55.72
C ALA G 48 -13.39 30.01 55.14
N CYS G 49 -12.08 29.75 55.10
CA CYS G 49 -11.62 28.41 54.71
C CYS G 49 -12.12 27.35 55.69
N GLY G 50 -12.07 27.65 56.98
CA GLY G 50 -12.62 26.74 57.97
C GLY G 50 -14.08 26.44 57.73
N VAL G 51 -14.85 27.48 57.38
CA VAL G 51 -16.25 27.27 57.04
C VAL G 51 -16.37 26.26 55.92
N ILE G 52 -15.59 26.43 54.86
CA ILE G 52 -15.66 25.52 53.72
C ILE G 52 -15.44 24.09 54.17
N VAL G 53 -14.53 23.88 55.12
CA VAL G 53 -14.28 22.52 55.62
C VAL G 53 -15.55 21.92 56.20
N GLU G 54 -16.27 22.70 57.02
CA GLU G 54 -17.53 22.22 57.58
C GLU G 54 -18.59 21.95 56.51
N LEU G 55 -18.72 22.83 55.52
CA LEU G 55 -19.63 22.51 54.41
C LEU G 55 -19.18 21.25 53.68
N ILE G 56 -17.87 21.04 53.54
CA ILE G 56 -17.38 19.81 52.93
C ILE G 56 -17.73 18.60 53.80
N LYS G 57 -17.51 18.72 55.11
CA LYS G 57 -17.80 17.60 56.00
C LYS G 57 -19.30 17.36 56.17
N SER G 58 -20.11 18.38 55.93
CA SER G 58 -21.56 18.28 56.12
C SER G 58 -22.31 18.10 54.80
N LYS G 59 -21.61 17.79 53.71
CA LYS G 59 -22.24 17.46 52.44
C LYS G 59 -23.19 18.55 51.96
N LYS G 60 -22.75 19.80 52.03
CA LYS G 60 -23.49 20.92 51.46
C LYS G 60 -22.76 21.62 50.34
N MET G 61 -21.58 21.14 49.94
CA MET G 61 -20.86 21.69 48.79
C MET G 61 -21.28 20.97 47.51
N ALA G 62 -22.58 21.05 47.22
CA ALA G 62 -23.18 20.36 46.09
C ALA G 62 -23.02 21.23 44.84
N GLY G 63 -22.12 20.80 43.94
CA GLY G 63 -21.92 21.51 42.69
C GLY G 63 -21.37 22.91 42.84
N ARG G 64 -20.87 23.26 44.01
CA ARG G 64 -20.32 24.58 44.27
C ARG G 64 -18.79 24.52 44.27
N ALA G 65 -18.17 25.69 44.20
CA ALA G 65 -16.72 25.77 44.10
C ALA G 65 -16.23 26.95 44.94
N VAL G 66 -14.91 27.11 44.98
CA VAL G 66 -14.27 28.17 45.75
C VAL G 66 -13.37 28.97 44.83
N LEU G 67 -13.48 30.30 44.91
CA LEU G 67 -12.67 31.21 44.13
C LEU G 67 -11.96 32.15 45.09
N LEU G 68 -10.62 32.19 45.02
CA LEU G 68 -9.81 33.04 45.87
C LEU G 68 -9.29 34.20 45.05
N ALA G 69 -9.83 35.39 45.30
CA ALA G 69 -9.43 36.60 44.59
C ALA G 69 -8.47 37.40 45.46
N GLY G 70 -7.26 37.61 44.96
CA GLY G 70 -6.25 38.35 45.69
C GLY G 70 -5.04 38.69 44.85
N PRO G 71 -4.24 39.64 45.31
CA PRO G 71 -3.04 40.03 44.58
C PRO G 71 -1.98 38.94 44.67
N PRO G 72 -0.91 39.05 43.88
CA PRO G 72 0.17 38.06 43.98
C PRO G 72 0.82 38.08 45.36
N GLY G 73 1.30 36.92 45.78
CA GLY G 73 2.00 36.82 47.05
C GLY G 73 1.16 37.08 48.27
N THR G 74 -0.05 36.51 48.33
CA THR G 74 -0.93 36.65 49.48
C THR G 74 -1.43 35.30 49.98
N GLY G 75 -0.66 34.23 49.72
CA GLY G 75 -0.99 32.94 50.28
C GLY G 75 -2.17 32.24 49.66
N LYS G 76 -2.52 32.54 48.41
CA LYS G 76 -3.61 31.82 47.76
C LYS G 76 -3.33 30.33 47.73
N THR G 77 -2.10 29.94 47.34
CA THR G 77 -1.72 28.54 47.38
C THR G 77 -1.68 28.03 48.82
N ALA G 78 -1.16 28.83 49.74
CA ALA G 78 -1.01 28.37 51.12
C ALA G 78 -2.37 28.04 51.74
N LEU G 79 -3.36 28.90 51.55
CA LEU G 79 -4.68 28.64 52.10
C LEU G 79 -5.29 27.39 51.47
N ALA G 80 -5.13 27.21 50.16
CA ALA G 80 -5.65 26.02 49.51
C ALA G 80 -4.98 24.77 50.06
N LEU G 81 -3.66 24.81 50.25
CA LEU G 81 -2.96 23.66 50.81
C LEU G 81 -3.44 23.38 52.23
N ALA G 82 -3.62 24.42 53.05
CA ALA G 82 -4.10 24.24 54.41
C ALA G 82 -5.48 23.63 54.43
N ILE G 83 -6.34 23.99 53.47
CA ILE G 83 -7.69 23.41 53.43
C ILE G 83 -7.61 21.91 53.22
N ALA G 84 -6.77 21.47 52.29
CA ALA G 84 -6.60 20.04 52.07
C ALA G 84 -6.04 19.36 53.32
N GLN G 85 -5.06 19.99 53.96
CA GLN G 85 -4.46 19.40 55.15
C GLN G 85 -5.47 19.31 56.29
N GLU G 86 -6.33 20.33 56.43
CA GLU G 86 -7.34 20.30 57.48
C GLU G 86 -8.30 19.14 57.29
N LEU G 87 -8.66 18.82 56.05
CA LEU G 87 -9.52 17.67 55.78
C LEU G 87 -8.82 16.34 56.07
N GLY G 88 -7.52 16.36 56.26
CA GLY G 88 -6.74 15.17 56.51
C GLY G 88 -5.33 15.35 55.99
N SER G 89 -4.38 14.71 56.67
CA SER G 89 -2.98 14.86 56.29
C SER G 89 -2.74 14.32 54.88
N LYS G 90 -3.48 13.29 54.48
CA LYS G 90 -3.27 12.63 53.21
C LYS G 90 -4.21 13.10 52.10
N VAL G 91 -5.09 14.07 52.37
CA VAL G 91 -6.02 14.54 51.36
C VAL G 91 -5.24 15.06 50.16
N PRO G 92 -5.53 14.58 48.95
CA PRO G 92 -4.74 15.01 47.79
C PRO G 92 -4.85 16.51 47.57
N PHE G 93 -3.73 17.12 47.17
CA PHE G 93 -3.66 18.53 46.84
C PHE G 93 -2.88 18.68 45.55
N CYS G 94 -3.53 19.18 44.50
CA CYS G 94 -2.93 19.31 43.17
C CYS G 94 -3.05 20.75 42.69
N PRO G 95 -2.11 21.62 43.06
CA PRO G 95 -2.14 22.99 42.56
C PRO G 95 -1.69 23.05 41.11
N MET G 96 -2.32 23.96 40.35
CA MET G 96 -2.07 24.06 38.93
C MET G 96 -2.32 25.50 38.49
N VAL G 97 -1.79 25.84 37.33
CA VAL G 97 -1.98 27.14 36.72
C VAL G 97 -2.79 26.98 35.44
N GLY G 98 -3.43 28.06 35.02
CA GLY G 98 -4.30 28.01 33.86
C GLY G 98 -3.58 27.90 32.53
N SER G 99 -2.31 28.27 32.46
CA SER G 99 -1.56 28.20 31.23
C SER G 99 -1.02 26.80 30.93
N GLU G 100 -1.13 25.87 31.88
CA GLU G 100 -0.66 24.52 31.64
C GLU G 100 -1.60 23.72 30.73
N VAL G 101 -2.88 24.08 30.70
CA VAL G 101 -3.82 23.40 29.81
C VAL G 101 -3.42 23.63 28.36
N TYR G 102 -2.64 24.67 28.10
CA TYR G 102 -2.15 24.96 26.75
C TYR G 102 -0.94 24.07 26.45
N SER G 103 -1.24 22.87 25.99
CA SER G 103 -0.22 21.95 25.52
C SER G 103 -0.15 21.98 23.99
N THR G 104 0.92 21.43 23.44
CA THR G 104 1.10 21.35 21.99
C THR G 104 1.09 19.92 21.49
N GLU G 105 1.10 18.93 22.38
CA GLU G 105 1.04 17.54 21.99
C GLU G 105 -0.21 16.89 22.59
N ILE G 106 -0.53 17.21 23.84
CA ILE G 106 -1.73 16.69 24.46
C ILE G 106 -2.84 17.73 24.38
N LYS G 107 -4.08 17.26 24.38
CA LYS G 107 -5.24 18.12 24.30
C LYS G 107 -5.51 18.79 25.64
N LYS G 108 -6.22 19.91 25.60
CA LYS G 108 -6.59 20.59 26.84
C LYS G 108 -7.50 19.72 27.68
N THR G 109 -8.17 18.73 27.07
CA THR G 109 -8.93 17.76 27.84
C THR G 109 -8.02 16.87 28.67
N GLU G 110 -6.92 16.40 28.06
CA GLU G 110 -6.03 15.49 28.76
C GLU G 110 -5.42 16.16 29.99
N VAL G 111 -4.96 17.40 29.84
CA VAL G 111 -4.34 18.09 30.96
C VAL G 111 -5.33 18.30 32.10
N LEU G 112 -6.54 18.73 31.79
CA LEU G 112 -7.53 18.97 32.83
C LEU G 112 -8.03 17.68 33.45
N MET G 113 -8.28 16.65 32.64
CA MET G 113 -8.67 15.36 33.19
C MET G 113 -7.57 14.78 34.06
N GLU G 114 -6.32 14.90 33.60
CA GLU G 114 -5.19 14.40 34.38
C GLU G 114 -5.13 15.06 35.75
N ASN G 115 -5.31 16.39 35.79
CA ASN G 115 -5.23 17.10 37.06
C ASN G 115 -6.37 16.71 38.00
N PHE G 116 -7.54 16.39 37.44
CA PHE G 116 -8.65 15.95 38.29
C PHE G 116 -8.27 14.69 39.08
N ARG G 117 -7.71 13.70 38.39
CA ARG G 117 -7.35 12.46 39.07
C ARG G 117 -6.35 12.72 40.19
N ARG G 118 -5.43 13.65 39.98
CA ARG G 118 -4.46 13.97 41.03
C ARG G 118 -5.12 14.47 42.30
N ALA G 119 -6.35 14.98 42.21
CA ALA G 119 -7.03 15.59 43.34
C ALA G 119 -8.06 14.69 44.00
N ILE G 120 -8.22 13.46 43.53
CA ILE G 120 -9.16 12.51 44.12
C ILE G 120 -8.37 11.32 44.64
N GLY G 121 -8.45 11.08 45.94
CA GLY G 121 -7.68 10.05 46.61
C GLY G 121 -8.47 8.77 46.83
N LEU G 122 -7.75 7.76 47.29
CA LEU G 122 -8.32 6.43 47.51
C LEU G 122 -7.65 5.82 48.74
N ARG G 123 -8.45 5.50 49.76
CA ARG G 123 -7.95 4.85 50.97
C ARG G 123 -8.17 3.34 50.84
N ILE G 124 -7.16 2.67 50.28
CA ILE G 124 -7.18 1.22 50.12
C ILE G 124 -6.47 0.63 51.33
N LYS G 125 -7.19 -0.17 52.12
CA LYS G 125 -6.63 -0.79 53.31
C LYS G 125 -6.30 -2.24 53.01
N GLU G 126 -5.01 -2.60 53.17
CA GLU G 126 -4.54 -3.95 52.93
C GLU G 126 -3.88 -4.46 54.21
N THR G 127 -4.51 -5.44 54.86
CA THR G 127 -3.97 -5.99 56.09
C THR G 127 -2.63 -6.65 55.82
N LYS G 128 -1.57 -6.16 56.47
CA LYS G 128 -0.23 -6.67 56.28
C LYS G 128 0.49 -6.72 57.62
N GLU G 129 1.24 -7.79 57.85
CA GLU G 129 1.98 -7.95 59.09
C GLU G 129 3.07 -6.88 59.17
N VAL G 130 2.88 -5.89 60.03
CA VAL G 130 3.85 -4.83 60.22
C VAL G 130 4.60 -5.07 61.51
N TYR G 131 5.81 -4.51 61.60
CA TYR G 131 6.64 -4.66 62.79
C TYR G 131 6.49 -3.44 63.69
N GLU G 132 5.34 -3.39 64.35
CA GLU G 132 5.03 -2.28 65.25
C GLU G 132 5.69 -2.51 66.61
N GLY G 133 6.51 -1.55 67.02
CA GLY G 133 7.17 -1.64 68.32
C GLY G 133 7.85 -0.33 68.66
N GLU G 134 8.19 -0.19 69.94
CA GLU G 134 8.88 0.99 70.44
C GLU G 134 10.38 0.74 70.38
N VAL G 135 11.08 1.48 69.52
CA VAL G 135 12.51 1.29 69.31
C VAL G 135 13.25 1.54 70.63
N THR G 136 13.99 0.54 71.08
CA THR G 136 14.77 0.65 72.31
C THR G 136 16.22 1.06 72.03
N GLU G 137 16.83 0.45 71.01
CA GLU G 137 18.21 0.76 70.66
C GLU G 137 18.38 0.40 69.19
N LEU G 138 19.46 0.89 68.58
CA LEU G 138 19.74 0.68 67.17
C LEU G 138 21.14 0.08 67.00
N THR G 139 21.42 -0.96 67.77
CA THR G 139 22.74 -1.58 67.75
C THR G 139 23.04 -2.11 66.35
N PRO G 140 24.08 -1.62 65.67
CA PRO G 140 24.39 -2.12 64.32
C PRO G 140 25.34 -3.30 64.34
N CYS G 141 24.98 -4.37 65.05
CA CYS G 141 25.82 -5.55 65.14
C CYS G 141 25.09 -6.79 64.62
N HIS G 156 23.35 -6.73 62.04
CA HIS G 156 22.96 -5.35 61.76
C HIS G 156 21.68 -5.32 60.92
N VAL G 157 20.73 -4.48 61.31
CA VAL G 157 20.88 -3.66 62.51
C VAL G 157 19.87 -4.08 63.56
N ILE G 158 20.33 -4.80 64.58
CA ILE G 158 19.43 -5.32 65.60
C ILE G 158 18.76 -4.16 66.31
N ILE G 159 17.44 -4.16 66.35
CA ILE G 159 16.65 -3.11 66.97
C ILE G 159 15.72 -3.75 67.99
N GLY G 160 15.72 -3.21 69.20
CA GLY G 160 14.75 -3.65 70.20
C GLY G 160 13.40 -3.00 69.98
N LEU G 161 12.36 -3.83 69.93
CA LEU G 161 11.00 -3.37 69.64
C LEU G 161 10.12 -3.68 70.85
N LYS G 162 10.06 -2.74 71.78
CA LYS G 162 9.22 -2.90 72.97
C LYS G 162 7.75 -2.94 72.58
N THR G 163 7.06 -3.99 73.01
CA THR G 163 5.65 -4.17 72.73
C THR G 163 5.01 -4.81 73.96
N ALA G 164 3.78 -5.33 73.79
CA ALA G 164 3.15 -6.04 74.89
C ALA G 164 3.98 -7.24 75.33
N LYS G 165 4.50 -8.00 74.36
CA LYS G 165 5.38 -9.12 74.70
C LYS G 165 6.68 -8.62 75.35
N GLY G 166 7.27 -7.57 74.81
CA GLY G 166 8.50 -6.99 75.31
C GLY G 166 9.40 -6.59 74.17
N THR G 167 10.61 -6.14 74.53
CA THR G 167 11.58 -5.74 73.52
C THR G 167 11.92 -6.91 72.62
N LYS G 168 11.79 -6.72 71.31
CA LYS G 168 12.05 -7.75 70.32
C LYS G 168 13.14 -7.23 69.39
N GLN G 169 14.35 -7.78 69.52
CA GLN G 169 15.49 -7.29 68.75
C GLN G 169 15.52 -7.99 67.40
N LEU G 170 15.43 -7.19 66.33
CA LEU G 170 15.42 -7.72 64.97
C LEU G 170 16.50 -7.02 64.15
N LYS G 171 17.21 -7.80 63.34
CA LYS G 171 18.28 -7.27 62.52
C LYS G 171 17.73 -6.57 61.28
N LEU G 172 17.49 -5.27 61.39
CA LEU G 172 17.00 -4.46 60.26
C LEU G 172 18.18 -4.17 59.34
N ASP G 173 18.22 -4.85 58.19
CA ASP G 173 19.31 -4.73 57.23
C ASP G 173 19.67 -3.27 57.00
N PRO G 174 20.97 -2.95 56.85
CA PRO G 174 21.37 -1.55 56.66
C PRO G 174 20.50 -0.79 55.66
N SER G 175 20.07 -1.47 54.59
CA SER G 175 19.21 -0.82 53.61
C SER G 175 17.93 -0.32 54.25
N ILE G 176 17.25 -1.19 55.01
CA ILE G 176 16.03 -0.77 55.70
C ILE G 176 16.36 0.20 56.83
N PHE G 177 17.47 -0.04 57.53
CA PHE G 177 17.86 0.88 58.60
C PHE G 177 18.11 2.28 58.07
N GLU G 178 18.62 2.40 56.84
CA GLU G 178 18.70 3.71 56.20
C GLU G 178 17.31 4.30 55.99
N SER G 179 16.34 3.49 55.58
CA SER G 179 14.97 3.97 55.48
C SER G 179 14.43 4.41 56.82
N LEU G 180 14.85 3.76 57.91
CA LEU G 180 14.47 4.20 59.24
C LEU G 180 15.03 5.59 59.54
N GLN G 181 16.27 5.86 59.12
CA GLN G 181 16.83 7.18 59.30
C GLN G 181 16.15 8.22 58.42
N LYS G 182 15.73 7.83 57.21
CA LYS G 182 14.95 8.74 56.39
C LYS G 182 13.62 9.08 57.04
N GLU G 183 13.10 8.19 57.87
CA GLU G 183 11.88 8.42 58.63
C GLU G 183 12.15 9.13 59.96
N ARG G 184 13.40 9.44 60.26
CA ARG G 184 13.76 10.15 61.48
C ARG G 184 13.30 9.38 62.71
N VAL G 185 13.78 8.15 62.84
CA VAL G 185 13.40 7.26 63.93
C VAL G 185 14.56 7.18 64.91
N GLU G 186 14.30 7.51 66.17
CA GLU G 186 15.30 7.43 67.22
C GLU G 186 14.80 6.52 68.33
N ALA G 187 15.55 6.46 69.44
CA ALA G 187 15.13 5.64 70.57
C ALA G 187 13.83 6.18 71.16
N GLY G 188 13.04 5.29 71.74
CA GLY G 188 11.74 5.65 72.27
C GLY G 188 10.77 6.08 71.19
N ASP G 189 10.77 5.36 70.07
CA ASP G 189 9.90 5.66 68.93
C ASP G 189 9.07 4.42 68.63
N VAL G 190 7.75 4.51 68.86
CA VAL G 190 6.85 3.42 68.54
C VAL G 190 6.45 3.53 67.08
N ILE G 191 7.06 2.71 66.22
CA ILE G 191 6.83 2.74 64.79
C ILE G 191 6.47 1.34 64.32
N TYR G 192 6.07 1.25 63.05
CA TYR G 192 5.81 -0.02 62.39
C TYR G 192 6.72 -0.14 61.18
N ILE G 193 7.37 -1.28 61.05
CA ILE G 193 8.32 -1.55 59.97
C ILE G 193 7.71 -2.62 59.09
N GLU G 194 7.26 -2.23 57.90
CA GLU G 194 6.71 -3.18 56.94
C GLU G 194 7.78 -4.17 56.53
N ALA G 195 7.64 -5.43 56.97
CA ALA G 195 8.67 -6.44 56.70
C ALA G 195 8.53 -7.06 55.32
N ASN G 196 7.31 -7.34 54.88
CA ASN G 196 7.13 -7.91 53.55
C ASN G 196 7.49 -6.91 52.46
N SER G 197 7.20 -5.63 52.67
CA SER G 197 7.54 -4.60 51.71
C SER G 197 8.93 -3.99 51.92
N GLY G 198 9.60 -4.34 53.02
CA GLY G 198 10.93 -3.82 53.28
C GLY G 198 10.96 -2.31 53.40
N ALA G 199 10.00 -1.75 54.14
CA ALA G 199 9.90 -0.30 54.31
C ALA G 199 9.68 0.02 55.77
N VAL G 200 10.03 1.25 56.15
CA VAL G 200 9.87 1.73 57.51
C VAL G 200 9.00 2.99 57.48
N LYS G 201 8.02 3.04 58.37
CA LYS G 201 7.11 4.18 58.48
C LYS G 201 7.07 4.61 59.94
N ARG G 202 7.55 5.83 60.22
CA ARG G 202 7.61 6.33 61.58
C ARG G 202 6.21 6.73 62.04
N GLN G 203 5.64 5.96 62.97
CA GLN G 203 4.35 6.30 63.55
C GLN G 203 4.44 7.36 64.64
N GLY G 204 5.61 7.56 65.22
CA GLY G 204 5.82 8.56 66.24
C GLY G 204 6.71 8.04 67.34
N ARG G 205 6.60 8.66 68.51
CA ARG G 205 7.37 8.33 69.69
C ARG G 205 6.52 7.48 70.64
N CYS G 206 7.03 7.24 71.84
CA CYS G 206 6.33 6.45 72.84
C CYS G 206 5.63 7.37 73.84
N ASP G 207 4.48 6.91 74.33
CA ASP G 207 3.73 7.67 75.33
C ASP G 207 4.45 7.74 76.67
N THR G 208 5.45 6.90 76.90
CA THR G 208 6.19 6.97 78.16
C THR G 208 6.84 8.34 78.34
N TYR G 209 7.18 9.00 77.24
CA TYR G 209 7.77 10.33 77.27
C TYR G 209 6.78 11.42 76.90
N ALA G 210 5.49 11.12 76.92
CA ALA G 210 4.49 12.11 76.56
C ALA G 210 4.42 13.21 77.63
N THR G 211 4.78 14.42 77.23
CA THR G 211 4.75 15.58 78.11
C THR G 211 3.40 16.26 77.97
N GLU G 212 3.18 17.48 78.47
CA GLU G 212 1.89 18.14 78.35
C GLU G 212 1.50 18.43 76.91
N PHE G 213 2.46 18.78 76.05
CA PHE G 213 2.14 19.02 74.65
C PHE G 213 2.00 17.73 73.86
N ASP G 214 2.55 16.62 74.36
CA ASP G 214 2.43 15.32 73.71
C ASP G 214 1.35 14.51 74.41
N LEU G 215 0.34 14.08 73.64
CA LEU G 215 -0.84 13.44 74.20
C LEU G 215 -0.90 11.98 73.74
N GLU G 216 -1.97 11.29 74.11
CA GLU G 216 -2.16 9.89 73.73
C GLU G 216 -2.53 9.78 72.25
N ALA G 217 -2.04 8.72 71.61
CA ALA G 217 -2.38 8.40 70.22
C ALA G 217 -2.11 9.59 69.30
N GLU G 218 -0.86 10.06 69.35
CA GLU G 218 -0.41 11.17 68.50
C GLU G 218 1.07 11.00 68.20
N GLU G 219 1.75 12.08 67.82
CA GLU G 219 3.17 12.02 67.51
C GLU G 219 3.98 11.31 68.58
N TYR G 220 3.44 11.14 69.79
CA TYR G 220 3.98 10.24 70.79
C TYR G 220 2.93 9.15 71.04
N VAL G 221 2.97 8.12 70.21
CA VAL G 221 2.00 7.02 70.28
C VAL G 221 2.36 6.10 71.44
N PRO G 222 1.39 5.45 72.08
CA PRO G 222 1.70 4.56 73.20
C PRO G 222 2.33 3.26 72.72
N LEU G 223 2.77 2.48 73.69
CA LEU G 223 3.40 1.19 73.40
C LEU G 223 2.41 0.28 72.70
N PRO G 224 2.81 -0.41 71.63
CA PRO G 224 1.90 -1.36 70.97
C PRO G 224 1.50 -2.48 71.92
N LYS G 225 0.24 -2.91 71.82
CA LYS G 225 -0.30 -4.00 72.63
C LYS G 225 -0.52 -5.20 71.73
N GLY G 226 0.47 -6.07 71.66
CA GLY G 226 0.36 -7.27 70.86
C GLY G 226 1.71 -7.71 70.34
N ASP G 227 1.67 -8.74 69.49
CA ASP G 227 2.88 -9.26 68.88
C ASP G 227 3.51 -8.19 67.98
N VAL G 228 4.83 -8.23 67.88
CA VAL G 228 5.57 -7.26 67.08
C VAL G 228 5.07 -7.28 65.64
N HIS G 229 4.90 -8.49 65.09
CA HIS G 229 4.44 -8.65 63.72
C HIS G 229 2.92 -8.82 63.74
N LYS G 230 2.21 -7.70 63.65
CA LYS G 230 0.75 -7.69 63.65
C LYS G 230 0.23 -7.33 62.28
N LYS G 231 -0.77 -8.07 61.80
CA LYS G 231 -1.39 -7.79 60.51
C LYS G 231 -2.26 -6.54 60.65
N LYS G 232 -1.73 -5.41 60.22
CA LYS G 232 -2.44 -4.13 60.29
C LYS G 232 -2.84 -3.69 58.89
N GLU G 233 -4.11 -3.32 58.72
CA GLU G 233 -4.60 -2.87 57.43
C GLU G 233 -3.89 -1.58 57.07
N ILE G 234 -2.97 -1.66 56.11
CA ILE G 234 -2.20 -0.50 55.69
C ILE G 234 -3.07 0.39 54.82
N ILE G 235 -3.47 1.54 55.35
CA ILE G 235 -4.27 2.48 54.58
C ILE G 235 -3.35 3.11 53.53
N GLN G 236 -3.48 2.66 52.29
CA GLN G 236 -2.61 3.11 51.20
C GLN G 236 -3.23 4.35 50.57
N ASP G 237 -2.50 5.46 50.61
CA ASP G 237 -2.99 6.74 50.13
C ASP G 237 -2.42 6.98 48.74
N VAL G 238 -3.29 6.88 47.72
CA VAL G 238 -2.85 7.03 46.34
C VAL G 238 -3.99 7.66 45.55
N THR G 239 -3.63 8.50 44.59
CA THR G 239 -4.60 9.16 43.73
C THR G 239 -4.79 8.34 42.45
N LEU G 240 -5.87 8.65 41.73
CA LEU G 240 -6.17 7.92 40.51
C LEU G 240 -5.07 8.06 39.45
N HIS G 241 -4.36 9.18 39.44
CA HIS G 241 -3.22 9.31 38.53
C HIS G 241 -2.03 8.50 39.00
N ASP G 242 -1.87 8.29 40.32
CA ASP G 242 -0.81 7.42 40.80
C ASP G 242 -1.02 5.99 40.31
N LEU G 243 -2.27 5.58 40.13
CA LEU G 243 -2.59 4.27 39.57
C LEU G 243 -2.53 4.27 38.05
N ASP G 244 -2.51 5.44 37.42
CA ASP G 244 -2.49 5.51 35.96
C ASP G 244 -1.13 5.14 35.38
N VAL G 245 -0.06 5.55 36.06
CA VAL G 245 1.28 5.30 35.54
C VAL G 245 1.59 3.80 35.50
N ALA G 246 1.01 3.02 36.42
CA ALA G 246 1.33 1.60 36.49
C ALA G 246 1.00 0.89 35.18
N ASN G 247 -0.23 1.03 34.70
CA ASN G 247 -0.63 0.38 33.46
C ASN G 247 0.11 0.99 32.27
N ALA G 248 0.28 2.32 32.28
CA ALA G 248 0.99 2.97 31.18
C ALA G 248 2.42 2.46 31.10
N ARG G 249 3.10 2.33 32.23
CA ARG G 249 4.44 1.79 32.28
C ARG G 249 5.37 2.48 31.29
N THR G 272 -3.75 5.51 27.71
CA THR G 272 -4.75 5.13 26.73
C THR G 272 -6.13 5.02 27.36
N ASP G 273 -7.17 5.11 26.53
CA ASP G 273 -8.53 5.03 27.04
C ASP G 273 -8.81 3.67 27.68
N LYS G 274 -8.29 2.60 27.08
CA LYS G 274 -8.51 1.27 27.63
C LYS G 274 -8.00 1.18 29.06
N LEU G 275 -6.78 1.66 29.31
CA LEU G 275 -6.24 1.65 30.66
C LEU G 275 -7.09 2.49 31.60
N ARG G 276 -7.53 3.67 31.14
CA ARG G 276 -8.38 4.53 31.96
C ARG G 276 -9.60 3.76 32.45
N GLY G 277 -10.30 3.10 31.55
CA GLY G 277 -11.51 2.39 31.93
C GLY G 277 -11.24 1.25 32.89
N GLU G 278 -10.19 0.47 32.63
CA GLU G 278 -9.89 -0.69 33.46
C GLU G 278 -9.65 -0.30 34.91
N ILE G 279 -8.83 0.73 35.13
CA ILE G 279 -8.58 1.19 36.49
C ILE G 279 -9.86 1.70 37.14
N ASN G 280 -10.67 2.44 36.38
CA ASN G 280 -11.91 2.99 36.93
C ASN G 280 -12.84 1.88 37.40
N LYS G 281 -12.98 0.82 36.59
CA LYS G 281 -13.77 -0.32 37.01
C LYS G 281 -13.12 -1.01 38.22
N VAL G 282 -11.79 -1.14 38.20
CA VAL G 282 -11.09 -1.80 39.29
C VAL G 282 -11.32 -1.06 40.60
N VAL G 283 -11.19 0.27 40.57
CA VAL G 283 -11.39 1.07 41.78
C VAL G 283 -12.83 0.92 42.28
N ASN G 284 -13.78 0.95 41.36
CA ASN G 284 -15.19 0.85 41.73
C ASN G 284 -15.45 -0.44 42.49
N LYS G 285 -14.89 -1.55 42.00
CA LYS G 285 -15.11 -2.85 42.64
C LYS G 285 -14.57 -2.85 44.07
N TYR G 286 -13.37 -2.32 44.27
CA TYR G 286 -12.78 -2.27 45.60
C TYR G 286 -13.66 -1.48 46.57
N ILE G 287 -14.13 -0.31 46.13
CA ILE G 287 -14.96 0.54 46.97
C ILE G 287 -16.22 -0.21 47.37
N ASP G 288 -16.83 -0.89 46.40
CA ASP G 288 -18.07 -1.63 46.67
C ASP G 288 -17.83 -2.74 47.69
N GLN G 289 -16.72 -3.47 47.55
CA GLN G 289 -16.43 -4.58 48.44
C GLN G 289 -16.30 -4.10 49.89
N GLY G 290 -15.57 -3.00 50.09
CA GLY G 290 -15.39 -2.45 51.42
C GLY G 290 -13.95 -2.33 51.85
N ILE G 291 -13.03 -2.35 50.88
CA ILE G 291 -11.61 -2.20 51.16
C ILE G 291 -11.07 -0.83 50.75
N ALA G 292 -11.66 -0.19 49.74
CA ALA G 292 -11.23 1.11 49.27
C ALA G 292 -12.30 2.15 49.56
N GLU G 293 -11.90 3.23 50.23
CA GLU G 293 -12.79 4.32 50.58
C GLU G 293 -12.36 5.57 49.81
N LEU G 294 -13.30 6.14 49.06
CA LEU G 294 -12.99 7.30 48.24
C LEU G 294 -12.94 8.56 49.10
N VAL G 295 -11.90 9.38 48.88
CA VAL G 295 -11.75 10.63 49.63
C VAL G 295 -11.46 11.76 48.66
N PRO G 296 -12.44 12.62 48.37
CA PRO G 296 -12.18 13.75 47.46
C PRO G 296 -11.13 14.70 48.05
N GLY G 297 -10.31 15.25 47.19
CA GLY G 297 -9.25 16.17 47.57
C GLY G 297 -9.55 17.59 47.17
N VAL G 298 -8.49 18.38 46.99
CA VAL G 298 -8.60 19.79 46.61
C VAL G 298 -7.81 20.00 45.32
N LEU G 299 -8.48 20.53 44.31
CA LEU G 299 -7.83 20.89 43.05
C LEU G 299 -7.79 22.41 42.96
N PHE G 300 -6.59 22.97 42.97
CA PHE G 300 -6.39 24.41 42.99
C PHE G 300 -6.01 24.88 41.60
N VAL G 301 -6.74 25.88 41.09
CA VAL G 301 -6.52 26.43 39.75
C VAL G 301 -6.12 27.89 39.93
N ASP G 302 -4.84 28.19 39.74
CA ASP G 302 -4.33 29.55 39.79
C ASP G 302 -4.22 30.11 38.37
N GLU G 303 -4.51 31.40 38.23
CA GLU G 303 -4.60 32.04 36.92
C GLU G 303 -5.77 31.50 36.12
N VAL G 304 -6.96 31.57 36.73
CA VAL G 304 -8.16 31.05 36.10
C VAL G 304 -8.51 31.78 34.81
N HIS G 305 -8.12 33.05 34.67
CA HIS G 305 -8.51 33.81 33.49
C HIS G 305 -7.86 33.29 32.21
N MET G 306 -6.84 32.44 32.32
CA MET G 306 -6.16 31.90 31.15
C MET G 306 -6.87 30.71 30.55
N LEU G 307 -7.95 30.24 31.16
CA LEU G 307 -8.71 29.11 30.63
C LEU G 307 -9.77 29.59 29.65
N ASP G 308 -10.15 28.70 28.74
CA ASP G 308 -11.06 29.03 27.66
C ASP G 308 -12.51 28.79 28.10
N ILE G 309 -13.46 29.11 27.22
CA ILE G 309 -14.85 28.76 27.47
C ILE G 309 -15.00 27.24 27.49
N GLU G 310 -14.32 26.56 26.57
CA GLU G 310 -14.37 25.10 26.53
C GLU G 310 -13.80 24.50 27.81
N CYS G 311 -12.69 25.05 28.32
CA CYS G 311 -12.11 24.54 29.56
C CYS G 311 -13.07 24.70 30.73
N PHE G 312 -13.72 25.86 30.83
CA PHE G 312 -14.65 26.08 31.93
C PHE G 312 -15.82 25.10 31.86
N THR G 313 -16.33 24.85 30.65
CA THR G 313 -17.41 23.87 30.50
C THR G 313 -16.98 22.51 31.04
N TYR G 314 -15.73 22.13 30.81
CA TYR G 314 -15.23 20.87 31.37
C TYR G 314 -15.26 20.91 32.89
N LEU G 315 -14.81 21.99 33.50
CA LEU G 315 -14.83 22.11 34.95
C LEU G 315 -16.26 22.09 35.48
N HIS G 316 -17.16 22.83 34.85
CA HIS G 316 -18.54 22.86 35.29
C HIS G 316 -19.18 21.48 35.19
N ARG G 317 -18.93 20.78 34.07
CA ARG G 317 -19.53 19.47 33.89
C ARG G 317 -19.03 18.48 34.93
N ALA G 318 -17.71 18.46 35.17
CA ALA G 318 -17.14 17.46 36.07
C ALA G 318 -17.48 17.76 37.53
N LEU G 319 -17.34 19.02 37.94
CA LEU G 319 -17.55 19.35 39.35
C LEU G 319 -18.99 19.12 39.79
N GLU G 320 -19.93 19.03 38.85
CA GLU G 320 -21.31 18.73 39.21
C GLU G 320 -21.43 17.32 39.77
N SER G 321 -20.59 16.41 39.30
CA SER G 321 -20.63 15.04 39.78
C SER G 321 -20.25 14.97 41.26
N SER G 322 -20.84 14.01 41.96
CA SER G 322 -20.60 13.89 43.40
C SER G 322 -19.13 13.60 43.71
N ILE G 323 -18.52 12.69 42.94
CA ILE G 323 -17.14 12.29 43.24
C ILE G 323 -16.17 13.45 43.03
N ALA G 324 -16.44 14.29 42.04
CA ALA G 324 -15.54 15.39 41.69
C ALA G 324 -15.11 16.19 42.92
N PRO G 325 -13.84 16.53 43.05
CA PRO G 325 -13.37 17.32 44.19
C PRO G 325 -13.76 18.78 44.02
N ILE G 326 -13.37 19.59 45.00
CA ILE G 326 -13.63 21.02 44.96
C ILE G 326 -12.58 21.70 44.08
N VAL G 327 -13.03 22.69 43.31
CA VAL G 327 -12.15 23.43 42.43
C VAL G 327 -11.95 24.83 42.99
N ILE G 328 -10.80 25.06 43.62
CA ILE G 328 -10.50 26.34 44.26
C ILE G 328 -9.71 27.17 43.25
N PHE G 329 -10.38 28.15 42.65
CA PHE G 329 -9.74 29.05 41.69
C PHE G 329 -8.97 30.15 42.41
N ALA G 330 -8.20 30.90 41.64
CA ALA G 330 -7.46 32.06 42.13
C ALA G 330 -7.23 33.01 40.97
N SER G 331 -7.61 34.27 41.15
CA SER G 331 -7.58 35.26 40.08
C SER G 331 -6.65 36.39 40.48
N ASN G 332 -5.72 36.74 39.58
CA ASN G 332 -4.78 37.83 39.78
C ASN G 332 -5.17 39.11 39.04
N ARG G 333 -6.35 39.15 38.44
CA ARG G 333 -6.83 40.35 37.76
C ARG G 333 -8.32 40.51 38.07
N GLY G 334 -8.91 41.58 37.54
CA GLY G 334 -10.32 41.86 37.78
C GLY G 334 -11.22 41.28 36.70
N ASN G 335 -11.99 42.13 36.04
CA ASN G 335 -12.85 41.67 34.95
C ASN G 335 -12.04 41.59 33.67
N CYS G 336 -11.95 40.39 33.10
CA CYS G 336 -11.17 40.14 31.90
C CYS G 336 -12.04 39.43 30.88
N VAL G 337 -11.75 39.68 29.60
CA VAL G 337 -12.52 39.04 28.53
C VAL G 337 -12.31 37.54 28.61
N ILE G 338 -13.40 36.79 28.65
CA ILE G 338 -13.31 35.33 28.63
C ILE G 338 -12.68 34.91 27.30
N ARG G 339 -11.57 34.20 27.39
CA ARG G 339 -10.81 33.89 26.18
C ARG G 339 -11.62 32.98 25.26
N GLY G 340 -11.37 33.11 23.97
CA GLY G 340 -12.17 32.44 22.95
C GLY G 340 -13.33 33.30 22.50
N THR G 341 -14.04 33.90 23.46
CA THR G 341 -15.09 34.87 23.16
C THR G 341 -14.54 36.28 23.34
N GLU G 342 -13.80 36.73 22.32
CA GLU G 342 -13.09 38.00 22.44
C GLU G 342 -14.00 39.18 22.14
N ASP G 343 -15.19 39.18 22.74
CA ASP G 343 -16.05 40.35 22.74
C ASP G 343 -16.70 40.51 24.10
N ILE G 344 -16.77 39.43 24.85
CA ILE G 344 -17.50 39.39 26.12
C ILE G 344 -16.50 39.41 27.27
N THR G 345 -16.71 40.33 28.21
CA THR G 345 -15.87 40.46 29.39
C THR G 345 -16.71 40.16 30.61
N SER G 346 -16.20 39.32 31.50
CA SER G 346 -16.92 38.88 32.68
C SER G 346 -16.04 39.01 33.92
N PRO G 347 -16.64 39.13 35.10
CA PRO G 347 -15.84 39.21 36.33
C PRO G 347 -14.82 38.09 36.46
N HIS G 348 -13.58 38.44 36.81
CA HIS G 348 -12.54 37.46 37.07
C HIS G 348 -12.30 36.53 35.89
N GLY G 349 -12.88 36.85 34.73
CA GLY G 349 -12.68 36.06 33.54
C GLY G 349 -13.39 34.73 33.51
N ILE G 350 -14.27 34.46 34.47
CA ILE G 350 -15.01 33.20 34.52
C ILE G 350 -16.41 33.42 33.96
N PRO G 351 -16.94 32.49 33.17
CA PRO G 351 -18.25 32.71 32.55
C PRO G 351 -19.36 32.72 33.58
N LEU G 352 -20.48 33.36 33.21
CA LEU G 352 -21.52 33.66 34.17
C LEU G 352 -22.08 32.39 34.80
N ASP G 353 -22.26 31.35 34.00
CA ASP G 353 -22.87 30.11 34.49
C ASP G 353 -22.10 29.52 35.67
N LEU G 354 -20.77 29.48 35.56
CA LEU G 354 -19.97 28.93 36.65
C LEU G 354 -19.75 29.95 37.76
N LEU G 355 -19.65 31.24 37.41
CA LEU G 355 -19.39 32.26 38.42
C LEU G 355 -20.48 32.29 39.48
N ASP G 356 -21.73 32.05 39.08
CA ASP G 356 -22.85 32.10 40.02
C ASP G 356 -22.88 30.91 40.95
N ARG G 357 -22.14 29.85 40.64
CA ARG G 357 -22.09 28.64 41.46
C ARG G 357 -20.78 28.52 42.23
N VAL G 358 -20.20 29.65 42.64
CA VAL G 358 -18.89 29.66 43.27
C VAL G 358 -18.93 30.57 44.50
N MET G 359 -18.03 30.29 45.44
CA MET G 359 -17.83 31.10 46.64
C MET G 359 -16.57 31.93 46.49
N ILE G 360 -16.66 33.22 46.78
CA ILE G 360 -15.56 34.15 46.61
C ILE G 360 -15.00 34.49 47.98
N ILE G 361 -13.69 34.36 48.14
CA ILE G 361 -12.99 34.74 49.37
C ILE G 361 -11.92 35.74 48.98
N ARG G 362 -11.94 36.92 49.59
CA ARG G 362 -10.95 37.94 49.33
C ARG G 362 -9.73 37.72 50.23
N THR G 363 -8.60 38.23 49.78
CA THR G 363 -7.34 38.09 50.50
C THR G 363 -6.75 39.48 50.78
N MET G 364 -5.93 39.54 51.82
CA MET G 364 -5.25 40.76 52.21
C MET G 364 -3.83 40.77 51.64
N LEU G 365 -3.32 41.99 51.41
CA LEU G 365 -1.98 42.14 50.83
C LEU G 365 -0.88 41.86 51.85
N TYR G 366 -1.22 41.68 53.13
CA TYR G 366 -0.24 41.45 54.19
C TYR G 366 0.37 42.75 54.64
N THR G 367 1.16 42.69 55.71
CA THR G 367 1.91 43.81 56.24
C THR G 367 3.34 43.35 56.52
N PRO G 368 4.27 44.29 56.64
CA PRO G 368 5.67 43.89 56.89
C PRO G 368 5.85 42.98 58.09
N GLN G 369 5.13 43.24 59.19
CA GLN G 369 5.25 42.37 60.36
C GLN G 369 4.82 40.95 60.03
N GLU G 370 3.68 40.80 59.37
CA GLU G 370 3.24 39.47 58.95
C GLU G 370 4.25 38.85 57.99
N MET G 371 4.85 39.66 57.12
CA MET G 371 5.77 39.13 56.11
C MET G 371 7.01 38.54 56.75
N LYS G 372 7.67 39.29 57.64
CA LYS G 372 8.88 38.75 58.27
C LYS G 372 8.57 37.52 59.12
N GLN G 373 7.37 37.47 59.71
CA GLN G 373 7.00 36.29 60.48
C GLN G 373 7.01 35.04 59.60
N ILE G 374 6.53 35.16 58.36
CA ILE G 374 6.60 34.04 57.42
C ILE G 374 8.05 33.68 57.12
N ILE G 375 8.87 34.69 56.83
CA ILE G 375 10.26 34.42 56.46
C ILE G 375 10.97 33.69 57.59
N LYS G 376 10.68 34.07 58.84
CA LYS G 376 11.25 33.35 59.98
C LYS G 376 10.89 31.86 59.92
N ILE G 377 9.61 31.56 59.73
CA ILE G 377 9.18 30.17 59.68
C ILE G 377 9.79 29.46 58.47
N ARG G 378 9.77 30.12 57.31
CA ARG G 378 10.33 29.50 56.11
C ARG G 378 11.82 29.24 56.27
N ALA G 379 12.54 30.18 56.89
CA ALA G 379 13.96 29.98 57.13
C ALA G 379 14.21 28.78 58.03
N GLN G 380 13.40 28.64 59.08
CA GLN G 380 13.58 27.51 59.99
C GLN G 380 13.36 26.18 59.27
N THR G 381 12.34 26.11 58.42
CA THR G 381 12.09 24.89 57.65
C THR G 381 13.26 24.56 56.74
N GLU G 382 13.86 25.59 56.13
CA GLU G 382 15.01 25.39 55.26
C GLU G 382 16.31 25.20 56.04
N GLY G 383 16.26 25.31 57.36
CA GLY G 383 17.48 25.23 58.15
C GLY G 383 18.39 26.42 57.96
N ILE G 384 17.83 27.62 57.86
CA ILE G 384 18.59 28.85 57.65
C ILE G 384 18.38 29.74 58.86
N ASN G 385 19.49 30.11 59.51
CA ASN G 385 19.45 31.07 60.61
C ASN G 385 19.94 32.42 60.12
N ILE G 386 19.11 33.44 60.30
CA ILE G 386 19.35 34.76 59.71
C ILE G 386 19.12 35.83 60.77
N SER G 387 19.92 36.90 60.69
CA SER G 387 19.79 37.99 61.64
C SER G 387 18.48 38.74 61.45
N GLU G 388 18.01 39.36 62.54
CA GLU G 388 16.76 40.11 62.48
C GLU G 388 16.85 41.28 61.51
N GLU G 389 17.98 42.00 61.52
CA GLU G 389 18.13 43.13 60.60
C GLU G 389 17.99 42.68 59.15
N ALA G 390 18.45 41.48 58.84
CA ALA G 390 18.18 40.93 57.52
C ALA G 390 16.69 40.69 57.32
N LEU G 391 16.00 40.26 58.37
CA LEU G 391 14.58 39.94 58.24
C LEU G 391 13.76 41.16 57.84
N ASN G 392 13.95 42.29 58.53
CA ASN G 392 13.13 43.46 58.24
C ASN G 392 13.42 44.00 56.84
N HIS G 393 14.68 43.92 56.40
CA HIS G 393 14.99 44.27 55.02
C HIS G 393 14.26 43.35 54.05
N LEU G 394 14.29 42.04 54.31
CA LEU G 394 13.54 41.11 53.48
C LEU G 394 12.05 41.38 53.54
N GLY G 395 11.55 41.74 54.72
CA GLY G 395 10.12 42.02 54.85
C GLY G 395 9.68 43.20 54.01
N GLU G 396 10.45 44.29 54.05
CA GLU G 396 10.08 45.46 53.25
C GLU G 396 10.30 45.23 51.76
N ILE G 397 11.28 44.39 51.41
CA ILE G 397 11.47 44.03 50.01
C ILE G 397 10.23 43.33 49.48
N GLY G 398 9.66 42.41 50.27
CA GLY G 398 8.46 41.72 49.83
C GLY G 398 7.30 42.65 49.57
N THR G 399 7.12 43.65 50.45
CA THR G 399 6.04 44.61 50.25
C THR G 399 6.24 45.40 48.96
N LYS G 400 7.49 45.52 48.51
CA LYS G 400 7.76 46.29 47.30
C LYS G 400 7.40 45.50 46.05
N THR G 401 7.97 44.30 45.88
CA THR G 401 7.74 43.54 44.67
C THR G 401 6.71 42.46 44.94
N THR G 402 6.99 41.50 45.82
CA THR G 402 6.07 40.40 46.11
C THR G 402 6.57 39.65 47.33
N LEU G 403 5.71 38.78 47.87
CA LEU G 403 6.15 37.83 48.88
C LEU G 403 6.91 36.67 48.23
N ARG G 404 6.51 36.29 47.01
CA ARG G 404 7.20 35.23 46.29
C ARG G 404 8.67 35.56 46.11
N TYR G 405 8.98 36.80 45.74
CA TYR G 405 10.36 37.21 45.51
C TYR G 405 11.19 37.07 46.77
N SER G 406 10.63 37.50 47.91
CA SER G 406 11.39 37.45 49.16
C SER G 406 11.73 36.03 49.55
N VAL G 407 10.78 35.09 49.41
CA VAL G 407 11.03 33.71 49.79
C VAL G 407 12.17 33.12 48.98
N GLN G 408 12.23 33.43 47.70
CA GLN G 408 13.25 32.88 46.81
C GLN G 408 14.60 33.56 46.98
N LEU G 409 14.69 34.61 47.80
CA LEU G 409 15.96 35.26 48.08
C LEU G 409 16.70 34.65 49.26
N LEU G 410 16.02 33.87 50.10
CA LEU G 410 16.67 33.29 51.26
C LEU G 410 17.79 32.35 50.85
N THR G 411 17.51 31.46 49.90
CA THR G 411 18.49 30.48 49.47
C THR G 411 19.75 31.16 48.93
N PRO G 412 19.64 32.08 47.98
CA PRO G 412 20.84 32.77 47.49
C PRO G 412 21.58 33.51 48.59
N ALA G 413 20.85 34.12 49.53
CA ALA G 413 21.51 34.85 50.61
C ALA G 413 22.33 33.93 51.50
N ASN G 414 21.76 32.78 51.89
CA ASN G 414 22.50 31.85 52.73
C ASN G 414 23.72 31.29 52.00
N LEU G 415 23.55 30.94 50.72
CA LEU G 415 24.68 30.41 49.96
C LEU G 415 25.77 31.45 49.79
N LEU G 416 25.42 32.71 49.62
CA LEU G 416 26.42 33.77 49.56
C LEU G 416 27.16 33.87 50.89
N ALA G 417 26.44 33.74 52.00
CA ALA G 417 27.10 33.71 53.31
C ALA G 417 28.04 32.51 53.42
N LYS G 418 27.67 31.38 52.83
CA LYS G 418 28.48 30.18 52.93
C LYS G 418 29.85 30.40 52.28
N ILE G 419 29.89 31.02 51.10
CA ILE G 419 31.15 31.21 50.40
C ILE G 419 32.09 32.10 51.21
N ASN G 420 31.55 33.14 51.83
CA ASN G 420 32.35 34.05 52.65
C ASN G 420 32.83 33.41 53.94
N GLY G 421 32.37 32.21 54.27
CA GLY G 421 32.77 31.55 55.50
C GLY G 421 31.92 31.86 56.70
N LYS G 422 30.73 32.43 56.51
CA LYS G 422 29.82 32.74 57.59
C LYS G 422 28.58 31.85 57.50
N ASP G 423 28.05 31.51 58.67
CA ASP G 423 26.86 30.67 58.74
C ASP G 423 25.58 31.49 58.80
N SER G 424 25.63 32.69 59.36
CA SER G 424 24.46 33.55 59.48
C SER G 424 24.49 34.64 58.41
N ILE G 425 23.31 34.99 57.92
CA ILE G 425 23.16 35.99 56.87
C ILE G 425 22.99 37.36 57.53
N GLU G 426 23.75 38.33 57.03
CA GLU G 426 23.68 39.71 57.51
C GLU G 426 22.98 40.57 56.46
N LYS G 427 22.81 41.85 56.79
CA LYS G 427 22.08 42.75 55.91
C LYS G 427 22.78 42.89 54.57
N GLU G 428 24.11 42.99 54.57
CA GLU G 428 24.83 43.20 53.32
C GLU G 428 24.64 42.04 52.35
N HIS G 429 24.45 40.83 52.87
CA HIS G 429 24.11 39.71 52.01
C HIS G 429 22.76 39.92 51.33
N VAL G 430 21.73 40.25 52.11
CA VAL G 430 20.41 40.46 51.53
C VAL G 430 20.42 41.62 50.55
N GLU G 431 21.10 42.71 50.91
CA GLU G 431 21.21 43.84 49.99
C GLU G 431 21.90 43.44 48.70
N GLU G 432 22.97 42.65 48.80
CA GLU G 432 23.70 42.24 47.61
C GLU G 432 22.83 41.35 46.71
N ILE G 433 22.15 40.37 47.29
CA ILE G 433 21.36 39.46 46.48
C ILE G 433 20.26 40.21 45.75
N SER G 434 19.63 41.19 46.41
CA SER G 434 18.62 42.00 45.73
C SER G 434 19.23 42.78 44.58
N GLU G 435 20.53 43.10 44.65
CA GLU G 435 21.22 43.82 43.60
C GLU G 435 21.63 42.93 42.44
N LEU G 436 22.01 41.68 42.72
CA LEU G 436 22.50 40.79 41.67
C LEU G 436 21.37 40.36 40.74
N PHE G 437 20.35 39.71 41.28
CA PHE G 437 19.16 39.37 40.52
C PHE G 437 18.06 40.38 40.78
N TYR G 438 17.12 40.46 39.84
CA TYR G 438 16.04 41.44 39.89
C TYR G 438 14.70 40.72 39.89
N ASP G 439 13.65 41.51 40.11
CA ASP G 439 12.28 41.04 39.99
C ASP G 439 11.73 41.36 38.61
N ALA G 440 10.64 40.69 38.26
CA ALA G 440 10.04 40.87 36.94
C ALA G 440 9.82 42.35 36.63
N LYS G 441 9.04 43.03 37.47
CA LYS G 441 8.68 44.41 37.19
C LYS G 441 9.92 45.31 37.16
N SER G 442 10.81 45.14 38.13
CA SER G 442 11.98 46.01 38.22
C SER G 442 12.86 45.90 36.98
N SER G 443 13.17 44.66 36.57
CA SER G 443 14.04 44.47 35.41
C SER G 443 13.40 45.03 34.15
N ALA G 444 12.10 44.80 33.96
CA ALA G 444 11.43 45.32 32.78
C ALA G 444 11.48 46.84 32.74
N LYS G 445 11.28 47.48 33.90
CA LYS G 445 11.36 48.94 33.95
C LYS G 445 12.76 49.42 33.56
N ILE G 446 13.80 48.69 33.98
CA ILE G 446 15.16 49.08 33.62
C ILE G 446 15.33 49.06 32.11
N LEU G 447 14.85 48.00 31.46
CA LEU G 447 14.96 47.89 30.01
C LEU G 447 14.20 49.00 29.31
N ALA G 448 12.93 49.20 29.67
CA ALA G 448 12.11 50.23 29.05
C ALA G 448 12.67 51.61 29.33
N ASP G 449 13.11 51.85 30.57
CA ASP G 449 13.62 53.17 30.94
C ASP G 449 14.80 53.58 30.08
N GLN G 450 15.73 52.65 29.83
CA GLN G 450 16.88 52.97 28.99
C GLN G 450 16.44 53.22 27.56
N GLN G 451 15.47 52.45 27.08
CA GLN G 451 14.98 52.61 25.71
C GLN G 451 14.31 53.96 25.53
N VAL H 6 -45.87 12.58 -4.01
CA VAL H 6 -45.31 12.08 -2.76
C VAL H 6 -45.48 13.11 -1.66
N LYS H 7 -45.03 12.76 -0.46
CA LYS H 7 -45.13 13.64 0.70
C LYS H 7 -44.48 14.98 0.41
N SER H 8 -45.27 16.05 0.45
CA SER H 8 -44.75 17.39 0.22
C SER H 8 -43.83 17.79 1.36
N THR H 9 -42.67 18.35 1.03
CA THR H 9 -41.68 18.77 2.02
C THR H 9 -41.71 20.27 2.27
N THR H 10 -42.82 20.93 1.95
CA THR H 10 -42.92 22.36 2.14
C THR H 10 -42.95 22.70 3.63
N LYS H 11 -42.35 23.83 3.96
CA LYS H 11 -42.37 24.38 5.32
C LYS H 11 -43.56 25.31 5.45
N THR H 12 -44.71 24.73 5.79
CA THR H 12 -45.94 25.51 5.94
C THR H 12 -45.75 26.67 6.92
N GLN H 13 -44.87 26.48 7.90
CA GLN H 13 -44.61 27.54 8.88
C GLN H 13 -44.21 28.84 8.19
N ARG H 14 -43.23 28.78 7.29
CA ARG H 14 -42.78 29.98 6.60
C ARG H 14 -43.87 30.55 5.70
N ILE H 15 -44.50 29.70 4.89
CA ILE H 15 -45.53 30.16 3.98
C ILE H 15 -46.76 30.67 4.71
N ALA H 16 -46.89 30.38 6.00
CA ALA H 16 -47.97 30.93 6.79
C ALA H 16 -47.86 32.45 6.86
N SER H 17 -48.90 33.08 7.41
CA SER H 17 -48.97 34.53 7.54
C SER H 17 -48.89 35.21 6.17
N HIS H 18 -48.88 34.41 5.10
CA HIS H 18 -48.93 34.91 3.73
C HIS H 18 -49.93 34.13 2.89
N SER H 19 -50.78 33.33 3.52
CA SER H 19 -51.77 32.55 2.78
C SER H 19 -52.95 33.40 2.30
N HIS H 20 -53.10 34.62 2.82
CA HIS H 20 -54.21 35.46 2.41
C HIS H 20 -54.05 36.00 0.99
N VAL H 21 -52.84 35.94 0.44
CA VAL H 21 -52.58 36.50 -0.88
C VAL H 21 -52.72 35.40 -1.93
N LYS H 22 -53.58 35.66 -2.92
CA LYS H 22 -53.72 34.80 -4.08
C LYS H 22 -53.04 35.38 -5.32
N GLY H 23 -52.29 36.45 -5.14
CA GLY H 23 -51.61 37.10 -6.23
C GLY H 23 -51.52 38.58 -5.98
N LEU H 24 -50.73 39.23 -6.84
CA LEU H 24 -50.61 40.68 -6.74
C LEU H 24 -51.89 41.37 -7.20
N GLY H 25 -52.63 40.75 -8.12
CA GLY H 25 -53.88 41.31 -8.57
C GLY H 25 -53.69 42.63 -9.29
N LEU H 26 -53.14 42.56 -10.50
CA LEU H 26 -52.89 43.75 -11.30
C LEU H 26 -53.98 43.93 -12.34
N ASP H 27 -54.18 45.18 -12.74
CA ASP H 27 -55.14 45.50 -13.78
C ASP H 27 -54.68 44.94 -15.11
N GLU H 28 -55.66 44.66 -15.99
CA GLU H 28 -55.31 44.23 -17.33
C GLU H 28 -54.51 45.30 -18.06
N SER H 29 -54.84 46.58 -17.82
CA SER H 29 -54.10 47.67 -18.45
C SER H 29 -52.65 47.67 -18.00
N GLY H 30 -52.40 47.44 -16.71
CA GLY H 30 -51.04 47.39 -16.20
C GLY H 30 -50.84 48.09 -14.87
N LEU H 31 -51.91 48.65 -14.30
CA LEU H 31 -51.84 49.31 -13.02
C LEU H 31 -52.22 48.30 -11.93
N ALA H 32 -52.15 48.71 -10.68
CA ALA H 32 -52.47 47.84 -9.57
C ALA H 32 -53.74 48.29 -8.86
N LYS H 33 -54.62 47.35 -8.56
CA LYS H 33 -55.86 47.64 -7.85
C LYS H 33 -55.55 48.13 -6.45
N GLN H 34 -56.48 48.92 -5.90
CA GLN H 34 -56.33 49.40 -4.52
C GLN H 34 -56.17 48.23 -3.56
N ALA H 35 -57.03 47.21 -3.71
CA ALA H 35 -56.94 46.00 -2.89
C ALA H 35 -57.60 44.87 -3.66
N ALA H 36 -56.84 43.82 -3.94
CA ALA H 36 -57.36 42.69 -4.69
C ALA H 36 -56.49 41.47 -4.46
N SER H 37 -57.13 40.31 -4.42
CA SER H 37 -56.42 39.04 -4.24
C SER H 37 -55.55 39.06 -2.98
N GLY H 38 -56.06 39.68 -1.92
CA GLY H 38 -55.33 39.73 -0.67
C GLY H 38 -54.02 40.47 -0.70
N LEU H 39 -53.96 41.57 -1.45
CA LEU H 39 -52.77 42.41 -1.51
C LEU H 39 -53.20 43.87 -1.43
N VAL H 40 -52.72 44.58 -0.41
CA VAL H 40 -53.06 45.98 -0.18
C VAL H 40 -51.78 46.76 0.01
N GLY H 41 -51.60 47.81 -0.80
CA GLY H 41 -50.51 48.73 -0.65
C GLY H 41 -49.44 48.53 -1.71
N GLN H 42 -48.48 49.46 -1.71
CA GLN H 42 -47.36 49.46 -2.64
C GLN H 42 -47.82 49.14 -4.06
N GLU H 43 -48.65 50.03 -4.61
CA GLU H 43 -49.05 49.89 -5.99
C GLU H 43 -47.85 49.91 -6.93
N ASN H 44 -46.80 50.63 -6.55
CA ASN H 44 -45.61 50.72 -7.40
C ASN H 44 -44.86 49.41 -7.45
N ALA H 45 -44.47 48.88 -6.28
CA ALA H 45 -43.74 47.62 -6.25
C ALA H 45 -44.59 46.49 -6.84
N ARG H 46 -45.87 46.45 -6.49
CA ARG H 46 -46.79 45.53 -7.15
C ARG H 46 -46.76 45.73 -8.66
N GLU H 47 -46.81 46.99 -9.10
CA GLU H 47 -46.77 47.28 -10.53
C GLU H 47 -45.47 46.79 -11.17
N ALA H 48 -44.33 47.08 -10.52
CA ALA H 48 -43.07 46.59 -11.06
C ALA H 48 -43.01 45.06 -11.07
N CYS H 49 -43.66 44.44 -10.08
CA CYS H 49 -43.75 42.98 -10.08
C CYS H 49 -44.57 42.48 -11.26
N GLY H 50 -45.55 43.27 -11.70
CA GLY H 50 -46.25 42.90 -12.92
C GLY H 50 -45.33 42.78 -14.11
N VAL H 51 -44.35 43.70 -14.21
CA VAL H 51 -43.38 43.65 -15.29
C VAL H 51 -42.52 42.40 -15.18
N ILE H 52 -42.09 42.06 -13.97
CA ILE H 52 -41.19 40.92 -13.80
C ILE H 52 -41.86 39.63 -14.25
N VAL H 53 -43.14 39.44 -13.90
CA VAL H 53 -43.84 38.23 -14.32
C VAL H 53 -43.89 38.15 -15.84
N GLU H 54 -44.26 39.26 -16.49
CA GLU H 54 -44.33 39.25 -17.95
C GLU H 54 -42.97 38.94 -18.56
N LEU H 55 -41.90 39.49 -17.99
CA LEU H 55 -40.56 39.19 -18.50
C LEU H 55 -40.24 37.71 -18.38
N ILE H 56 -40.62 37.07 -17.28
CA ILE H 56 -40.41 35.63 -17.15
C ILE H 56 -41.23 34.87 -18.18
N LYS H 57 -42.50 35.25 -18.36
CA LYS H 57 -43.34 34.55 -19.33
C LYS H 57 -42.79 34.69 -20.74
N SER H 58 -42.14 35.81 -21.05
CA SER H 58 -41.54 36.02 -22.37
C SER H 58 -40.16 35.37 -22.48
N LYS H 59 -39.64 34.79 -21.40
CA LYS H 59 -38.34 34.12 -21.41
C LYS H 59 -37.23 35.07 -21.85
N LYS H 60 -37.36 36.34 -21.47
CA LYS H 60 -36.32 37.35 -21.70
C LYS H 60 -35.54 37.65 -20.43
N MET H 61 -35.74 36.88 -19.37
CA MET H 61 -35.09 37.11 -18.08
C MET H 61 -33.87 36.24 -17.87
N ALA H 62 -33.28 35.70 -18.93
CA ALA H 62 -32.08 34.89 -18.78
C ALA H 62 -30.93 35.69 -18.14
N GLY H 63 -30.33 35.13 -17.09
CA GLY H 63 -29.17 35.75 -16.48
C GLY H 63 -29.46 36.86 -15.51
N ARG H 64 -30.72 37.18 -15.24
CA ARG H 64 -31.07 38.23 -14.31
C ARG H 64 -31.74 37.66 -13.06
N ALA H 65 -31.95 38.54 -12.09
CA ALA H 65 -32.61 38.18 -10.84
C ALA H 65 -33.35 39.41 -10.31
N VAL H 66 -33.98 39.27 -9.15
CA VAL H 66 -34.75 40.34 -8.54
C VAL H 66 -34.25 40.56 -7.12
N LEU H 67 -34.02 41.82 -6.77
CA LEU H 67 -33.62 42.20 -5.41
C LEU H 67 -34.66 43.16 -4.87
N LEU H 68 -35.35 42.74 -3.81
CA LEU H 68 -36.39 43.54 -3.17
C LEU H 68 -35.79 44.24 -1.97
N ALA H 69 -35.59 45.55 -2.07
CA ALA H 69 -34.97 46.34 -1.02
C ALA H 69 -36.04 47.14 -0.30
N GLY H 70 -36.10 47.01 1.03
CA GLY H 70 -37.06 47.72 1.82
C GLY H 70 -36.88 47.44 3.30
N PRO H 71 -37.48 48.28 4.15
CA PRO H 71 -37.37 48.08 5.59
C PRO H 71 -38.04 46.80 6.02
N PRO H 72 -37.75 46.31 7.22
CA PRO H 72 -38.37 45.06 7.68
C PRO H 72 -39.89 45.21 7.81
N GLY H 73 -40.59 44.11 7.56
CA GLY H 73 -42.03 44.09 7.72
C GLY H 73 -42.78 45.00 6.77
N THR H 74 -42.39 44.99 5.49
CA THR H 74 -43.08 45.75 4.46
C THR H 74 -43.49 44.86 3.30
N GLY H 75 -43.67 43.57 3.55
CA GLY H 75 -44.20 42.67 2.55
C GLY H 75 -43.22 42.22 1.48
N LYS H 76 -41.92 42.17 1.81
CA LYS H 76 -40.96 41.62 0.86
C LYS H 76 -41.25 40.16 0.56
N THR H 77 -41.56 39.37 1.60
CA THR H 77 -41.91 37.97 1.39
C THR H 77 -43.21 37.85 0.60
N ALA H 78 -44.21 38.65 0.97
CA ALA H 78 -45.51 38.55 0.31
C ALA H 78 -45.41 38.86 -1.17
N LEU H 79 -44.68 39.92 -1.52
CA LEU H 79 -44.54 40.28 -2.94
C LEU H 79 -43.86 39.15 -3.72
N ALA H 80 -42.81 38.55 -3.14
CA ALA H 80 -42.17 37.42 -3.78
C ALA H 80 -43.14 36.25 -3.91
N LEU H 81 -43.94 36.01 -2.87
CA LEU H 81 -44.94 34.95 -2.94
C LEU H 81 -45.94 35.21 -4.05
N ALA H 82 -46.39 36.45 -4.19
CA ALA H 82 -47.36 36.79 -5.23
C ALA H 82 -46.81 36.51 -6.62
N ILE H 83 -45.51 36.73 -6.83
CA ILE H 83 -44.93 36.51 -8.16
C ILE H 83 -45.10 35.06 -8.56
N ALA H 84 -44.81 34.13 -7.65
CA ALA H 84 -44.92 32.71 -7.96
C ALA H 84 -46.37 32.33 -8.26
N GLN H 85 -47.31 32.88 -7.51
CA GLN H 85 -48.69 32.40 -7.60
C GLN H 85 -49.33 32.79 -8.94
N GLU H 86 -49.06 34.00 -9.42
CA GLU H 86 -49.58 34.36 -10.74
C GLU H 86 -48.93 33.55 -11.86
N LEU H 87 -47.64 33.23 -11.72
CA LEU H 87 -47.00 32.32 -12.66
C LEU H 87 -47.61 30.94 -12.64
N GLY H 88 -48.39 30.62 -11.61
CA GLY H 88 -49.05 29.34 -11.48
C GLY H 88 -49.39 29.11 -10.02
N SER H 89 -50.57 28.54 -9.80
CA SER H 89 -50.99 28.26 -8.43
C SER H 89 -50.04 27.27 -7.76
N LYS H 90 -49.57 26.28 -8.51
CA LYS H 90 -48.69 25.24 -8.00
C LYS H 90 -47.21 25.56 -8.17
N VAL H 91 -46.87 26.73 -8.72
CA VAL H 91 -45.47 27.10 -8.92
C VAL H 91 -44.78 27.09 -7.55
N PRO H 92 -43.70 26.33 -7.39
CA PRO H 92 -43.05 26.24 -6.07
C PRO H 92 -42.49 27.58 -5.64
N PHE H 93 -42.62 27.87 -4.35
CA PHE H 93 -42.03 29.06 -3.74
C PHE H 93 -41.27 28.60 -2.49
N CYS H 94 -39.96 28.84 -2.48
CA CYS H 94 -39.09 28.37 -1.41
C CYS H 94 -38.43 29.54 -0.71
N PRO H 95 -38.92 29.95 0.46
CA PRO H 95 -38.28 31.03 1.20
C PRO H 95 -37.20 30.53 2.14
N MET H 96 -36.12 31.30 2.21
CA MET H 96 -34.98 30.93 3.04
C MET H 96 -34.27 32.20 3.48
N VAL H 97 -33.45 32.07 4.52
CA VAL H 97 -32.71 33.19 5.06
C VAL H 97 -31.21 32.91 4.93
N GLY H 98 -30.39 33.95 5.08
CA GLY H 98 -28.96 33.79 4.98
C GLY H 98 -28.39 32.90 6.06
N SER H 99 -28.82 33.09 7.30
CA SER H 99 -28.38 32.26 8.40
C SER H 99 -28.89 30.83 8.32
N GLU H 100 -29.85 30.56 7.43
CA GLU H 100 -30.41 29.22 7.29
C GLU H 100 -29.41 28.24 6.70
N VAL H 101 -28.27 28.71 6.19
CA VAL H 101 -27.30 27.84 5.54
C VAL H 101 -25.97 27.89 6.28
N TYR H 102 -26.03 28.11 7.59
CA TYR H 102 -24.81 28.16 8.40
C TYR H 102 -24.91 27.21 9.58
N SER H 103 -25.32 25.97 9.33
CA SER H 103 -25.28 24.94 10.35
C SER H 103 -24.01 24.10 10.18
N THR H 104 -23.53 23.55 11.29
CA THR H 104 -22.30 22.77 11.26
C THR H 104 -22.55 21.32 10.87
N GLU H 105 -23.71 20.76 11.24
CA GLU H 105 -24.05 19.41 10.82
C GLU H 105 -24.14 19.30 9.30
N ILE H 106 -24.86 20.23 8.68
CA ILE H 106 -24.99 20.26 7.23
C ILE H 106 -23.89 21.13 6.65
N LYS H 107 -23.55 20.91 5.38
CA LYS H 107 -22.54 21.67 4.68
C LYS H 107 -23.20 22.70 3.77
N LYS H 108 -22.46 23.76 3.45
CA LYS H 108 -23.03 24.89 2.72
C LYS H 108 -23.62 24.45 1.39
N THR H 109 -22.87 23.64 0.63
CA THR H 109 -23.34 23.20 -0.67
C THR H 109 -24.63 22.40 -0.55
N GLU H 110 -24.70 21.51 0.44
CA GLU H 110 -25.86 20.66 0.60
C GLU H 110 -27.12 21.49 0.88
N VAL H 111 -27.02 22.41 1.83
CA VAL H 111 -28.19 23.20 2.23
C VAL H 111 -28.68 24.04 1.06
N LEU H 112 -27.75 24.65 0.32
CA LEU H 112 -28.13 25.50 -0.81
C LEU H 112 -28.94 24.71 -1.84
N MET H 113 -28.49 23.50 -2.17
CA MET H 113 -29.11 22.78 -3.28
C MET H 113 -30.45 22.18 -2.90
N GLU H 114 -30.60 21.80 -1.63
CA GLU H 114 -31.94 21.41 -1.16
C GLU H 114 -32.91 22.56 -1.35
N ASN H 115 -32.48 23.78 -1.02
CA ASN H 115 -33.32 24.95 -1.29
C ASN H 115 -33.52 25.14 -2.79
N PHE H 116 -32.47 24.93 -3.59
CA PHE H 116 -32.60 25.08 -5.03
C PHE H 116 -33.59 24.08 -5.60
N ARG H 117 -33.49 22.82 -5.17
CA ARG H 117 -34.42 21.80 -5.64
C ARG H 117 -35.85 22.15 -5.30
N ARG H 118 -36.09 22.62 -4.07
CA ARG H 118 -37.44 22.92 -3.65
C ARG H 118 -38.05 24.08 -4.41
N ALA H 119 -37.24 24.85 -5.14
CA ALA H 119 -37.73 25.94 -5.97
C ALA H 119 -37.93 25.53 -7.42
N ILE H 120 -37.66 24.28 -7.77
CA ILE H 120 -37.87 23.76 -9.12
C ILE H 120 -38.99 22.74 -9.06
N GLY H 121 -40.08 23.03 -9.76
CA GLY H 121 -41.24 22.16 -9.76
C GLY H 121 -41.30 21.25 -10.97
N LEU H 122 -42.21 20.28 -10.89
CA LEU H 122 -42.38 19.29 -11.95
C LEU H 122 -43.86 18.93 -12.03
N ARG H 123 -44.51 19.34 -13.12
CA ARG H 123 -45.90 18.94 -13.38
C ARG H 123 -45.87 17.59 -14.07
N ILE H 124 -46.04 16.52 -13.29
CA ILE H 124 -46.14 15.18 -13.85
C ILE H 124 -47.59 14.95 -14.24
N LYS H 125 -47.94 15.33 -15.46
CA LYS H 125 -49.33 15.27 -15.92
C LYS H 125 -49.54 13.95 -16.65
N GLU H 126 -50.18 13.00 -15.97
CA GLU H 126 -50.45 11.68 -16.52
C GLU H 126 -51.95 11.43 -16.49
N THR H 127 -52.52 11.11 -17.66
CA THR H 127 -53.93 10.75 -17.73
C THR H 127 -54.10 9.36 -17.14
N LYS H 128 -54.87 9.26 -16.06
CA LYS H 128 -55.08 8.01 -15.36
C LYS H 128 -56.57 7.71 -15.27
N GLU H 129 -56.93 6.44 -15.44
CA GLU H 129 -58.33 6.03 -15.43
C GLU H 129 -58.87 6.18 -14.02
N VAL H 130 -59.73 7.18 -13.83
CA VAL H 130 -60.31 7.47 -12.52
C VAL H 130 -61.82 7.35 -12.59
N TYR H 131 -62.43 7.10 -11.43
CA TYR H 131 -63.89 6.95 -11.33
C TYR H 131 -64.51 8.29 -10.91
N GLU H 132 -64.60 9.19 -11.89
CA GLU H 132 -65.22 10.49 -11.66
C GLU H 132 -66.73 10.35 -11.77
N GLY H 133 -67.42 10.55 -10.64
CA GLY H 133 -68.86 10.46 -10.61
C GLY H 133 -69.42 11.05 -9.35
N GLU H 134 -70.69 11.44 -9.40
CA GLU H 134 -71.37 12.01 -8.24
C GLU H 134 -71.89 10.88 -7.35
N VAL H 135 -71.58 10.94 -6.06
CA VAL H 135 -72.03 9.89 -5.14
C VAL H 135 -73.54 9.91 -5.05
N THR H 136 -74.17 8.83 -5.48
CA THR H 136 -75.62 8.68 -5.38
C THR H 136 -76.03 8.02 -4.07
N GLU H 137 -75.40 6.90 -3.73
CA GLU H 137 -75.65 6.21 -2.47
C GLU H 137 -74.44 5.32 -2.19
N LEU H 138 -74.20 5.06 -0.91
CA LEU H 138 -73.06 4.26 -0.48
C LEU H 138 -73.56 2.98 0.16
N THR H 139 -72.98 1.86 -0.23
CA THR H 139 -73.36 0.54 0.28
C THR H 139 -72.10 -0.20 0.72
N PRO H 140 -71.50 0.22 1.83
CA PRO H 140 -70.31 -0.48 2.33
C PRO H 140 -70.67 -1.83 2.95
N CYS H 141 -70.32 -2.90 2.27
CA CYS H 141 -70.63 -4.25 2.76
C CYS H 141 -69.38 -5.13 2.79
N HIS H 156 -69.72 -4.87 -0.89
CA HIS H 156 -68.34 -4.42 -0.85
C HIS H 156 -68.20 -2.96 -1.23
N VAL H 157 -68.71 -2.07 -0.37
CA VAL H 157 -68.68 -0.63 -0.57
C VAL H 157 -68.99 -0.31 -2.03
N ILE H 158 -70.17 -0.73 -2.48
CA ILE H 158 -70.61 -0.49 -3.86
C ILE H 158 -71.31 0.86 -3.93
N ILE H 159 -70.55 1.93 -4.09
CA ILE H 159 -71.10 3.27 -4.07
C ILE H 159 -71.59 3.64 -5.48
N GLY H 160 -72.86 4.01 -5.58
CA GLY H 160 -73.39 4.47 -6.86
C GLY H 160 -72.77 5.79 -7.25
N LEU H 161 -72.35 5.90 -8.50
CA LEU H 161 -71.69 7.10 -9.03
C LEU H 161 -72.47 7.58 -10.25
N LYS H 162 -73.32 8.60 -10.04
CA LYS H 162 -74.10 9.16 -11.13
C LYS H 162 -73.20 9.95 -12.06
N THR H 163 -73.36 9.74 -13.36
CA THR H 163 -72.60 10.45 -14.38
C THR H 163 -73.48 10.57 -15.62
N ALA H 164 -72.89 10.96 -16.74
CA ALA H 164 -73.64 10.97 -17.99
C ALA H 164 -74.12 9.57 -18.35
N LYS H 165 -73.35 8.55 -18.00
CA LYS H 165 -73.79 7.17 -18.22
C LYS H 165 -74.89 6.78 -17.23
N GLY H 166 -74.91 7.38 -16.05
CA GLY H 166 -75.87 7.06 -15.02
C GLY H 166 -75.19 6.56 -13.76
N THR H 167 -76.01 6.33 -12.74
CA THR H 167 -75.50 5.84 -11.46
C THR H 167 -74.84 4.48 -11.66
N LYS H 168 -73.58 4.37 -11.22
CA LYS H 168 -72.81 3.14 -11.35
C LYS H 168 -72.38 2.68 -9.96
N GLN H 169 -72.93 1.55 -9.51
CA GLN H 169 -72.55 0.95 -8.24
C GLN H 169 -71.27 0.16 -8.46
N LEU H 170 -70.13 0.76 -8.15
CA LEU H 170 -68.84 0.12 -8.34
C LEU H 170 -68.39 -0.55 -7.05
N LYS H 171 -67.99 -1.82 -7.15
CA LYS H 171 -67.52 -2.56 -5.99
C LYS H 171 -66.11 -2.14 -5.62
N LEU H 172 -65.97 -1.49 -4.46
CA LEU H 172 -64.70 -0.98 -3.96
C LEU H 172 -64.17 -1.92 -2.89
N ASP H 173 -63.09 -1.50 -2.23
CA ASP H 173 -62.46 -2.23 -1.14
C ASP H 173 -62.35 -1.28 0.04
N PRO H 174 -62.41 -1.80 1.27
CA PRO H 174 -62.53 -0.90 2.42
C PRO H 174 -61.47 0.19 2.50
N SER H 175 -60.23 -0.08 2.09
CA SER H 175 -59.20 0.96 2.18
C SER H 175 -59.63 2.20 1.42
N ILE H 176 -60.28 2.04 0.27
CA ILE H 176 -60.82 3.18 -0.46
C ILE H 176 -61.93 3.83 0.35
N PHE H 177 -62.74 3.05 1.06
CA PHE H 177 -63.79 3.63 1.89
C PHE H 177 -63.21 4.51 2.98
N GLU H 178 -62.13 4.07 3.63
CA GLU H 178 -61.44 4.93 4.58
C GLU H 178 -60.96 6.21 3.91
N SER H 179 -60.44 6.10 2.69
CA SER H 179 -60.07 7.29 1.95
C SER H 179 -61.28 8.19 1.71
N LEU H 180 -62.44 7.59 1.43
CA LEU H 180 -63.66 8.37 1.28
C LEU H 180 -63.99 9.12 2.57
N GLN H 181 -63.88 8.45 3.71
CA GLN H 181 -64.12 9.10 4.99
C GLN H 181 -63.08 10.20 5.25
N LYS H 182 -61.82 9.91 4.95
CA LYS H 182 -60.77 10.91 5.15
C LYS H 182 -60.98 12.14 4.27
N GLU H 183 -61.57 11.96 3.10
CA GLU H 183 -61.78 13.05 2.15
C GLU H 183 -63.10 13.79 2.39
N ARG H 184 -63.88 13.38 3.38
CA ARG H 184 -65.15 14.02 3.70
C ARG H 184 -66.08 14.03 2.49
N VAL H 185 -66.39 12.82 2.01
CA VAL H 185 -67.25 12.62 0.85
C VAL H 185 -68.62 12.18 1.32
N GLU H 186 -69.64 12.99 1.04
CA GLU H 186 -71.01 12.67 1.41
C GLU H 186 -71.86 12.50 0.16
N ALA H 187 -73.16 12.32 0.34
CA ALA H 187 -74.05 12.15 -0.81
C ALA H 187 -74.05 13.39 -1.69
N GLY H 188 -74.21 13.17 -2.99
CA GLY H 188 -74.18 14.25 -3.95
C GLY H 188 -72.82 14.92 -4.04
N ASP H 189 -71.76 14.11 -4.09
CA ASP H 189 -70.38 14.60 -4.19
C ASP H 189 -69.78 14.05 -5.48
N VAL H 190 -69.51 14.94 -6.43
CA VAL H 190 -68.84 14.56 -7.67
C VAL H 190 -67.34 14.46 -7.39
N ILE H 191 -66.86 13.23 -7.25
CA ILE H 191 -65.45 12.99 -6.94
C ILE H 191 -64.87 12.03 -7.97
N TYR H 192 -63.57 12.15 -8.18
CA TYR H 192 -62.82 11.25 -9.05
C TYR H 192 -62.04 10.28 -8.17
N ILE H 193 -62.35 9.00 -8.31
CA ILE H 193 -61.80 7.96 -7.45
C ILE H 193 -60.73 7.24 -8.26
N GLU H 194 -59.47 7.38 -7.85
CA GLU H 194 -58.39 6.71 -8.54
C GLU H 194 -58.56 5.20 -8.44
N ALA H 195 -58.90 4.56 -9.54
CA ALA H 195 -59.06 3.11 -9.57
C ALA H 195 -57.73 2.38 -9.72
N ASN H 196 -56.76 2.98 -10.40
CA ASN H 196 -55.44 2.37 -10.52
C ASN H 196 -54.66 2.48 -9.22
N SER H 197 -54.98 3.45 -8.36
CA SER H 197 -54.32 3.61 -7.08
C SER H 197 -55.19 3.20 -5.90
N GLY H 198 -56.49 2.97 -6.12
CA GLY H 198 -57.38 2.55 -5.06
C GLY H 198 -57.52 3.56 -3.93
N ALA H 199 -57.72 4.83 -4.29
CA ALA H 199 -57.86 5.90 -3.31
C ALA H 199 -58.96 6.86 -3.77
N VAL H 200 -59.76 7.32 -2.82
CA VAL H 200 -60.81 8.29 -3.12
C VAL H 200 -60.27 9.70 -2.87
N LYS H 201 -60.42 10.57 -3.86
CA LYS H 201 -59.93 11.94 -3.79
C LYS H 201 -61.11 12.87 -4.09
N ARG H 202 -61.54 13.61 -3.08
CA ARG H 202 -62.70 14.49 -3.22
C ARG H 202 -62.42 15.63 -4.18
N GLN H 203 -63.11 15.67 -5.31
CA GLN H 203 -63.05 16.80 -6.21
C GLN H 203 -64.06 17.89 -5.85
N GLY H 204 -64.99 17.60 -4.94
CA GLY H 204 -65.99 18.56 -4.53
C GLY H 204 -67.35 17.87 -4.41
N ARG H 205 -68.38 18.70 -4.37
CA ARG H 205 -69.76 18.25 -4.30
C ARG H 205 -70.38 18.33 -5.70
N CYS H 206 -71.68 18.09 -5.80
CA CYS H 206 -72.41 18.18 -7.04
C CYS H 206 -73.12 19.52 -7.14
N ASP H 207 -73.56 19.85 -8.36
CA ASP H 207 -74.25 21.12 -8.60
C ASP H 207 -75.68 21.12 -8.06
N THR H 208 -76.17 20.00 -7.53
CA THR H 208 -77.50 19.98 -6.96
C THR H 208 -77.63 20.98 -5.81
N TYR H 209 -76.61 21.04 -4.95
CA TYR H 209 -76.59 21.98 -3.84
C TYR H 209 -75.88 23.29 -4.20
N ALA H 210 -75.47 23.46 -5.45
CA ALA H 210 -74.77 24.67 -5.85
C ALA H 210 -75.69 25.88 -5.77
N THR H 211 -75.24 26.92 -5.08
CA THR H 211 -75.96 28.18 -4.96
C THR H 211 -75.35 29.21 -5.90
N GLU H 212 -75.77 30.47 -5.77
CA GLU H 212 -75.20 31.52 -6.60
C GLU H 212 -73.69 31.61 -6.43
N PHE H 213 -73.22 31.56 -5.19
CA PHE H 213 -71.78 31.66 -4.94
C PHE H 213 -71.06 30.36 -5.26
N ASP H 214 -71.71 29.22 -5.07
CA ASP H 214 -71.13 27.92 -5.40
C ASP H 214 -71.46 27.57 -6.84
N LEU H 215 -70.43 27.45 -7.67
CA LEU H 215 -70.62 27.29 -9.11
C LEU H 215 -69.83 26.06 -9.59
N GLU H 216 -69.89 25.81 -10.89
CA GLU H 216 -69.30 24.63 -11.51
C GLU H 216 -67.78 24.67 -11.44
N ALA H 217 -67.18 23.51 -11.69
CA ALA H 217 -65.71 23.38 -11.69
C ALA H 217 -65.12 23.90 -10.38
N GLU H 218 -65.80 23.58 -9.28
CA GLU H 218 -65.41 24.05 -7.96
C GLU H 218 -65.81 23.02 -6.90
N GLU H 219 -65.89 23.45 -5.65
CA GLU H 219 -66.30 22.57 -4.56
C GLU H 219 -67.72 22.02 -4.76
N TYR H 220 -68.39 22.38 -5.84
CA TYR H 220 -69.71 21.85 -6.19
C TYR H 220 -69.73 21.46 -7.66
N VAL H 221 -68.71 20.70 -8.08
CA VAL H 221 -68.55 20.27 -9.47
C VAL H 221 -69.87 19.72 -10.00
N PRO H 222 -70.22 19.97 -11.25
CA PRO H 222 -71.46 19.42 -11.81
C PRO H 222 -71.35 17.92 -12.05
N LEU H 223 -72.46 17.35 -12.50
CA LEU H 223 -72.49 15.94 -12.83
C LEU H 223 -71.46 15.64 -13.92
N PRO H 224 -70.58 14.66 -13.74
CA PRO H 224 -69.53 14.41 -14.73
C PRO H 224 -70.11 14.02 -16.08
N LYS H 225 -69.86 14.86 -17.08
CA LYS H 225 -70.29 14.58 -18.45
C LYS H 225 -69.35 13.55 -19.05
N GLY H 226 -69.75 12.28 -19.01
CA GLY H 226 -68.93 11.21 -19.55
C GLY H 226 -69.06 9.93 -18.75
N ASP H 227 -68.53 8.83 -19.30
CA ASP H 227 -68.61 7.55 -18.62
C ASP H 227 -67.83 7.60 -17.31
N VAL H 228 -68.35 6.91 -16.30
CA VAL H 228 -67.85 7.01 -14.93
C VAL H 228 -66.33 6.85 -14.90
N HIS H 229 -65.82 5.76 -15.49
CA HIS H 229 -64.38 5.56 -15.53
C HIS H 229 -63.84 6.24 -16.78
N LYS H 230 -63.15 7.36 -16.56
CA LYS H 230 -62.60 8.18 -17.64
C LYS H 230 -61.14 8.47 -17.36
N LYS H 231 -60.37 8.68 -18.41
CA LYS H 231 -58.95 9.01 -18.27
C LYS H 231 -58.82 10.48 -17.88
N LYS H 232 -58.52 10.72 -16.60
CA LYS H 232 -58.35 12.07 -16.08
C LYS H 232 -56.87 12.35 -15.88
N GLU H 233 -56.40 13.44 -16.48
CA GLU H 233 -54.99 13.81 -16.37
C GLU H 233 -54.72 14.32 -14.95
N ILE H 234 -53.97 13.53 -14.18
CA ILE H 234 -53.69 13.86 -12.78
C ILE H 234 -52.48 14.76 -12.76
N ILE H 235 -52.71 16.04 -12.43
CA ILE H 235 -51.63 17.03 -12.37
C ILE H 235 -50.92 16.86 -11.03
N GLN H 236 -49.77 16.20 -11.06
CA GLN H 236 -48.97 16.02 -9.85
C GLN H 236 -47.91 17.12 -9.78
N ASP H 237 -47.97 17.93 -8.72
CA ASP H 237 -47.01 19.01 -8.50
C ASP H 237 -46.04 18.57 -7.42
N VAL H 238 -44.81 18.26 -7.82
CA VAL H 238 -43.78 17.83 -6.89
C VAL H 238 -42.44 18.40 -7.37
N THR H 239 -41.59 18.74 -6.41
CA THR H 239 -40.26 19.26 -6.71
C THR H 239 -39.23 18.14 -6.66
N LEU H 240 -38.04 18.43 -7.16
CA LEU H 240 -36.98 17.43 -7.17
C LEU H 240 -36.63 16.98 -5.77
N HIS H 241 -36.59 17.91 -4.81
CA HIS H 241 -36.28 17.54 -3.43
C HIS H 241 -37.34 16.59 -2.88
N ASP H 242 -38.61 16.85 -3.17
CA ASP H 242 -39.66 15.93 -2.74
C ASP H 242 -39.46 14.54 -3.34
N LEU H 243 -39.07 14.50 -4.62
CA LEU H 243 -38.76 13.21 -5.25
C LEU H 243 -37.59 12.55 -4.54
N ASP H 244 -36.56 13.31 -4.20
CA ASP H 244 -35.40 12.74 -3.52
C ASP H 244 -35.80 12.16 -2.17
N VAL H 245 -36.59 12.91 -1.39
CA VAL H 245 -37.01 12.42 -0.09
C VAL H 245 -37.89 11.19 -0.25
N ALA H 246 -38.74 11.16 -1.27
CA ALA H 246 -39.61 10.01 -1.49
C ALA H 246 -38.81 8.75 -1.78
N ASN H 247 -37.78 8.88 -2.61
CA ASN H 247 -36.95 7.75 -3.00
C ASN H 247 -35.98 7.38 -1.88
N ILE H 271 -30.00 11.41 0.32
CA ILE H 271 -29.28 12.52 -0.30
C ILE H 271 -27.79 12.25 -0.27
N THR H 272 -27.35 11.27 -1.07
CA THR H 272 -25.94 10.88 -1.09
C THR H 272 -25.38 10.94 -2.50
N ASP H 273 -25.93 11.82 -3.33
CA ASP H 273 -25.41 12.03 -4.68
C ASP H 273 -25.66 10.85 -5.61
N LYS H 274 -26.15 9.74 -5.06
CA LYS H 274 -26.62 8.64 -5.90
C LYS H 274 -28.12 8.75 -6.06
N LEU H 275 -28.84 8.90 -4.95
CA LEU H 275 -30.28 9.09 -5.00
C LEU H 275 -30.65 10.35 -5.77
N ARG H 276 -29.91 11.44 -5.54
CA ARG H 276 -30.21 12.71 -6.21
C ARG H 276 -30.04 12.58 -7.72
N GLY H 277 -28.88 12.07 -8.15
CA GLY H 277 -28.66 11.90 -9.58
C GLY H 277 -29.63 10.91 -10.20
N GLU H 278 -29.91 9.81 -9.50
CA GLU H 278 -30.86 8.83 -10.00
C GLU H 278 -32.23 9.45 -10.21
N ILE H 279 -32.67 10.28 -9.26
CA ILE H 279 -33.95 10.97 -9.42
C ILE H 279 -33.91 11.88 -10.64
N ASN H 280 -32.78 12.54 -10.87
CA ASN H 280 -32.66 13.47 -11.99
C ASN H 280 -32.93 12.77 -13.32
N LYS H 281 -32.34 11.58 -13.50
CA LYS H 281 -32.54 10.83 -14.74
C LYS H 281 -34.00 10.48 -14.94
N VAL H 282 -34.71 10.12 -13.86
CA VAL H 282 -36.13 9.82 -13.97
C VAL H 282 -36.88 11.06 -14.44
N VAL H 283 -36.56 12.23 -13.90
CA VAL H 283 -37.18 13.46 -14.34
C VAL H 283 -36.94 13.67 -15.83
N ASN H 284 -35.70 13.47 -16.27
CA ASN H 284 -35.37 13.63 -17.68
C ASN H 284 -36.18 12.68 -18.55
N LYS H 285 -36.27 11.41 -18.14
CA LYS H 285 -37.04 10.43 -18.90
C LYS H 285 -38.51 10.83 -18.95
N TYR H 286 -39.05 11.26 -17.81
CA TYR H 286 -40.42 11.77 -17.78
C TYR H 286 -40.57 12.94 -18.75
N ILE H 287 -39.55 13.78 -18.83
CA ILE H 287 -39.57 14.91 -19.76
C ILE H 287 -39.74 14.41 -21.19
N ASP H 288 -38.93 13.44 -21.59
CA ASP H 288 -38.93 12.97 -22.98
C ASP H 288 -40.26 12.34 -23.35
N GLN H 289 -40.85 11.58 -22.43
CA GLN H 289 -42.14 10.95 -22.69
C GLN H 289 -43.22 11.99 -22.96
N GLY H 290 -42.99 13.23 -22.56
CA GLY H 290 -43.97 14.28 -22.73
C GLY H 290 -45.04 14.34 -21.67
N ILE H 291 -44.83 13.66 -20.54
CA ILE H 291 -45.81 13.65 -19.47
C ILE H 291 -45.42 14.56 -18.31
N ALA H 292 -44.14 14.79 -18.08
CA ALA H 292 -43.67 15.65 -17.00
C ALA H 292 -43.11 16.94 -17.58
N GLU H 293 -43.66 18.07 -17.15
CA GLU H 293 -43.26 19.39 -17.64
C GLU H 293 -42.55 20.13 -16.51
N LEU H 294 -41.34 20.63 -16.80
CA LEU H 294 -40.61 21.42 -15.82
C LEU H 294 -41.14 22.83 -15.76
N VAL H 295 -41.24 23.38 -14.55
CA VAL H 295 -41.67 24.76 -14.35
C VAL H 295 -40.81 25.38 -13.26
N PRO H 296 -39.84 26.23 -13.59
CA PRO H 296 -39.01 26.84 -12.54
C PRO H 296 -39.87 27.67 -11.59
N GLY H 297 -39.54 27.59 -10.31
CA GLY H 297 -40.24 28.33 -9.28
C GLY H 297 -39.51 29.60 -8.92
N VAL H 298 -39.67 30.04 -7.67
CA VAL H 298 -39.00 31.21 -7.15
C VAL H 298 -38.29 30.83 -5.86
N LEU H 299 -36.98 31.07 -5.81
CA LEU H 299 -36.19 30.83 -4.62
C LEU H 299 -35.92 32.17 -3.94
N PHE H 300 -36.60 32.42 -2.84
CA PHE H 300 -36.51 33.69 -2.14
C PHE H 300 -35.43 33.60 -1.07
N VAL H 301 -34.49 34.55 -1.10
CA VAL H 301 -33.36 34.57 -0.20
C VAL H 301 -33.44 35.83 0.64
N ASP H 302 -33.91 35.70 1.87
CA ASP H 302 -33.94 36.80 2.82
C ASP H 302 -32.60 36.90 3.55
N GLU H 303 -32.36 38.06 4.16
CA GLU H 303 -31.11 38.32 4.87
C GLU H 303 -29.92 38.06 3.95
N VAL H 304 -30.03 38.54 2.71
CA VAL H 304 -29.00 38.27 1.70
C VAL H 304 -27.62 38.74 2.13
N HIS H 305 -27.54 39.80 2.94
CA HIS H 305 -26.25 40.30 3.39
C HIS H 305 -25.50 39.32 4.28
N MET H 306 -26.18 38.30 4.79
CA MET H 306 -25.54 37.30 5.64
C MET H 306 -24.86 36.19 4.86
N LEU H 307 -25.07 36.12 3.55
CA LEU H 307 -24.39 35.13 2.74
C LEU H 307 -22.95 35.57 2.46
N ASP H 308 -22.10 34.60 2.17
CA ASP H 308 -20.68 34.84 1.99
C ASP H 308 -20.35 34.90 0.49
N ILE H 309 -19.07 35.09 0.18
CA ILE H 309 -18.65 35.14 -1.22
C ILE H 309 -18.83 33.79 -1.88
N GLU H 310 -18.43 32.71 -1.20
CA GLU H 310 -18.56 31.38 -1.78
C GLU H 310 -20.01 31.05 -2.11
N CYS H 311 -20.95 31.49 -1.26
CA CYS H 311 -22.36 31.24 -1.55
C CYS H 311 -22.82 32.02 -2.77
N PHE H 312 -22.44 33.29 -2.88
CA PHE H 312 -22.86 34.09 -4.02
C PHE H 312 -22.32 33.50 -5.31
N THR H 313 -21.02 33.14 -5.34
CA THR H 313 -20.48 32.49 -6.52
C THR H 313 -21.23 31.21 -6.84
N TYR H 314 -21.73 30.52 -5.82
CA TYR H 314 -22.48 29.29 -6.06
C TYR H 314 -23.83 29.59 -6.71
N LEU H 315 -24.47 30.66 -6.26
CA LEU H 315 -25.75 31.07 -6.86
C LEU H 315 -25.55 31.52 -8.30
N HIS H 316 -24.46 32.24 -8.57
CA HIS H 316 -24.23 32.80 -9.90
C HIS H 316 -24.24 31.72 -10.96
N ARG H 317 -23.33 30.74 -10.85
CA ARG H 317 -23.27 29.68 -11.85
C ARG H 317 -24.57 28.90 -11.91
N ALA H 318 -25.27 28.78 -10.77
CA ALA H 318 -26.58 28.16 -10.78
C ALA H 318 -27.57 28.98 -11.60
N LEU H 319 -27.52 30.30 -11.46
CA LEU H 319 -28.40 31.18 -12.23
C LEU H 319 -28.13 31.04 -13.73
N GLU H 320 -26.88 30.77 -14.10
CA GLU H 320 -26.54 30.72 -15.53
C GLU H 320 -27.30 29.59 -16.22
N SER H 321 -27.66 28.54 -15.49
CA SER H 321 -28.39 27.44 -16.09
C SER H 321 -29.74 27.91 -16.60
N SER H 322 -30.17 27.31 -17.72
CA SER H 322 -31.44 27.72 -18.34
C SER H 322 -32.62 27.42 -17.43
N ILE H 323 -32.62 26.24 -16.79
CA ILE H 323 -33.78 25.83 -15.99
C ILE H 323 -33.79 26.48 -14.61
N ALA H 324 -32.71 27.14 -14.21
CA ALA H 324 -32.64 27.69 -12.86
C ALA H 324 -33.79 28.65 -12.61
N PRO H 325 -34.43 28.56 -11.44
CA PRO H 325 -35.55 29.45 -11.14
C PRO H 325 -35.07 30.88 -10.86
N ILE H 326 -36.04 31.80 -10.87
CA ILE H 326 -35.72 33.19 -10.60
C ILE H 326 -35.34 33.34 -9.14
N VAL H 327 -34.16 33.89 -8.88
CA VAL H 327 -33.66 34.12 -7.53
C VAL H 327 -34.08 35.51 -7.09
N ILE H 328 -34.90 35.58 -6.05
CA ILE H 328 -35.41 36.84 -5.53
C ILE H 328 -34.72 37.12 -4.21
N PHE H 329 -33.84 38.12 -4.20
CA PHE H 329 -33.13 38.51 -3.00
C PHE H 329 -33.98 39.50 -2.18
N ALA H 330 -33.61 39.68 -0.93
CA ALA H 330 -34.27 40.64 -0.06
C ALA H 330 -33.24 41.17 0.93
N SER H 331 -33.23 42.49 1.12
CA SER H 331 -32.22 43.12 1.97
C SER H 331 -32.90 44.04 2.97
N ASN H 332 -32.44 43.96 4.22
CA ASN H 332 -32.94 44.81 5.30
C ASN H 332 -31.87 45.75 5.84
N ARG H 333 -30.71 45.81 5.21
CA ARG H 333 -29.70 46.82 5.52
C ARG H 333 -29.10 47.36 4.23
N GLY H 334 -28.42 48.50 4.35
CA GLY H 334 -27.78 49.12 3.19
C GLY H 334 -26.47 48.47 2.82
N ASN H 335 -25.54 49.24 2.27
CA ASN H 335 -24.23 48.70 1.89
C ASN H 335 -23.56 48.04 3.09
N CYS H 336 -23.10 46.81 2.91
CA CYS H 336 -22.47 46.04 3.97
C CYS H 336 -21.33 45.23 3.39
N VAL H 337 -20.32 44.96 4.22
CA VAL H 337 -19.17 44.18 3.78
C VAL H 337 -19.59 42.75 3.53
N ILE H 338 -19.24 42.22 2.35
CA ILE H 338 -19.57 40.84 2.04
C ILE H 338 -18.91 39.91 3.05
N ARG H 339 -19.65 38.90 3.50
CA ARG H 339 -19.11 37.95 4.44
C ARG H 339 -17.91 37.22 3.84
N GLY H 340 -16.95 36.88 4.69
CA GLY H 340 -15.72 36.27 4.23
C GLY H 340 -14.64 37.29 3.96
N THR H 341 -14.82 38.11 2.93
CA THR H 341 -13.87 39.18 2.64
C THR H 341 -13.85 40.17 3.81
N GLU H 342 -12.70 40.30 4.46
CA GLU H 342 -12.60 41.18 5.62
C GLU H 342 -12.98 42.61 5.26
N ASP H 343 -12.35 43.16 4.22
CA ASP H 343 -12.65 44.49 3.73
C ASP H 343 -13.51 44.40 2.47
N ILE H 344 -13.69 45.53 1.78
CA ILE H 344 -14.44 45.57 0.54
C ILE H 344 -15.93 45.44 0.83
N THR H 345 -16.59 46.58 1.05
CA THR H 345 -18.03 46.61 1.31
C THR H 345 -18.76 46.90 0.01
N SER H 346 -19.66 45.98 -0.37
CA SER H 346 -20.47 46.17 -1.58
C SER H 346 -21.93 46.37 -1.20
N PRO H 347 -22.69 47.08 -2.03
CA PRO H 347 -24.11 47.33 -1.72
C PRO H 347 -24.86 46.08 -1.32
N HIS H 348 -25.54 46.13 -0.18
CA HIS H 348 -26.37 45.04 0.34
C HIS H 348 -25.57 43.78 0.61
N GLY H 349 -24.24 43.84 0.52
CA GLY H 349 -23.41 42.67 0.70
C GLY H 349 -23.25 41.81 -0.53
N ILE H 350 -24.04 42.04 -1.57
CA ILE H 350 -23.91 41.28 -2.81
C ILE H 350 -22.65 41.74 -3.54
N PRO H 351 -21.88 40.83 -4.14
CA PRO H 351 -20.72 41.25 -4.92
C PRO H 351 -21.13 41.95 -6.21
N LEU H 352 -20.17 42.66 -6.79
CA LEU H 352 -20.48 43.50 -7.95
C LEU H 352 -20.96 42.68 -9.13
N ASP H 353 -20.32 41.54 -9.40
CA ASP H 353 -20.64 40.78 -10.60
C ASP H 353 -22.10 40.33 -10.62
N LEU H 354 -22.65 39.96 -9.46
CA LEU H 354 -24.04 39.53 -9.39
C LEU H 354 -25.00 40.69 -9.25
N LEU H 355 -24.56 41.79 -8.61
CA LEU H 355 -25.43 42.96 -8.49
C LEU H 355 -25.81 43.51 -9.85
N ASP H 356 -24.89 43.53 -10.80
CA ASP H 356 -25.16 44.06 -12.13
C ASP H 356 -26.09 43.17 -12.94
N ARG H 357 -26.39 41.96 -12.46
CA ARG H 357 -27.29 41.03 -13.15
C ARG H 357 -28.63 40.92 -12.45
N VAL H 358 -29.04 41.97 -11.72
CA VAL H 358 -30.27 41.93 -10.95
C VAL H 358 -31.03 43.23 -11.15
N MET H 359 -32.34 43.19 -10.89
CA MET H 359 -33.19 44.36 -10.91
C MET H 359 -33.69 44.63 -9.50
N ILE H 360 -33.58 45.88 -9.07
CA ILE H 360 -33.92 46.29 -7.71
C ILE H 360 -35.31 46.90 -7.70
N ILE H 361 -36.15 46.44 -6.79
CA ILE H 361 -37.50 46.96 -6.62
C ILE H 361 -37.66 47.45 -5.19
N ARG H 362 -37.95 48.73 -5.03
CA ARG H 362 -38.11 49.33 -3.71
C ARG H 362 -39.54 49.11 -3.22
N THR H 363 -39.67 48.76 -1.94
CA THR H 363 -40.97 48.57 -1.31
C THR H 363 -41.22 49.75 -0.36
N MET H 364 -42.42 50.31 -0.44
CA MET H 364 -42.74 51.50 0.34
C MET H 364 -43.08 51.11 1.78
N LEU H 365 -43.45 52.12 2.57
CA LEU H 365 -43.90 51.92 3.94
C LEU H 365 -45.42 52.03 4.00
N TYR H 366 -46.02 51.29 4.92
CA TYR H 366 -47.46 51.33 5.11
C TYR H 366 -47.83 52.53 5.98
N THR H 367 -48.86 53.24 5.56
CA THR H 367 -49.42 54.30 6.39
C THR H 367 -50.30 53.71 7.48
N PRO H 368 -50.64 54.48 8.49
CA PRO H 368 -51.54 53.95 9.53
C PRO H 368 -52.82 53.38 8.95
N GLN H 369 -53.36 54.02 7.91
CA GLN H 369 -54.54 53.49 7.24
C GLN H 369 -54.25 52.15 6.59
N GLU H 370 -53.21 52.09 5.76
CA GLU H 370 -52.95 50.88 4.97
C GLU H 370 -52.79 49.65 5.87
N MET H 371 -52.24 49.84 7.07
CA MET H 371 -51.95 48.71 7.94
C MET H 371 -53.22 47.98 8.39
N LYS H 372 -54.27 48.73 8.73
CA LYS H 372 -55.42 48.10 9.39
C LYS H 372 -56.11 47.09 8.48
N GLN H 373 -56.30 47.41 7.20
CA GLN H 373 -56.90 46.43 6.30
C GLN H 373 -56.04 45.17 6.23
N ILE H 374 -54.72 45.36 6.16
CA ILE H 374 -53.82 44.21 6.13
C ILE H 374 -54.06 43.32 7.35
N ILE H 375 -54.15 43.93 8.52
CA ILE H 375 -54.48 43.17 9.73
C ILE H 375 -55.86 42.56 9.61
N LYS H 376 -56.80 43.28 8.97
CA LYS H 376 -58.14 42.76 8.80
C LYS H 376 -58.13 41.47 7.98
N ILE H 377 -57.34 41.46 6.90
CA ILE H 377 -57.22 40.24 6.09
C ILE H 377 -56.65 39.10 6.93
N ARG H 378 -55.61 39.39 7.72
CA ARG H 378 -55.02 38.37 8.56
C ARG H 378 -56.03 37.84 9.58
N ALA H 379 -56.78 38.75 10.20
CA ALA H 379 -57.77 38.33 11.19
C ALA H 379 -58.83 37.44 10.57
N GLN H 380 -59.31 37.79 9.38
CA GLN H 380 -60.32 36.97 8.72
C GLN H 380 -59.77 35.60 8.39
N THR H 381 -58.51 35.52 7.94
CA THR H 381 -57.92 34.23 7.61
C THR H 381 -57.81 33.35 8.85
N GLU H 382 -57.43 33.92 9.99
CA GLU H 382 -57.37 33.17 11.23
C GLU H 382 -58.74 32.82 11.78
N GLY H 383 -59.79 33.48 11.29
CA GLY H 383 -61.11 33.28 11.85
C GLY H 383 -61.35 34.07 13.10
N ILE H 384 -60.63 35.17 13.30
CA ILE H 384 -60.72 35.97 14.51
C ILE H 384 -61.69 37.12 14.27
N ASN H 385 -62.77 37.16 15.02
CA ASN H 385 -63.67 38.31 15.03
C ASN H 385 -63.11 39.37 15.97
N ILE H 386 -63.10 40.62 15.51
CA ILE H 386 -62.44 41.71 16.23
C ILE H 386 -63.21 42.99 16.00
N SER H 387 -63.12 43.91 16.97
CA SER H 387 -63.78 45.20 16.86
C SER H 387 -62.91 46.19 16.10
N GLU H 388 -63.56 47.25 15.60
CA GLU H 388 -62.82 48.28 14.88
C GLU H 388 -61.80 48.97 15.76
N GLU H 389 -62.16 49.26 17.01
CA GLU H 389 -61.23 49.92 17.92
C GLU H 389 -59.97 49.08 18.12
N ALA H 390 -60.14 47.77 18.30
CA ALA H 390 -58.99 46.89 18.41
C ALA H 390 -58.16 46.90 17.14
N LEU H 391 -58.83 46.91 15.98
CA LEU H 391 -58.11 46.92 14.71
C LEU H 391 -57.27 48.17 14.56
N ASN H 392 -57.81 49.32 14.97
CA ASN H 392 -57.05 50.56 14.89
C ASN H 392 -55.83 50.52 15.81
N HIS H 393 -55.99 50.01 17.03
CA HIS H 393 -54.85 49.94 17.95
C HIS H 393 -53.75 49.06 17.38
N LEU H 394 -54.11 47.91 16.80
CA LEU H 394 -53.09 47.03 16.23
C LEU H 394 -52.31 47.74 15.13
N GLY H 395 -52.99 48.56 14.33
CA GLY H 395 -52.29 49.38 13.36
C GLY H 395 -51.32 50.35 14.03
N GLU H 396 -51.76 50.97 15.13
CA GLU H 396 -50.89 51.89 15.86
C GLU H 396 -49.67 51.17 16.39
N ILE H 397 -49.86 49.97 16.94
CA ILE H 397 -48.72 49.19 17.42
C ILE H 397 -47.77 48.86 16.28
N GLY H 398 -48.32 48.49 15.13
CA GLY H 398 -47.51 48.16 13.98
C GLY H 398 -46.65 49.32 13.50
N THR H 399 -47.24 50.51 13.43
CA THR H 399 -46.49 51.70 13.04
C THR H 399 -45.37 51.97 14.02
N LYS H 400 -45.59 51.64 15.30
CA LYS H 400 -44.59 51.86 16.32
C LYS H 400 -43.35 50.99 16.08
N THR H 401 -43.53 49.68 16.05
CA THR H 401 -42.42 48.75 15.88
C THR H 401 -42.38 48.11 14.50
N THR H 402 -43.44 47.42 14.09
CA THR H 402 -43.49 46.79 12.80
C THR H 402 -44.84 46.13 12.62
N LEU H 403 -45.18 45.80 11.38
CA LEU H 403 -46.43 45.10 11.12
C LEU H 403 -46.37 43.67 11.64
N ARG H 404 -45.18 43.07 11.65
CA ARG H 404 -45.04 41.70 12.15
C ARG H 404 -45.42 41.61 13.61
N TYR H 405 -45.00 42.60 14.40
CA TYR H 405 -45.29 42.60 15.83
C TYR H 405 -46.80 42.60 16.08
N SER H 406 -47.53 43.42 15.33
CA SER H 406 -48.98 43.44 15.47
C SER H 406 -49.58 42.10 15.08
N VAL H 407 -49.10 41.52 13.97
CA VAL H 407 -49.64 40.23 13.52
C VAL H 407 -49.38 39.15 14.57
N GLN H 408 -48.23 39.20 15.22
CA GLN H 408 -47.94 38.26 16.29
C GLN H 408 -48.79 38.47 17.53
N LEU H 409 -49.51 39.59 17.61
CA LEU H 409 -50.35 39.89 18.76
C LEU H 409 -51.78 39.38 18.61
N LEU H 410 -52.19 38.96 17.41
CA LEU H 410 -53.55 38.50 17.21
C LEU H 410 -53.86 37.27 18.06
N THR H 411 -53.02 36.24 17.95
CA THR H 411 -53.29 35.00 18.67
C THR H 411 -53.28 35.20 20.18
N PRO H 412 -52.24 35.76 20.78
CA PRO H 412 -52.28 35.96 22.25
C PRO H 412 -53.45 36.80 22.71
N ALA H 413 -53.84 37.81 21.92
CA ALA H 413 -54.94 38.67 22.33
C ALA H 413 -56.29 37.98 22.17
N ASN H 414 -56.47 37.19 21.10
CA ASN H 414 -57.74 36.54 20.87
C ASN H 414 -58.12 35.62 22.02
N LEU H 415 -57.17 34.80 22.49
CA LEU H 415 -57.42 33.91 23.61
C LEU H 415 -57.53 34.65 24.94
N LEU H 416 -56.90 35.81 25.06
CA LEU H 416 -57.11 36.62 26.26
C LEU H 416 -58.58 36.93 26.45
N ALA H 417 -59.30 37.17 25.35
CA ALA H 417 -60.75 37.28 25.42
C ALA H 417 -61.39 35.92 25.64
N LYS H 418 -60.83 34.87 25.03
CA LYS H 418 -61.36 33.53 25.24
C LYS H 418 -61.40 33.18 26.72
N ILE H 419 -60.30 33.41 27.43
CA ILE H 419 -60.24 33.03 28.84
C ILE H 419 -61.24 33.87 29.65
N ASN H 420 -61.41 35.14 29.29
CA ASN H 420 -62.43 35.96 29.91
C ASN H 420 -63.84 35.61 29.45
N GLY H 421 -63.97 34.76 28.42
CA GLY H 421 -65.25 34.30 27.94
C GLY H 421 -65.79 35.04 26.73
N LYS H 422 -65.29 36.24 26.46
CA LYS H 422 -65.78 37.02 25.34
C LYS H 422 -65.31 36.43 24.02
N ASP H 423 -66.22 36.37 23.06
CA ASP H 423 -65.91 35.85 21.73
C ASP H 423 -65.14 36.83 20.87
N SER H 424 -65.31 38.13 21.09
CA SER H 424 -64.66 39.16 20.29
C SER H 424 -63.47 39.75 21.04
N ILE H 425 -62.60 40.40 20.27
CA ILE H 425 -61.41 41.04 20.81
C ILE H 425 -61.74 42.49 21.15
N GLU H 426 -61.40 42.90 22.37
CA GLU H 426 -61.67 44.24 22.87
C GLU H 426 -60.39 45.06 22.86
N LYS H 427 -60.54 46.35 22.55
CA LYS H 427 -59.39 47.25 22.50
C LYS H 427 -58.74 47.39 23.87
N GLU H 428 -59.48 47.12 24.95
CA GLU H 428 -58.95 47.40 26.27
C GLU H 428 -57.80 46.47 26.64
N HIS H 429 -57.98 45.16 26.46
CA HIS H 429 -56.96 44.24 26.93
C HIS H 429 -55.89 43.96 25.88
N VAL H 430 -56.06 44.43 24.65
CA VAL H 430 -54.93 44.43 23.72
C VAL H 430 -53.86 45.40 24.22
N GLU H 431 -54.26 46.43 24.95
CA GLU H 431 -53.30 47.21 25.72
C GLU H 431 -52.51 46.30 26.65
N GLU H 432 -53.18 45.35 27.30
CA GLU H 432 -52.59 44.49 28.30
C GLU H 432 -52.09 43.18 27.73
N ILE H 433 -51.81 43.16 26.42
CA ILE H 433 -51.07 42.07 25.81
C ILE H 433 -49.80 42.68 25.22
N SER H 434 -49.88 43.97 24.89
CA SER H 434 -48.69 44.72 24.52
C SER H 434 -47.82 44.99 25.75
N GLU H 435 -48.43 45.14 26.91
CA GLU H 435 -47.69 45.29 28.16
C GLU H 435 -47.12 43.98 28.66
N LEU H 436 -47.73 42.85 28.31
CA LEU H 436 -47.21 41.54 28.71
C LEU H 436 -46.09 41.08 27.77
N PHE H 437 -46.32 41.17 26.47
CA PHE H 437 -45.33 40.80 25.47
C PHE H 437 -44.70 42.07 24.90
N TYR H 438 -43.38 42.03 24.73
CA TYR H 438 -42.61 43.21 24.38
C TYR H 438 -41.95 43.04 23.02
N ASP H 439 -41.60 44.17 22.41
CA ASP H 439 -40.95 44.18 21.13
C ASP H 439 -39.45 43.90 21.29
N ALA H 440 -38.85 43.31 20.24
CA ALA H 440 -37.43 42.97 20.30
C ALA H 440 -36.60 44.20 20.61
N LYS H 441 -36.79 45.29 19.86
CA LYS H 441 -36.00 46.49 20.11
C LYS H 441 -36.31 47.08 21.47
N SER H 442 -37.59 47.11 21.85
CA SER H 442 -37.97 47.68 23.13
C SER H 442 -37.29 46.95 24.28
N SER H 443 -37.28 45.61 24.23
CA SER H 443 -36.59 44.84 25.26
C SER H 443 -35.10 45.18 25.29
N ALA H 444 -34.49 45.34 24.12
CA ALA H 444 -33.09 45.71 24.06
C ALA H 444 -32.84 47.07 24.70
N LYS H 445 -33.65 48.05 24.33
CA LYS H 445 -33.50 49.39 24.88
C LYS H 445 -33.73 49.40 26.39
N ILE H 446 -34.84 48.80 26.83
CA ILE H 446 -35.17 48.80 28.25
C ILE H 446 -34.07 48.11 29.05
N LEU H 447 -33.66 46.93 28.60
CA LEU H 447 -32.68 46.14 29.35
C LEU H 447 -31.36 46.89 29.47
N ALA H 448 -30.92 47.51 28.39
CA ALA H 448 -29.65 48.24 28.40
C ALA H 448 -29.69 49.39 29.40
N ASP H 449 -30.88 49.93 29.65
CA ASP H 449 -31.02 51.12 30.49
C ASP H 449 -30.49 50.87 31.90
N GLN H 450 -31.03 49.86 32.57
CA GLN H 450 -30.73 49.65 33.99
C GLN H 450 -29.25 49.43 34.25
N GLN H 451 -28.59 48.63 33.40
CA GLN H 451 -27.17 48.38 33.58
C GLN H 451 -26.38 49.68 33.69
N VAL I 6 20.39 17.61 -21.02
CA VAL I 6 19.22 18.08 -20.30
C VAL I 6 18.99 19.55 -20.57
N LYS I 7 17.78 19.89 -21.03
CA LYS I 7 17.46 21.26 -21.36
C LYS I 7 17.59 22.16 -20.14
N SER I 8 18.26 23.31 -20.32
CA SER I 8 18.43 24.25 -19.23
C SER I 8 17.07 24.85 -18.85
N THR I 9 16.80 24.94 -17.56
CA THR I 9 15.54 25.48 -17.05
C THR I 9 15.84 26.80 -16.35
N THR I 10 15.71 27.90 -17.10
CA THR I 10 15.96 29.24 -16.58
C THR I 10 14.95 30.21 -17.19
N LYS I 11 14.52 31.18 -16.39
CA LYS I 11 13.66 32.25 -16.87
C LYS I 11 14.52 33.25 -17.64
N THR I 12 14.74 32.96 -18.92
CA THR I 12 15.50 33.86 -19.76
C THR I 12 14.87 35.25 -19.78
N GLN I 13 13.55 35.33 -19.68
CA GLN I 13 12.88 36.62 -19.65
C GLN I 13 13.26 37.42 -18.41
N ARG I 14 13.29 36.77 -17.25
CA ARG I 14 13.60 37.48 -16.00
C ARG I 14 14.99 38.11 -16.06
N ILE I 15 15.98 37.34 -16.51
CA ILE I 15 17.33 37.86 -16.62
C ILE I 15 17.59 38.56 -17.95
N ALA I 16 16.63 38.53 -18.87
CA ALA I 16 16.84 39.14 -20.18
C ALA I 16 17.07 40.65 -20.06
N SER I 17 16.35 41.32 -19.17
CA SER I 17 16.49 42.75 -19.02
C SER I 17 17.88 43.19 -18.57
N HIS I 18 18.68 42.27 -18.03
CA HIS I 18 20.00 42.61 -17.50
C HIS I 18 21.11 41.88 -18.25
N SER I 19 20.93 41.67 -19.56
CA SER I 19 21.96 41.05 -20.38
C SER I 19 23.12 41.99 -20.70
N HIS I 20 22.91 43.30 -20.61
CA HIS I 20 24.00 44.23 -20.89
C HIS I 20 25.09 44.16 -19.83
N VAL I 21 24.77 43.61 -18.66
CA VAL I 21 25.73 43.53 -17.55
C VAL I 21 26.56 42.27 -17.73
N LYS I 22 27.88 42.41 -17.68
CA LYS I 22 28.80 41.29 -17.80
C LYS I 22 29.60 41.05 -16.53
N GLY I 23 29.48 41.92 -15.55
CA GLY I 23 30.23 41.79 -14.32
C GLY I 23 30.24 43.08 -13.53
N LEU I 24 30.90 43.01 -12.38
CA LEU I 24 30.95 44.18 -11.50
C LEU I 24 31.69 45.35 -12.13
N GLY I 25 32.76 45.08 -12.89
CA GLY I 25 33.51 46.14 -13.53
C GLY I 25 34.25 47.05 -12.58
N LEU I 26 34.91 46.46 -11.58
CA LEU I 26 35.76 47.20 -10.66
C LEU I 26 37.22 46.87 -10.95
N ASP I 27 38.10 47.81 -10.63
CA ASP I 27 39.51 47.68 -10.96
C ASP I 27 40.23 46.85 -9.89
N GLU I 28 41.51 46.58 -10.17
CA GLU I 28 42.30 45.76 -9.26
C GLU I 28 42.51 46.46 -7.92
N SER I 29 42.68 47.79 -7.93
CA SER I 29 42.89 48.51 -6.69
C SER I 29 41.73 48.31 -5.73
N GLY I 30 40.52 48.15 -6.26
CA GLY I 30 39.34 47.96 -5.43
C GLY I 30 38.24 48.94 -5.78
N LEU I 31 38.63 50.14 -6.19
CA LEU I 31 37.67 51.15 -6.57
C LEU I 31 36.94 50.75 -7.85
N ALA I 32 35.74 51.29 -8.04
CA ALA I 32 34.94 50.99 -9.21
C ALA I 32 34.90 52.20 -10.14
N LYS I 33 35.18 51.96 -11.41
CA LYS I 33 35.13 53.02 -12.41
C LYS I 33 33.69 53.39 -12.74
N GLN I 34 33.52 54.56 -13.36
CA GLN I 34 32.18 55.09 -13.59
C GLN I 34 31.33 54.13 -14.40
N ALA I 35 31.87 53.62 -15.50
CA ALA I 35 31.14 52.72 -16.39
C ALA I 35 32.05 51.59 -16.83
N ALA I 36 31.61 50.35 -16.62
CA ALA I 36 32.38 49.19 -17.04
C ALA I 36 31.50 47.95 -17.00
N SER I 37 31.68 47.07 -17.98
CA SER I 37 30.97 45.80 -18.04
C SER I 37 29.47 45.99 -17.87
N GLY I 38 28.90 46.98 -18.54
CA GLY I 38 27.47 47.19 -18.49
C GLY I 38 26.93 47.61 -17.14
N LEU I 39 27.69 48.43 -16.40
CA LEU I 39 27.22 48.98 -15.13
C LEU I 39 27.60 50.45 -15.07
N VAL I 40 26.61 51.30 -14.84
CA VAL I 40 26.80 52.75 -14.77
C VAL I 40 26.43 53.21 -13.38
N GLY I 41 27.33 53.94 -12.73
CA GLY I 41 27.08 54.47 -11.41
C GLY I 41 27.09 53.39 -10.34
N GLN I 42 26.37 53.64 -9.24
CA GLN I 42 26.28 52.69 -8.14
C GLN I 42 27.68 52.34 -7.63
N GLU I 43 28.52 53.37 -7.47
CA GLU I 43 29.90 53.14 -7.05
C GLU I 43 29.98 52.54 -5.66
N ASN I 44 29.30 53.14 -4.70
CA ASN I 44 29.38 52.64 -3.32
C ASN I 44 28.92 51.20 -3.25
N ALA I 45 27.78 50.88 -3.87
CA ALA I 45 27.32 49.50 -3.91
C ALA I 45 28.30 48.62 -4.68
N ARG I 46 28.72 49.07 -5.87
CA ARG I 46 29.57 48.25 -6.72
C ARG I 46 30.83 47.82 -6.00
N GLU I 47 31.59 48.78 -5.45
CA GLU I 47 32.81 48.43 -4.75
C GLU I 47 32.54 47.48 -3.61
N ALA I 48 31.35 47.57 -2.99
CA ALA I 48 30.99 46.65 -1.94
C ALA I 48 30.85 45.23 -2.47
N CYS I 49 30.12 45.05 -3.57
CA CYS I 49 29.85 43.70 -4.06
C CYS I 49 31.14 42.97 -4.38
N GLY I 50 32.11 43.66 -4.99
CA GLY I 50 33.39 43.04 -5.25
C GLY I 50 34.02 42.48 -3.99
N VAL I 51 33.73 43.12 -2.86
CA VAL I 51 34.25 42.63 -1.58
C VAL I 51 33.67 41.26 -1.25
N ILE I 52 32.34 41.14 -1.31
CA ILE I 52 31.71 39.87 -0.95
C ILE I 52 32.18 38.75 -1.87
N VAL I 53 32.37 39.07 -3.15
CA VAL I 53 32.92 38.07 -4.07
C VAL I 53 34.27 37.58 -3.55
N GLU I 54 35.05 38.48 -2.96
CA GLU I 54 36.33 38.08 -2.37
C GLU I 54 36.13 37.22 -1.13
N LEU I 55 35.24 37.60 -0.21
CA LEU I 55 34.96 36.74 0.92
C LEU I 55 34.38 35.40 0.48
N ILE I 56 33.60 35.39 -0.60
CA ILE I 56 33.11 34.14 -1.16
C ILE I 56 34.29 33.30 -1.64
N LYS I 57 35.26 33.93 -2.31
CA LYS I 57 36.42 33.21 -2.79
C LYS I 57 37.38 32.83 -1.66
N SER I 58 37.29 33.52 -0.53
CA SER I 58 38.10 33.17 0.63
C SER I 58 37.43 32.13 1.51
N LYS I 59 36.18 31.78 1.25
CA LYS I 59 35.42 30.85 2.08
C LYS I 59 35.30 31.37 3.51
N LYS I 60 35.12 32.69 3.64
CA LYS I 60 34.80 33.32 4.92
C LYS I 60 33.34 33.76 5.02
N MET I 61 32.50 33.37 4.07
CA MET I 61 31.07 33.65 4.18
C MET I 61 30.40 32.58 5.04
N ALA I 62 30.92 32.34 6.23
CA ALA I 62 30.42 31.27 7.07
C ALA I 62 29.11 31.66 7.73
N GLY I 63 28.02 31.02 7.31
CA GLY I 63 26.73 31.30 7.92
C GLY I 63 26.30 32.74 7.77
N ARG I 64 26.59 33.35 6.62
CA ARG I 64 26.25 34.74 6.35
C ARG I 64 25.57 34.85 5.00
N ALA I 65 24.88 35.98 4.82
CA ALA I 65 24.17 36.26 3.57
C ALA I 65 24.30 37.76 3.30
N VAL I 66 23.72 38.20 2.19
CA VAL I 66 23.78 39.59 1.77
C VAL I 66 22.37 40.10 1.58
N LEU I 67 22.09 41.29 2.12
CA LEU I 67 20.80 41.95 1.99
C LEU I 67 21.00 43.23 1.18
N LEU I 68 20.37 43.29 0.02
CA LEU I 68 20.48 44.44 -0.87
C LEU I 68 19.28 45.35 -0.66
N ALA I 69 19.52 46.48 0.00
CA ALA I 69 18.47 47.43 0.30
C ALA I 69 18.57 48.63 -0.63
N GLY I 70 17.44 49.03 -1.19
CA GLY I 70 17.38 50.15 -2.10
C GLY I 70 16.02 50.36 -2.71
N PRO I 71 15.79 51.52 -3.31
CA PRO I 71 14.49 51.83 -3.89
C PRO I 71 14.19 50.93 -5.07
N PRO I 72 12.95 50.93 -5.55
CA PRO I 72 12.64 50.14 -6.76
C PRO I 72 13.37 50.69 -7.98
N GLY I 73 13.76 49.78 -8.87
CA GLY I 73 14.42 50.18 -10.10
C GLY I 73 15.76 50.87 -9.91
N THR I 74 16.59 50.34 -9.03
CA THR I 74 17.95 50.86 -8.83
C THR I 74 19.01 49.77 -9.01
N GLY I 75 18.69 48.71 -9.74
CA GLY I 75 19.68 47.70 -10.04
C GLY I 75 19.94 46.69 -8.95
N LYS I 76 18.97 46.45 -8.07
CA LYS I 76 19.14 45.40 -7.07
C LYS I 76 19.32 44.04 -7.75
N THR I 77 18.51 43.75 -8.76
CA THR I 77 18.67 42.52 -9.52
C THR I 77 19.95 42.55 -10.34
N ALA I 78 20.25 43.70 -10.95
CA ALA I 78 21.43 43.80 -11.79
C ALA I 78 22.71 43.55 -10.99
N LEU I 79 22.80 44.15 -9.80
CA LEU I 79 23.99 43.93 -8.97
C LEU I 79 24.12 42.48 -8.56
N ALA I 80 23.00 41.83 -8.24
CA ALA I 80 23.04 40.40 -7.94
C ALA I 80 23.53 39.61 -9.15
N LEU I 81 23.04 39.97 -10.34
CA LEU I 81 23.51 39.32 -11.56
C LEU I 81 25.01 39.53 -11.75
N ALA I 82 25.50 40.75 -11.53
CA ALA I 82 26.91 41.02 -11.69
C ALA I 82 27.75 40.20 -10.72
N ILE I 83 27.25 39.96 -9.52
CA ILE I 83 27.99 39.14 -8.55
C ILE I 83 28.19 37.74 -9.08
N ALA I 84 27.15 37.16 -9.68
CA ALA I 84 27.27 35.84 -10.28
C ALA I 84 28.26 35.86 -11.43
N GLN I 85 28.21 36.89 -12.27
CA GLN I 85 29.12 36.97 -13.41
C GLN I 85 30.56 37.08 -12.95
N GLU I 86 30.84 37.94 -11.96
CA GLU I 86 32.21 38.10 -11.50
C GLU I 86 32.77 36.82 -10.91
N LEU I 87 31.94 36.04 -10.24
CA LEU I 87 32.39 34.75 -9.70
C LEU I 87 32.56 33.71 -10.79
N GLY I 88 32.00 33.94 -11.97
CA GLY I 88 32.12 33.01 -13.08
C GLY I 88 31.03 33.30 -14.10
N SER I 89 31.38 33.15 -15.38
CA SER I 89 30.42 33.42 -16.44
C SER I 89 29.26 32.44 -16.40
N LYS I 90 29.53 31.17 -16.12
CA LYS I 90 28.51 30.14 -16.08
C LYS I 90 27.97 29.86 -14.69
N VAL I 91 28.38 30.63 -13.68
CA VAL I 91 27.90 30.45 -12.32
C VAL I 91 26.39 30.65 -12.29
N PRO I 92 25.62 29.71 -11.76
CA PRO I 92 24.15 29.82 -11.81
C PRO I 92 23.65 31.02 -11.03
N PHE I 93 22.56 31.61 -11.53
CA PHE I 93 21.88 32.72 -10.87
C PHE I 93 20.38 32.48 -10.97
N CYS I 94 19.72 32.36 -9.83
CA CYS I 94 18.29 32.03 -9.79
C CYS I 94 17.53 33.12 -9.05
N PRO I 95 16.99 34.11 -9.74
CA PRO I 95 16.18 35.14 -9.08
C PRO I 95 14.81 34.62 -8.71
N MET I 96 14.21 35.27 -7.72
CA MET I 96 12.89 34.89 -7.26
C MET I 96 12.31 36.02 -6.41
N VAL I 97 11.00 36.16 -6.48
CA VAL I 97 10.26 37.13 -5.67
C VAL I 97 9.56 36.39 -4.54
N GLY I 98 9.70 36.91 -3.31
CA GLY I 98 9.13 36.24 -2.16
C GLY I 98 7.64 36.05 -2.22
N SER I 99 6.94 36.87 -3.00
CA SER I 99 5.49 36.76 -3.12
C SER I 99 5.06 35.48 -3.84
N GLU I 100 5.99 34.78 -4.49
CA GLU I 100 5.69 33.57 -5.25
C GLU I 100 6.02 32.30 -4.47
N VAL I 101 6.32 32.42 -3.18
CA VAL I 101 6.60 31.26 -2.35
C VAL I 101 5.32 30.58 -1.89
N TYR I 102 4.37 31.36 -1.39
CA TYR I 102 3.13 30.85 -0.83
C TYR I 102 2.00 30.88 -1.87
N SER I 103 2.24 30.13 -2.95
CA SER I 103 1.25 30.00 -4.00
C SER I 103 0.11 29.09 -3.55
N THR I 104 -0.97 29.10 -4.34
CA THR I 104 -2.16 28.33 -3.99
C THR I 104 -1.83 26.85 -3.83
N GLU I 105 -0.96 26.33 -4.69
CA GLU I 105 -0.62 24.91 -4.74
C GLU I 105 0.86 24.73 -4.40
N ILE I 106 1.36 23.52 -4.57
CA ILE I 106 2.72 23.18 -4.16
C ILE I 106 2.81 23.34 -2.65
N LYS I 107 4.00 23.68 -2.16
CA LYS I 107 4.22 23.85 -0.72
C LYS I 107 5.37 24.82 -0.54
N LYS I 108 5.28 25.67 0.49
CA LYS I 108 6.33 26.65 0.74
C LYS I 108 7.70 25.99 0.84
N THR I 109 7.76 24.82 1.46
CA THR I 109 9.03 24.09 1.53
C THR I 109 9.51 23.72 0.14
N GLU I 110 8.62 23.16 -0.68
CA GLU I 110 9.02 22.74 -2.03
C GLU I 110 9.38 23.95 -2.89
N VAL I 111 8.62 25.04 -2.77
CA VAL I 111 8.89 26.23 -3.58
C VAL I 111 10.28 26.77 -3.26
N LEU I 112 10.57 26.94 -1.98
CA LEU I 112 11.93 27.32 -1.60
C LEU I 112 12.93 26.25 -1.99
N MET I 113 12.46 25.01 -2.18
CA MET I 113 13.35 23.93 -2.61
C MET I 113 13.93 24.20 -3.99
N GLU I 114 13.08 24.25 -5.00
CA GLU I 114 13.55 24.40 -6.37
C GLU I 114 14.36 25.68 -6.53
N ASN I 115 14.04 26.70 -5.76
CA ASN I 115 14.79 27.95 -5.83
C ASN I 115 16.25 27.74 -5.42
N PHE I 116 16.46 26.98 -4.34
CA PHE I 116 17.83 26.69 -3.92
C PHE I 116 18.57 25.85 -4.96
N ARG I 117 17.90 24.82 -5.49
CA ARG I 117 18.56 23.92 -6.42
C ARG I 117 19.09 24.65 -7.64
N ARG I 118 18.29 25.57 -8.19
CA ARG I 118 18.70 26.29 -9.39
C ARG I 118 19.90 27.18 -9.11
N ALA I 119 20.22 27.37 -7.84
CA ALA I 119 21.33 28.22 -7.43
C ALA I 119 22.63 27.46 -7.23
N ILE I 120 22.66 26.16 -7.53
CA ILE I 120 23.85 25.34 -7.39
C ILE I 120 24.22 24.79 -8.76
N GLY I 121 25.48 24.98 -9.16
CA GLY I 121 25.97 24.49 -10.43
C GLY I 121 26.88 23.28 -10.26
N LEU I 122 27.16 22.64 -11.40
CA LEU I 122 27.98 21.43 -11.43
C LEU I 122 28.92 21.50 -12.63
N ARG I 123 30.21 21.68 -12.35
CA ARG I 123 31.23 21.80 -13.40
C ARG I 123 31.72 20.40 -13.77
N ILE I 124 30.98 19.77 -14.68
CA ILE I 124 31.31 18.42 -15.13
C ILE I 124 32.20 18.47 -16.36
N LYS I 125 33.51 18.36 -16.14
CA LYS I 125 34.48 18.34 -17.23
C LYS I 125 34.72 16.89 -17.66
N GLU I 126 34.54 16.61 -18.95
CA GLU I 126 34.69 15.27 -19.50
C GLU I 126 35.56 15.35 -20.75
N THR I 127 36.56 14.47 -20.83
CA THR I 127 37.44 14.41 -22.00
C THR I 127 36.74 13.67 -23.12
N LYS I 128 36.29 14.42 -24.14
CA LYS I 128 35.63 13.86 -25.30
C LYS I 128 36.36 14.28 -26.56
N GLU I 129 36.63 13.33 -27.44
CA GLU I 129 37.36 13.62 -28.68
C GLU I 129 36.49 14.46 -29.59
N VAL I 130 36.79 15.75 -29.67
CA VAL I 130 36.04 16.68 -30.51
C VAL I 130 36.89 17.05 -31.72
N TYR I 131 36.24 17.65 -32.71
CA TYR I 131 36.90 18.07 -33.94
C TYR I 131 37.23 19.56 -33.87
N GLU I 132 38.28 19.87 -33.13
CA GLU I 132 38.73 21.25 -32.96
C GLU I 132 39.70 21.61 -34.07
N GLY I 133 39.28 22.51 -34.96
CA GLY I 133 40.13 22.93 -36.06
C GLY I 133 39.60 24.18 -36.70
N GLU I 134 40.48 24.88 -37.41
CA GLU I 134 40.10 26.09 -38.13
C GLU I 134 39.56 25.72 -39.51
N VAL I 135 38.39 26.24 -39.84
CA VAL I 135 37.72 25.90 -41.09
C VAL I 135 38.52 26.43 -42.27
N THR I 136 39.06 25.52 -43.08
CA THR I 136 39.76 25.90 -44.30
C THR I 136 38.81 25.98 -45.49
N GLU I 137 37.99 24.95 -45.69
CA GLU I 137 36.96 24.94 -46.72
C GLU I 137 35.71 24.29 -46.14
N LEU I 138 34.56 24.61 -46.75
CA LEU I 138 33.26 24.24 -46.21
C LEU I 138 32.42 23.58 -47.31
N THR I 139 33.03 22.65 -48.02
CA THR I 139 32.28 21.91 -49.05
C THR I 139 31.22 21.06 -48.37
N PRO I 140 29.94 21.24 -48.69
CA PRO I 140 28.90 20.49 -47.98
C PRO I 140 28.58 19.14 -48.60
N CYS I 141 29.42 18.71 -49.54
CA CYS I 141 29.22 17.42 -50.21
C CYS I 141 30.27 16.41 -49.75
N HIS I 156 28.12 14.77 -48.03
CA HIS I 156 28.38 14.35 -46.65
C HIS I 156 29.23 15.38 -45.90
N VAL I 157 29.15 16.63 -46.35
CA VAL I 157 29.75 17.77 -45.65
C VAL I 157 31.19 17.47 -45.25
N ILE I 158 32.07 17.30 -46.23
CA ILE I 158 33.49 17.13 -45.96
C ILE I 158 34.10 18.51 -45.75
N ILE I 159 34.24 18.90 -44.47
CA ILE I 159 34.74 20.23 -44.12
C ILE I 159 36.22 20.13 -43.80
N GLY I 160 37.03 20.95 -44.45
CA GLY I 160 38.45 20.99 -44.16
C GLY I 160 38.70 21.73 -42.85
N LEU I 161 39.36 21.05 -41.91
CA LEU I 161 39.65 21.60 -40.59
C LEU I 161 41.17 21.57 -40.40
N LYS I 162 41.81 22.72 -40.60
CA LYS I 162 43.26 22.80 -40.55
C LYS I 162 43.73 23.08 -39.13
N THR I 163 44.61 22.21 -38.63
CA THR I 163 45.16 22.35 -37.29
C THR I 163 46.66 22.11 -37.39
N ALA I 164 47.33 21.97 -36.24
CA ALA I 164 48.77 21.75 -36.24
C ALA I 164 49.14 20.52 -37.07
N LYS I 165 48.34 19.46 -36.97
CA LYS I 165 48.56 18.30 -37.83
C LYS I 165 48.30 18.64 -39.29
N GLY I 166 47.27 19.44 -39.56
CA GLY I 166 46.96 19.87 -40.91
C GLY I 166 45.48 19.96 -41.19
N THR I 167 45.13 20.26 -42.43
CA THR I 167 43.73 20.34 -42.83
C THR I 167 43.14 18.93 -42.95
N LYS I 168 41.95 18.73 -42.38
CA LYS I 168 41.27 17.44 -42.41
C LYS I 168 39.92 17.62 -43.07
N GLN I 169 39.70 16.88 -44.17
CA GLN I 169 38.40 16.87 -44.84
C GLN I 169 37.53 15.80 -44.16
N LEU I 170 37.01 16.18 -42.99
CA LEU I 170 36.25 15.26 -42.16
C LEU I 170 34.83 15.14 -42.69
N LYS I 171 34.38 13.91 -42.92
CA LYS I 171 33.03 13.66 -43.43
C LYS I 171 32.01 13.90 -42.31
N LEU I 172 31.19 14.94 -42.47
CA LEU I 172 30.16 15.29 -41.51
C LEU I 172 28.80 14.83 -42.02
N ASP I 173 27.73 15.23 -41.33
CA ASP I 173 26.37 14.89 -41.74
C ASP I 173 25.58 16.16 -41.97
N PRO I 174 24.58 16.11 -42.86
CA PRO I 174 23.75 17.30 -43.07
C PRO I 174 23.13 17.84 -41.80
N SER I 175 22.74 16.95 -40.87
CA SER I 175 22.24 17.42 -39.58
C SER I 175 23.30 18.22 -38.84
N ILE I 176 24.54 17.74 -38.86
CA ILE I 176 25.64 18.51 -38.28
C ILE I 176 25.87 19.79 -39.06
N PHE I 177 25.73 19.73 -40.39
CA PHE I 177 25.90 20.93 -41.20
C PHE I 177 24.87 22.00 -40.83
N GLU I 178 23.62 21.59 -40.58
CA GLU I 178 22.63 22.53 -40.09
C GLU I 178 23.04 23.13 -38.76
N SER I 179 23.60 22.30 -37.87
CA SER I 179 24.13 22.81 -36.61
C SER I 179 25.24 23.81 -36.85
N LEU I 180 26.09 23.56 -37.86
CA LEU I 180 27.13 24.52 -38.22
C LEU I 180 26.51 25.84 -38.64
N GLN I 181 25.44 25.79 -39.46
CA GLN I 181 24.76 27.01 -39.87
C GLN I 181 24.07 27.69 -38.69
N LYS I 182 23.53 26.92 -37.75
CA LYS I 182 22.91 27.52 -36.58
C LYS I 182 23.92 28.27 -35.72
N GLU I 183 25.18 27.82 -35.72
CA GLU I 183 26.24 28.51 -35.00
C GLU I 183 26.91 29.60 -35.82
N ARG I 184 26.48 29.80 -37.08
CA ARG I 184 27.06 30.81 -37.95
C ARG I 184 28.56 30.60 -38.12
N VAL I 185 28.93 29.45 -38.66
CA VAL I 185 30.31 29.10 -38.90
C VAL I 185 30.65 29.39 -40.36
N GLU I 186 31.69 30.20 -40.58
CA GLU I 186 32.14 30.55 -41.91
C GLU I 186 33.57 30.07 -42.12
N ALA I 187 34.18 30.47 -43.24
CA ALA I 187 35.56 30.11 -43.51
C ALA I 187 36.49 30.76 -42.49
N GLY I 188 37.57 30.05 -42.17
CA GLY I 188 38.58 30.56 -41.26
C GLY I 188 38.09 30.76 -39.82
N ASP I 189 37.39 29.77 -39.28
CA ASP I 189 36.92 29.82 -37.90
C ASP I 189 37.40 28.57 -37.17
N VAL I 190 38.15 28.78 -36.08
CA VAL I 190 38.59 27.68 -35.24
C VAL I 190 37.44 27.22 -34.36
N ILE I 191 36.85 26.08 -34.69
CA ILE I 191 35.69 25.57 -33.98
C ILE I 191 35.90 24.10 -33.65
N TYR I 192 35.21 23.63 -32.62
CA TYR I 192 35.23 22.24 -32.20
C TYR I 192 33.90 21.60 -32.52
N ILE I 193 33.95 20.40 -33.08
CA ILE I 193 32.76 19.66 -33.47
C ILE I 193 32.84 18.30 -32.76
N GLU I 194 32.07 18.15 -31.69
CA GLU I 194 32.05 16.90 -30.94
C GLU I 194 31.79 15.72 -31.86
N ALA I 195 32.76 14.81 -31.97
CA ALA I 195 32.60 13.65 -32.85
C ALA I 195 31.67 12.62 -32.25
N ASN I 196 31.67 12.47 -30.92
CA ASN I 196 30.82 11.51 -30.25
C ASN I 196 29.40 12.00 -30.04
N SER I 197 29.13 13.26 -30.32
CA SER I 197 27.79 13.84 -30.17
C SER I 197 27.27 14.48 -31.44
N GLY I 198 28.11 14.71 -32.44
CA GLY I 198 27.68 15.31 -33.68
C GLY I 198 27.07 16.69 -33.51
N ALA I 199 27.74 17.54 -32.74
CA ALA I 199 27.26 18.90 -32.47
C ALA I 199 28.39 19.87 -32.79
N VAL I 200 28.10 20.90 -33.57
CA VAL I 200 29.09 21.91 -33.93
C VAL I 200 28.93 23.11 -32.99
N LYS I 201 30.03 23.54 -32.39
CA LYS I 201 30.03 24.68 -31.48
C LYS I 201 31.02 25.71 -32.00
N ARG I 202 30.58 26.95 -32.10
CA ARG I 202 31.41 28.04 -32.62
C ARG I 202 32.30 28.58 -31.51
N GLN I 203 33.56 28.12 -31.48
CA GLN I 203 34.51 28.67 -30.52
C GLN I 203 34.98 30.06 -30.93
N GLY I 204 35.00 30.35 -32.22
CA GLY I 204 35.42 31.64 -32.71
C GLY I 204 36.16 31.49 -34.03
N ARG I 205 36.81 32.57 -34.44
CA ARG I 205 37.57 32.64 -35.67
C ARG I 205 39.01 32.23 -35.39
N CYS I 206 39.90 32.43 -36.36
CA CYS I 206 41.30 32.09 -36.24
C CYS I 206 42.11 33.34 -35.91
N ASP I 207 43.18 33.15 -35.14
CA ASP I 207 44.04 34.26 -34.75
C ASP I 207 44.80 34.86 -35.93
N THR I 208 44.82 34.19 -37.08
CA THR I 208 45.51 34.74 -38.24
C THR I 208 44.89 36.05 -38.71
N TYR I 209 43.59 36.23 -38.47
CA TYR I 209 42.88 37.45 -38.85
C TYR I 209 42.65 38.37 -37.66
N ALA I 210 43.31 38.14 -36.53
CA ALA I 210 43.12 38.96 -35.35
C ALA I 210 43.57 40.39 -35.62
N THR I 211 42.73 41.35 -35.24
CA THR I 211 42.97 42.77 -35.39
C THR I 211 42.89 43.44 -34.01
N GLU I 212 42.77 44.76 -33.97
CA GLU I 212 42.82 45.49 -32.72
C GLU I 212 41.76 44.98 -31.74
N PHE I 213 40.57 44.66 -32.25
CA PHE I 213 39.50 44.19 -31.36
C PHE I 213 39.52 42.67 -31.21
N ASP I 214 39.82 41.95 -32.29
CA ASP I 214 39.96 40.50 -32.20
C ASP I 214 41.28 40.14 -31.52
N LEU I 215 41.22 39.37 -30.45
CA LEU I 215 42.39 39.11 -29.62
C LEU I 215 42.58 37.60 -29.45
N GLU I 216 43.56 37.22 -28.64
CA GLU I 216 43.94 35.83 -28.47
C GLU I 216 42.99 35.13 -27.51
N ALA I 217 42.73 33.85 -27.77
CA ALA I 217 41.87 33.01 -26.93
C ALA I 217 40.51 33.67 -26.71
N GLU I 218 39.90 34.07 -27.82
CA GLU I 218 38.60 34.74 -27.80
C GLU I 218 37.86 34.39 -29.09
N GLU I 219 36.87 35.20 -29.47
CA GLU I 219 36.11 34.94 -30.69
C GLU I 219 36.99 34.95 -31.94
N TYR I 220 38.30 35.19 -31.78
CA TYR I 220 39.31 34.95 -32.81
C TYR I 220 40.37 34.00 -32.22
N VAL I 221 39.89 32.90 -31.64
CA VAL I 221 40.73 31.97 -30.91
C VAL I 221 41.86 31.49 -31.81
N PRO I 222 43.05 31.26 -31.27
CA PRO I 222 44.21 30.95 -32.12
C PRO I 222 44.07 29.60 -32.80
N LEU I 223 45.04 29.33 -33.67
CA LEU I 223 45.08 28.09 -34.41
C LEU I 223 45.17 26.90 -33.45
N PRO I 224 44.34 25.88 -33.61
CA PRO I 224 44.41 24.72 -32.71
C PRO I 224 45.74 24.02 -32.82
N LYS I 225 46.36 23.74 -31.67
CA LYS I 225 47.62 23.01 -31.62
C LYS I 225 47.35 21.55 -31.30
N GLY I 226 47.55 20.68 -32.29
CA GLY I 226 47.32 19.26 -32.15
C GLY I 226 46.39 18.74 -33.23
N ASP I 227 46.14 17.43 -33.16
CA ASP I 227 45.26 16.79 -34.13
C ASP I 227 43.84 17.31 -33.97
N VAL I 228 43.12 17.42 -35.08
CA VAL I 228 41.75 17.92 -35.09
C VAL I 228 40.92 17.07 -34.14
N HIS I 229 41.05 15.75 -34.24
CA HIS I 229 40.37 14.86 -33.30
C HIS I 229 41.14 14.81 -31.98
N LYS I 230 40.99 15.86 -31.17
CA LYS I 230 41.68 15.95 -29.88
C LYS I 230 40.65 15.78 -28.78
N LYS I 231 40.99 14.98 -27.77
CA LYS I 231 40.08 14.72 -26.66
C LYS I 231 40.10 15.91 -25.72
N LYS I 232 39.07 16.74 -25.82
CA LYS I 232 38.96 17.96 -25.02
C LYS I 232 38.13 17.69 -23.78
N GLU I 233 38.66 18.08 -22.62
CA GLU I 233 37.91 17.95 -21.37
C GLU I 233 36.84 19.04 -21.31
N ILE I 234 35.73 18.81 -22.01
CA ILE I 234 34.68 19.82 -22.12
C ILE I 234 33.93 19.93 -20.81
N ILE I 235 33.63 21.15 -20.40
CA ILE I 235 32.88 21.41 -19.17
C ILE I 235 31.41 21.62 -19.54
N GLN I 236 30.52 20.91 -18.84
CA GLN I 236 29.09 21.09 -19.00
C GLN I 236 28.53 21.78 -17.76
N ASP I 237 27.98 22.98 -17.95
CA ASP I 237 27.41 23.75 -16.84
C ASP I 237 25.94 23.37 -16.68
N VAL I 238 25.63 22.63 -15.63
CA VAL I 238 24.27 22.17 -15.36
C VAL I 238 24.01 22.29 -13.87
N THR I 239 22.81 22.74 -13.52
CA THR I 239 22.38 22.89 -12.14
C THR I 239 21.71 21.59 -11.67
N LEU I 240 21.55 21.49 -10.35
CA LEU I 240 20.97 20.28 -9.78
C LEU I 240 19.49 20.13 -10.14
N HIS I 241 18.78 21.25 -10.25
CA HIS I 241 17.35 21.17 -10.59
C HIS I 241 17.15 20.65 -12.01
N ASP I 242 18.04 21.03 -12.93
CA ASP I 242 17.94 20.55 -14.31
C ASP I 242 17.85 19.02 -14.35
N LEU I 243 18.71 18.36 -13.57
CA LEU I 243 18.64 16.91 -13.49
C LEU I 243 17.32 16.46 -12.86
N ASP I 244 16.84 17.18 -11.85
CA ASP I 244 15.60 16.81 -11.19
C ASP I 244 14.43 16.82 -12.17
N VAL I 245 14.33 17.87 -12.98
CA VAL I 245 13.25 17.93 -13.96
C VAL I 245 13.45 16.90 -15.06
N ALA I 246 14.70 16.68 -15.48
CA ALA I 246 14.96 15.73 -16.56
C ALA I 246 14.49 14.33 -16.18
N ASN I 247 14.77 13.91 -14.96
CA ASN I 247 14.38 12.58 -14.48
C ASN I 247 12.92 12.58 -14.03
N ALA I 248 12.04 13.00 -14.94
CA ALA I 248 10.62 13.05 -14.65
C ALA I 248 9.82 13.33 -15.93
N THR I 272 7.16 11.48 -9.85
CA THR I 272 6.74 12.16 -8.63
C THR I 272 7.93 12.72 -7.88
N ASP I 273 7.80 12.79 -6.55
CA ASP I 273 8.89 13.25 -5.69
C ASP I 273 9.60 12.08 -5.06
N LYS I 274 10.56 12.36 -4.18
CA LYS I 274 11.34 11.34 -3.48
C LYS I 274 12.39 10.71 -4.40
N LEU I 275 12.32 11.03 -5.69
CA LEU I 275 13.41 10.71 -6.62
C LEU I 275 14.53 11.70 -6.38
N ARG I 276 14.13 12.89 -5.89
CA ARG I 276 15.07 13.94 -5.52
C ARG I 276 16.28 13.40 -4.77
N GLY I 277 16.05 12.46 -3.85
CA GLY I 277 17.17 11.88 -3.12
C GLY I 277 18.13 11.13 -4.02
N GLU I 278 17.60 10.30 -4.91
CA GLU I 278 18.45 9.51 -5.79
C GLU I 278 19.26 10.40 -6.71
N ILE I 279 18.63 11.44 -7.27
CA ILE I 279 19.36 12.38 -8.12
C ILE I 279 20.49 13.01 -7.34
N ASN I 280 20.25 13.33 -6.07
CA ASN I 280 21.32 13.82 -5.21
C ASN I 280 22.41 12.76 -5.04
N LYS I 281 22.00 11.50 -4.93
CA LYS I 281 22.98 10.41 -4.84
C LYS I 281 23.89 10.38 -6.07
N VAL I 282 23.31 10.44 -7.27
CA VAL I 282 24.10 10.35 -8.49
C VAL I 282 25.08 11.51 -8.56
N VAL I 283 24.63 12.72 -8.21
CA VAL I 283 25.50 13.88 -8.24
C VAL I 283 26.67 13.69 -7.29
N ASN I 284 26.40 13.16 -6.09
CA ASN I 284 27.47 12.89 -5.14
C ASN I 284 28.46 11.89 -5.72
N LYS I 285 27.96 10.82 -6.35
CA LYS I 285 28.84 9.83 -6.95
C LYS I 285 29.74 10.46 -8.02
N TYR I 286 29.15 11.29 -8.89
CA TYR I 286 29.92 11.93 -9.94
C TYR I 286 31.04 12.78 -9.35
N ILE I 287 30.74 13.52 -8.29
CA ILE I 287 31.74 14.36 -7.63
C ILE I 287 32.87 13.49 -7.10
N ASP I 288 32.52 12.38 -6.46
CA ASP I 288 33.52 11.48 -5.87
C ASP I 288 34.47 10.95 -6.93
N GLN I 289 33.93 10.54 -8.08
CA GLN I 289 34.78 10.05 -9.16
C GLN I 289 35.84 11.07 -9.55
N GLY I 290 35.47 12.36 -9.56
CA GLY I 290 36.44 13.41 -9.82
C GLY I 290 36.28 14.10 -11.15
N ILE I 291 35.03 14.27 -11.60
CA ILE I 291 34.75 14.97 -12.85
C ILE I 291 33.75 16.10 -12.70
N ALA I 292 33.00 16.17 -11.60
CA ALA I 292 31.99 17.20 -11.39
C ALA I 292 32.39 18.05 -10.20
N GLU I 293 33.00 19.21 -10.47
CA GLU I 293 33.38 20.13 -9.41
C GLU I 293 32.19 21.01 -9.04
N LEU I 294 31.69 20.85 -7.83
CA LEU I 294 30.53 21.62 -7.39
C LEU I 294 30.88 23.10 -7.31
N VAL I 295 30.01 23.94 -7.85
CA VAL I 295 30.22 25.38 -7.83
C VAL I 295 28.96 26.06 -7.30
N PRO I 296 28.92 26.45 -6.04
CA PRO I 296 27.74 27.15 -5.51
C PRO I 296 27.49 28.44 -6.28
N GLY I 297 26.22 28.72 -6.52
CA GLY I 297 25.78 29.91 -7.23
C GLY I 297 25.25 30.98 -6.30
N VAL I 298 24.35 31.80 -6.84
CA VAL I 298 23.73 32.89 -6.09
C VAL I 298 22.23 32.75 -6.20
N LEU I 299 21.54 32.69 -5.07
CA LEU I 299 20.09 32.66 -5.02
C LEU I 299 19.59 34.03 -4.58
N PHE I 300 18.92 34.73 -5.48
CA PHE I 300 18.45 36.09 -5.24
C PHE I 300 17.00 36.05 -4.81
N VAL I 301 16.71 36.64 -3.65
CA VAL I 301 15.37 36.63 -3.07
C VAL I 301 14.89 38.07 -2.98
N ASP I 302 14.11 38.49 -3.96
CA ASP I 302 13.51 39.81 -3.96
C ASP I 302 12.24 39.82 -3.10
N GLU I 303 11.82 41.02 -2.73
CA GLU I 303 10.60 41.22 -1.95
C GLU I 303 10.62 40.35 -0.68
N VAL I 304 11.78 40.38 -0.01
CA VAL I 304 11.94 39.59 1.20
C VAL I 304 11.04 40.07 2.34
N HIS I 305 10.59 41.31 2.30
CA HIS I 305 9.73 41.83 3.35
C HIS I 305 8.41 41.10 3.45
N MET I 306 8.03 40.35 2.40
CA MET I 306 6.73 39.69 2.39
C MET I 306 6.96 38.18 2.42
N LEU I 307 7.90 37.75 3.26
CA LEU I 307 8.21 36.34 3.45
C LEU I 307 7.82 35.91 4.86
N ASP I 308 7.18 34.74 4.95
CA ASP I 308 6.72 34.26 6.24
C ASP I 308 7.91 33.96 7.16
N ILE I 309 7.65 34.08 8.47
CA ILE I 309 8.71 33.82 9.44
C ILE I 309 9.19 32.38 9.34
N GLU I 310 8.28 31.44 9.08
CA GLU I 310 8.69 30.06 8.90
C GLU I 310 9.63 29.91 7.71
N CYS I 311 9.35 30.62 6.62
CA CYS I 311 10.25 30.61 5.47
C CYS I 311 11.63 31.15 5.84
N PHE I 312 11.66 32.22 6.62
CA PHE I 312 12.95 32.78 7.04
C PHE I 312 13.77 31.74 7.79
N THR I 313 13.12 30.98 8.68
CA THR I 313 13.85 29.98 9.45
C THR I 313 14.45 28.92 8.53
N TYR I 314 13.70 28.48 7.52
CA TYR I 314 14.24 27.50 6.60
C TYR I 314 15.49 28.02 5.89
N LEU I 315 15.40 29.25 5.36
CA LEU I 315 16.55 29.83 4.67
C LEU I 315 17.76 29.91 5.60
N HIS I 316 17.53 30.30 6.85
CA HIS I 316 18.62 30.36 7.82
C HIS I 316 19.29 29.00 7.99
N ARG I 317 18.47 27.94 8.15
CA ARG I 317 19.04 26.61 8.31
C ARG I 317 19.78 26.17 7.04
N ALA I 318 19.25 26.51 5.87
CA ALA I 318 19.88 26.10 4.62
C ALA I 318 21.28 26.70 4.50
N LEU I 319 21.40 28.01 4.75
CA LEU I 319 22.69 28.66 4.61
C LEU I 319 23.68 28.23 5.69
N GLU I 320 23.21 27.52 6.73
CA GLU I 320 24.12 27.01 7.74
C GLU I 320 25.07 25.98 7.15
N SER I 321 24.58 25.16 6.22
CA SER I 321 25.42 24.16 5.59
C SER I 321 26.52 24.81 4.77
N SER I 322 27.67 24.13 4.71
CA SER I 322 28.79 24.66 3.95
C SER I 322 28.50 24.68 2.45
N ILE I 323 27.82 23.64 1.94
CA ILE I 323 27.53 23.57 0.51
C ILE I 323 26.52 24.63 0.10
N ALA I 324 25.89 25.29 1.06
CA ALA I 324 24.80 26.20 0.74
C ALA I 324 25.30 27.36 -0.13
N PRO I 325 24.52 27.77 -1.12
CA PRO I 325 24.90 28.94 -1.92
C PRO I 325 24.66 30.24 -1.17
N ILE I 326 25.23 31.31 -1.69
CA ILE I 326 25.04 32.63 -1.10
C ILE I 326 23.64 33.12 -1.42
N VAL I 327 22.86 33.41 -0.38
CA VAL I 327 21.50 33.91 -0.54
C VAL I 327 21.52 35.42 -0.39
N ILE I 328 21.11 36.14 -1.42
CA ILE I 328 21.16 37.59 -1.45
C ILE I 328 19.73 38.11 -1.47
N PHE I 329 19.37 38.85 -0.41
CA PHE I 329 18.04 39.41 -0.27
C PHE I 329 17.95 40.75 -0.99
N ALA I 330 16.71 41.24 -1.15
CA ALA I 330 16.48 42.55 -1.73
C ALA I 330 15.17 43.08 -1.17
N SER I 331 15.20 44.33 -0.71
CA SER I 331 14.03 44.92 -0.07
C SER I 331 13.99 46.42 -0.38
N ASN I 332 12.79 46.98 -0.27
CA ASN I 332 12.57 48.40 -0.50
C ASN I 332 11.80 49.08 0.61
N ARG I 333 11.36 48.35 1.63
CA ARG I 333 10.65 48.95 2.76
C ARG I 333 11.66 49.39 3.82
N GLY I 334 11.14 49.81 4.98
CA GLY I 334 11.98 50.26 6.07
C GLY I 334 12.06 49.26 7.19
N ASN I 335 11.28 49.47 8.24
CA ASN I 335 11.25 48.55 9.37
C ASN I 335 9.92 47.83 9.44
N CYS I 336 9.44 47.36 8.29
CA CYS I 336 8.16 46.68 8.19
C CYS I 336 8.07 45.52 9.18
N VAL I 337 6.91 45.37 9.81
CA VAL I 337 6.70 44.32 10.79
C VAL I 337 6.90 42.96 10.14
N ILE I 338 7.51 42.03 10.87
CA ILE I 338 7.70 40.67 10.38
C ILE I 338 6.35 40.11 9.95
N ARG I 339 6.37 39.28 8.90
CA ARG I 339 5.14 38.76 8.34
C ARG I 339 4.39 37.87 9.33
N GLY I 340 5.09 36.91 9.93
CA GLY I 340 4.42 35.90 10.72
C GLY I 340 4.23 36.22 12.19
N THR I 341 4.49 37.46 12.58
CA THR I 341 4.36 37.85 13.98
C THR I 341 3.27 38.88 14.20
N GLU I 342 3.16 39.88 13.32
CA GLU I 342 2.09 40.88 13.40
C GLU I 342 2.32 41.89 14.52
N ASP I 343 3.34 41.67 15.35
CA ASP I 343 3.63 42.60 16.43
C ASP I 343 5.07 43.08 16.40
N ILE I 344 6.01 42.18 16.11
CA ILE I 344 7.43 42.54 16.17
C ILE I 344 7.82 43.14 14.83
N THR I 345 8.32 44.37 14.85
CA THR I 345 8.80 45.04 13.64
C THR I 345 10.32 45.04 13.63
N SER I 346 10.90 44.56 12.53
CA SER I 346 12.34 44.49 12.37
C SER I 346 12.73 45.03 11.01
N PRO I 347 13.97 45.52 10.88
CA PRO I 347 14.41 46.08 9.59
C PRO I 347 14.13 45.19 8.41
N HIS I 348 13.41 45.72 7.42
CA HIS I 348 13.16 45.04 6.15
C HIS I 348 12.43 43.71 6.35
N GLY I 349 11.70 43.57 7.45
CA GLY I 349 10.91 42.37 7.66
C GLY I 349 11.72 41.20 8.18
N ILE I 350 13.01 41.18 7.88
CA ILE I 350 13.89 40.09 8.30
C ILE I 350 13.87 40.00 9.82
N PRO I 351 13.72 38.80 10.39
CA PRO I 351 13.78 38.68 11.85
C PRO I 351 15.17 39.01 12.36
N LEU I 352 15.21 39.48 13.61
CA LEU I 352 16.46 39.98 14.17
C LEU I 352 17.56 38.93 14.10
N ASP I 353 17.19 37.65 14.22
CA ASP I 353 18.20 36.59 14.17
C ASP I 353 18.94 36.62 12.83
N LEU I 354 18.21 36.63 11.72
CA LEU I 354 18.84 36.63 10.41
C LEU I 354 19.59 37.93 10.15
N LEU I 355 19.01 39.07 10.52
CA LEU I 355 19.66 40.35 10.27
C LEU I 355 21.01 40.41 10.97
N ASP I 356 21.14 39.76 12.13
CA ASP I 356 22.41 39.77 12.83
C ASP I 356 23.52 39.14 12.00
N ARG I 357 23.18 38.28 11.05
CA ARG I 357 24.13 37.74 10.08
C ARG I 357 23.66 38.11 8.69
N VAL I 358 23.98 39.33 8.26
CA VAL I 358 23.66 39.82 6.92
C VAL I 358 24.62 40.97 6.61
N MET I 359 25.10 41.02 5.37
CA MET I 359 26.03 42.03 4.93
C MET I 359 25.28 42.95 3.96
N ILE I 360 24.62 43.97 4.51
CA ILE I 360 23.67 44.77 3.73
C ILE I 360 24.43 45.71 2.81
N ILE I 361 24.07 45.71 1.53
CA ILE I 361 24.67 46.56 0.51
C ILE I 361 23.62 47.58 0.10
N ARG I 362 23.93 48.86 0.24
CA ARG I 362 22.98 49.90 -0.10
C ARG I 362 23.02 50.23 -1.58
N THR I 363 21.89 50.66 -2.12
CA THR I 363 21.78 51.03 -3.53
C THR I 363 21.37 52.49 -3.64
N MET I 364 22.10 53.25 -4.44
CA MET I 364 21.81 54.67 -4.62
C MET I 364 20.80 54.87 -5.73
N LEU I 365 20.35 56.13 -5.88
CA LEU I 365 19.45 56.51 -6.95
C LEU I 365 20.24 57.00 -8.17
N TYR I 366 19.56 57.08 -9.30
CA TYR I 366 20.15 57.53 -10.54
C TYR I 366 19.66 58.93 -10.88
N THR I 367 20.59 59.82 -11.21
CA THR I 367 20.25 61.15 -11.66
C THR I 367 20.01 61.14 -13.16
N PRO I 368 19.47 62.23 -13.72
CA PRO I 368 19.18 62.27 -15.15
C PRO I 368 20.29 61.70 -16.02
N GLN I 369 21.54 62.05 -15.73
CA GLN I 369 22.65 61.61 -16.57
C GLN I 369 22.78 60.09 -16.57
N GLU I 370 22.82 59.48 -15.39
CA GLU I 370 22.90 58.02 -15.31
C GLU I 370 21.67 57.39 -15.92
N MET I 371 20.50 57.97 -15.66
CA MET I 371 19.25 57.46 -16.21
C MET I 371 19.31 57.43 -17.73
N LYS I 372 19.79 58.53 -18.34
CA LYS I 372 19.94 58.59 -19.78
C LYS I 372 20.95 57.57 -20.28
N GLN I 373 22.09 57.48 -19.59
CA GLN I 373 23.13 56.54 -20.01
C GLN I 373 22.62 55.10 -19.98
N ILE I 374 22.00 54.70 -18.88
CA ILE I 374 21.55 53.32 -18.73
C ILE I 374 20.52 52.97 -19.78
N ILE I 375 19.55 53.86 -20.01
CA ILE I 375 18.52 53.59 -21.00
C ILE I 375 19.13 53.45 -22.38
N LYS I 376 20.14 54.28 -22.67
CA LYS I 376 20.82 54.19 -23.96
C LYS I 376 21.51 52.85 -24.13
N ILE I 377 22.16 52.36 -23.06
CA ILE I 377 22.80 51.05 -23.12
C ILE I 377 21.77 49.96 -23.42
N ARG I 378 20.61 50.05 -22.77
CA ARG I 378 19.55 49.07 -23.01
C ARG I 378 19.11 49.11 -24.48
N ALA I 379 18.97 50.31 -25.03
CA ALA I 379 18.56 50.44 -26.43
C ALA I 379 19.55 49.76 -27.36
N GLN I 380 20.85 49.95 -27.11
CA GLN I 380 21.86 49.34 -27.96
C GLN I 380 21.79 47.82 -27.90
N THR I 381 21.59 47.26 -26.70
CA THR I 381 21.57 45.82 -26.54
C THR I 381 20.49 45.15 -27.36
N GLU I 382 19.33 45.80 -27.52
CA GLU I 382 18.26 45.24 -28.32
C GLU I 382 18.26 45.82 -29.74
N GLY I 383 18.80 47.03 -29.93
CA GLY I 383 18.95 47.59 -31.26
C GLY I 383 18.01 48.68 -31.70
N ILE I 384 17.89 49.76 -30.93
CA ILE I 384 17.07 50.92 -31.27
C ILE I 384 17.98 52.13 -31.48
N ASN I 385 17.78 52.84 -32.58
CA ASN I 385 18.39 54.15 -32.79
C ASN I 385 17.47 55.21 -32.21
N ILE I 386 17.97 55.93 -31.20
CA ILE I 386 17.17 56.90 -30.47
C ILE I 386 17.94 58.20 -30.36
N SER I 387 17.25 59.31 -30.60
CA SER I 387 17.86 60.62 -30.49
C SER I 387 18.13 60.97 -29.03
N GLU I 388 19.10 61.85 -28.81
CA GLU I 388 19.45 62.25 -27.45
C GLU I 388 18.28 62.95 -26.77
N GLU I 389 17.55 63.81 -27.48
CA GLU I 389 16.41 64.49 -26.89
C GLU I 389 15.37 63.48 -26.43
N ALA I 390 15.11 62.45 -27.24
CA ALA I 390 14.18 61.40 -26.83
C ALA I 390 14.67 60.71 -25.57
N LEU I 391 15.97 60.44 -25.48
CA LEU I 391 16.52 59.84 -24.27
C LEU I 391 16.35 60.78 -23.07
N ASN I 392 16.56 62.08 -23.29
CA ASN I 392 16.41 63.03 -22.19
C ASN I 392 14.99 63.01 -21.64
N HIS I 393 13.99 62.99 -22.52
CA HIS I 393 12.61 62.84 -22.07
C HIS I 393 12.41 61.52 -21.34
N LEU I 394 12.98 60.45 -21.89
CA LEU I 394 12.90 59.15 -21.23
C LEU I 394 13.56 59.19 -19.85
N GLY I 395 14.63 59.98 -19.70
CA GLY I 395 15.27 60.08 -18.40
C GLY I 395 14.40 60.73 -17.36
N GLU I 396 13.71 61.82 -17.73
CA GLU I 396 12.78 62.45 -16.80
C GLU I 396 11.60 61.54 -16.48
N ILE I 397 11.21 60.68 -17.43
CA ILE I 397 10.17 59.70 -17.15
C ILE I 397 10.62 58.73 -16.07
N GLY I 398 11.86 58.26 -16.17
CA GLY I 398 12.37 57.33 -15.18
C GLY I 398 12.35 57.90 -13.78
N THR I 399 12.70 59.18 -13.63
CA THR I 399 12.72 59.78 -12.31
C THR I 399 11.34 59.77 -11.69
N LYS I 400 10.30 60.08 -12.47
CA LYS I 400 8.96 60.12 -11.92
C LYS I 400 8.48 58.73 -11.48
N THR I 401 8.58 57.74 -12.36
CA THR I 401 8.01 56.44 -12.01
C THR I 401 9.08 55.43 -11.58
N THR I 402 9.98 55.05 -12.49
CA THR I 402 10.99 54.02 -12.26
C THR I 402 11.92 53.91 -13.46
N LEU I 403 13.05 53.23 -13.27
CA LEU I 403 13.86 52.84 -14.42
C LEU I 403 13.25 51.64 -15.15
N ARG I 404 12.46 50.82 -14.44
CA ARG I 404 11.71 49.77 -15.10
C ARG I 404 10.79 50.35 -16.18
N TYR I 405 9.98 51.34 -15.81
CA TYR I 405 8.97 51.86 -16.73
C TYR I 405 9.61 52.48 -17.97
N SER I 406 10.71 53.21 -17.77
CA SER I 406 11.41 53.79 -18.92
C SER I 406 11.94 52.72 -19.84
N VAL I 407 12.50 51.64 -19.28
CA VAL I 407 13.05 50.58 -20.10
C VAL I 407 11.95 49.92 -20.93
N GLN I 408 10.80 49.64 -20.32
CA GLN I 408 9.72 48.98 -21.04
C GLN I 408 9.17 49.84 -22.17
N LEU I 409 9.29 51.16 -22.05
CA LEU I 409 8.77 52.07 -23.06
C LEU I 409 9.54 51.99 -24.37
N LEU I 410 10.74 51.43 -24.37
CA LEU I 410 11.55 51.41 -25.59
C LEU I 410 10.87 50.63 -26.70
N THR I 411 10.38 49.43 -26.39
CA THR I 411 9.81 48.56 -27.40
C THR I 411 8.65 49.23 -28.14
N PRO I 412 7.58 49.61 -27.45
CA PRO I 412 6.46 50.25 -28.17
C PRO I 412 6.88 51.50 -28.91
N ALA I 413 7.80 52.30 -28.36
CA ALA I 413 8.24 53.51 -29.05
C ALA I 413 8.95 53.18 -30.35
N ASN I 414 9.88 52.22 -30.33
CA ASN I 414 10.57 51.83 -31.56
C ASN I 414 9.62 51.17 -32.55
N LEU I 415 8.70 50.35 -32.05
CA LEU I 415 7.69 49.76 -32.92
C LEU I 415 6.81 50.84 -33.54
N LEU I 416 6.44 51.85 -32.77
CA LEU I 416 5.63 52.95 -33.32
C LEU I 416 6.40 53.66 -34.43
N ALA I 417 7.68 53.93 -34.22
CA ALA I 417 8.48 54.60 -35.24
C ALA I 417 8.58 53.75 -36.49
N LYS I 418 8.61 52.43 -36.34
CA LYS I 418 8.70 51.55 -37.50
C LYS I 418 7.48 51.70 -38.40
N ILE I 419 6.29 51.82 -37.80
CA ILE I 419 5.08 51.97 -38.59
C ILE I 419 5.13 53.24 -39.43
N ASN I 420 5.57 54.35 -38.82
CA ASN I 420 5.70 55.61 -39.52
C ASN I 420 6.87 55.63 -40.51
N GLY I 421 7.55 54.50 -40.69
CA GLY I 421 8.64 54.44 -41.63
C GLY I 421 9.94 55.08 -41.18
N LYS I 422 10.05 55.39 -39.90
CA LYS I 422 11.24 56.04 -39.35
C LYS I 422 12.11 55.03 -38.63
N ASP I 423 13.42 55.10 -38.90
CA ASP I 423 14.37 54.18 -38.30
C ASP I 423 14.75 54.55 -36.88
N SER I 424 14.72 55.84 -36.54
CA SER I 424 15.11 56.31 -35.21
C SER I 424 13.91 56.90 -34.49
N ILE I 425 13.90 56.72 -33.16
CA ILE I 425 12.83 57.24 -32.32
C ILE I 425 13.12 58.69 -31.97
N GLU I 426 12.12 59.54 -32.09
CA GLU I 426 12.23 60.95 -31.79
C GLU I 426 11.39 61.30 -30.56
N LYS I 427 11.55 62.54 -30.09
CA LYS I 427 10.85 62.97 -28.89
C LYS I 427 9.34 62.79 -29.04
N GLU I 428 8.81 62.98 -30.25
CA GLU I 428 7.37 62.85 -30.45
C GLU I 428 6.91 61.43 -30.15
N HIS I 429 7.68 60.43 -30.56
CA HIS I 429 7.29 59.05 -30.31
C HIS I 429 7.24 58.74 -28.82
N VAL I 430 8.24 59.19 -28.07
CA VAL I 430 8.26 58.95 -26.63
C VAL I 430 7.07 59.63 -25.96
N GLU I 431 6.80 60.89 -26.33
CA GLU I 431 5.66 61.59 -25.75
C GLU I 431 4.36 60.88 -26.06
N GLU I 432 4.19 60.41 -27.30
CA GLU I 432 2.96 59.72 -27.67
C GLU I 432 2.80 58.41 -26.90
N ILE I 433 3.88 57.64 -26.79
CA ILE I 433 3.79 56.38 -26.07
C ILE I 433 3.48 56.61 -24.59
N SER I 434 4.03 57.66 -24.00
CA SER I 434 3.69 57.98 -22.61
C SER I 434 2.23 58.33 -22.46
N GLU I 435 1.62 58.88 -23.51
CA GLU I 435 0.20 59.22 -23.50
C GLU I 435 -0.70 58.04 -23.81
N LEU I 436 -0.13 56.92 -24.28
CA LEU I 436 -0.91 55.73 -24.57
C LEU I 436 -0.92 54.78 -23.37
N PHE I 437 0.25 54.44 -22.85
CA PHE I 437 0.37 53.54 -21.72
C PHE I 437 0.77 54.33 -20.47
N TYR I 438 0.24 53.91 -19.34
CA TYR I 438 0.43 54.60 -18.08
C TYR I 438 1.28 53.76 -17.13
N ASP I 439 1.53 54.33 -15.95
CA ASP I 439 2.32 53.69 -14.91
C ASP I 439 1.48 53.54 -13.65
N ALA I 440 1.90 52.62 -12.78
CA ALA I 440 1.12 52.28 -11.60
C ALA I 440 0.79 53.51 -10.76
N LYS I 441 1.80 54.30 -10.40
CA LYS I 441 1.58 55.44 -9.51
C LYS I 441 0.59 56.42 -10.12
N SER I 442 0.83 56.84 -11.36
CA SER I 442 -0.07 57.79 -12.01
C SER I 442 -1.47 57.20 -12.17
N SER I 443 -1.55 55.92 -12.56
CA SER I 443 -2.84 55.29 -12.74
C SER I 443 -3.65 55.30 -11.45
N ALA I 444 -3.01 54.93 -10.33
CA ALA I 444 -3.70 54.95 -9.05
C ALA I 444 -4.13 56.36 -8.68
N LYS I 445 -3.27 57.34 -8.91
CA LYS I 445 -3.60 58.72 -8.59
C LYS I 445 -4.82 59.19 -9.39
N ILE I 446 -4.88 58.81 -10.66
CA ILE I 446 -6.03 59.19 -11.50
C ILE I 446 -7.31 58.60 -10.93
N LEU I 447 -7.27 57.31 -10.58
CA LEU I 447 -8.47 56.67 -10.06
C LEU I 447 -8.90 57.28 -8.74
N ALA I 448 -7.94 57.49 -7.83
CA ALA I 448 -8.26 58.11 -6.54
C ALA I 448 -8.76 59.53 -6.72
N ASP I 449 -8.16 60.28 -7.63
CA ASP I 449 -8.59 61.65 -7.88
C ASP I 449 -10.06 61.69 -8.29
N GLN I 450 -10.45 60.79 -9.20
CA GLN I 450 -11.85 60.72 -9.60
C GLN I 450 -12.75 60.37 -8.42
N GLN I 451 -12.31 59.45 -7.58
CA GLN I 451 -13.05 59.08 -6.38
C GLN I 451 -13.37 60.30 -5.53
N GLY J 23 -32.25 22.34 44.86
CA GLY J 23 -32.64 23.16 43.73
C GLY J 23 -33.18 24.52 44.13
N ALA J 24 -32.82 25.56 43.36
CA ALA J 24 -33.28 26.90 43.67
C ALA J 24 -34.80 27.00 43.56
N HIS J 25 -35.38 26.40 42.52
CA HIS J 25 -36.81 26.51 42.25
C HIS J 25 -37.57 25.28 42.74
N SER J 26 -37.15 24.72 43.87
CA SER J 26 -37.84 23.55 44.42
C SER J 26 -39.28 23.86 44.76
N HIS J 27 -39.57 25.10 45.14
CA HIS J 27 -40.89 25.50 45.59
C HIS J 27 -41.79 25.98 44.46
N ILE J 28 -41.30 25.99 43.23
CA ILE J 28 -42.02 26.59 42.11
C ILE J 28 -42.88 25.49 41.50
N ARG J 29 -44.06 25.29 42.08
CA ARG J 29 -45.03 24.29 41.60
C ARG J 29 -46.06 24.91 40.66
N GLY J 30 -45.60 25.58 39.60
CA GLY J 30 -46.51 26.16 38.63
C GLY J 30 -46.51 27.67 38.62
N LEU J 31 -47.05 28.25 37.54
CA LEU J 31 -47.09 29.70 37.42
C LEU J 31 -47.92 30.34 38.52
N GLY J 32 -49.10 29.78 38.81
CA GLY J 32 -49.95 30.32 39.84
C GLY J 32 -50.91 31.39 39.35
N LEU J 33 -51.60 31.11 38.25
CA LEU J 33 -52.58 32.04 37.68
C LEU J 33 -53.97 31.60 38.10
N ASP J 34 -54.61 32.37 38.98
CA ASP J 34 -55.93 32.01 39.47
C ASP J 34 -56.94 31.99 38.32
N ASP J 35 -57.49 30.81 38.07
CA ASP J 35 -58.47 30.62 36.99
C ASP J 35 -58.02 31.37 35.74
N ALA J 36 -58.76 32.40 35.35
CA ALA J 36 -58.42 33.19 34.17
C ALA J 36 -57.22 34.08 34.41
N LEU J 37 -56.04 33.63 33.98
CA LEU J 37 -54.78 34.35 34.17
C LEU J 37 -54.73 35.08 35.50
N GLU J 38 -54.46 36.39 35.45
CA GLU J 38 -54.40 37.27 36.62
C GLU J 38 -53.79 36.53 37.81
N PRO J 39 -52.56 36.04 37.69
CA PRO J 39 -52.00 35.20 38.75
C PRO J 39 -51.97 35.93 40.09
N ARG J 40 -52.20 35.17 41.16
CA ARG J 40 -52.22 35.71 42.50
C ARG J 40 -50.81 36.14 42.92
N GLN J 41 -50.74 37.00 43.94
CA GLN J 41 -49.45 37.53 44.37
C GLN J 41 -48.52 36.41 44.81
N ALA J 42 -49.05 35.42 45.54
CA ALA J 42 -48.25 34.29 46.00
C ALA J 42 -49.03 33.01 45.80
N SER J 43 -48.48 32.10 44.99
CA SER J 43 -49.12 30.83 44.71
C SER J 43 -48.11 29.82 44.21
N GLN J 44 -48.24 28.56 44.63
CA GLN J 44 -47.28 27.49 44.35
C GLN J 44 -45.85 28.03 44.35
N GLY J 45 -45.50 28.70 45.44
CA GLY J 45 -44.16 29.23 45.60
C GLY J 45 -43.76 30.20 44.50
N MET J 46 -44.66 31.12 44.16
CA MET J 46 -44.42 32.12 43.12
C MET J 46 -44.99 33.46 43.59
N VAL J 47 -44.10 34.36 44.02
CA VAL J 47 -44.45 35.70 44.45
C VAL J 47 -43.66 36.70 43.62
N GLY J 48 -44.36 37.61 42.96
CA GLY J 48 -43.73 38.69 42.22
C GLY J 48 -43.79 38.50 40.72
N GLN J 49 -43.29 39.52 40.02
CA GLN J 49 -43.30 39.57 38.55
C GLN J 49 -44.60 39.01 37.99
N LEU J 50 -45.71 39.53 38.50
CA LEU J 50 -47.02 39.00 38.11
C LEU J 50 -47.33 39.30 36.64
N ALA J 51 -46.79 40.38 36.11
CA ALA J 51 -46.99 40.68 34.69
C ALA J 51 -46.50 39.54 33.81
N ALA J 52 -45.27 39.10 34.03
CA ALA J 52 -44.75 37.96 33.28
C ALA J 52 -45.56 36.70 33.55
N ARG J 53 -46.06 36.51 34.77
CA ARG J 53 -46.89 35.34 35.06
C ARG J 53 -48.10 35.32 34.15
N ARG J 54 -48.81 36.44 34.05
CA ARG J 54 -50.03 36.48 33.25
C ARG J 54 -49.72 36.31 31.77
N ALA J 55 -48.65 36.95 31.29
CA ALA J 55 -48.23 36.75 29.91
C ALA J 55 -47.84 35.29 29.67
N ALA J 56 -47.12 34.70 30.62
CA ALA J 56 -46.76 33.30 30.48
C ALA J 56 -47.99 32.40 30.45
N GLY J 57 -48.96 32.68 31.33
CA GLY J 57 -50.18 31.88 31.35
C GLY J 57 -50.85 31.84 29.99
N VAL J 58 -50.75 32.92 29.23
CA VAL J 58 -51.27 32.92 27.87
C VAL J 58 -50.57 31.85 27.04
N VAL J 59 -49.25 31.75 27.19
CA VAL J 59 -48.48 30.76 26.42
C VAL J 59 -48.93 29.35 26.75
N LEU J 60 -49.17 29.05 28.02
CA LEU J 60 -49.60 27.70 28.39
C LEU J 60 -50.85 27.29 27.63
N GLU J 61 -51.84 28.19 27.56
CA GLU J 61 -53.03 27.88 26.77
C GLU J 61 -52.69 27.75 25.29
N MET J 62 -51.68 28.47 24.82
CA MET J 62 -51.23 28.31 23.45
C MET J 62 -50.59 26.95 23.24
N ILE J 63 -49.86 26.46 24.23
CA ILE J 63 -49.20 25.17 24.10
C ILE J 63 -50.23 24.05 24.00
N ARG J 64 -51.24 24.08 24.86
CA ARG J 64 -52.22 23.00 24.91
C ARG J 64 -52.97 22.87 23.59
N GLU J 65 -53.34 24.00 23.00
CA GLU J 65 -54.07 24.01 21.73
C GLU J 65 -53.19 23.64 20.54
N GLY J 66 -51.90 23.92 20.61
CA GLY J 66 -51.03 23.74 19.46
C GLY J 66 -50.86 25.00 18.64
N LYS J 67 -51.32 26.15 19.14
CA LYS J 67 -51.09 27.41 18.47
C LYS J 67 -49.76 28.01 18.90
N ILE J 68 -48.70 27.20 18.84
CA ILE J 68 -47.34 27.64 19.13
C ILE J 68 -46.34 27.13 18.10
N ALA J 69 -46.83 26.61 16.98
CA ALA J 69 -45.95 26.02 15.98
C ALA J 69 -45.02 27.09 15.40
N GLY J 70 -43.75 26.74 15.25
CA GLY J 70 -42.79 27.67 14.68
C GLY J 70 -42.56 28.91 15.51
N ARG J 71 -42.77 28.85 16.82
CA ARG J 71 -42.61 30.00 17.68
C ARG J 71 -41.88 29.59 18.95
N ALA J 72 -41.24 30.58 19.57
CA ALA J 72 -40.49 30.37 20.81
C ALA J 72 -40.71 31.56 21.72
N VAL J 73 -40.29 31.43 22.97
CA VAL J 73 -40.48 32.47 23.98
C VAL J 73 -39.12 32.90 24.52
N LEU J 74 -38.93 34.21 24.59
CA LEU J 74 -37.71 34.82 25.11
C LEU J 74 -38.07 35.65 26.33
N ILE J 75 -37.41 35.35 27.46
CA ILE J 75 -37.67 36.03 28.73
C ILE J 75 -36.51 36.97 28.98
N ALA J 76 -36.72 38.26 28.76
CA ALA J 76 -35.70 39.27 28.98
C ALA J 76 -35.79 39.82 30.39
N GLY J 77 -34.63 40.10 30.98
CA GLY J 77 -34.58 40.64 32.32
C GLY J 77 -33.22 40.54 32.99
N GLN J 78 -33.06 41.27 34.09
CA GLN J 78 -31.80 41.27 34.82
C GLN J 78 -31.57 39.93 35.51
N PRO J 79 -30.33 39.64 35.91
CA PRO J 79 -30.07 38.41 36.66
C PRO J 79 -30.79 38.43 38.00
N GLY J 80 -31.19 37.25 38.45
CA GLY J 80 -31.92 37.15 39.71
C GLY J 80 -33.29 37.77 39.69
N THR J 81 -34.01 37.67 38.58
CA THR J 81 -35.36 38.20 38.46
C THR J 81 -36.40 37.10 38.27
N GLY J 82 -36.08 35.86 38.64
CA GLY J 82 -37.00 34.77 38.43
C GLY J 82 -37.08 34.29 36.99
N LYS J 83 -36.04 34.58 36.19
CA LYS J 83 -36.03 34.12 34.80
C LYS J 83 -36.21 32.61 34.72
N THR J 84 -35.39 31.86 35.45
CA THR J 84 -35.50 30.40 35.46
C THR J 84 -36.69 29.90 36.26
N ALA J 85 -37.05 30.57 37.36
CA ALA J 85 -38.22 30.16 38.12
C ALA J 85 -39.49 30.28 37.29
N ILE J 86 -39.60 31.31 36.45
CA ILE J 86 -40.74 31.41 35.55
C ILE J 86 -40.75 30.24 34.57
N ALA J 87 -39.58 29.88 34.03
CA ALA J 87 -39.51 28.75 33.11
C ALA J 87 -39.89 27.46 33.80
N MET J 88 -39.38 27.21 35.00
CA MET J 88 -39.73 26.00 35.73
C MET J 88 -41.23 25.98 36.06
N GLY J 89 -41.79 27.11 36.47
CA GLY J 89 -43.21 27.16 36.73
C GLY J 89 -44.03 26.77 35.51
N MET J 90 -43.63 27.25 34.34
CA MET J 90 -44.34 26.90 33.11
C MET J 90 -44.30 25.40 32.85
N ALA J 91 -43.14 24.78 33.05
CA ALA J 91 -43.02 23.35 32.79
C ALA J 91 -43.93 22.54 33.72
N GLN J 92 -43.86 22.82 35.02
CA GLN J 92 -44.69 22.07 35.96
C GLN J 92 -46.16 22.38 35.77
N ALA J 93 -46.51 23.64 35.54
CA ALA J 93 -47.90 23.99 35.30
C ALA J 93 -48.47 23.32 34.07
N LEU J 94 -47.61 22.98 33.09
CA LEU J 94 -48.09 22.29 31.89
C LEU J 94 -48.51 20.86 32.21
N GLY J 95 -47.78 20.18 33.09
CA GLY J 95 -48.09 18.83 33.45
C GLY J 95 -47.30 18.35 34.66
N PRO J 96 -47.66 17.19 35.18
CA PRO J 96 -46.99 16.69 36.39
C PRO J 96 -45.51 16.45 36.19
N ASP J 97 -45.15 15.76 35.10
CA ASP J 97 -43.79 15.33 34.84
C ASP J 97 -43.32 15.81 33.47
N THR J 98 -43.69 17.03 33.10
CA THR J 98 -43.22 17.59 31.84
C THR J 98 -41.71 17.81 31.92
N PRO J 99 -40.94 17.25 31.00
CA PRO J 99 -39.48 17.35 31.10
C PRO J 99 -39.01 18.81 31.09
N PHE J 100 -38.01 19.10 31.91
CA PHE J 100 -37.42 20.42 32.02
C PHE J 100 -35.91 20.31 31.89
N THR J 101 -35.34 21.07 30.96
CA THR J 101 -33.90 21.09 30.74
C THR J 101 -33.44 22.54 30.72
N ALA J 102 -32.69 22.94 31.76
CA ALA J 102 -32.16 24.28 31.88
C ALA J 102 -30.65 24.24 31.65
N ILE J 103 -30.22 24.86 30.56
CA ILE J 103 -28.81 24.88 30.18
C ILE J 103 -28.38 26.33 29.97
N ALA J 104 -27.08 26.52 29.83
CA ALA J 104 -26.50 27.84 29.60
C ALA J 104 -25.96 27.94 28.17
N GLY J 105 -26.10 29.13 27.60
CA GLY J 105 -25.62 29.35 26.25
C GLY J 105 -24.13 29.09 26.13
N SER J 106 -23.39 29.35 27.20
CA SER J 106 -21.95 29.08 27.25
C SER J 106 -21.66 27.66 27.73
N GLU J 107 -22.63 26.76 27.60
CA GLU J 107 -22.47 25.39 28.05
C GLU J 107 -22.46 24.38 26.89
N ILE J 108 -22.73 24.82 25.67
CA ILE J 108 -22.65 23.94 24.51
C ILE J 108 -21.28 23.99 23.84
N PHE J 109 -20.49 25.03 24.11
CA PHE J 109 -19.11 25.09 23.63
C PHE J 109 -18.25 24.25 24.55
N SER J 110 -18.10 22.97 24.23
CA SER J 110 -17.33 22.05 25.03
C SER J 110 -16.31 21.34 24.16
N LEU J 111 -15.20 20.94 24.78
CA LEU J 111 -14.15 20.21 24.09
C LEU J 111 -14.44 18.72 23.96
N GLU J 112 -15.45 18.21 24.68
CA GLU J 112 -15.81 16.81 24.58
C GLU J 112 -16.80 16.53 23.47
N MET J 113 -17.57 17.54 23.07
CA MET J 113 -18.62 17.37 22.06
C MET J 113 -18.80 18.67 21.30
N SER J 114 -19.28 18.55 20.07
CA SER J 114 -19.51 19.70 19.22
C SER J 114 -20.80 20.41 19.63
N LYS J 115 -20.99 21.62 19.10
CA LYS J 115 -22.21 22.37 19.40
C LYS J 115 -23.45 21.59 18.98
N THR J 116 -23.39 20.94 17.81
CA THR J 116 -24.50 20.13 17.35
C THR J 116 -24.86 19.06 18.37
N GLU J 117 -23.87 18.27 18.79
CA GLU J 117 -24.15 17.16 19.70
C GLU J 117 -24.72 17.67 21.02
N ALA J 118 -24.14 18.74 21.57
CA ALA J 118 -24.64 19.28 22.82
C ALA J 118 -26.07 19.77 22.68
N LEU J 119 -26.36 20.50 21.60
CA LEU J 119 -27.72 21.00 21.40
C LEU J 119 -28.69 19.87 21.10
N THR J 120 -28.26 18.89 20.31
CA THR J 120 -29.13 17.75 20.02
C THR J 120 -29.49 17.00 21.31
N GLN J 121 -28.50 16.80 22.19
CA GLN J 121 -28.78 16.16 23.47
C GLN J 121 -29.79 16.97 24.27
N ALA J 122 -29.63 18.30 24.29
CA ALA J 122 -30.54 19.15 25.05
C ALA J 122 -31.97 19.01 24.56
N PHE J 123 -32.16 19.02 23.24
CA PHE J 123 -33.51 18.87 22.69
C PHE J 123 -34.09 17.51 23.06
N ARG J 124 -33.27 16.47 23.02
CA ARG J 124 -33.75 15.13 23.35
C ARG J 124 -34.22 15.06 24.78
N ARG J 125 -33.48 15.66 25.71
CA ARG J 125 -33.86 15.64 27.12
C ARG J 125 -35.21 16.31 27.33
N SER J 126 -35.43 17.46 26.67
CA SER J 126 -36.69 18.18 26.80
C SER J 126 -37.85 17.35 26.25
N ILE J 127 -37.57 16.48 25.29
CA ILE J 127 -38.59 15.63 24.68
C ILE J 127 -38.82 14.45 25.61
N GLY J 128 -39.95 14.43 26.31
CA GLY J 128 -40.29 13.35 27.21
C GLY J 128 -41.29 12.40 26.59
N VAL J 129 -41.16 11.12 26.94
CA VAL J 129 -42.03 10.06 26.42
C VAL J 129 -42.64 9.33 27.61
N ARG J 130 -43.95 9.09 27.54
CA ARG J 130 -44.67 8.40 28.60
C ARG J 130 -44.91 6.95 28.22
N ILE J 131 -44.66 6.04 29.16
CA ILE J 131 -44.91 4.62 28.95
C ILE J 131 -45.43 4.00 30.24
N LYS J 132 -46.69 3.58 30.25
CA LYS J 132 -47.28 3.02 31.47
C LYS J 132 -46.59 1.70 31.80
N GLU J 133 -46.32 1.49 33.08
CA GLU J 133 -45.72 0.25 33.58
C GLU J 133 -46.60 -0.24 34.73
N GLU J 134 -47.53 -1.14 34.40
CA GLU J 134 -48.40 -1.69 35.42
C GLU J 134 -47.57 -2.34 36.52
N THR J 135 -47.90 -2.02 37.77
CA THR J 135 -47.16 -2.50 38.92
C THR J 135 -48.15 -2.91 40.00
N GLU J 136 -48.13 -4.19 40.36
CA GLU J 136 -49.07 -4.71 41.36
C GLU J 136 -48.79 -4.10 42.72
N ILE J 137 -49.72 -3.28 43.22
CA ILE J 137 -49.59 -2.72 44.56
C ILE J 137 -50.25 -3.69 45.54
N ILE J 138 -49.43 -4.50 46.20
CA ILE J 138 -49.93 -5.42 47.23
C ILE J 138 -49.92 -4.70 48.56
N GLU J 139 -50.98 -3.95 48.85
CA GLU J 139 -51.08 -3.17 50.06
C GLU J 139 -52.19 -3.71 50.95
N GLY J 140 -52.44 -3.03 52.05
CA GLY J 140 -53.47 -3.41 53.00
C GLY J 140 -53.04 -3.07 54.41
N GLU J 141 -54.03 -2.78 55.26
CA GLU J 141 -53.76 -2.49 56.65
C GLU J 141 -53.20 -3.74 57.34
N VAL J 142 -52.03 -3.59 57.96
CA VAL J 142 -51.39 -4.72 58.64
C VAL J 142 -52.03 -4.91 59.99
N VAL J 143 -53.02 -5.81 60.06
CA VAL J 143 -53.70 -6.07 61.32
C VAL J 143 -52.78 -6.82 62.28
N GLU J 144 -52.00 -7.77 61.77
CA GLU J 144 -51.09 -8.55 62.59
C GLU J 144 -49.84 -8.88 61.78
N ILE J 145 -48.67 -8.66 62.38
CA ILE J 145 -47.41 -9.00 61.74
C ILE J 145 -47.23 -10.51 61.85
N GLN J 146 -47.47 -11.23 60.75
CA GLN J 146 -47.37 -12.69 60.74
C GLN J 146 -45.95 -13.13 60.40
N ILE J 147 -45.01 -12.70 61.26
CA ILE J 147 -43.62 -13.05 61.09
C ILE J 147 -43.46 -14.56 61.29
N ASP J 148 -42.82 -15.21 60.32
CA ASP J 148 -42.63 -16.65 60.37
C ASP J 148 -41.17 -17.02 60.61
N VAL J 158 -39.57 -16.37 57.40
CA VAL J 158 -40.05 -14.99 57.39
C VAL J 158 -40.30 -14.54 55.96
N GLY J 159 -41.56 -14.38 55.60
CA GLY J 159 -42.65 -14.65 56.53
C GLY J 159 -44.03 -14.45 55.93
N LYS J 160 -44.90 -13.79 56.69
CA LYS J 160 -46.28 -13.56 56.28
C LYS J 160 -46.70 -12.18 56.79
N LEU J 161 -47.79 -11.66 56.23
CA LEU J 161 -48.29 -10.35 56.64
C LEU J 161 -49.79 -10.28 56.37
N THR J 162 -50.58 -10.24 57.44
CA THR J 162 -52.02 -10.10 57.31
C THR J 162 -52.38 -8.69 56.82
N LEU J 163 -52.86 -8.59 55.58
CA LEU J 163 -53.23 -7.31 54.98
C LEU J 163 -54.73 -7.28 54.78
N LYS J 164 -55.41 -6.35 55.46
CA LYS J 164 -56.85 -6.21 55.37
C LYS J 164 -57.20 -4.85 54.78
N THR J 165 -58.24 -4.84 53.94
CA THR J 165 -58.75 -3.61 53.35
C THR J 165 -60.27 -3.72 53.31
N THR J 166 -60.92 -2.81 52.60
CA THR J 166 -62.37 -2.89 52.46
C THR J 166 -62.81 -4.12 51.68
N GLU J 167 -61.95 -4.66 50.82
CA GLU J 167 -62.31 -5.84 50.05
C GLU J 167 -62.40 -7.07 50.97
N MET J 168 -61.28 -7.46 51.55
CA MET J 168 -61.22 -8.61 52.46
C MET J 168 -59.97 -8.56 53.33
N GLU J 169 -59.70 -9.64 54.05
CA GLU J 169 -58.50 -9.78 54.86
C GLU J 169 -57.74 -11.02 54.39
N THR J 170 -56.60 -10.80 53.75
CA THR J 170 -55.80 -11.89 53.20
C THR J 170 -54.38 -11.78 53.71
N ILE J 171 -53.83 -12.89 54.22
CA ILE J 171 -52.43 -12.92 54.61
C ILE J 171 -51.58 -13.08 53.36
N TYR J 172 -50.65 -12.15 53.15
CA TYR J 172 -49.83 -12.12 51.95
C TYR J 172 -48.43 -12.61 52.31
N ASP J 173 -47.96 -13.63 51.60
CA ASP J 173 -46.63 -14.16 51.83
C ASP J 173 -45.59 -13.07 51.65
N LEU J 174 -44.69 -12.93 52.62
CA LEU J 174 -43.76 -11.82 52.67
C LEU J 174 -42.36 -12.35 52.93
N GLY J 175 -41.37 -11.46 52.90
CA GLY J 175 -39.97 -11.84 53.04
C GLY J 175 -39.35 -11.28 54.31
N THR J 176 -38.11 -11.73 54.55
CA THR J 176 -37.39 -11.32 55.74
C THR J 176 -36.95 -9.86 55.65
N LYS J 177 -36.39 -9.45 54.51
CA LYS J 177 -35.95 -8.08 54.36
C LYS J 177 -37.10 -7.10 54.13
N MET J 178 -38.21 -7.56 53.54
CA MET J 178 -39.42 -6.73 53.53
C MET J 178 -40.12 -6.71 54.89
N ILE J 179 -40.00 -7.79 55.67
CA ILE J 179 -40.42 -7.70 57.07
C ILE J 179 -39.57 -6.69 57.81
N GLU J 180 -38.27 -6.64 57.51
CA GLU J 180 -37.44 -5.57 58.04
C GLU J 180 -37.88 -4.21 57.50
N SER J 181 -38.37 -4.16 56.26
CA SER J 181 -38.86 -2.90 55.70
C SER J 181 -39.97 -2.31 56.56
N LEU J 182 -40.77 -3.17 57.21
CA LEU J 182 -41.79 -2.67 58.13
C LEU J 182 -41.14 -1.94 59.30
N THR J 183 -40.04 -2.50 59.83
CA THR J 183 -39.33 -1.80 60.90
C THR J 183 -38.73 -0.50 60.41
N LYS J 184 -38.17 -0.50 59.20
CA LYS J 184 -37.68 0.74 58.61
C LYS J 184 -38.82 1.75 58.43
N ASP J 185 -39.99 1.26 58.06
CA ASP J 185 -41.22 2.04 58.02
C ASP J 185 -41.88 1.95 59.40
N LYS J 186 -43.13 2.37 59.51
CA LYS J 186 -43.89 2.18 60.74
C LYS J 186 -44.40 0.74 60.78
N VAL J 187 -43.93 -0.03 61.76
CA VAL J 187 -44.20 -1.46 61.77
C VAL J 187 -45.68 -1.73 61.96
N GLN J 188 -46.23 -1.32 63.11
CA GLN J 188 -47.64 -1.56 63.41
C GLN J 188 -48.50 -0.40 62.91
N ALA J 189 -48.37 -0.10 61.61
CA ALA J 189 -49.18 0.94 60.97
C ALA J 189 -49.25 0.57 59.49
N GLY J 190 -50.47 0.58 58.94
CA GLY J 190 -50.69 0.10 57.59
C GLY J 190 -49.58 0.46 56.62
N ASP J 191 -48.99 -0.57 56.00
CA ASP J 191 -47.88 -0.40 55.08
C ASP J 191 -48.39 -0.59 53.66
N VAL J 192 -48.24 0.42 52.82
CA VAL J 192 -48.58 0.31 51.41
C VAL J 192 -47.43 -0.38 50.71
N ILE J 193 -47.63 -1.64 50.33
CA ILE J 193 -46.58 -2.47 49.74
C ILE J 193 -46.88 -2.67 48.26
N THR J 194 -45.82 -2.90 47.50
CA THR J 194 -45.90 -3.14 46.06
C THR J 194 -45.51 -4.59 45.77
N ILE J 195 -45.44 -4.94 44.49
CA ILE J 195 -45.12 -6.30 44.10
C ILE J 195 -43.67 -6.58 44.48
N ASP J 196 -43.48 -7.31 45.57
CA ASP J 196 -42.15 -7.62 46.10
C ASP J 196 -41.31 -6.34 46.23
N LYS J 197 -41.92 -5.33 46.84
CA LYS J 197 -41.29 -4.03 47.02
C LYS J 197 -41.35 -3.66 48.50
N ALA J 198 -40.92 -2.44 48.83
CA ALA J 198 -40.90 -1.99 50.21
C ALA J 198 -42.30 -1.59 50.66
N THR J 199 -42.45 -1.49 51.98
CA THR J 199 -43.71 -1.11 52.59
C THR J 199 -43.82 0.41 52.65
N GLY J 200 -44.87 0.92 53.27
CA GLY J 200 -45.07 2.35 53.40
C GLY J 200 -45.50 2.73 54.80
N LYS J 201 -45.08 3.92 55.23
CA LYS J 201 -45.41 4.42 56.57
C LYS J 201 -46.77 5.11 56.51
N ILE J 202 -47.82 4.30 56.70
CA ILE J 202 -49.19 4.80 56.72
C ILE J 202 -49.90 4.23 57.95
N SER J 203 -50.96 4.89 58.39
CA SER J 203 -51.68 4.47 59.59
C SER J 203 -52.41 3.15 59.33
N LYS J 204 -52.85 2.53 60.42
CA LYS J 204 -53.55 1.25 60.35
C LYS J 204 -54.89 1.32 61.07
N CYS J 227 -54.36 4.79 55.94
CA CYS J 227 -54.66 3.37 56.00
C CYS J 227 -55.15 2.85 54.65
N PRO J 228 -54.42 1.90 54.07
CA PRO J 228 -54.87 1.30 52.80
C PRO J 228 -56.19 0.59 52.95
N ASP J 229 -57.23 1.11 52.30
CA ASP J 229 -58.57 0.57 52.46
C ASP J 229 -59.26 0.48 51.09
N GLY J 230 -58.53 -0.02 50.10
CA GLY J 230 -59.10 -0.22 48.78
C GLY J 230 -59.23 -1.69 48.46
N GLU J 231 -58.35 -2.18 47.59
CA GLU J 231 -58.23 -3.60 47.32
C GLU J 231 -56.78 -4.04 47.55
N LEU J 232 -56.61 -5.27 48.00
CA LEU J 232 -55.31 -5.73 48.48
C LEU J 232 -54.25 -5.66 47.39
N GLN J 233 -54.40 -6.45 46.32
CA GLN J 233 -53.45 -6.47 45.23
C GLN J 233 -54.01 -5.66 44.07
N LYS J 234 -53.43 -4.48 43.83
CA LYS J 234 -53.96 -3.55 42.84
C LYS J 234 -52.94 -3.36 41.71
N ARG J 235 -53.25 -2.47 40.77
CA ARG J 235 -52.37 -2.21 39.65
C ARG J 235 -52.04 -0.73 39.61
N LYS J 236 -50.82 -0.41 39.17
CA LYS J 236 -50.37 0.97 39.03
C LYS J 236 -49.59 1.06 37.71
N GLU J 237 -50.30 1.47 36.65
CA GLU J 237 -49.69 1.66 35.34
C GLU J 237 -48.86 2.93 35.38
N VAL J 238 -47.67 2.82 35.99
CA VAL J 238 -46.79 3.96 36.16
C VAL J 238 -46.28 4.38 34.79
N VAL J 239 -46.80 5.48 34.26
CA VAL J 239 -46.42 5.94 32.94
C VAL J 239 -45.09 6.66 33.05
N HIS J 240 -44.00 5.92 32.89
CA HIS J 240 -42.67 6.47 33.07
C HIS J 240 -42.37 7.52 32.01
N THR J 241 -41.95 8.70 32.45
CA THR J 241 -41.57 9.77 31.55
C THR J 241 -40.08 9.68 31.30
N VAL J 242 -39.71 9.09 30.17
CA VAL J 242 -38.32 8.89 29.80
C VAL J 242 -37.99 9.83 28.65
N SER J 243 -37.03 10.72 28.88
CA SER J 243 -36.60 11.62 27.82
C SER J 243 -35.90 10.83 26.71
N LEU J 244 -36.00 11.37 25.49
CA LEU J 244 -35.38 10.73 24.34
C LEU J 244 -33.90 10.47 24.62
N HIS J 245 -33.24 11.40 25.31
CA HIS J 245 -31.84 11.20 25.65
C HIS J 245 -31.65 10.05 26.64
N GLU J 246 -32.51 9.96 27.66
CA GLU J 246 -32.39 8.90 28.63
C GLU J 246 -32.45 7.52 27.96
N ILE J 247 -33.29 7.39 26.93
CA ILE J 247 -33.32 6.15 26.16
C ILE J 247 -31.97 5.93 25.48
N ASP J 248 -31.39 7.00 24.92
CA ASP J 248 -30.13 6.86 24.19
C ASP J 248 -29.02 6.35 25.09
N VAL J 249 -28.88 6.92 26.29
CA VAL J 249 -27.80 6.54 27.18
C VAL J 249 -27.92 5.06 27.56
N ILE J 250 -29.15 4.60 27.79
CA ILE J 250 -29.36 3.21 28.19
C ILE J 250 -28.84 2.26 27.11
N ASN J 251 -29.23 2.50 25.85
CA ASN J 251 -28.80 1.62 24.77
C ASN J 251 -27.32 1.77 24.49
N SER J 252 -26.81 2.99 24.54
CA SER J 252 -25.41 3.24 24.17
C SER J 252 -24.48 2.60 25.20
N ARG J 253 -23.41 1.98 24.71
CA ARG J 253 -22.40 1.39 25.59
C ARG J 253 -21.16 2.26 25.64
N GLU J 267 -19.64 11.90 20.46
CA GLU J 267 -19.78 11.07 21.65
C GLU J 267 -20.70 9.88 21.39
N ILE J 268 -21.99 10.07 21.64
CA ILE J 268 -22.97 9.00 21.44
C ILE J 268 -23.09 8.72 19.95
N LYS J 269 -23.23 7.44 19.60
CA LYS J 269 -23.38 7.03 18.21
C LYS J 269 -24.59 7.69 17.57
N SER J 270 -24.38 8.24 16.37
CA SER J 270 -25.50 8.79 15.61
C SER J 270 -26.47 7.69 15.20
N GLU J 271 -25.94 6.52 14.84
CA GLU J 271 -26.80 5.40 14.45
C GLU J 271 -27.82 5.09 15.54
N VAL J 272 -27.43 5.24 16.80
CA VAL J 272 -28.35 4.95 17.90
C VAL J 272 -29.56 5.88 17.82
N ARG J 273 -29.33 7.17 17.58
CA ARG J 273 -30.44 8.10 17.48
C ARG J 273 -31.42 7.67 16.38
N GLU J 274 -30.90 7.33 15.20
CA GLU J 274 -31.77 7.02 14.08
C GLU J 274 -32.65 5.81 14.40
N GLN J 275 -32.06 4.79 15.03
CA GLN J 275 -32.85 3.62 15.41
C GLN J 275 -33.92 3.98 16.44
N ILE J 276 -33.61 4.90 17.35
CA ILE J 276 -34.56 5.27 18.39
C ILE J 276 -35.78 5.96 17.78
N ASN J 277 -35.56 6.88 16.83
CA ASN J 277 -36.69 7.54 16.19
C ASN J 277 -37.57 6.53 15.46
N ALA J 278 -36.95 5.59 14.75
CA ALA J 278 -37.73 4.53 14.12
C ALA J 278 -38.47 3.70 15.16
N LYS J 279 -37.81 3.34 16.25
CA LYS J 279 -38.47 2.56 17.30
C LYS J 279 -39.64 3.33 17.89
N VAL J 280 -39.43 4.59 18.26
CA VAL J 280 -40.51 5.37 18.86
C VAL J 280 -41.68 5.50 17.89
N ALA J 281 -41.37 5.74 16.61
CA ALA J 281 -42.43 5.87 15.62
C ALA J 281 -43.28 4.61 15.54
N GLU J 282 -42.64 3.44 15.62
CA GLU J 282 -43.37 2.18 15.47
C GLU J 282 -44.46 2.04 16.54
N TRP J 283 -44.11 2.25 17.80
CA TRP J 283 -45.13 2.10 18.84
C TRP J 283 -45.80 3.41 19.23
N ARG J 284 -45.53 4.50 18.52
CA ARG J 284 -46.46 5.63 18.54
C ARG J 284 -47.77 5.25 17.86
N GLU J 285 -47.68 4.65 16.67
CA GLU J 285 -48.90 4.31 15.93
C GLU J 285 -49.75 3.30 16.68
N GLU J 286 -49.16 2.21 17.16
CA GLU J 286 -49.96 1.21 17.88
C GLU J 286 -50.45 1.77 19.21
N GLY J 287 -49.62 2.57 19.86
CA GLY J 287 -49.99 3.31 21.05
C GLY J 287 -49.52 2.72 22.35
N LYS J 288 -48.41 3.26 22.87
CA LYS J 288 -48.04 3.01 24.27
C LYS J 288 -48.51 4.17 25.12
N ALA J 289 -48.01 5.36 24.81
CA ALA J 289 -48.52 6.63 25.31
C ALA J 289 -48.06 7.70 24.33
N GLU J 290 -48.33 8.96 24.63
CA GLU J 290 -47.97 10.05 23.73
C GLU J 290 -46.76 10.79 24.25
N ILE J 291 -45.79 10.99 23.36
CA ILE J 291 -44.61 11.77 23.72
C ILE J 291 -45.06 13.17 24.11
N ILE J 292 -44.68 13.59 25.31
CA ILE J 292 -45.07 14.90 25.82
C ILE J 292 -43.91 15.87 25.62
N PRO J 293 -44.05 16.83 24.72
CA PRO J 293 -42.94 17.78 24.48
C PRO J 293 -42.77 18.70 25.68
N GLY J 294 -41.58 18.68 26.25
CA GLY J 294 -41.26 19.47 27.42
C GLY J 294 -40.84 20.89 27.10
N VAL J 295 -40.09 21.48 28.01
CA VAL J 295 -39.60 22.85 27.85
C VAL J 295 -38.08 22.82 27.96
N LEU J 296 -37.42 23.39 26.97
CA LEU J 296 -35.97 23.53 26.96
C LEU J 296 -35.61 24.99 27.21
N PHE J 297 -34.85 25.23 28.28
CA PHE J 297 -34.51 26.58 28.72
C PHE J 297 -33.04 26.82 28.46
N ILE J 298 -32.73 27.89 27.75
CA ILE J 298 -31.36 28.27 27.42
C ILE J 298 -31.10 29.62 28.07
N ASP J 299 -30.43 29.61 29.22
CA ASP J 299 -30.06 30.87 29.85
C ASP J 299 -28.68 31.31 29.39
N GLU J 300 -28.52 32.63 29.28
CA GLU J 300 -27.34 33.20 28.63
C GLU J 300 -27.37 32.89 27.14
N VAL J 301 -28.57 33.01 26.56
CA VAL J 301 -28.75 32.77 25.14
C VAL J 301 -27.92 33.71 24.29
N HIS J 302 -27.65 34.91 24.80
CA HIS J 302 -26.78 35.83 24.08
C HIS J 302 -25.41 35.22 23.83
N MET J 303 -24.98 34.29 24.67
CA MET J 303 -23.69 33.62 24.47
C MET J 303 -23.72 32.72 23.25
N LEU J 304 -24.89 32.16 22.92
CA LEU J 304 -25.00 31.29 21.75
C LEU J 304 -24.49 32.00 20.51
N ASP J 305 -24.02 31.22 19.54
CA ASP J 305 -23.43 31.75 18.32
C ASP J 305 -24.37 31.57 17.13
N ILE J 306 -23.90 31.97 15.96
CA ILE J 306 -24.75 31.96 14.77
C ILE J 306 -25.10 30.54 14.35
N GLU J 307 -24.14 29.62 14.35
CA GLU J 307 -24.45 28.26 13.93
C GLU J 307 -25.42 27.57 14.86
N SER J 308 -25.29 27.79 16.17
CA SER J 308 -26.26 27.22 17.11
C SER J 308 -27.65 27.76 16.86
N PHE J 309 -27.77 29.06 16.58
CA PHE J 309 -29.08 29.64 16.30
C PHE J 309 -29.70 29.00 15.07
N SER J 310 -28.91 28.78 14.02
CA SER J 310 -29.42 28.10 12.84
C SER J 310 -29.88 26.69 13.17
N PHE J 311 -29.12 25.96 13.98
CA PHE J 311 -29.55 24.65 14.41
C PHE J 311 -30.84 24.71 15.19
N LEU J 312 -30.98 25.73 16.05
CA LEU J 312 -32.23 25.92 16.78
C LEU J 312 -33.41 26.01 15.82
N ASN J 313 -33.24 26.72 14.70
CA ASN J 313 -34.29 26.83 13.71
C ASN J 313 -34.64 25.47 13.13
N ARG J 314 -33.62 24.64 12.85
CA ARG J 314 -33.88 23.30 12.35
C ARG J 314 -34.72 22.49 13.33
N ALA J 315 -34.35 22.54 14.61
CA ALA J 315 -35.04 21.75 15.62
C ALA J 315 -36.48 22.21 15.85
N LEU J 316 -36.76 23.51 15.66
CA LEU J 316 -38.11 24.00 15.84
C LEU J 316 -39.04 23.57 14.71
N GLU J 317 -38.49 23.02 13.62
CA GLU J 317 -39.27 22.58 12.48
C GLU J 317 -39.54 21.08 12.52
N SER J 318 -39.65 20.51 13.72
CA SER J 318 -39.95 19.10 13.90
C SER J 318 -41.26 18.94 14.65
N ASP J 319 -41.95 17.85 14.38
CA ASP J 319 -43.23 17.60 15.02
C ASP J 319 -43.10 17.29 16.50
N MET J 320 -41.91 16.91 16.95
CA MET J 320 -41.65 16.63 18.36
C MET J 320 -40.96 17.79 19.07
N ALA J 321 -40.78 18.93 18.41
CA ALA J 321 -40.00 20.00 19.00
C ALA J 321 -40.66 20.49 20.29
N PRO J 322 -39.89 20.63 21.38
CA PRO J 322 -40.46 21.14 22.62
C PRO J 322 -40.61 22.66 22.58
N VAL J 323 -41.15 23.24 23.65
CA VAL J 323 -41.21 24.70 23.74
C VAL J 323 -39.83 25.23 24.09
N LEU J 324 -39.33 26.14 23.27
CA LEU J 324 -37.97 26.68 23.42
C LEU J 324 -38.07 27.98 24.19
N ILE J 325 -37.62 27.96 25.44
CA ILE J 325 -37.61 29.13 26.30
C ILE J 325 -36.20 29.65 26.41
N MET J 326 -36.01 30.94 26.13
CA MET J 326 -34.69 31.57 26.12
C MET J 326 -34.71 32.78 27.05
N ALA J 327 -33.54 33.10 27.59
CA ALA J 327 -33.40 34.23 28.49
C ALA J 327 -32.07 34.91 28.26
N THR J 328 -32.00 36.19 28.62
CA THR J 328 -30.79 36.97 28.38
C THR J 328 -30.82 38.22 29.24
N ASN J 329 -29.63 38.77 29.49
CA ASN J 329 -29.46 39.98 30.26
C ASN J 329 -28.75 41.09 29.51
N ARG J 330 -28.30 40.85 28.29
CA ARG J 330 -27.72 41.88 27.45
C ARG J 330 -28.67 42.25 26.31
N GLY J 331 -28.58 43.51 25.88
CA GLY J 331 -29.42 44.01 24.82
C GLY J 331 -28.80 43.87 23.44
N ILE J 332 -28.72 44.99 22.71
CA ILE J 332 -28.19 44.97 21.34
C ILE J 332 -26.71 44.63 21.41
N THR J 333 -26.34 43.44 20.93
CA THR J 333 -24.96 42.99 20.91
C THR J 333 -24.73 42.26 19.59
N ARG J 334 -23.47 42.02 19.26
CA ARG J 334 -23.14 41.39 17.99
C ARG J 334 -23.54 39.92 18.01
N ILE J 335 -24.19 39.48 16.93
CA ILE J 335 -24.45 38.06 16.75
C ILE J 335 -23.12 37.32 16.75
N ARG J 336 -22.99 36.33 17.62
CA ARG J 336 -21.70 35.67 17.84
C ARG J 336 -21.38 34.86 16.59
N GLY J 337 -20.51 35.41 15.74
CA GLY J 337 -20.19 34.83 14.45
C GLY J 337 -20.31 35.79 13.29
N THR J 338 -21.18 36.79 13.37
CA THR J 338 -21.27 37.85 12.39
C THR J 338 -20.58 39.10 12.92
N SER J 339 -20.69 40.21 12.20
CA SER J 339 -20.07 41.47 12.60
C SER J 339 -21.08 42.58 12.83
N TYR J 340 -22.38 42.25 12.88
CA TYR J 340 -23.42 43.25 13.04
C TYR J 340 -24.03 43.13 14.43
N GLN J 341 -24.86 44.11 14.76
CA GLN J 341 -25.54 44.18 16.06
C GLN J 341 -27.01 43.84 15.90
N SER J 342 -27.52 43.03 16.84
CA SER J 342 -28.94 42.70 16.84
C SER J 342 -29.44 42.68 18.28
N PRO J 343 -30.70 42.99 18.53
CA PRO J 343 -31.23 42.94 19.89
C PRO J 343 -30.99 41.56 20.51
N HIS J 344 -30.47 41.57 21.74
CA HIS J 344 -30.24 40.35 22.50
C HIS J 344 -29.37 39.35 21.74
N GLY J 345 -28.61 39.82 20.76
CA GLY J 345 -27.69 38.95 20.04
C GLY J 345 -28.35 37.76 19.39
N ILE J 346 -29.48 37.96 18.72
CA ILE J 346 -30.25 36.89 18.11
C ILE J 346 -30.47 37.23 16.64
N PRO J 347 -30.27 36.30 15.71
CA PRO J 347 -30.51 36.61 14.30
C PRO J 347 -31.96 36.96 14.05
N ILE J 348 -32.18 37.82 13.04
CA ILE J 348 -33.52 38.32 12.76
C ILE J 348 -34.46 37.17 12.43
N ASP J 349 -33.97 36.16 11.74
CA ASP J 349 -34.85 35.07 11.28
C ASP J 349 -35.60 34.44 12.44
N LEU J 350 -34.95 34.31 13.60
CA LEU J 350 -35.62 33.71 14.76
C LEU J 350 -36.37 34.74 15.58
N LEU J 351 -35.86 35.97 15.67
CA LEU J 351 -36.53 37.01 16.43
C LEU J 351 -37.90 37.33 15.83
N ASP J 352 -38.06 37.07 14.53
CA ASP J 352 -39.35 37.30 13.89
C ASP J 352 -40.44 36.49 14.58
N ARG J 353 -40.21 35.20 14.77
CA ARG J 353 -41.16 34.31 15.43
C ARG J 353 -40.76 34.11 16.89
N LEU J 354 -40.80 35.20 17.66
CA LEU J 354 -40.45 35.17 19.07
C LEU J 354 -41.53 35.85 19.89
N LEU J 355 -42.02 35.14 20.90
CA LEU J 355 -42.97 35.70 21.86
C LEU J 355 -42.17 36.24 23.05
N ILE J 356 -41.74 37.49 22.94
CA ILE J 356 -40.82 38.08 23.90
C ILE J 356 -41.58 38.53 25.14
N VAL J 357 -41.26 37.89 26.28
CA VAL J 357 -41.85 38.22 27.57
C VAL J 357 -40.75 38.71 28.49
N SER J 358 -40.94 39.89 29.08
CA SER J 358 -39.95 40.52 29.92
C SER J 358 -40.35 40.44 31.38
N THR J 359 -39.34 40.50 32.25
CA THR J 359 -39.53 40.45 33.69
C THR J 359 -38.87 41.66 34.33
N THR J 360 -39.62 42.39 35.16
CA THR J 360 -39.12 43.60 35.78
C THR J 360 -38.26 43.28 37.00
N PRO J 361 -37.40 44.22 37.41
CA PRO J 361 -36.58 44.00 38.60
C PRO J 361 -37.42 43.87 39.85
N TYR J 362 -36.89 43.13 40.82
CA TYR J 362 -37.63 42.80 42.02
C TYR J 362 -37.69 43.98 42.99
N SER J 363 -38.74 44.00 43.78
CA SER J 363 -38.99 44.98 44.84
C SER J 363 -38.57 44.35 46.17
N GLU J 364 -38.75 45.09 47.26
CA GLU J 364 -38.33 44.61 48.57
C GLU J 364 -39.16 43.43 49.06
N LYS J 365 -40.48 43.62 49.18
CA LYS J 365 -41.32 42.60 49.82
C LYS J 365 -41.28 41.29 49.05
N ASP J 366 -41.33 41.36 47.71
CA ASP J 366 -41.34 40.13 46.91
C ASP J 366 -40.08 39.31 47.15
N THR J 367 -38.93 39.97 47.25
CA THR J 367 -37.70 39.23 47.56
C THR J 367 -37.81 38.56 48.92
N LYS J 368 -38.37 39.25 49.91
CA LYS J 368 -38.44 38.70 51.26
C LYS J 368 -39.10 37.33 51.27
N GLN J 369 -40.22 37.20 50.55
CA GLN J 369 -40.88 35.90 50.46
C GLN J 369 -39.94 34.84 49.87
N ILE J 370 -39.08 35.24 48.95
CA ILE J 370 -38.17 34.29 48.30
C ILE J 370 -37.24 33.66 49.34
N LEU J 371 -36.62 34.49 50.18
CA LEU J 371 -35.77 33.94 51.24
C LEU J 371 -36.59 33.06 52.18
N ARG J 372 -37.81 33.48 52.49
CA ARG J 372 -38.68 32.68 53.34
C ARG J 372 -38.82 31.26 52.80
N ILE J 373 -39.17 31.15 51.52
CA ILE J 373 -39.39 29.82 50.93
C ILE J 373 -38.08 29.07 50.79
N ARG J 374 -37.02 29.77 50.38
CA ARG J 374 -35.72 29.11 50.19
C ARG J 374 -35.23 28.48 51.48
N CYS J 375 -35.24 29.25 52.58
CA CYS J 375 -34.79 28.69 53.85
C CYS J 375 -35.73 27.60 54.35
N GLU J 376 -37.02 27.69 54.00
CA GLU J 376 -37.96 26.65 54.38
C GLU J 376 -37.53 25.29 53.80
N GLU J 377 -37.08 25.29 52.55
CA GLU J 377 -36.50 24.08 51.97
C GLU J 377 -35.20 23.68 52.66
N GLU J 378 -34.58 24.59 53.41
CA GLU J 378 -33.35 24.28 54.13
C GLU J 378 -33.58 23.98 55.61
N ASP J 379 -34.82 24.01 56.07
CA ASP J 379 -35.16 23.66 57.46
C ASP J 379 -34.36 24.50 58.45
N VAL J 380 -34.25 25.80 58.20
CA VAL J 380 -33.52 26.71 59.07
C VAL J 380 -34.47 27.81 59.51
N GLU J 381 -34.52 28.05 60.83
CA GLU J 381 -35.33 29.14 61.37
C GLU J 381 -34.50 30.41 61.42
N MET J 382 -35.10 31.52 61.00
CA MET J 382 -34.39 32.78 60.85
C MET J 382 -35.07 33.87 61.67
N SER J 383 -34.26 34.78 62.22
CA SER J 383 -34.79 35.95 62.89
C SER J 383 -35.30 36.97 61.87
N GLU J 384 -36.33 37.71 62.26
CA GLU J 384 -36.92 38.70 61.35
C GLU J 384 -35.95 39.84 61.05
N ASP J 385 -35.17 40.27 62.04
CA ASP J 385 -34.17 41.30 61.78
C ASP J 385 -33.13 40.78 60.79
N ALA J 386 -32.74 39.52 60.90
CA ALA J 386 -31.85 38.94 59.91
C ALA J 386 -32.50 38.92 58.54
N TYR J 387 -33.79 38.65 58.48
CA TYR J 387 -34.48 38.62 57.19
C TYR J 387 -34.41 39.98 56.49
N THR J 388 -34.63 41.06 57.23
CA THR J 388 -34.58 42.38 56.62
C THR J 388 -33.19 42.69 56.08
N VAL J 389 -32.15 42.32 56.84
CA VAL J 389 -30.78 42.52 56.35
C VAL J 389 -30.56 41.70 55.08
N LEU J 390 -31.04 40.46 55.07
CA LEU J 390 -30.92 39.63 53.87
C LEU J 390 -31.63 40.26 52.68
N THR J 391 -32.86 40.73 52.90
CA THR J 391 -33.61 41.34 51.82
C THR J 391 -32.90 42.59 51.29
N ARG J 392 -32.33 43.39 52.19
CA ARG J 392 -31.61 44.58 51.77
C ARG J 392 -30.44 44.21 50.87
N ILE J 393 -29.62 43.25 51.30
CA ILE J 393 -28.47 42.84 50.49
C ILE J 393 -28.94 42.26 49.17
N GLY J 394 -30.05 41.53 49.18
CA GLY J 394 -30.59 41.01 47.93
C GLY J 394 -30.90 42.10 46.93
N LEU J 395 -31.40 43.23 47.41
CA LEU J 395 -31.69 44.36 46.53
C LEU J 395 -30.43 44.90 45.88
N GLU J 396 -29.40 45.18 46.68
CA GLU J 396 -28.19 45.78 46.14
C GLU J 396 -27.38 44.75 45.35
N THR J 397 -26.94 43.69 46.01
CA THR J 397 -26.26 42.60 45.33
C THR J 397 -27.30 41.69 44.69
N SER J 398 -26.86 40.53 44.21
CA SER J 398 -27.76 39.56 43.60
C SER J 398 -28.44 38.70 44.66
N LEU J 399 -29.67 38.28 44.37
CA LEU J 399 -30.36 37.37 45.26
C LEU J 399 -29.63 36.04 45.40
N ARG J 400 -28.86 35.64 44.38
CA ARG J 400 -28.04 34.45 44.50
C ARG J 400 -27.07 34.59 45.67
N TYR J 401 -26.41 35.75 45.76
CA TYR J 401 -25.50 36.00 46.86
C TYR J 401 -26.25 36.07 48.20
N ALA J 402 -27.51 36.51 48.17
CA ALA J 402 -28.30 36.55 49.38
C ALA J 402 -28.53 35.14 49.93
N ILE J 403 -28.96 34.22 49.06
CA ILE J 403 -29.10 32.83 49.49
C ILE J 403 -27.76 32.28 49.94
N GLN J 404 -26.69 32.64 49.24
CA GLN J 404 -25.36 32.18 49.63
C GLN J 404 -25.07 32.58 51.08
N LEU J 405 -25.40 33.81 51.45
CA LEU J 405 -25.25 34.23 52.85
C LEU J 405 -26.13 33.40 53.77
N ILE J 406 -27.34 33.07 53.30
CA ILE J 406 -28.30 32.35 54.15
C ILE J 406 -27.68 31.07 54.69
N THR J 407 -27.18 30.22 53.78
CA THR J 407 -26.58 28.96 54.21
C THR J 407 -25.36 29.20 55.08
N ALA J 408 -24.53 30.19 54.71
CA ALA J 408 -23.35 30.49 55.51
C ALA J 408 -23.74 30.92 56.92
N ALA J 409 -24.77 31.76 57.03
CA ALA J 409 -25.25 32.16 58.35
C ALA J 409 -25.82 30.97 59.12
N SER J 410 -26.41 30.01 58.41
CA SER J 410 -26.87 28.80 59.09
C SER J 410 -25.71 28.05 59.72
N LEU J 411 -24.57 27.98 59.02
CA LEU J 411 -23.41 27.28 59.57
C LEU J 411 -22.90 27.95 60.83
N VAL J 412 -22.83 29.29 60.84
CA VAL J 412 -22.34 29.99 62.02
C VAL J 412 -23.28 29.78 63.20
N CYS J 413 -24.59 29.69 62.94
CA CYS J 413 -25.52 29.36 64.01
C CYS J 413 -25.19 27.99 64.61
N ARG J 414 -24.92 27.02 63.75
CA ARG J 414 -24.46 25.71 64.24
C ARG J 414 -23.16 25.84 65.00
N LYS J 415 -22.35 26.86 64.67
CA LYS J 415 -21.12 27.13 65.42
C LYS J 415 -21.43 27.43 66.88
N ARG J 416 -22.18 28.51 67.13
CA ARG J 416 -22.34 29.01 68.49
C ARG J 416 -23.31 28.14 69.27
N LYS J 417 -23.66 26.97 68.73
CA LYS J 417 -24.56 26.04 69.39
C LYS J 417 -25.93 26.68 69.62
N GLY J 418 -26.33 27.55 68.70
CA GLY J 418 -27.65 28.13 68.72
C GLY J 418 -28.64 27.34 67.87
N THR J 419 -29.91 27.69 68.01
CA THR J 419 -30.97 27.04 67.27
C THR J 419 -31.45 27.82 66.06
N GLU J 420 -31.51 29.15 66.17
CA GLU J 420 -31.93 30.02 65.08
C GLU J 420 -30.83 31.03 64.78
N VAL J 421 -30.74 31.44 63.52
CA VAL J 421 -29.71 32.38 63.10
C VAL J 421 -30.16 33.80 63.43
N GLN J 422 -29.28 34.55 64.07
CA GLN J 422 -29.53 35.96 64.38
C GLN J 422 -28.90 36.85 63.32
N VAL J 423 -29.08 38.16 63.51
CA VAL J 423 -28.56 39.12 62.54
C VAL J 423 -27.03 39.10 62.53
N ASP J 424 -26.41 38.94 63.69
CA ASP J 424 -24.95 38.94 63.76
C ASP J 424 -24.37 37.81 62.91
N ASP J 425 -24.99 36.63 62.96
CA ASP J 425 -24.52 35.52 62.13
C ASP J 425 -24.59 35.87 60.66
N ILE J 426 -25.68 36.52 60.23
CA ILE J 426 -25.82 36.92 58.84
C ILE J 426 -24.70 37.87 58.45
N LYS J 427 -24.36 38.81 59.33
CA LYS J 427 -23.30 39.77 59.03
C LYS J 427 -21.91 39.19 59.23
N ARG J 428 -21.79 38.04 59.90
CA ARG J 428 -20.51 37.37 60.01
C ARG J 428 -20.14 36.59 58.76
N VAL J 429 -21.10 36.29 57.90
CA VAL J 429 -20.82 35.65 56.63
C VAL J 429 -20.86 36.61 55.46
N TYR J 430 -21.56 37.74 55.57
CA TYR J 430 -21.48 38.79 54.57
C TYR J 430 -20.06 39.33 54.44
N SER J 431 -19.35 39.49 55.56
CA SER J 431 -17.97 39.94 55.50
C SER J 431 -17.04 38.84 55.02
N LEU J 432 -17.31 37.60 55.41
CA LEU J 432 -16.40 36.50 55.07
C LEU J 432 -16.40 36.24 53.56
N PHE J 433 -17.57 36.09 52.96
CA PHE J 433 -17.69 35.80 51.54
C PHE J 433 -18.34 36.97 50.84
N LEU J 434 -17.75 37.39 49.72
CA LEU J 434 -18.22 38.53 48.95
C LEU J 434 -18.97 38.04 47.71
N ASP J 435 -19.69 38.97 47.08
CA ASP J 435 -20.38 38.65 45.83
C ASP J 435 -19.49 39.00 44.64
N GLU J 436 -19.93 38.56 43.46
CA GLU J 436 -19.14 38.77 42.25
C GLU J 436 -18.80 40.23 42.05
N SER J 437 -19.79 41.11 42.15
CA SER J 437 -19.57 42.53 41.92
C SER J 437 -18.57 43.10 42.91
N ARG J 438 -18.71 42.74 44.19
CA ARG J 438 -17.83 43.27 45.23
C ARG J 438 -16.37 42.89 45.00
N SER J 439 -16.12 41.60 44.77
CA SER J 439 -14.75 41.12 44.63
C SER J 439 -14.08 41.77 43.41
N THR J 440 -14.79 41.82 42.29
CA THR J 440 -14.20 42.37 41.07
C THR J 440 -13.86 43.85 41.23
N GLN J 441 -14.77 44.62 41.85
CA GLN J 441 -14.53 46.05 42.00
C GLN J 441 -13.32 46.30 42.88
N TYR J 442 -13.19 45.54 43.98
CA TYR J 442 -12.02 45.69 44.84
C TYR J 442 -10.75 45.25 44.14
N MET J 443 -10.82 44.13 43.41
CA MET J 443 -9.61 43.60 42.77
C MET J 443 -9.11 44.55 41.70
N LYS J 444 -10.03 45.19 40.98
CA LYS J 444 -9.63 46.28 40.07
C LYS J 444 -9.06 47.45 40.86
N GLU J 445 -9.61 47.71 42.04
CA GLU J 445 -9.09 48.81 42.87
C GLU J 445 -7.61 48.60 43.19
N TYR J 446 -7.23 47.37 43.52
CA TYR J 446 -5.82 47.06 43.72
C TYR J 446 -5.04 47.28 42.42
N GLN J 447 -5.62 46.86 41.29
CA GLN J 447 -4.97 47.00 39.99
C GLN J 447 -4.61 48.45 39.71
N ILE K 22 -25.15 38.16 -20.59
CA ILE K 22 -25.86 37.28 -21.51
C ILE K 22 -25.63 37.73 -22.96
N GLY K 23 -26.12 38.92 -23.30
CA GLY K 23 -25.99 39.42 -24.64
C GLY K 23 -25.34 40.79 -24.72
N ALA K 24 -24.46 41.08 -23.77
CA ALA K 24 -23.73 42.34 -23.76
C ALA K 24 -22.47 42.24 -24.60
N HIS K 25 -22.01 43.39 -25.08
CA HIS K 25 -20.84 43.44 -25.97
C HIS K 25 -21.05 42.55 -27.20
N SER K 26 -22.30 42.43 -27.64
CA SER K 26 -22.63 41.57 -28.78
C SER K 26 -22.52 42.35 -30.08
N HIS K 27 -21.87 43.50 -30.05
CA HIS K 27 -21.69 44.31 -31.25
C HIS K 27 -20.27 44.80 -31.42
N ILE K 28 -19.34 44.44 -30.54
CA ILE K 28 -17.95 44.87 -30.64
C ILE K 28 -17.19 43.91 -31.54
N ARG K 29 -17.16 44.20 -32.84
CA ARG K 29 -16.50 43.36 -33.83
C ARG K 29 -15.18 44.02 -34.22
N GLY K 30 -14.16 43.81 -33.38
CA GLY K 30 -12.87 44.44 -33.58
C GLY K 30 -12.81 45.83 -33.00
N LEU K 31 -11.60 46.40 -33.02
CA LEU K 31 -11.37 47.73 -32.48
C LEU K 31 -11.77 48.84 -33.44
N GLY K 32 -11.96 48.52 -34.72
CA GLY K 32 -12.48 49.49 -35.67
C GLY K 32 -11.67 50.75 -35.79
N LEU K 33 -10.34 50.63 -35.80
CA LEU K 33 -9.50 51.80 -35.97
C LEU K 33 -8.77 51.74 -37.31
N ASP K 34 -8.02 50.67 -37.54
CA ASP K 34 -7.33 50.45 -38.81
C ASP K 34 -6.55 51.72 -39.14
N ASP K 35 -6.37 51.99 -40.43
CA ASP K 35 -5.81 53.25 -40.91
C ASP K 35 -4.56 53.64 -40.13
N ALA K 36 -3.70 52.65 -39.92
CA ALA K 36 -2.48 52.83 -39.15
C ALA K 36 -2.79 53.42 -37.77
N LEU K 37 -3.59 52.67 -37.01
CA LEU K 37 -3.97 53.07 -35.66
C LEU K 37 -4.65 54.42 -35.65
N GLU K 38 -5.79 54.53 -36.35
CA GLU K 38 -6.59 55.76 -36.38
C GLU K 38 -8.03 55.38 -36.02
N PRO K 39 -8.37 55.42 -34.74
CA PRO K 39 -9.73 55.03 -34.33
C PRO K 39 -10.78 55.98 -34.88
N ARG K 40 -11.80 55.41 -35.52
CA ARG K 40 -12.93 56.19 -35.99
C ARG K 40 -14.00 56.28 -34.91
N GLN K 41 -14.74 57.38 -34.92
CA GLN K 41 -15.72 57.64 -33.88
C GLN K 41 -16.69 56.48 -33.72
N ALA K 42 -17.26 56.01 -34.83
CA ALA K 42 -18.25 54.94 -34.81
C ALA K 42 -17.67 53.58 -35.18
N SER K 43 -16.96 53.49 -36.30
CA SER K 43 -16.35 52.24 -36.78
C SER K 43 -17.42 51.15 -36.72
N GLN K 44 -17.11 49.95 -36.25
CA GLN K 44 -18.07 48.85 -36.18
C GLN K 44 -18.56 48.71 -34.74
N GLY K 45 -19.48 49.59 -34.37
CA GLY K 45 -20.13 49.51 -33.08
C GLY K 45 -19.45 50.28 -31.96
N MET K 46 -18.13 50.19 -31.88
CA MET K 46 -17.41 50.85 -30.80
C MET K 46 -17.35 52.34 -31.07
N VAL K 47 -17.91 53.14 -30.16
CA VAL K 47 -17.89 54.60 -30.26
C VAL K 47 -17.30 55.16 -28.98
N GLY K 48 -16.30 56.03 -29.13
CA GLY K 48 -15.67 56.66 -27.99
C GLY K 48 -14.45 55.92 -27.48
N GLN K 49 -13.87 56.49 -26.42
CA GLN K 49 -12.67 55.94 -25.80
C GLN K 49 -11.57 55.70 -26.84
N LEU K 50 -11.29 56.74 -27.62
CA LEU K 50 -10.26 56.62 -28.65
C LEU K 50 -8.90 56.35 -28.04
N ALA K 51 -8.58 57.01 -26.93
CA ALA K 51 -7.27 56.84 -26.31
C ALA K 51 -6.96 55.37 -26.06
N ALA K 52 -7.81 54.68 -25.30
CA ALA K 52 -7.60 53.28 -25.00
C ALA K 52 -7.70 52.39 -26.24
N ARG K 53 -8.48 52.81 -27.24
CA ARG K 53 -8.59 52.01 -28.46
C ARG K 53 -7.24 51.91 -29.17
N ARG K 54 -6.55 53.04 -29.33
CA ARG K 54 -5.25 53.01 -30.01
C ARG K 54 -4.24 52.19 -29.22
N ALA K 55 -4.26 52.32 -27.88
CA ALA K 55 -3.39 51.49 -27.07
C ALA K 55 -3.68 50.01 -27.28
N ALA K 56 -4.96 49.65 -27.39
CA ALA K 56 -5.32 48.27 -27.69
C ALA K 56 -4.76 47.86 -29.05
N GLY K 57 -4.81 48.76 -30.03
CA GLY K 57 -4.23 48.45 -31.33
C GLY K 57 -2.74 48.15 -31.23
N VAL K 58 -2.02 48.88 -30.38
CA VAL K 58 -0.60 48.60 -30.17
C VAL K 58 -0.41 47.19 -29.65
N VAL K 59 -1.24 46.80 -28.66
CA VAL K 59 -1.15 45.45 -28.13
C VAL K 59 -1.49 44.42 -29.20
N LEU K 60 -2.49 44.69 -30.03
CA LEU K 60 -2.89 43.74 -31.06
C LEU K 60 -1.70 43.40 -31.96
N GLU K 61 -1.00 44.42 -32.45
CA GLU K 61 0.20 44.16 -33.25
C GLU K 61 1.26 43.43 -32.44
N MET K 62 1.33 43.70 -31.12
CA MET K 62 2.28 42.99 -30.28
C MET K 62 1.99 41.50 -30.26
N ILE K 63 0.72 41.12 -30.23
CA ILE K 63 0.36 39.71 -30.26
C ILE K 63 0.78 39.08 -31.58
N ARG K 64 0.50 39.77 -32.69
CA ARG K 64 0.88 39.26 -34.01
C ARG K 64 2.40 39.09 -34.09
N GLU K 65 3.14 40.12 -33.68
CA GLU K 65 4.60 40.06 -33.71
C GLU K 65 5.16 39.14 -32.64
N GLY K 66 4.37 38.78 -31.63
CA GLY K 66 4.83 37.87 -30.59
C GLY K 66 5.87 38.46 -29.67
N LYS K 67 5.75 39.74 -29.32
CA LYS K 67 6.61 40.36 -28.33
C LYS K 67 5.85 40.74 -27.06
N ILE K 68 4.89 39.90 -26.65
CA ILE K 68 4.10 40.11 -25.45
C ILE K 68 4.30 38.99 -24.44
N ALA K 69 5.13 38.00 -24.78
CA ALA K 69 5.37 36.86 -23.89
C ALA K 69 5.84 37.34 -22.53
N GLY K 70 5.29 36.73 -21.48
CA GLY K 70 5.62 37.15 -20.13
C GLY K 70 5.13 38.53 -19.80
N ARG K 71 3.97 38.94 -20.31
CA ARG K 71 3.43 40.27 -20.09
C ARG K 71 1.91 40.16 -20.06
N ALA K 72 1.27 41.17 -19.46
CA ALA K 72 -0.17 41.16 -19.32
C ALA K 72 -0.70 42.57 -19.50
N VAL K 73 -2.00 42.68 -19.73
CA VAL K 73 -2.67 43.96 -19.93
C VAL K 73 -3.67 44.17 -18.81
N LEU K 74 -3.68 45.37 -18.24
CA LEU K 74 -4.60 45.74 -17.18
C LEU K 74 -5.30 47.04 -17.56
N ILE K 75 -6.63 46.99 -17.64
CA ILE K 75 -7.44 48.12 -18.05
C ILE K 75 -8.03 48.72 -16.78
N ALA K 76 -7.52 49.87 -16.37
CA ALA K 76 -8.08 50.57 -15.21
C ALA K 76 -9.12 51.58 -15.66
N GLY K 77 -10.11 51.81 -14.80
CA GLY K 77 -11.16 52.76 -15.09
C GLY K 77 -12.41 52.54 -14.27
N GLN K 78 -13.26 53.55 -14.18
CA GLN K 78 -14.49 53.44 -13.43
C GLN K 78 -15.45 52.47 -14.11
N PRO K 79 -16.42 51.94 -13.38
CA PRO K 79 -17.30 50.92 -13.96
C PRO K 79 -18.11 51.46 -15.13
N GLY K 80 -18.39 50.58 -16.09
CA GLY K 80 -19.17 50.96 -17.25
C GLY K 80 -18.52 51.96 -18.17
N THR K 81 -17.23 51.79 -18.46
CA THR K 81 -16.52 52.66 -19.39
C THR K 81 -16.04 51.91 -20.63
N GLY K 82 -16.42 50.65 -20.79
CA GLY K 82 -16.07 49.89 -21.96
C GLY K 82 -14.88 48.96 -21.81
N LYS K 83 -14.37 48.77 -20.60
CA LYS K 83 -13.19 47.93 -20.43
C LYS K 83 -13.44 46.50 -20.92
N THR K 84 -14.64 45.96 -20.63
CA THR K 84 -14.99 44.66 -21.20
C THR K 84 -15.18 44.74 -22.71
N ALA K 85 -15.78 45.82 -23.20
CA ALA K 85 -15.98 45.96 -24.64
C ALA K 85 -14.65 46.00 -25.38
N ILE K 86 -13.65 46.65 -24.81
CA ILE K 86 -12.33 46.71 -25.44
C ILE K 86 -11.76 45.30 -25.56
N ALA K 87 -11.91 44.48 -24.52
CA ALA K 87 -11.42 43.11 -24.58
C ALA K 87 -12.15 42.31 -25.66
N MET K 88 -13.46 42.47 -25.78
CA MET K 88 -14.19 41.75 -26.81
C MET K 88 -13.73 42.17 -28.20
N GLY K 89 -13.51 43.47 -28.41
CA GLY K 89 -13.01 43.92 -29.70
C GLY K 89 -11.65 43.36 -30.03
N MET K 90 -10.77 43.26 -29.03
CA MET K 90 -9.43 42.74 -29.28
C MET K 90 -9.48 41.30 -29.78
N ALA K 91 -10.29 40.47 -29.16
CA ALA K 91 -10.41 39.09 -29.62
C ALA K 91 -10.97 39.02 -31.03
N GLN K 92 -11.99 39.82 -31.32
CA GLN K 92 -12.54 39.85 -32.67
C GLN K 92 -11.52 40.36 -33.66
N ALA K 93 -10.77 41.40 -33.29
CA ALA K 93 -9.76 41.96 -34.18
C ALA K 93 -8.63 40.97 -34.44
N LEU K 94 -8.24 40.18 -33.45
CA LEU K 94 -7.21 39.16 -33.67
C LEU K 94 -7.68 38.12 -34.68
N GLY K 95 -8.95 37.73 -34.62
CA GLY K 95 -9.49 36.77 -35.54
C GLY K 95 -11.00 36.60 -35.33
N PRO K 96 -11.70 36.19 -36.38
CA PRO K 96 -13.15 36.01 -36.25
C PRO K 96 -13.53 34.91 -35.26
N ASP K 97 -12.62 33.99 -34.98
CA ASP K 97 -12.92 32.83 -34.14
C ASP K 97 -11.90 32.66 -33.00
N THR K 98 -11.30 33.74 -32.54
CA THR K 98 -10.37 33.64 -31.42
C THR K 98 -11.13 33.49 -30.11
N PRO K 99 -10.80 32.49 -29.29
CA PRO K 99 -11.56 32.27 -28.05
C PRO K 99 -11.44 33.46 -27.11
N PHE K 100 -12.52 33.72 -26.36
CA PHE K 100 -12.56 34.79 -25.39
C PHE K 100 -13.18 34.26 -24.11
N THR K 101 -12.52 34.52 -22.98
CA THR K 101 -12.99 34.08 -21.67
C THR K 101 -13.07 35.30 -20.75
N ALA K 102 -14.27 35.65 -20.32
CA ALA K 102 -14.50 36.76 -19.40
C ALA K 102 -15.03 36.18 -18.09
N ILE K 103 -14.21 36.26 -17.04
CA ILE K 103 -14.58 35.79 -15.72
C ILE K 103 -14.41 36.92 -14.72
N ALA K 104 -15.00 36.75 -13.54
CA ALA K 104 -14.92 37.73 -12.47
C ALA K 104 -13.95 37.22 -11.40
N GLY K 105 -13.31 38.17 -10.72
CA GLY K 105 -12.34 37.82 -9.70
C GLY K 105 -12.94 36.98 -8.60
N SER K 106 -14.17 37.30 -8.19
CA SER K 106 -14.82 36.53 -7.14
C SER K 106 -15.32 35.19 -7.63
N GLU K 107 -15.32 34.96 -8.95
CA GLU K 107 -15.76 33.69 -9.49
C GLU K 107 -14.87 32.53 -9.06
N ILE K 108 -13.66 32.82 -8.57
CA ILE K 108 -12.75 31.74 -8.17
C ILE K 108 -13.02 31.25 -6.76
N PHE K 109 -13.72 32.03 -5.93
CA PHE K 109 -14.06 31.63 -4.57
C PHE K 109 -15.37 30.84 -4.60
N SER K 110 -15.26 29.57 -4.98
CA SER K 110 -16.38 28.65 -4.99
C SER K 110 -16.11 27.48 -4.05
N LEU K 111 -17.18 26.93 -3.48
CA LEU K 111 -17.02 25.83 -2.56
C LEU K 111 -16.70 24.52 -3.28
N GLU K 112 -17.22 24.35 -4.49
CA GLU K 112 -16.94 23.15 -5.26
C GLU K 112 -15.45 23.04 -5.56
N MET K 113 -14.93 24.01 -6.31
CA MET K 113 -13.56 24.00 -6.78
C MET K 113 -12.69 24.92 -5.93
N SER K 114 -11.41 24.56 -5.81
CA SER K 114 -10.45 25.43 -5.16
C SER K 114 -9.99 26.50 -6.14
N LYS K 115 -9.27 27.49 -5.61
CA LYS K 115 -8.75 28.56 -6.46
C LYS K 115 -7.93 27.99 -7.61
N THR K 116 -7.18 26.92 -7.35
CA THR K 116 -6.39 26.29 -8.40
C THR K 116 -7.28 25.79 -9.52
N GLU K 117 -8.30 25.00 -9.18
CA GLU K 117 -9.16 24.42 -10.20
C GLU K 117 -9.89 25.50 -11.00
N ALA K 118 -10.42 26.51 -10.29
CA ALA K 118 -11.15 27.57 -10.97
C ALA K 118 -10.27 28.30 -11.97
N LEU K 119 -9.07 28.72 -11.53
CA LEU K 119 -8.16 29.42 -12.43
C LEU K 119 -7.67 28.51 -13.54
N THR K 120 -7.40 27.24 -13.23
CA THR K 120 -6.98 26.30 -14.26
C THR K 120 -8.03 26.19 -15.36
N GLN K 121 -9.30 26.07 -14.97
CA GLN K 121 -10.37 25.99 -15.96
C GLN K 121 -10.45 27.24 -16.80
N ALA K 122 -10.29 28.42 -16.17
CA ALA K 122 -10.36 29.66 -16.91
C ALA K 122 -9.28 29.73 -17.99
N PHE K 123 -8.05 29.32 -17.63
CA PHE K 123 -6.98 29.31 -18.62
C PHE K 123 -7.27 28.34 -19.75
N ARG K 124 -7.82 27.17 -19.42
CA ARG K 124 -8.08 26.16 -20.44
C ARG K 124 -9.01 26.68 -21.51
N ARG K 125 -10.16 27.23 -21.12
CA ARG K 125 -11.14 27.67 -22.10
C ARG K 125 -10.64 28.87 -22.90
N SER K 126 -9.65 29.60 -22.38
CA SER K 126 -9.03 30.66 -23.15
C SER K 126 -8.00 30.14 -24.14
N ILE K 127 -7.62 28.87 -24.05
CA ILE K 127 -6.67 28.25 -24.98
C ILE K 127 -7.48 27.57 -26.07
N GLY K 128 -7.48 28.15 -27.26
CA GLY K 128 -8.24 27.64 -28.38
C GLY K 128 -7.39 26.82 -29.32
N VAL K 129 -8.00 25.79 -29.91
CA VAL K 129 -7.34 24.92 -30.88
C VAL K 129 -8.20 24.89 -32.14
N ARG K 130 -7.62 25.30 -33.27
CA ARG K 130 -8.33 25.29 -34.54
C ARG K 130 -8.15 23.95 -35.25
N ILE K 131 -8.71 22.91 -34.64
CA ILE K 131 -8.64 21.58 -35.23
C ILE K 131 -9.30 21.61 -36.60
N LYS K 132 -8.52 21.33 -37.64
CA LYS K 132 -9.01 21.40 -39.01
C LYS K 132 -9.71 20.08 -39.32
N GLU K 133 -10.92 19.95 -38.79
CA GLU K 133 -11.65 18.69 -38.86
C GLU K 133 -11.82 18.24 -40.31
N GLU K 134 -11.64 16.94 -40.53
CA GLU K 134 -11.79 16.37 -41.86
C GLU K 134 -13.27 16.21 -42.19
N THR K 135 -13.72 16.91 -43.24
CA THR K 135 -15.08 16.81 -43.72
C THR K 135 -15.08 16.47 -45.21
N GLU K 136 -15.53 15.27 -45.54
CA GLU K 136 -15.66 14.85 -46.94
C GLU K 136 -16.95 15.46 -47.48
N ILE K 137 -16.85 16.69 -47.98
CA ILE K 137 -18.03 17.43 -48.42
C ILE K 137 -18.46 16.94 -49.80
N ILE K 138 -19.50 16.11 -49.84
CA ILE K 138 -20.12 15.70 -51.10
C ILE K 138 -21.22 16.70 -51.44
N GLU K 139 -20.85 17.82 -52.06
CA GLU K 139 -21.80 18.85 -52.44
C GLU K 139 -22.06 18.77 -53.93
N GLY K 140 -22.81 19.73 -54.47
CA GLY K 140 -23.10 19.77 -55.88
C GLY K 140 -24.49 20.30 -56.18
N GLU K 141 -24.60 21.20 -57.15
CA GLU K 141 -25.89 21.77 -57.51
C GLU K 141 -26.86 20.66 -57.90
N VAL K 142 -27.96 20.55 -57.16
CA VAL K 142 -28.93 19.49 -57.39
C VAL K 142 -29.63 19.73 -58.71
N VAL K 143 -29.30 18.90 -59.71
CA VAL K 143 -29.96 19.01 -61.00
C VAL K 143 -31.41 18.54 -60.91
N GLU K 144 -31.64 17.47 -60.17
CA GLU K 144 -32.98 16.94 -59.93
C GLU K 144 -33.03 16.39 -58.52
N ILE K 145 -34.08 16.74 -57.78
CA ILE K 145 -34.23 16.25 -56.42
C ILE K 145 -34.68 14.79 -56.50
N GLN K 146 -33.73 13.88 -56.37
CA GLN K 146 -34.01 12.45 -56.50
C GLN K 146 -34.50 11.89 -55.18
N ILE K 147 -35.65 11.23 -55.21
CA ILE K 147 -36.24 10.62 -54.03
C ILE K 147 -35.74 9.20 -53.91
N ASP K 148 -35.04 8.90 -52.82
CA ASP K 148 -34.78 9.90 -51.79
C ASP K 148 -33.31 10.26 -51.72
N VAL K 158 -34.04 5.23 -49.16
CA VAL K 158 -32.64 5.59 -49.21
C VAL K 158 -32.16 5.31 -50.62
N GLY K 159 -31.89 6.39 -51.35
CA GLY K 159 -31.47 6.29 -52.73
C GLY K 159 -30.34 7.23 -53.03
N LYS K 160 -30.54 8.09 -54.03
CA LYS K 160 -29.46 8.99 -54.44
C LYS K 160 -30.03 10.36 -54.77
N LEU K 161 -29.21 11.22 -55.37
CA LEU K 161 -29.63 12.58 -55.71
C LEU K 161 -28.74 13.10 -56.82
N THR K 162 -29.34 13.52 -57.92
CA THR K 162 -28.57 14.06 -59.04
C THR K 162 -27.81 15.30 -58.61
N LEU K 163 -26.49 15.19 -58.52
CA LEU K 163 -25.63 16.31 -58.13
C LEU K 163 -24.64 16.59 -59.25
N LYS K 164 -24.43 17.87 -59.53
CA LYS K 164 -23.56 18.29 -60.62
C LYS K 164 -22.69 19.44 -60.18
N THR K 165 -21.41 19.38 -60.54
CA THR K 165 -20.47 20.46 -60.27
C THR K 165 -19.71 20.79 -61.54
N THR K 166 -18.72 21.69 -61.44
CA THR K 166 -17.91 22.03 -62.62
C THR K 166 -17.09 20.85 -63.12
N GLU K 167 -16.72 19.93 -62.23
CA GLU K 167 -15.93 18.77 -62.63
C GLU K 167 -16.77 17.78 -63.42
N MET K 168 -17.83 17.27 -62.82
CA MET K 168 -18.68 16.26 -63.45
C MET K 168 -20.02 16.27 -62.73
N GLU K 169 -21.01 15.58 -63.30
CA GLU K 169 -22.31 15.39 -62.64
C GLU K 169 -22.33 13.99 -62.06
N THR K 170 -22.07 13.89 -60.76
CA THR K 170 -22.08 12.60 -60.08
C THR K 170 -23.27 12.54 -59.13
N ILE K 171 -24.39 12.08 -59.67
CA ILE K 171 -25.51 11.64 -58.85
C ILE K 171 -24.99 10.84 -57.67
N TYR K 172 -25.38 11.23 -56.46
CA TYR K 172 -24.74 10.77 -55.23
C TYR K 172 -25.77 10.19 -54.27
N ASP K 173 -25.30 9.55 -53.20
CA ASP K 173 -26.16 8.84 -52.26
C ASP K 173 -26.90 9.82 -51.35
N LEU K 174 -28.14 9.48 -50.99
CA LEU K 174 -28.98 10.35 -50.19
C LEU K 174 -29.85 9.53 -49.24
N GLY K 175 -30.83 10.21 -48.63
CA GLY K 175 -31.74 9.59 -47.69
C GLY K 175 -33.13 10.23 -47.71
N THR K 176 -33.96 9.81 -46.74
CA THR K 176 -35.32 10.32 -46.65
C THR K 176 -35.41 11.51 -45.70
N LYS K 177 -35.00 11.32 -44.45
CA LYS K 177 -34.93 12.45 -43.53
C LYS K 177 -34.06 13.56 -44.11
N MET K 178 -33.06 13.19 -44.91
CA MET K 178 -32.20 14.17 -45.55
C MET K 178 -32.90 14.82 -46.74
N ILE K 179 -33.51 14.00 -47.61
CA ILE K 179 -34.26 14.55 -48.73
C ILE K 179 -35.45 15.35 -48.22
N GLU K 180 -35.99 14.97 -47.06
CA GLU K 180 -37.02 15.78 -46.42
C GLU K 180 -36.47 17.15 -46.09
N SER K 181 -35.25 17.21 -45.57
CA SER K 181 -34.59 18.50 -45.35
C SER K 181 -34.35 19.22 -46.67
N LEU K 182 -33.91 18.50 -47.70
CA LEU K 182 -33.69 19.13 -49.00
C LEU K 182 -34.99 19.67 -49.57
N THR K 183 -36.07 18.89 -49.51
CA THR K 183 -37.37 19.38 -49.95
C THR K 183 -37.86 20.52 -49.07
N LYS K 184 -37.64 20.43 -47.76
CA LYS K 184 -37.95 21.53 -46.87
C LYS K 184 -37.09 22.75 -47.16
N ASP K 185 -35.94 22.58 -47.80
CA ASP K 185 -35.07 23.67 -48.19
C ASP K 185 -35.45 24.16 -49.58
N LYS K 186 -34.70 25.14 -50.08
CA LYS K 186 -34.96 25.73 -51.40
C LYS K 186 -34.38 24.79 -52.46
N VAL K 187 -35.25 24.10 -53.18
CA VAL K 187 -34.85 23.18 -54.24
C VAL K 187 -35.37 23.71 -55.57
N GLN K 188 -34.46 23.91 -56.52
CA GLN K 188 -33.05 23.67 -56.28
C GLN K 188 -32.26 24.98 -56.21
N ALA K 189 -31.49 25.14 -55.14
CA ALA K 189 -30.64 26.31 -54.93
C ALA K 189 -29.21 25.93 -54.57
N GLY K 190 -28.68 24.89 -55.20
CA GLY K 190 -27.34 24.41 -54.88
C GLY K 190 -27.37 23.36 -53.79
N ASP K 191 -27.78 23.75 -52.58
CA ASP K 191 -27.90 22.84 -51.45
C ASP K 191 -26.59 22.08 -51.21
N VAL K 192 -25.56 22.87 -50.89
CA VAL K 192 -24.24 22.31 -50.60
C VAL K 192 -24.36 21.29 -49.48
N ILE K 193 -24.01 20.04 -49.79
CA ILE K 193 -24.08 18.93 -48.83
C ILE K 193 -22.67 18.62 -48.36
N THR K 194 -22.48 18.57 -47.04
CA THR K 194 -21.13 18.38 -46.51
C THR K 194 -20.80 16.90 -46.30
N ILE K 195 -21.46 16.26 -45.35
CA ILE K 195 -21.27 14.83 -45.14
C ILE K 195 -22.64 14.16 -45.14
N ASP K 196 -23.59 14.77 -45.82
CA ASP K 196 -25.00 14.37 -45.75
C ASP K 196 -25.63 14.85 -44.45
N LYS K 197 -25.19 16.03 -43.99
CA LYS K 197 -25.85 16.70 -42.87
C LYS K 197 -26.43 18.05 -43.28
N ALA K 198 -25.61 18.89 -43.90
CA ALA K 198 -26.01 20.25 -44.25
C ALA K 198 -26.27 20.38 -45.75
N THR K 199 -27.13 21.35 -46.11
CA THR K 199 -27.46 21.64 -47.51
C THR K 199 -27.62 23.15 -47.64
N GLY K 200 -26.56 23.80 -48.11
CA GLY K 200 -26.58 25.25 -48.32
C GLY K 200 -27.30 25.67 -49.58
N LYS K 201 -28.48 26.28 -49.42
CA LYS K 201 -29.28 26.72 -50.55
C LYS K 201 -28.98 28.20 -50.86
N ILE K 202 -27.77 28.41 -51.39
CA ILE K 202 -27.29 29.77 -51.62
C ILE K 202 -27.32 30.09 -53.11
N SER K 203 -26.58 29.33 -53.91
CA SER K 203 -26.47 29.56 -55.35
C SER K 203 -26.23 28.23 -56.05
N LYS K 204 -26.44 28.24 -57.37
CA LYS K 204 -26.22 27.05 -58.19
C LYS K 204 -24.83 27.08 -58.82
N CYS K 227 -22.58 28.01 -53.43
CA CYS K 227 -22.44 27.46 -54.78
C CYS K 227 -21.56 26.21 -54.78
N PRO K 228 -22.17 25.05 -55.00
CA PRO K 228 -21.42 23.78 -55.07
C PRO K 228 -20.99 23.44 -56.50
N ASP K 229 -19.98 24.16 -56.99
CA ASP K 229 -19.51 24.01 -58.36
C ASP K 229 -17.99 23.78 -58.37
N GLY K 230 -17.55 22.86 -57.52
CA GLY K 230 -16.17 22.42 -57.52
C GLY K 230 -16.05 20.95 -57.86
N GLU K 231 -15.44 20.17 -56.97
CA GLU K 231 -15.42 18.72 -57.11
C GLU K 231 -16.60 18.12 -56.35
N LEU K 232 -17.28 17.18 -56.98
CA LEU K 232 -18.49 16.61 -56.40
C LEU K 232 -18.23 16.07 -55.01
N GLN K 233 -17.33 15.11 -54.89
CA GLN K 233 -16.91 14.57 -53.59
C GLN K 233 -15.52 15.14 -53.30
N LYS K 234 -15.50 16.32 -52.69
CA LYS K 234 -14.26 17.02 -52.37
C LYS K 234 -13.99 16.94 -50.88
N ARG K 235 -12.92 17.62 -50.47
CA ARG K 235 -12.46 17.62 -49.09
C ARG K 235 -12.37 19.05 -48.56
N LYS K 236 -12.59 19.20 -47.25
CA LYS K 236 -12.60 20.50 -46.61
C LYS K 236 -11.87 20.43 -45.28
N GLU K 237 -11.07 21.46 -44.99
CA GLU K 237 -10.51 21.66 -43.65
C GLU K 237 -11.45 22.58 -42.87
N VAL K 238 -12.39 21.95 -42.16
CA VAL K 238 -13.39 22.68 -41.40
C VAL K 238 -12.73 23.30 -40.17
N VAL K 239 -12.67 24.63 -40.12
CA VAL K 239 -12.11 25.30 -38.97
C VAL K 239 -12.98 25.02 -37.74
N HIS K 240 -12.34 24.62 -36.66
CA HIS K 240 -13.04 24.29 -35.42
C HIS K 240 -12.14 24.66 -34.24
N THR K 241 -12.46 25.79 -33.59
CA THR K 241 -11.71 26.25 -32.43
C THR K 241 -12.32 25.65 -31.16
N VAL K 242 -11.92 24.43 -30.85
CA VAL K 242 -12.36 23.75 -29.64
C VAL K 242 -11.43 24.14 -28.50
N SER K 243 -11.97 24.77 -27.47
CA SER K 243 -11.17 25.17 -26.33
C SER K 243 -10.64 23.94 -25.60
N LEU K 244 -9.45 24.07 -25.03
CA LEU K 244 -8.85 22.97 -24.28
C LEU K 244 -9.81 22.46 -23.23
N HIS K 245 -10.55 23.37 -22.60
CA HIS K 245 -11.59 22.96 -21.66
C HIS K 245 -12.69 22.17 -22.36
N GLU K 246 -13.08 22.59 -23.56
CA GLU K 246 -14.13 21.89 -24.29
C GLU K 246 -13.76 20.43 -24.51
N ILE K 247 -12.50 20.16 -24.82
CA ILE K 247 -12.05 18.76 -24.93
C ILE K 247 -12.19 18.06 -23.59
N ASP K 248 -11.92 18.77 -22.49
CA ASP K 248 -12.03 18.18 -21.17
C ASP K 248 -13.47 17.78 -20.87
N VAL K 249 -14.43 18.64 -21.22
CA VAL K 249 -15.83 18.36 -20.92
C VAL K 249 -16.31 17.13 -21.68
N ILE K 250 -15.84 16.97 -22.93
CA ILE K 250 -16.24 15.81 -23.72
C ILE K 250 -15.79 14.52 -23.02
N ASN K 251 -14.54 14.49 -22.56
CA ASN K 251 -14.04 13.30 -21.88
C ASN K 251 -14.78 13.06 -20.57
N SER K 252 -15.08 14.13 -19.83
CA SER K 252 -15.77 13.98 -18.55
C SER K 252 -17.10 13.29 -18.75
N ARG K 253 -17.40 12.32 -17.88
CA ARG K 253 -18.63 11.55 -17.98
C ARG K 253 -19.86 12.46 -17.97
N THR K 254 -19.99 13.28 -16.93
CA THR K 254 -21.13 14.18 -16.80
C THR K 254 -20.67 15.62 -16.64
N PHE K 257 -28.44 16.30 -17.26
CA PHE K 257 -28.76 17.65 -17.71
C PHE K 257 -28.99 18.58 -16.52
N LEU K 258 -29.00 17.98 -15.32
CA LEU K 258 -29.10 18.73 -14.07
C LEU K 258 -27.79 18.72 -13.30
N ALA K 259 -26.68 18.42 -13.99
CA ALA K 259 -25.39 18.36 -13.33
C ALA K 259 -25.04 19.68 -12.66
N LEU K 260 -25.48 20.81 -13.24
CA LEU K 260 -25.24 22.10 -12.63
C LEU K 260 -25.95 22.23 -11.29
N PHE K 261 -27.02 21.48 -11.07
CA PHE K 261 -27.76 21.55 -9.81
C PHE K 261 -27.40 20.40 -8.89
N SER K 262 -27.54 19.17 -9.37
CA SER K 262 -27.32 17.99 -8.54
C SER K 262 -26.03 17.27 -8.92
N GLY K 266 -18.38 20.23 -12.24
CA GLY K 266 -17.72 20.16 -10.96
C GLY K 266 -16.23 20.42 -11.04
N GLU K 267 -15.44 19.35 -11.04
CA GLU K 267 -13.99 19.45 -11.11
C GLU K 267 -13.49 18.36 -12.05
N ILE K 268 -12.72 18.76 -13.06
CA ILE K 268 -12.20 17.81 -14.04
C ILE K 268 -11.02 17.04 -13.42
N LYS K 269 -11.00 15.73 -13.63
CA LYS K 269 -9.94 14.91 -13.07
C LYS K 269 -8.61 15.23 -13.73
N SER K 270 -7.53 15.14 -12.96
CA SER K 270 -6.20 15.48 -13.47
C SER K 270 -5.80 14.55 -14.61
N GLU K 271 -6.05 13.24 -14.47
CA GLU K 271 -5.70 12.30 -15.52
C GLU K 271 -6.38 12.65 -16.83
N VAL K 272 -7.62 13.13 -16.76
CA VAL K 272 -8.30 13.59 -17.97
C VAL K 272 -7.52 14.73 -18.61
N ARG K 273 -7.02 15.66 -17.79
CA ARG K 273 -6.19 16.74 -18.31
C ARG K 273 -4.94 16.19 -18.99
N GLU K 274 -4.30 15.20 -18.37
CA GLU K 274 -3.08 14.65 -18.94
C GLU K 274 -3.31 14.06 -20.32
N GLN K 275 -4.42 13.32 -20.48
CA GLN K 275 -4.66 12.63 -21.74
C GLN K 275 -4.86 13.60 -22.89
N ILE K 276 -5.73 14.60 -22.71
CA ILE K 276 -5.99 15.52 -23.82
C ILE K 276 -4.76 16.37 -24.13
N ASN K 277 -3.93 16.66 -23.12
CA ASN K 277 -2.69 17.36 -23.40
C ASN K 277 -1.78 16.53 -24.29
N ALA K 278 -1.68 15.23 -24.03
CA ALA K 278 -0.94 14.36 -24.94
C ALA K 278 -1.59 14.29 -26.31
N LYS K 279 -2.93 14.24 -26.34
CA LYS K 279 -3.62 14.22 -27.62
C LYS K 279 -3.34 15.51 -28.41
N VAL K 280 -3.45 16.67 -27.77
CA VAL K 280 -3.28 17.93 -28.47
C VAL K 280 -1.90 18.00 -29.10
N ALA K 281 -0.87 17.48 -28.41
CA ALA K 281 0.46 17.44 -28.97
C ALA K 281 0.50 16.57 -30.23
N GLU K 282 -0.23 15.45 -30.22
CA GLU K 282 -0.24 14.55 -31.36
C GLU K 282 -0.79 15.24 -32.60
N TRP K 283 -1.98 15.84 -32.49
CA TRP K 283 -2.54 16.58 -33.62
C TRP K 283 -1.68 17.77 -34.00
N ARG K 284 -1.11 18.47 -33.01
CA ARG K 284 -0.29 19.64 -33.33
C ARG K 284 0.92 19.24 -34.16
N GLU K 285 1.60 18.15 -33.78
CA GLU K 285 2.72 17.66 -34.58
C GLU K 285 2.25 17.20 -35.95
N GLU K 286 1.08 16.56 -36.02
CA GLU K 286 0.56 16.09 -37.30
C GLU K 286 0.32 17.25 -38.25
N GLY K 287 -0.24 18.34 -37.75
CA GLY K 287 -0.56 19.50 -38.55
C GLY K 287 -2.04 19.83 -38.64
N LYS K 288 -2.91 19.08 -37.98
CA LYS K 288 -4.34 19.37 -37.99
C LYS K 288 -4.66 20.52 -37.04
N ALA K 289 -4.14 20.46 -35.82
CA ALA K 289 -4.45 21.46 -34.81
C ALA K 289 -3.38 22.55 -34.79
N GLU K 290 -3.81 23.80 -34.93
CA GLU K 290 -2.95 24.97 -34.80
C GLU K 290 -3.41 25.74 -33.57
N ILE K 291 -2.65 25.62 -32.47
CA ILE K 291 -3.05 26.25 -31.22
C ILE K 291 -3.09 27.76 -31.41
N ILE K 292 -4.25 28.36 -31.12
CA ILE K 292 -4.43 29.79 -31.26
C ILE K 292 -4.49 30.42 -29.87
N PRO K 293 -3.51 31.25 -29.50
CA PRO K 293 -3.55 31.89 -28.17
C PRO K 293 -4.67 32.91 -28.11
N GLY K 294 -5.64 32.66 -27.23
CA GLY K 294 -6.79 33.51 -27.07
C GLY K 294 -6.55 34.64 -26.10
N VAL K 295 -7.64 35.26 -25.65
CA VAL K 295 -7.59 36.38 -24.73
C VAL K 295 -8.40 36.00 -23.49
N LEU K 296 -7.77 36.10 -22.32
CA LEU K 296 -8.42 35.82 -21.05
C LEU K 296 -8.61 37.13 -20.30
N PHE K 297 -9.87 37.46 -19.99
CA PHE K 297 -10.22 38.70 -19.31
C PHE K 297 -10.76 38.36 -17.93
N ILE K 298 -10.13 38.93 -16.90
CA ILE K 298 -10.50 38.69 -15.51
C ILE K 298 -10.99 40.02 -14.95
N ASP K 299 -12.30 40.21 -14.91
CA ASP K 299 -12.88 41.39 -14.30
C ASP K 299 -12.74 41.32 -12.79
N GLU K 300 -12.78 42.49 -12.15
CA GLU K 300 -12.67 42.59 -10.70
C GLU K 300 -11.40 41.88 -10.21
N VAL K 301 -10.28 42.23 -10.83
CA VAL K 301 -9.03 41.55 -10.52
C VAL K 301 -8.62 41.72 -9.07
N HIS K 302 -8.92 42.87 -8.46
CA HIS K 302 -8.54 43.09 -7.07
C HIS K 302 -9.18 42.09 -6.13
N MET K 303 -10.27 41.44 -6.54
CA MET K 303 -10.89 40.43 -5.71
C MET K 303 -9.96 39.24 -5.49
N LEU K 304 -9.18 38.88 -6.51
CA LEU K 304 -8.25 37.78 -6.37
C LEU K 304 -7.24 38.07 -5.26
N ASP K 305 -6.85 37.02 -4.55
CA ASP K 305 -5.96 37.14 -3.41
C ASP K 305 -4.52 36.88 -3.85
N ILE K 306 -3.60 36.99 -2.89
CA ILE K 306 -2.18 36.89 -3.20
C ILE K 306 -1.82 35.50 -3.69
N GLU K 307 -2.42 34.45 -3.13
CA GLU K 307 -2.10 33.11 -3.58
C GLU K 307 -2.49 32.89 -5.03
N SER K 308 -3.65 33.39 -5.45
CA SER K 308 -4.05 33.26 -6.85
C SER K 308 -3.11 34.02 -7.76
N PHE K 309 -2.62 35.18 -7.32
CA PHE K 309 -1.77 36.01 -8.16
C PHE K 309 -0.48 35.28 -8.52
N SER K 310 0.08 34.52 -7.59
CA SER K 310 1.25 33.73 -7.92
C SER K 310 0.94 32.67 -8.97
N PHE K 311 -0.25 32.08 -8.91
CA PHE K 311 -0.63 31.10 -9.93
C PHE K 311 -0.68 31.72 -11.32
N LEU K 312 -1.22 32.94 -11.41
CA LEU K 312 -1.24 33.63 -12.70
C LEU K 312 0.17 33.76 -13.27
N ASN K 313 1.15 34.03 -12.40
CA ASN K 313 2.53 34.12 -12.84
C ASN K 313 2.98 32.80 -13.47
N ARG K 314 2.58 31.68 -12.86
CA ARG K 314 2.95 30.37 -13.39
C ARG K 314 2.36 30.16 -14.79
N ALA K 315 1.07 30.43 -14.95
CA ALA K 315 0.39 30.15 -16.20
C ALA K 315 0.78 31.11 -17.31
N LEU K 316 1.33 32.27 -16.99
CA LEU K 316 1.72 33.23 -18.01
C LEU K 316 3.12 32.99 -18.55
N GLU K 317 3.83 31.97 -18.06
CA GLU K 317 5.17 31.64 -18.52
C GLU K 317 5.18 30.36 -19.35
N SER K 318 4.14 30.14 -20.14
CA SER K 318 4.05 28.97 -21.00
C SER K 318 3.84 29.41 -22.45
N ASP K 319 4.16 28.50 -23.38
CA ASP K 319 3.96 28.79 -24.80
C ASP K 319 2.49 28.77 -25.16
N MET K 320 1.65 28.11 -24.37
CA MET K 320 0.22 28.10 -24.55
C MET K 320 -0.49 29.21 -23.79
N ALA K 321 0.25 30.04 -23.07
CA ALA K 321 -0.37 31.05 -22.23
C ALA K 321 -1.10 32.06 -23.09
N PRO K 322 -2.40 32.26 -22.86
CA PRO K 322 -3.13 33.28 -23.61
C PRO K 322 -2.86 34.67 -23.06
N VAL K 323 -3.08 35.67 -23.90
CA VAL K 323 -2.89 37.05 -23.49
C VAL K 323 -3.86 37.36 -22.37
N LEU K 324 -3.34 37.79 -21.22
CA LEU K 324 -4.15 38.07 -20.05
C LEU K 324 -4.52 39.54 -19.98
N ILE K 325 -5.81 39.82 -19.94
CA ILE K 325 -6.33 41.17 -19.80
C ILE K 325 -7.15 41.25 -18.53
N MET K 326 -6.82 42.22 -17.69
CA MET K 326 -7.45 42.38 -16.39
C MET K 326 -8.07 43.77 -16.30
N ALA K 327 -9.08 43.90 -15.42
CA ALA K 327 -9.77 45.16 -15.25
C ALA K 327 -10.10 45.36 -13.78
N THR K 328 -9.91 46.59 -13.31
CA THR K 328 -10.17 46.92 -11.92
C THR K 328 -10.36 48.43 -11.81
N ASN K 329 -11.21 48.83 -10.86
CA ASN K 329 -11.51 50.24 -10.61
C ASN K 329 -11.12 50.68 -9.21
N ARG K 330 -10.17 49.99 -8.58
CA ARG K 330 -9.71 50.32 -7.23
C ARG K 330 -8.29 50.85 -7.29
N GLY K 331 -8.01 51.85 -6.47
CA GLY K 331 -6.67 52.39 -6.37
C GLY K 331 -5.80 51.56 -5.44
N ILE K 332 -5.08 52.20 -4.53
CA ILE K 332 -4.25 51.49 -3.58
C ILE K 332 -5.14 50.87 -2.52
N THR K 333 -5.24 49.54 -2.52
CA THR K 333 -6.09 48.80 -1.59
C THR K 333 -5.30 47.65 -0.98
N ARG K 334 -5.92 46.98 -0.02
CA ARG K 334 -5.31 45.82 0.62
C ARG K 334 -5.11 44.71 -0.40
N ILE K 335 -3.90 44.15 -0.46
CA ILE K 335 -3.67 42.94 -1.24
C ILE K 335 -4.33 41.78 -0.50
N ARG K 336 -5.31 41.15 -1.12
CA ARG K 336 -6.03 40.07 -0.48
C ARG K 336 -5.07 38.97 -0.06
N GLY K 337 -5.25 38.46 1.16
CA GLY K 337 -4.38 37.45 1.70
C GLY K 337 -3.10 37.96 2.31
N THR K 338 -2.96 39.27 2.47
CA THR K 338 -1.77 39.86 3.07
C THR K 338 -2.17 41.16 3.76
N SER K 339 -1.21 41.78 4.45
CA SER K 339 -1.46 42.94 5.29
C SER K 339 -0.73 44.17 4.74
N TYR K 340 -0.62 44.26 3.42
CA TYR K 340 0.06 45.38 2.78
C TYR K 340 -0.91 46.10 1.86
N GLN K 341 -0.51 47.28 1.42
CA GLN K 341 -1.28 48.09 0.49
C GLN K 341 -0.52 48.24 -0.81
N SER K 342 -1.17 47.89 -1.93
CA SER K 342 -0.55 47.93 -3.23
C SER K 342 -1.52 48.53 -4.25
N PRO K 343 -1.01 49.26 -5.24
CA PRO K 343 -1.88 49.81 -6.28
C PRO K 343 -2.70 48.72 -6.93
N HIS K 344 -3.98 49.00 -7.15
CA HIS K 344 -4.91 48.10 -7.82
C HIS K 344 -5.07 46.76 -7.10
N GLY K 345 -4.56 46.65 -5.88
CA GLY K 345 -4.62 45.38 -5.18
C GLY K 345 -3.89 44.27 -5.88
N ILE K 346 -2.73 44.56 -6.45
CA ILE K 346 -1.95 43.56 -7.20
C ILE K 346 -0.56 43.47 -6.61
N PRO K 347 0.02 42.28 -6.51
CA PRO K 347 1.41 42.17 -6.04
C PRO K 347 2.36 42.83 -7.02
N ILE K 348 3.48 43.33 -6.47
CA ILE K 348 4.41 44.11 -7.27
C ILE K 348 5.00 43.27 -8.40
N ASP K 349 5.24 41.97 -8.13
CA ASP K 349 5.86 41.12 -9.14
C ASP K 349 5.06 41.13 -10.44
N LEU K 350 3.73 41.01 -10.35
CA LEU K 350 2.90 41.05 -11.54
C LEU K 350 2.78 42.46 -12.10
N LEU K 351 2.71 43.46 -11.22
CA LEU K 351 2.48 44.83 -11.68
C LEU K 351 3.65 45.36 -12.50
N ASP K 352 4.86 44.90 -12.21
CA ASP K 352 6.03 45.40 -12.95
C ASP K 352 5.87 45.17 -14.45
N ARG K 353 5.55 43.94 -14.84
CA ARG K 353 5.36 43.60 -16.24
C ARG K 353 3.88 43.65 -16.62
N LEU K 354 3.31 44.84 -16.58
CA LEU K 354 1.89 45.02 -16.87
C LEU K 354 1.71 46.15 -17.87
N LEU K 355 1.02 45.85 -18.96
CA LEU K 355 0.59 46.86 -19.92
C LEU K 355 -0.74 47.44 -19.44
N ILE K 356 -0.68 48.59 -18.79
CA ILE K 356 -1.83 49.18 -18.12
C ILE K 356 -2.40 50.28 -19.00
N VAL K 357 -3.67 50.15 -19.37
CA VAL K 357 -4.38 51.11 -20.20
C VAL K 357 -5.55 51.65 -19.41
N SER K 358 -5.71 52.98 -19.40
CA SER K 358 -6.72 53.65 -18.61
C SER K 358 -7.89 54.03 -19.50
N THR K 359 -9.07 53.53 -19.17
CA THR K 359 -10.28 53.85 -19.92
C THR K 359 -10.89 55.14 -19.38
N THR K 360 -10.97 56.17 -20.22
CA THR K 360 -11.52 57.43 -19.81
C THR K 360 -13.03 57.33 -19.60
N PRO K 361 -13.59 58.12 -18.69
CA PRO K 361 -15.05 58.13 -18.51
C PRO K 361 -15.76 58.59 -19.77
N TYR K 362 -17.07 58.45 -19.77
CA TYR K 362 -17.87 58.66 -20.97
C TYR K 362 -18.32 60.11 -21.09
N SER K 363 -18.49 60.55 -22.34
CA SER K 363 -19.00 61.87 -22.65
C SER K 363 -20.47 61.78 -23.04
N GLU K 364 -21.11 62.96 -23.12
CA GLU K 364 -22.54 63.01 -23.34
C GLU K 364 -22.92 62.34 -24.66
N LYS K 365 -22.42 62.86 -25.78
CA LYS K 365 -22.86 62.37 -27.08
C LYS K 365 -22.50 60.90 -27.28
N ASP K 366 -21.37 60.47 -26.72
CA ASP K 366 -20.97 59.06 -26.86
C ASP K 366 -21.99 58.14 -26.23
N THR K 367 -22.49 58.50 -25.05
CA THR K 367 -23.51 57.69 -24.40
C THR K 367 -24.76 57.57 -25.27
N LYS K 368 -25.18 58.69 -25.86
CA LYS K 368 -26.36 58.67 -26.73
C LYS K 368 -26.14 57.75 -27.93
N GLN K 369 -24.96 57.83 -28.54
CA GLN K 369 -24.68 56.98 -29.69
C GLN K 369 -24.70 55.51 -29.30
N ILE K 370 -24.10 55.16 -28.16
CA ILE K 370 -24.07 53.77 -27.72
C ILE K 370 -25.48 53.26 -27.49
N LEU K 371 -26.33 54.07 -26.87
CA LEU K 371 -27.72 53.68 -26.69
C LEU K 371 -28.38 53.39 -28.03
N ARG K 372 -28.16 54.27 -29.02
CA ARG K 372 -28.74 54.07 -30.35
C ARG K 372 -28.41 52.68 -30.88
N ILE K 373 -27.16 52.25 -30.70
CA ILE K 373 -26.76 50.93 -31.18
C ILE K 373 -27.53 49.83 -30.45
N ARG K 374 -27.65 49.96 -29.13
CA ARG K 374 -28.26 48.90 -28.35
C ARG K 374 -29.74 48.73 -28.69
N CYS K 375 -30.47 49.83 -28.83
CA CYS K 375 -31.90 49.72 -29.16
C CYS K 375 -32.11 48.98 -30.47
N GLU K 376 -31.21 49.17 -31.43
CA GLU K 376 -31.33 48.43 -32.68
C GLU K 376 -31.24 46.93 -32.43
N GLU K 377 -30.48 46.52 -31.43
CA GLU K 377 -30.44 45.10 -31.07
C GLU K 377 -31.71 44.67 -30.35
N GLU K 378 -32.31 45.59 -29.60
CA GLU K 378 -33.53 45.29 -28.85
C GLU K 378 -34.81 45.51 -29.66
N ASP K 379 -34.70 45.99 -30.90
CA ASP K 379 -35.86 46.23 -31.75
C ASP K 379 -36.85 47.19 -31.06
N VAL K 380 -36.31 48.29 -30.52
CA VAL K 380 -37.09 49.26 -29.77
C VAL K 380 -37.00 50.60 -30.47
N GLU K 381 -38.15 51.20 -30.76
CA GLU K 381 -38.20 52.55 -31.33
C GLU K 381 -38.67 53.53 -30.26
N MET K 382 -37.86 54.55 -30.00
CA MET K 382 -38.13 55.51 -28.96
C MET K 382 -37.91 56.93 -29.47
N SER K 383 -38.60 57.88 -28.82
CA SER K 383 -38.52 59.28 -29.20
C SER K 383 -37.19 59.89 -28.79
N GLU K 384 -36.83 60.99 -29.45
CA GLU K 384 -35.57 61.66 -29.14
C GLU K 384 -35.54 62.16 -27.71
N ASP K 385 -36.65 62.72 -27.22
CA ASP K 385 -36.71 63.15 -25.82
C ASP K 385 -36.48 61.96 -24.89
N ALA K 386 -37.10 60.82 -25.21
CA ALA K 386 -36.82 59.60 -24.46
C ALA K 386 -35.35 59.21 -24.57
N TYR K 387 -34.74 59.44 -25.73
CA TYR K 387 -33.31 59.17 -25.89
C TYR K 387 -32.50 60.02 -24.93
N THR K 388 -32.78 61.33 -24.89
CA THR K 388 -31.98 62.23 -24.06
C THR K 388 -32.12 61.89 -22.58
N VAL K 389 -33.34 61.62 -22.13
CA VAL K 389 -33.54 61.28 -20.72
C VAL K 389 -32.75 60.03 -20.35
N LEU K 390 -32.73 59.05 -21.26
CA LEU K 390 -31.90 57.88 -21.04
C LEU K 390 -30.42 58.26 -20.97
N THR K 391 -29.97 59.15 -21.86
CA THR K 391 -28.59 59.60 -21.83
C THR K 391 -28.29 60.29 -20.51
N ARG K 392 -29.20 61.14 -20.04
CA ARG K 392 -29.02 61.77 -18.73
C ARG K 392 -28.96 60.72 -17.63
N ILE K 393 -29.80 59.69 -17.72
CA ILE K 393 -29.75 58.59 -16.76
C ILE K 393 -28.38 57.91 -16.82
N GLY K 394 -27.90 57.62 -18.03
CA GLY K 394 -26.60 57.01 -18.19
C GLY K 394 -25.45 57.88 -17.71
N LEU K 395 -25.70 59.17 -17.51
CA LEU K 395 -24.65 60.07 -17.03
C LEU K 395 -24.64 60.13 -15.51
N GLU K 396 -25.79 60.39 -14.89
CA GLU K 396 -25.85 60.46 -13.43
C GLU K 396 -25.70 59.07 -12.81
N THR K 397 -26.20 58.03 -13.47
CA THR K 397 -26.04 56.67 -13.02
C THR K 397 -25.24 55.87 -14.07
N SER K 398 -25.03 54.60 -13.79
CA SER K 398 -24.21 53.75 -14.66
C SER K 398 -24.90 53.49 -15.99
N LEU K 399 -24.09 53.25 -17.01
CA LEU K 399 -24.63 52.94 -18.33
C LEU K 399 -25.43 51.66 -18.31
N ARG K 400 -25.00 50.67 -17.52
CA ARG K 400 -25.75 49.42 -17.44
C ARG K 400 -27.18 49.66 -16.97
N TYR K 401 -27.37 50.56 -16.00
CA TYR K 401 -28.71 50.83 -15.51
C TYR K 401 -29.59 51.36 -16.64
N ALA K 402 -29.01 52.19 -17.52
CA ALA K 402 -29.76 52.70 -18.65
C ALA K 402 -30.23 51.56 -19.55
N ILE K 403 -29.36 50.59 -19.83
CA ILE K 403 -29.74 49.47 -20.69
C ILE K 403 -30.85 48.67 -20.04
N GLN K 404 -30.76 48.43 -18.73
CA GLN K 404 -31.81 47.69 -18.03
C GLN K 404 -33.16 48.38 -18.19
N LEU K 405 -33.17 49.71 -18.13
CA LEU K 405 -34.42 50.45 -18.28
C LEU K 405 -35.03 50.23 -19.65
N ILE K 406 -34.18 50.14 -20.68
CA ILE K 406 -34.64 50.04 -22.07
C ILE K 406 -35.66 48.92 -22.23
N THR K 407 -35.26 47.69 -21.89
CA THR K 407 -36.17 46.56 -22.09
C THR K 407 -37.41 46.68 -21.24
N ALA K 408 -37.27 47.12 -19.98
CA ALA K 408 -38.43 47.27 -19.12
C ALA K 408 -39.40 48.30 -19.67
N ALA K 409 -38.87 49.42 -20.19
CA ALA K 409 -39.73 50.44 -20.77
C ALA K 409 -40.46 49.92 -22.01
N SER K 410 -39.84 49.00 -22.76
CA SER K 410 -40.48 48.48 -23.95
C SER K 410 -41.80 47.78 -23.61
N LEU K 411 -41.79 46.93 -22.59
CA LEU K 411 -43.03 46.31 -22.14
C LEU K 411 -44.02 47.34 -21.62
N VAL K 412 -43.51 48.46 -21.09
CA VAL K 412 -44.38 49.57 -20.71
C VAL K 412 -45.14 50.08 -21.93
N CYS K 413 -44.43 50.28 -23.03
CA CYS K 413 -45.07 50.77 -24.25
C CYS K 413 -46.14 49.80 -24.74
N ARG K 414 -45.83 48.50 -24.73
CA ARG K 414 -46.81 47.49 -25.14
C ARG K 414 -47.98 47.42 -24.18
N LYS K 415 -47.80 47.80 -22.91
CA LYS K 415 -48.91 47.76 -21.97
C LYS K 415 -50.03 48.70 -22.39
N ARG K 416 -49.68 49.89 -22.89
CA ARG K 416 -50.65 50.83 -23.43
C ARG K 416 -50.86 50.63 -24.93
N LYS K 417 -50.33 49.53 -25.48
CA LYS K 417 -50.50 49.17 -26.88
C LYS K 417 -49.97 50.27 -27.80
N GLY K 418 -48.72 50.65 -27.55
CA GLY K 418 -48.00 51.58 -28.38
C GLY K 418 -46.91 50.88 -29.18
N THR K 419 -46.28 51.66 -30.06
CA THR K 419 -45.15 51.19 -30.86
C THR K 419 -43.85 51.88 -30.50
N GLU K 420 -43.90 53.17 -30.18
CA GLU K 420 -42.71 53.96 -29.86
C GLU K 420 -42.79 54.42 -28.41
N VAL K 421 -41.75 54.13 -27.64
CA VAL K 421 -41.72 54.47 -26.22
C VAL K 421 -41.53 55.97 -26.06
N GLN K 422 -42.32 56.57 -25.20
CA GLN K 422 -42.29 58.01 -24.94
C GLN K 422 -41.55 58.30 -23.63
N VAL K 423 -41.42 59.59 -23.34
CA VAL K 423 -40.79 60.01 -22.09
C VAL K 423 -41.61 59.55 -20.89
N ASP K 424 -42.93 59.46 -21.06
CA ASP K 424 -43.79 59.02 -19.97
C ASP K 424 -43.39 57.64 -19.48
N ASP K 425 -43.10 56.73 -20.42
CA ASP K 425 -42.72 55.38 -20.04
C ASP K 425 -41.39 55.37 -19.28
N ILE K 426 -40.44 56.20 -19.70
CA ILE K 426 -39.12 56.20 -19.07
C ILE K 426 -39.23 56.54 -17.59
N LYS K 427 -39.99 57.59 -17.26
CA LYS K 427 -40.18 57.95 -15.86
C LYS K 427 -40.93 56.84 -15.11
N ARG K 428 -41.85 56.16 -15.79
CA ARG K 428 -42.62 55.09 -15.16
C ARG K 428 -41.71 53.95 -14.72
N VAL K 429 -40.75 53.57 -15.56
CA VAL K 429 -39.82 52.52 -15.18
C VAL K 429 -38.70 53.03 -14.29
N TYR K 430 -38.31 54.30 -14.44
CA TYR K 430 -37.29 54.87 -13.56
C TYR K 430 -37.73 54.83 -12.11
N SER K 431 -38.99 55.15 -11.84
CA SER K 431 -39.50 55.08 -10.47
C SER K 431 -39.71 53.63 -10.04
N LEU K 432 -40.00 52.74 -10.99
CA LEU K 432 -40.29 51.36 -10.64
C LEU K 432 -39.04 50.64 -10.14
N PHE K 433 -38.02 50.53 -11.00
CA PHE K 433 -36.78 49.86 -10.66
C PHE K 433 -35.70 50.91 -10.45
N LEU K 434 -35.03 50.84 -9.30
CA LEU K 434 -34.05 51.85 -8.91
C LEU K 434 -32.65 51.40 -9.30
N ASP K 435 -31.69 52.30 -9.12
CA ASP K 435 -30.29 52.03 -9.33
C ASP K 435 -29.60 51.76 -8.00
N GLU K 436 -28.48 51.02 -8.07
CA GLU K 436 -27.84 50.54 -6.85
C GLU K 436 -27.49 51.69 -5.90
N SER K 437 -27.14 52.84 -6.45
CA SER K 437 -26.81 54.00 -5.62
C SER K 437 -28.03 54.47 -4.84
N ARG K 438 -29.17 54.65 -5.53
CA ARG K 438 -30.37 55.10 -4.85
C ARG K 438 -30.83 54.12 -3.79
N SER K 439 -30.91 52.84 -4.16
CA SER K 439 -31.34 51.82 -3.21
C SER K 439 -30.46 51.83 -1.97
N THR K 440 -29.14 51.81 -2.16
CA THR K 440 -28.23 51.90 -1.03
C THR K 440 -28.37 53.22 -0.29
N GLN K 441 -28.52 54.32 -1.05
CA GLN K 441 -28.58 55.64 -0.44
C GLN K 441 -29.75 55.76 0.53
N TYR K 442 -30.98 55.61 0.01
CA TYR K 442 -32.15 55.73 0.87
C TYR K 442 -32.13 54.69 1.97
N MET K 443 -31.62 53.49 1.67
CA MET K 443 -31.84 52.34 2.54
C MET K 443 -30.93 52.43 3.76
N LYS K 444 -29.76 53.05 3.60
CA LYS K 444 -28.95 53.42 4.76
C LYS K 444 -29.62 54.54 5.54
N GLU K 445 -30.37 55.41 4.84
CA GLU K 445 -31.09 56.48 5.51
C GLU K 445 -32.06 55.92 6.54
N TYR K 446 -32.72 54.81 6.20
CA TYR K 446 -33.60 54.16 7.17
C TYR K 446 -32.82 53.70 8.40
N GLN K 447 -31.58 53.26 8.19
CA GLN K 447 -30.79 52.68 9.29
C GLN K 447 -30.53 53.70 10.40
N ASP K 448 -30.01 54.87 10.05
CA ASP K 448 -29.63 55.86 11.05
C ASP K 448 -30.85 56.39 11.79
N ILE L 22 29.14 28.17 15.00
CA ILE L 22 30.54 27.88 14.80
C ILE L 22 31.36 29.17 14.90
N GLY L 23 32.43 29.11 15.69
CA GLY L 23 33.31 30.26 15.86
C GLY L 23 32.71 31.32 16.78
N ALA L 24 32.31 32.45 16.21
CA ALA L 24 31.74 33.53 16.99
C ALA L 24 32.66 33.92 18.14
N HIS L 25 32.17 33.79 19.38
CA HIS L 25 32.94 34.15 20.57
C HIS L 25 33.56 32.89 21.16
N SER L 26 34.60 32.41 20.51
CA SER L 26 35.38 31.26 20.99
C SER L 26 36.60 31.70 21.79
N HIS L 27 36.40 32.56 22.79
CA HIS L 27 37.50 33.01 23.63
C HIS L 27 37.18 32.99 25.11
N ILE L 28 35.99 32.53 25.49
CA ILE L 28 35.56 32.49 26.89
C ILE L 28 35.65 31.06 27.38
N ARG L 29 36.42 30.85 28.44
CA ARG L 29 36.56 29.54 29.07
C ARG L 29 36.10 29.60 30.53
N GLY L 30 35.28 30.58 30.86
CA GLY L 30 34.75 30.72 32.21
C GLY L 30 34.28 32.14 32.45
N LEU L 31 33.55 32.29 33.56
CA LEU L 31 33.03 33.60 33.93
C LEU L 31 34.17 34.55 34.26
N GLY L 32 35.21 34.06 34.92
CA GLY L 32 36.31 34.90 35.34
C GLY L 32 36.04 35.70 36.60
N LEU L 33 35.29 35.13 37.54
CA LEU L 33 34.87 35.83 38.76
C LEU L 33 35.76 35.48 39.95
N ASP L 34 37.01 35.09 39.69
CA ASP L 34 37.93 34.68 40.74
C ASP L 34 37.26 33.77 41.76
N ASP L 35 37.23 34.19 43.02
CA ASP L 35 36.64 33.41 44.09
C ASP L 35 35.72 34.29 44.93
N ALA L 36 34.80 33.65 45.63
CA ALA L 36 33.83 34.33 46.49
C ALA L 36 33.12 35.45 45.73
N LEU L 37 32.77 35.15 44.48
CA LEU L 37 32.09 36.09 43.61
C LEU L 37 32.83 37.43 43.56
N GLU L 38 34.06 37.36 43.06
CA GLU L 38 34.92 38.53 42.92
C GLU L 38 35.53 38.54 41.53
N PRO L 39 34.72 38.85 40.51
CA PRO L 39 35.25 38.91 39.14
C PRO L 39 36.48 39.79 39.02
N ARG L 40 37.55 39.25 38.46
CA ARG L 40 38.82 39.97 38.30
C ARG L 40 38.86 40.67 36.95
N GLN L 41 37.82 41.45 36.67
CA GLN L 41 37.68 42.15 35.40
C GLN L 41 38.08 41.24 34.24
N ALA L 42 39.10 41.64 33.49
CA ALA L 42 39.56 40.84 32.36
C ALA L 42 40.02 39.46 32.82
N SER L 43 39.28 38.43 32.40
CA SER L 43 39.64 37.06 32.74
C SER L 43 38.85 36.08 31.88
N GLN L 44 39.54 35.10 31.29
CA GLN L 44 38.94 34.16 30.35
C GLN L 44 37.94 34.84 29.42
N GLY L 45 38.34 35.96 28.80
CA GLY L 45 37.47 36.65 27.88
C GLY L 45 36.60 37.71 28.52
N MET L 46 35.96 37.37 29.63
CA MET L 46 35.05 38.28 30.31
C MET L 46 35.79 39.55 30.73
N VAL L 47 35.33 40.70 30.25
CA VAL L 47 36.01 41.96 30.53
C VAL L 47 35.03 43.04 31.01
N GLY L 48 33.90 42.63 31.56
CA GLY L 48 32.95 43.62 32.02
C GLY L 48 31.76 42.99 32.72
N GLN L 49 30.71 43.79 32.87
CA GLN L 49 29.49 43.39 33.58
C GLN L 49 29.82 42.59 34.84
N LEU L 50 30.52 43.26 35.76
CA LEU L 50 30.82 42.62 37.05
C LEU L 50 29.53 42.27 37.78
N ALA L 51 28.54 43.16 37.76
CA ALA L 51 27.28 42.90 38.44
C ALA L 51 26.65 41.60 37.96
N ALA L 52 26.54 41.44 36.64
CA ALA L 52 26.00 40.19 36.09
C ALA L 52 26.92 39.01 36.40
N ARG L 53 28.23 39.22 36.29
CA ARG L 53 29.18 38.14 36.55
C ARG L 53 29.10 37.67 38.00
N ARG L 54 29.00 38.62 38.94
CA ARG L 54 28.91 38.24 40.35
C ARG L 54 27.64 37.44 40.61
N ALA L 55 26.53 37.86 40.01
CA ALA L 55 25.28 37.10 40.14
C ALA L 55 25.39 35.74 39.46
N ALA L 56 26.08 35.69 38.32
CA ALA L 56 26.22 34.44 37.60
C ALA L 56 26.97 33.39 38.41
N GLY L 57 28.02 33.81 39.12
CA GLY L 57 28.79 32.86 39.90
C GLY L 57 27.96 32.18 40.97
N VAL L 58 27.16 32.95 41.71
CA VAL L 58 26.32 32.37 42.75
C VAL L 58 25.34 31.38 42.13
N VAL L 59 24.90 31.63 40.89
CA VAL L 59 24.07 30.66 40.19
C VAL L 59 24.83 29.36 40.00
N LEU L 60 26.10 29.45 39.61
CA LEU L 60 26.91 28.24 39.43
C LEU L 60 26.96 27.43 40.72
N GLU L 61 27.27 28.08 41.84
CA GLU L 61 27.31 27.36 43.11
C GLU L 61 25.96 26.80 43.48
N MET L 62 24.88 27.45 43.04
CA MET L 62 23.55 26.86 43.20
C MET L 62 23.43 25.56 42.42
N ILE L 63 23.96 25.53 41.20
CA ILE L 63 23.92 24.32 40.40
C ILE L 63 24.71 23.21 41.06
N ARG L 64 25.92 23.53 41.54
CA ARG L 64 26.76 22.51 42.18
C ARG L 64 26.09 21.97 43.44
N GLU L 65 25.56 22.86 44.28
CA GLU L 65 24.91 22.43 45.50
C GLU L 65 23.53 21.85 45.27
N GLY L 66 22.99 21.96 44.06
CA GLY L 66 21.71 21.36 43.74
C GLY L 66 20.50 22.03 44.33
N LYS L 67 20.59 23.32 44.68
CA LYS L 67 19.43 24.05 45.16
C LYS L 67 18.76 24.86 44.06
N ILE L 68 19.20 24.71 42.81
CA ILE L 68 18.62 25.45 41.69
C ILE L 68 17.53 24.65 40.98
N ALA L 69 17.24 23.44 41.41
CA ALA L 69 16.20 22.64 40.78
C ALA L 69 14.88 23.38 40.81
N GLY L 70 14.17 23.36 39.68
CA GLY L 70 12.91 24.07 39.57
C GLY L 70 13.03 25.57 39.43
N ARG L 71 14.06 26.04 38.74
CA ARG L 71 14.24 27.47 38.50
C ARG L 71 14.82 27.66 37.10
N ALA L 72 15.09 28.91 36.75
CA ALA L 72 15.66 29.25 35.45
C ALA L 72 16.38 30.59 35.58
N VAL L 73 17.16 30.91 34.56
CA VAL L 73 17.93 32.15 34.52
C VAL L 73 17.51 32.95 33.29
N LEU L 74 17.21 34.22 33.50
CA LEU L 74 16.84 35.14 32.43
C LEU L 74 17.78 36.32 32.45
N ILE L 75 18.39 36.62 31.31
CA ILE L 75 19.40 37.66 31.19
C ILE L 75 18.80 38.78 30.36
N ALA L 76 18.30 39.80 31.04
CA ALA L 76 17.77 40.97 30.36
C ALA L 76 18.86 41.99 30.10
N GLY L 77 18.68 42.76 29.04
CA GLY L 77 19.64 43.79 28.67
C GLY L 77 19.48 44.18 27.22
N GLN L 78 20.07 45.32 26.86
CA GLN L 78 20.02 45.80 25.49
C GLN L 78 20.94 44.97 24.61
N PRO L 79 20.72 44.99 23.30
CA PRO L 79 21.59 44.24 22.38
C PRO L 79 23.02 44.79 22.40
N GLY L 80 23.97 43.90 22.16
CA GLY L 80 25.36 44.29 22.12
C GLY L 80 26.02 44.46 23.47
N THR L 81 25.56 43.72 24.48
CA THR L 81 26.14 43.79 25.82
C THR L 81 26.72 42.45 26.26
N GLY L 82 26.48 41.38 25.49
CA GLY L 82 27.09 40.11 25.82
C GLY L 82 26.20 39.14 26.56
N LYS L 83 24.91 39.11 26.26
CA LYS L 83 24.03 38.14 26.90
C LYS L 83 24.48 36.71 26.60
N THR L 84 24.89 36.45 25.36
CA THR L 84 25.39 35.13 25.01
C THR L 84 26.74 34.84 25.65
N ALA L 85 27.61 35.84 25.74
CA ALA L 85 28.91 35.62 26.36
C ALA L 85 28.79 35.26 27.83
N ILE L 86 27.86 35.89 28.55
CA ILE L 86 27.66 35.57 29.96
C ILE L 86 27.26 34.10 30.11
N ALA L 87 26.38 33.61 29.23
CA ALA L 87 25.94 32.23 29.31
C ALA L 87 27.07 31.24 29.03
N MET L 88 27.88 31.50 27.99
CA MET L 88 28.95 30.56 27.64
C MET L 88 29.98 30.47 28.76
N GLY L 89 30.32 31.60 29.38
CA GLY L 89 31.19 31.53 30.54
C GLY L 89 30.62 30.66 31.63
N MET L 90 29.30 30.69 31.80
CA MET L 90 28.65 29.80 32.74
C MET L 90 28.87 28.34 32.36
N ALA L 91 28.72 28.02 31.07
CA ALA L 91 28.90 26.65 30.62
C ALA L 91 30.33 26.18 30.83
N GLN L 92 31.30 26.99 30.42
CA GLN L 92 32.70 26.61 30.58
C GLN L 92 33.08 26.49 32.05
N ALA L 93 32.60 27.42 32.88
CA ALA L 93 32.95 27.40 34.30
C ALA L 93 32.39 26.16 35.01
N LEU L 94 31.15 25.77 34.72
CA LEU L 94 30.57 24.62 35.39
C LEU L 94 31.30 23.33 35.01
N GLY L 95 31.87 23.28 33.80
CA GLY L 95 32.60 22.13 33.36
C GLY L 95 33.30 22.37 32.04
N PRO L 96 34.49 21.79 31.87
CA PRO L 96 35.24 21.98 30.62
C PRO L 96 34.56 21.36 29.41
N ASP L 97 33.76 20.31 29.59
CA ASP L 97 33.10 19.62 28.48
C ASP L 97 31.58 19.72 28.58
N THR L 98 31.06 20.58 29.43
CA THR L 98 29.62 20.69 29.61
C THR L 98 28.96 21.19 28.34
N PRO L 99 27.92 20.52 27.82
CA PRO L 99 27.29 20.97 26.58
C PRO L 99 26.68 22.35 26.72
N PHE L 100 26.77 23.13 25.65
CA PHE L 100 26.14 24.44 25.57
C PHE L 100 25.40 24.53 24.24
N THR L 101 24.12 24.89 24.31
CA THR L 101 23.27 24.98 23.12
C THR L 101 22.56 26.33 23.12
N ALA L 102 22.93 27.19 22.18
CA ALA L 102 22.33 28.51 22.05
C ALA L 102 21.43 28.52 20.82
N ILE L 103 20.13 28.71 21.04
CA ILE L 103 19.15 28.76 19.97
C ILE L 103 18.39 30.08 20.04
N ALA L 104 17.75 30.44 18.94
CA ALA L 104 16.94 31.65 18.86
C ALA L 104 15.47 31.32 18.98
N GLY L 105 14.73 32.23 19.60
CA GLY L 105 13.30 32.01 19.78
C GLY L 105 12.57 31.84 18.46
N SER L 106 12.95 32.62 17.45
CA SER L 106 12.36 32.48 16.13
C SER L 106 12.77 31.18 15.44
N GLU L 107 13.79 30.50 15.96
CA GLU L 107 14.23 29.23 15.37
C GLU L 107 13.23 28.10 15.55
N ILE L 108 12.25 28.25 16.44
CA ILE L 108 11.33 27.15 16.72
C ILE L 108 10.15 27.12 15.75
N PHE L 109 9.84 28.23 15.08
CA PHE L 109 8.82 28.25 14.03
C PHE L 109 9.49 27.87 12.72
N SER L 110 9.59 26.57 12.49
CA SER L 110 10.25 26.04 11.30
C SER L 110 9.29 25.18 10.50
N LEU L 111 9.57 25.07 9.20
CA LEU L 111 8.72 24.28 8.31
C LEU L 111 8.77 22.79 8.66
N GLU L 112 9.94 22.27 8.99
CA GLU L 112 10.08 20.84 9.26
C GLU L 112 9.51 20.46 10.63
N MET L 113 9.95 21.16 11.67
CA MET L 113 9.60 20.80 13.03
C MET L 113 8.64 21.83 13.64
N SER L 114 7.66 21.32 14.38
CA SER L 114 6.80 22.19 15.16
C SER L 114 7.52 22.64 16.44
N LYS L 115 6.93 23.61 17.12
CA LYS L 115 7.56 24.15 18.32
C LYS L 115 7.87 23.06 19.33
N THR L 116 7.05 21.99 19.34
CA THR L 116 7.33 20.87 20.24
C THR L 116 8.65 20.21 19.90
N GLU L 117 8.83 19.84 18.62
CA GLU L 117 10.04 19.14 18.22
C GLU L 117 11.26 20.03 18.31
N ALA L 118 11.13 21.30 17.90
CA ALA L 118 12.26 22.21 17.96
C ALA L 118 12.77 22.38 19.39
N LEU L 119 11.85 22.65 20.33
CA LEU L 119 12.26 22.80 21.73
C LEU L 119 12.72 21.48 22.32
N THR L 120 12.07 20.37 21.98
CA THR L 120 12.53 19.06 22.45
C THR L 120 13.93 18.77 21.94
N GLN L 121 14.19 19.09 20.67
CA GLN L 121 15.53 18.88 20.12
C GLN L 121 16.56 19.74 20.84
N ALA L 122 16.20 20.99 21.15
CA ALA L 122 17.14 21.86 21.87
C ALA L 122 17.46 21.32 23.26
N PHE L 123 16.45 20.86 23.99
CA PHE L 123 16.70 20.31 25.32
C PHE L 123 17.65 19.12 25.26
N ARG L 124 17.41 18.20 24.34
CA ARG L 124 18.28 17.04 24.22
C ARG L 124 19.68 17.44 23.79
N ARG L 125 19.82 18.58 23.10
CA ARG L 125 21.13 19.08 22.73
C ARG L 125 21.97 19.47 23.94
N SER L 126 21.35 19.95 25.01
CA SER L 126 22.07 20.38 26.20
C SER L 126 22.29 19.26 27.21
N ILE L 127 21.60 18.14 27.06
CA ILE L 127 21.76 16.99 27.96
C ILE L 127 22.91 16.15 27.40
N GLY L 128 24.10 16.36 27.93
CA GLY L 128 25.28 15.61 27.51
C GLY L 128 25.59 14.47 28.45
N VAL L 129 26.11 13.39 27.88
CA VAL L 129 26.47 12.19 28.64
C VAL L 129 27.94 11.92 28.44
N ARG L 130 28.67 11.74 29.54
CA ARG L 130 30.11 11.47 29.49
C ARG L 130 30.32 9.96 29.54
N ILE L 131 30.52 9.37 28.37
CA ILE L 131 30.70 7.93 28.23
C ILE L 131 32.19 7.65 28.00
N LYS L 132 32.76 6.81 28.85
CA LYS L 132 34.17 6.45 28.71
C LYS L 132 34.37 5.60 27.45
N GLU L 133 35.57 5.70 26.89
CA GLU L 133 35.89 4.99 25.65
C GLU L 133 37.37 4.63 25.67
N GLU L 134 37.66 3.33 25.64
CA GLU L 134 39.05 2.89 25.67
C GLU L 134 39.77 3.34 24.41
N THR L 135 41.02 3.76 24.56
CA THR L 135 41.81 4.23 23.43
C THR L 135 43.29 4.01 23.70
N GLU L 136 44.01 3.54 22.69
CA GLU L 136 45.46 3.32 22.79
C GLU L 136 46.24 4.48 22.19
N ILE L 137 46.18 5.63 22.87
CA ILE L 137 46.92 6.82 22.45
C ILE L 137 48.41 6.49 22.36
N ILE L 138 48.98 6.63 21.16
CA ILE L 138 50.40 6.38 20.95
C ILE L 138 51.19 7.67 21.23
N GLU L 139 51.50 7.90 22.50
CA GLU L 139 51.98 9.16 23.02
C GLU L 139 53.34 8.93 23.68
N GLY L 140 54.06 10.00 23.95
CA GLY L 140 55.30 9.99 24.69
C GLY L 140 56.01 11.32 24.50
N GLU L 141 56.90 11.64 25.43
CA GLU L 141 57.67 12.88 25.37
C GLU L 141 58.64 12.81 24.19
N VAL L 142 58.51 13.75 23.25
CA VAL L 142 59.42 13.76 22.10
C VAL L 142 60.79 14.21 22.57
N VAL L 143 61.68 13.24 22.80
CA VAL L 143 63.04 13.54 23.20
C VAL L 143 63.87 14.01 22.00
N GLU L 144 63.68 13.36 20.86
CA GLU L 144 64.23 13.80 19.59
C GLU L 144 63.12 13.78 18.56
N ILE L 145 63.04 14.84 17.75
CA ILE L 145 61.99 14.92 16.75
C ILE L 145 62.47 14.21 15.49
N GLN L 146 62.25 12.91 15.43
CA GLN L 146 62.62 12.13 14.25
C GLN L 146 61.62 12.37 13.13
N ILE L 147 62.12 12.38 11.90
CA ILE L 147 61.31 12.61 10.72
C ILE L 147 61.11 11.29 10.01
N ASP L 148 59.85 10.95 9.74
CA ASP L 148 58.73 11.79 10.14
C ASP L 148 57.86 11.10 11.18
N VAL L 158 56.75 10.31 5.84
CA VAL L 158 56.58 9.28 6.85
C VAL L 158 57.91 8.96 7.51
N GLY L 159 57.86 8.17 8.59
CA GLY L 159 59.06 7.81 9.30
C GLY L 159 58.80 7.29 10.70
N LYS L 160 59.61 7.74 11.67
CA LYS L 160 59.51 7.31 13.05
C LYS L 160 59.76 8.51 13.96
N LEU L 161 59.40 8.37 15.24
CA LEU L 161 59.53 9.49 16.17
C LEU L 161 59.87 8.95 17.54
N THR L 162 60.98 9.40 18.12
CA THR L 162 61.38 8.95 19.44
C THR L 162 60.45 9.54 20.50
N LEU L 163 59.82 8.66 21.27
CA LEU L 163 58.90 9.08 22.32
C LEU L 163 59.26 8.36 23.62
N LYS L 164 59.22 9.10 24.72
CA LYS L 164 59.60 8.57 26.02
C LYS L 164 58.47 8.72 27.03
N THR L 165 58.28 7.68 27.85
CA THR L 165 57.33 7.74 28.96
C THR L 165 57.89 6.99 30.15
N THR L 166 57.11 6.88 31.23
CA THR L 166 57.57 6.10 32.37
C THR L 166 57.57 4.61 32.06
N GLU L 167 56.78 4.19 31.07
CA GLU L 167 56.77 2.81 30.62
C GLU L 167 58.09 2.45 29.95
N MET L 168 58.45 3.18 28.90
CA MET L 168 59.67 2.93 28.15
C MET L 168 59.84 4.06 27.14
N GLU L 169 60.94 4.01 26.39
CA GLU L 169 61.22 4.99 25.34
C GLU L 169 61.44 4.24 24.04
N THR L 170 60.64 4.55 23.02
CA THR L 170 60.78 3.94 21.72
C THR L 170 60.32 4.93 20.64
N ILE L 171 60.78 4.69 19.42
CA ILE L 171 60.42 5.53 18.29
C ILE L 171 59.08 5.07 17.71
N TYR L 172 58.00 5.73 18.11
CA TYR L 172 56.69 5.42 17.57
C TYR L 172 56.60 5.91 16.13
N ASP L 173 56.13 5.05 15.23
CA ASP L 173 56.01 5.39 13.83
C ASP L 173 55.12 6.61 13.65
N LEU L 174 55.60 7.58 12.89
CA LEU L 174 54.89 8.83 12.65
C LEU L 174 54.82 9.11 11.16
N GLY L 175 53.75 9.81 10.75
CA GLY L 175 53.58 10.17 9.35
C GLY L 175 54.10 11.56 9.04
N THR L 176 54.13 11.88 7.75
CA THR L 176 54.61 13.19 7.32
C THR L 176 53.69 14.31 7.81
N LYS L 177 52.38 14.12 7.69
CA LYS L 177 51.43 15.08 8.24
C LYS L 177 51.37 15.02 9.75
N MET L 178 51.55 13.83 10.34
CA MET L 178 51.52 13.70 11.79
C MET L 178 52.74 14.33 12.42
N ILE L 179 53.87 14.36 11.71
CA ILE L 179 55.05 15.08 12.18
C ILE L 179 54.95 16.57 11.91
N GLU L 180 54.24 16.97 10.86
CA GLU L 180 54.04 18.40 10.60
C GLU L 180 53.07 19.02 11.60
N SER L 181 52.15 18.22 12.13
CA SER L 181 51.25 18.69 13.18
C SER L 181 51.97 18.95 14.48
N LEU L 182 52.95 18.12 14.85
CA LEU L 182 53.70 18.36 16.08
C LEU L 182 54.53 19.62 15.97
N THR L 183 55.09 19.89 14.79
CA THR L 183 55.77 21.16 14.56
C THR L 183 54.81 22.34 14.60
N LYS L 184 53.55 22.13 14.20
CA LYS L 184 52.54 23.16 14.39
C LYS L 184 52.34 23.45 15.88
N ASP L 185 52.31 22.40 16.70
CA ASP L 185 52.27 22.55 18.15
C ASP L 185 53.67 22.88 18.66
N LYS L 186 53.75 23.24 19.94
CA LYS L 186 55.03 23.59 20.54
C LYS L 186 56.00 22.43 20.41
N VAL L 187 57.18 22.72 19.88
CA VAL L 187 58.19 21.69 19.62
C VAL L 187 59.33 21.88 20.62
N GLN L 188 59.66 20.80 21.34
CA GLN L 188 58.95 19.55 21.19
C GLN L 188 58.03 19.32 22.39
N ALA L 189 57.45 20.40 22.90
CA ALA L 189 56.54 20.32 24.03
C ALA L 189 55.42 19.33 23.73
N GLY L 190 55.31 18.30 24.56
CA GLY L 190 54.34 17.25 24.35
C GLY L 190 55.00 15.93 24.02
N ASP L 191 54.33 15.12 23.19
CA ASP L 191 53.03 15.48 22.67
C ASP L 191 52.05 14.33 22.90
N VAL L 192 50.77 14.66 23.04
CA VAL L 192 49.74 13.65 23.23
C VAL L 192 49.21 13.21 21.88
N ILE L 193 49.87 12.25 21.26
CA ILE L 193 49.45 11.74 19.95
C ILE L 193 48.50 10.57 20.16
N THR L 194 47.23 10.77 19.79
CA THR L 194 46.27 9.68 19.82
C THR L 194 46.65 8.63 18.77
N ILE L 195 46.20 7.40 18.99
CA ILE L 195 46.54 6.29 18.11
C ILE L 195 46.25 6.69 16.66
N ASP L 196 47.30 6.74 15.85
CA ASP L 196 47.22 7.17 14.46
C ASP L 196 46.25 8.35 14.30
N LYS L 197 46.52 9.40 15.08
CA LYS L 197 45.64 10.55 15.11
C LYS L 197 46.49 11.81 15.31
N ALA L 198 45.85 12.92 15.64
CA ALA L 198 46.53 14.19 15.80
C ALA L 198 47.33 14.23 17.10
N THR L 199 48.19 15.23 17.21
CA THR L 199 49.06 15.42 18.36
C THR L 199 48.61 16.62 19.19
N GLY L 200 49.25 16.79 20.34
CA GLY L 200 48.94 17.89 21.23
C GLY L 200 50.12 18.29 22.11
N LYS L 201 50.39 19.60 22.19
CA LYS L 201 51.51 20.08 22.99
C LYS L 201 51.14 20.09 24.47
N ILE L 202 52.02 19.52 25.29
CA ILE L 202 51.82 19.52 26.74
C ILE L 202 53.03 20.14 27.42
N SER L 203 54.19 19.50 27.27
CA SER L 203 55.43 20.00 27.84
C SER L 203 56.56 19.06 27.45
N LYS L 204 57.80 19.55 27.60
CA LYS L 204 58.97 18.74 27.30
C LYS L 204 60.05 18.93 28.37
N CYS L 227 54.00 16.89 31.44
CA CYS L 227 54.70 15.90 30.64
C CYS L 227 53.87 14.62 30.58
N PRO L 228 53.09 14.46 29.51
CA PRO L 228 52.27 13.25 29.35
C PRO L 228 53.11 12.00 29.42
N ASP L 229 52.76 11.08 30.30
CA ASP L 229 53.57 9.89 30.53
C ASP L 229 52.68 8.67 30.77
N GLY L 230 53.23 7.65 31.42
CA GLY L 230 52.47 6.45 31.72
C GLY L 230 52.92 5.30 30.85
N GLU L 231 52.07 4.90 29.91
CA GLU L 231 52.40 3.85 28.95
C GLU L 231 52.53 4.46 27.56
N LEU L 232 53.50 3.96 26.80
CA LEU L 232 53.75 4.51 25.47
C LEU L 232 52.48 4.51 24.64
N GLN L 233 51.78 3.38 24.60
CA GLN L 233 50.46 3.28 23.98
C GLN L 233 49.40 3.46 25.05
N LYS L 234 49.31 4.69 25.54
CA LYS L 234 48.47 5.00 26.69
C LYS L 234 47.04 4.55 26.44
N ARG L 235 46.60 3.56 27.22
CA ARG L 235 45.27 2.97 27.08
C ARG L 235 44.35 3.69 28.06
N LYS L 236 43.65 4.73 27.59
CA LYS L 236 42.84 5.59 28.44
C LYS L 236 41.40 5.61 27.93
N GLU L 237 40.46 5.59 28.88
CA GLU L 237 39.03 5.67 28.56
C GLU L 237 38.62 7.13 28.56
N VAL L 238 38.58 7.74 27.38
CA VAL L 238 38.14 9.12 27.24
C VAL L 238 36.65 9.17 27.51
N VAL L 239 36.23 10.10 28.37
CA VAL L 239 34.82 10.26 28.67
C VAL L 239 34.20 11.19 27.64
N HIS L 240 33.80 10.62 26.51
CA HIS L 240 33.25 11.40 25.42
C HIS L 240 31.89 11.98 25.81
N THR L 241 31.75 13.29 25.70
CA THR L 241 30.51 13.98 26.03
C THR L 241 29.62 13.97 24.81
N VAL L 242 28.69 13.02 24.76
CA VAL L 242 27.79 12.86 23.62
C VAL L 242 26.38 13.28 24.07
N SER L 243 25.84 14.31 23.42
CA SER L 243 24.53 14.79 23.76
C SER L 243 23.46 13.76 23.38
N LEU L 244 22.36 13.77 24.14
CA LEU L 244 21.24 12.88 23.87
C LEU L 244 20.81 13.01 22.42
N HIS L 245 20.79 14.24 21.91
CA HIS L 245 20.47 14.46 20.50
C HIS L 245 21.50 13.80 19.60
N GLU L 246 22.78 13.91 19.94
CA GLU L 246 23.82 13.32 19.10
C GLU L 246 23.61 11.82 18.97
N ILE L 247 23.26 11.14 20.07
CA ILE L 247 22.94 9.72 19.99
C ILE L 247 21.72 9.50 19.11
N ASP L 248 20.69 10.34 19.26
CA ASP L 248 19.50 10.21 18.45
C ASP L 248 19.80 10.38 16.97
N VAL L 249 20.63 11.38 16.63
CA VAL L 249 20.96 11.63 15.23
C VAL L 249 21.73 10.46 14.65
N ILE L 250 22.40 9.68 15.51
CA ILE L 250 23.19 8.55 15.03
C ILE L 250 22.31 7.54 14.32
N ASN L 251 21.21 7.13 14.96
CA ASN L 251 20.37 6.09 14.38
C ASN L 251 19.44 6.66 13.33
N SER L 252 18.48 7.51 13.77
CA SER L 252 17.59 8.29 12.91
C SER L 252 17.58 7.82 11.46
N ARG L 253 17.90 8.74 10.55
CA ARG L 253 18.22 8.40 9.17
C ARG L 253 19.12 9.49 8.59
N THR L 254 20.43 9.25 8.55
CA THR L 254 21.40 10.24 8.10
C THR L 254 22.04 9.75 6.81
N GLN L 255 21.90 10.54 5.75
CA GLN L 255 22.48 10.20 4.47
C GLN L 255 22.33 11.38 3.52
N GLY L 256 23.39 11.66 2.76
CA GLY L 256 23.34 12.75 1.80
C GLY L 256 23.87 14.04 2.37
N PHE L 257 25.02 14.49 1.88
CA PHE L 257 25.58 15.75 2.37
C PHE L 257 24.85 16.98 1.85
N LEU L 258 23.87 16.80 0.96
CA LEU L 258 22.92 17.87 0.64
C LEU L 258 21.60 17.66 1.38
N ALA L 259 21.63 16.92 2.50
CA ALA L 259 20.40 16.65 3.23
C ALA L 259 19.69 17.93 3.65
N LEU L 260 20.45 18.96 4.04
CA LEU L 260 19.82 20.22 4.42
C LEU L 260 19.08 20.85 3.26
N PHE L 261 19.46 20.53 2.02
CA PHE L 261 18.75 21.03 0.86
C PHE L 261 17.71 20.02 0.39
N SER L 262 18.16 18.84 -0.02
CA SER L 262 17.26 17.81 -0.53
C SER L 262 17.05 16.70 0.50
N GLU L 267 10.50 14.28 12.74
CA GLU L 267 11.62 14.16 11.82
C GLU L 267 12.35 12.83 12.03
N ILE L 268 12.40 12.38 13.27
CA ILE L 268 13.06 11.14 13.64
C ILE L 268 12.10 10.11 14.21
N LYS L 269 10.81 10.27 13.95
CA LYS L 269 9.78 9.35 14.48
C LYS L 269 9.85 9.41 16.01
N SER L 270 9.58 8.32 16.72
CA SER L 270 9.64 8.32 18.17
C SER L 270 10.37 7.09 18.70
N GLU L 271 10.39 6.00 17.91
CA GLU L 271 11.04 4.78 18.37
C GLU L 271 12.53 4.99 18.58
N VAL L 272 13.18 5.71 17.67
CA VAL L 272 14.60 6.00 17.82
C VAL L 272 14.85 6.75 19.13
N ARG L 273 13.97 7.71 19.45
CA ARG L 273 14.09 8.44 20.70
C ARG L 273 13.98 7.50 21.89
N GLU L 274 13.02 6.58 21.85
CA GLU L 274 12.84 5.63 22.95
C GLU L 274 14.07 4.75 23.12
N GLN L 275 14.60 4.22 22.01
CA GLN L 275 15.79 3.39 22.08
C GLN L 275 16.97 4.18 22.63
N ILE L 276 17.15 5.41 22.15
CA ILE L 276 18.29 6.23 22.57
C ILE L 276 18.22 6.47 24.08
N ASN L 277 17.03 6.81 24.58
CA ASN L 277 16.86 7.08 26.01
C ASN L 277 17.17 5.83 26.83
N ALA L 278 16.64 4.69 26.42
CA ALA L 278 16.84 3.46 27.17
C ALA L 278 18.32 3.10 27.24
N LYS L 279 19.01 3.15 26.11
CA LYS L 279 20.44 2.81 26.09
C LYS L 279 21.24 3.74 26.98
N VAL L 280 20.98 5.05 26.89
CA VAL L 280 21.73 6.02 27.67
C VAL L 280 21.51 5.76 29.16
N ALA L 281 20.27 5.50 29.55
CA ALA L 281 19.98 5.19 30.95
C ALA L 281 20.78 3.98 31.41
N GLU L 282 20.80 2.91 30.62
CA GLU L 282 21.51 1.70 30.99
C GLU L 282 23.00 1.97 31.16
N TRP L 283 23.59 2.68 30.22
CA TRP L 283 25.02 2.97 30.27
C TRP L 283 25.37 3.76 31.53
N ARG L 284 24.55 4.76 31.85
CA ARG L 284 24.78 5.57 33.05
C ARG L 284 24.66 4.72 34.31
N GLU L 285 23.60 3.92 34.39
CA GLU L 285 23.37 3.11 35.59
C GLU L 285 24.52 2.13 35.80
N GLU L 286 24.96 1.48 34.73
CA GLU L 286 26.08 0.53 34.81
C GLU L 286 27.33 1.22 35.36
N GLY L 287 27.46 2.52 35.09
CA GLY L 287 28.64 3.27 35.41
C GLY L 287 29.52 3.58 34.23
N LYS L 288 29.17 3.10 33.04
CA LYS L 288 29.92 3.42 31.83
C LYS L 288 29.76 4.89 31.46
N ALA L 289 28.51 5.37 31.44
CA ALA L 289 28.21 6.74 31.06
C ALA L 289 28.01 7.60 32.30
N GLU L 290 27.88 8.91 32.08
CA GLU L 290 27.68 9.86 33.17
C GLU L 290 26.82 11.01 32.62
N ILE L 291 25.51 10.92 32.85
CA ILE L 291 24.61 11.97 32.40
C ILE L 291 24.97 13.25 33.15
N ILE L 292 25.21 14.31 32.40
CA ILE L 292 25.58 15.61 32.94
C ILE L 292 24.65 16.66 32.36
N PRO L 293 23.78 17.25 33.17
CA PRO L 293 22.92 18.33 32.67
C PRO L 293 23.77 19.49 32.16
N GLY L 294 23.43 19.97 30.96
CA GLY L 294 24.19 21.05 30.35
C GLY L 294 23.54 22.41 30.53
N VAL L 295 23.81 23.32 29.58
CA VAL L 295 23.25 24.66 29.60
C VAL L 295 22.56 24.90 28.28
N LEU L 296 21.27 25.25 28.34
CA LEU L 296 20.50 25.56 27.15
C LEU L 296 20.14 27.04 27.16
N PHE L 297 20.57 27.76 26.12
CA PHE L 297 20.38 29.19 26.02
C PHE L 297 19.40 29.50 24.91
N ILE L 298 18.31 30.19 25.24
CA ILE L 298 17.27 30.54 24.29
C ILE L 298 17.30 32.06 24.14
N ASP L 299 17.91 32.53 23.05
CA ASP L 299 17.94 33.96 22.77
C ASP L 299 16.62 34.38 22.11
N GLU L 300 16.29 35.66 22.27
CA GLU L 300 14.99 36.17 21.81
C GLU L 300 13.85 35.39 22.46
N VAL L 301 13.88 35.28 23.79
CA VAL L 301 12.85 34.54 24.49
C VAL L 301 11.47 35.16 24.28
N HIS L 302 11.41 36.48 24.15
CA HIS L 302 10.14 37.15 23.92
C HIS L 302 9.43 36.65 22.67
N MET L 303 10.17 36.13 21.69
CA MET L 303 9.54 35.59 20.49
C MET L 303 8.71 34.36 20.81
N LEU L 304 9.08 33.61 21.83
CA LEU L 304 8.35 32.40 22.19
C LEU L 304 6.91 32.75 22.55
N ASP L 305 5.99 31.87 22.18
CA ASP L 305 4.57 32.07 22.40
C ASP L 305 4.15 31.44 23.72
N ILE L 306 2.89 31.66 24.08
CA ILE L 306 2.38 31.10 25.33
C ILE L 306 2.41 29.59 25.28
N GLU L 307 2.19 29.00 24.12
CA GLU L 307 2.15 27.55 24.01
C GLU L 307 3.47 26.90 24.38
N SER L 308 4.59 27.36 23.83
CA SER L 308 5.88 26.74 24.13
C SER L 308 6.30 27.05 25.56
N PHE L 309 5.92 28.22 26.07
CA PHE L 309 6.26 28.56 27.45
C PHE L 309 5.74 27.52 28.42
N SER L 310 4.55 26.97 28.14
CA SER L 310 4.05 25.86 28.96
C SER L 310 4.91 24.61 28.81
N PHE L 311 5.38 24.34 27.59
CA PHE L 311 6.22 23.16 27.39
C PHE L 311 7.51 23.26 28.18
N LEU L 312 8.15 24.44 28.18
CA LEU L 312 9.35 24.63 28.99
C LEU L 312 9.06 24.35 30.46
N ASN L 313 7.90 24.78 30.94
CA ASN L 313 7.49 24.47 32.30
C ASN L 313 7.44 22.96 32.52
N ARG L 314 6.94 22.22 31.52
CA ARG L 314 6.86 20.77 31.63
C ARG L 314 8.24 20.13 31.74
N ALA L 315 9.17 20.57 30.89
CA ALA L 315 10.50 19.96 30.85
C ALA L 315 11.34 20.29 32.07
N LEU L 316 11.14 21.47 32.68
CA LEU L 316 11.91 21.84 33.86
C LEU L 316 11.58 20.97 35.06
N GLU L 317 10.45 20.27 35.03
CA GLU L 317 10.07 19.39 36.12
C GLU L 317 10.81 18.05 36.10
N SER L 318 11.40 17.70 34.97
CA SER L 318 12.09 16.42 34.84
C SER L 318 13.43 16.47 35.58
N ASP L 319 13.92 15.29 35.95
CA ASP L 319 15.19 15.18 36.66
C ASP L 319 16.39 15.38 35.75
N MET L 320 16.18 15.28 34.43
CA MET L 320 17.25 15.46 33.46
C MET L 320 17.32 16.89 32.91
N ALA L 321 16.47 17.78 33.40
CA ALA L 321 16.40 19.12 32.82
C ALA L 321 17.71 19.86 33.02
N PRO L 322 18.28 20.45 31.98
CA PRO L 322 19.47 21.27 32.15
C PRO L 322 19.13 22.68 32.60
N VAL L 323 20.15 23.40 33.04
CA VAL L 323 19.98 24.79 33.45
C VAL L 323 19.55 25.60 32.24
N LEU L 324 18.42 26.30 32.34
CA LEU L 324 17.87 27.05 31.23
C LEU L 324 18.12 28.54 31.44
N ILE L 325 18.76 29.17 30.47
CA ILE L 325 19.02 30.61 30.48
C ILE L 325 18.41 31.23 29.23
N MET L 326 17.62 32.28 29.43
CA MET L 326 16.92 32.97 28.36
C MET L 326 17.36 34.42 28.30
N ALA L 327 17.34 34.98 27.10
CA ALA L 327 17.76 36.37 26.90
C ALA L 327 16.62 37.15 26.28
N THR L 328 16.33 38.32 26.86
CA THR L 328 15.25 39.16 26.39
C THR L 328 15.68 40.62 26.47
N ASN L 329 15.13 41.43 25.55
CA ASN L 329 15.51 42.84 25.49
C ASN L 329 14.31 43.75 25.22
N ARG L 330 13.11 43.35 25.63
CA ARG L 330 11.94 44.19 25.37
C ARG L 330 11.33 44.74 26.64
N GLY L 331 10.90 43.86 27.54
CA GLY L 331 10.22 44.29 28.75
C GLY L 331 8.80 44.74 28.46
N ILE L 332 7.87 44.43 29.38
CA ILE L 332 6.48 44.84 29.26
C ILE L 332 6.01 44.62 27.82
N THR L 333 6.20 43.42 27.31
CA THR L 333 5.78 43.07 25.96
C THR L 333 4.62 42.10 26.00
N ARG L 334 3.64 42.33 25.13
CA ARG L 334 2.48 41.45 25.07
C ARG L 334 2.92 40.03 24.72
N ILE L 335 2.44 39.05 25.48
CA ILE L 335 2.80 37.66 25.22
C ILE L 335 2.43 37.29 23.80
N ARG L 336 3.29 36.52 23.15
CA ARG L 336 3.06 36.16 21.75
C ARG L 336 1.70 35.50 21.59
N GLY L 337 1.43 34.49 22.41
CA GLY L 337 0.08 33.95 22.49
C GLY L 337 -0.75 34.72 23.51
N THR L 338 -2.06 34.51 23.45
CA THR L 338 -2.97 35.22 24.33
C THR L 338 -2.87 36.71 24.02
N SER L 339 -3.56 37.57 24.77
CA SER L 339 -3.58 39.00 24.51
C SER L 339 -3.36 39.77 25.81
N TYR L 340 -2.40 39.33 26.61
CA TYR L 340 -2.12 39.93 27.91
C TYR L 340 -0.66 40.36 27.96
N GLN L 341 -0.42 41.65 28.13
CA GLN L 341 0.94 42.15 28.25
C GLN L 341 1.56 41.70 29.57
N SER L 342 2.87 41.44 29.53
CA SER L 342 3.59 41.00 30.71
C SER L 342 5.07 41.32 30.53
N PRO L 343 5.83 41.40 31.61
CA PRO L 343 7.27 41.70 31.48
C PRO L 343 7.96 40.71 30.54
N HIS L 344 8.73 41.26 29.61
CA HIS L 344 9.50 40.47 28.64
C HIS L 344 8.62 39.44 27.91
N GLY L 345 7.31 39.64 27.90
CA GLY L 345 6.43 38.72 27.22
C GLY L 345 6.51 37.30 27.75
N ILE L 346 6.70 37.13 29.05
CA ILE L 346 6.81 35.82 29.65
C ILE L 346 5.63 35.60 30.58
N PRO L 347 4.95 34.46 30.50
CA PRO L 347 3.84 34.21 31.42
C PRO L 347 4.32 34.24 32.87
N ILE L 348 3.50 34.83 33.73
CA ILE L 348 3.92 35.04 35.12
C ILE L 348 4.13 33.72 35.83
N ASP L 349 3.48 32.65 35.38
CA ASP L 349 3.66 31.35 36.03
C ASP L 349 5.11 30.91 35.99
N LEU L 350 5.77 31.09 34.83
CA LEU L 350 7.19 30.82 34.72
C LEU L 350 8.02 31.98 35.26
N LEU L 351 7.51 33.21 35.16
CA LEU L 351 8.25 34.37 35.62
C LEU L 351 8.44 34.37 37.13
N ASP L 352 7.54 33.72 37.86
CA ASP L 352 7.68 33.68 39.32
C ASP L 352 8.98 33.01 39.73
N ARG L 353 9.29 31.86 39.12
CA ARG L 353 10.50 31.12 39.44
C ARG L 353 11.59 31.42 38.40
N LEU L 354 12.04 32.67 38.39
CA LEU L 354 13.05 33.12 37.43
C LEU L 354 14.09 33.94 38.16
N LEU L 355 15.36 33.57 37.99
CA LEU L 355 16.47 34.39 38.44
C LEU L 355 16.84 35.36 37.32
N ILE L 356 16.59 36.65 37.54
CA ILE L 356 16.72 37.67 36.50
C ILE L 356 18.04 38.38 36.71
N VAL L 357 18.89 38.37 35.68
CA VAL L 357 20.17 39.06 35.70
C VAL L 357 20.18 40.08 34.59
N SER L 358 20.56 41.31 34.91
CA SER L 358 20.54 42.42 33.98
C SER L 358 21.96 42.71 33.51
N THR L 359 22.15 42.75 32.19
CA THR L 359 23.44 43.09 31.62
C THR L 359 23.54 44.60 31.41
N THR L 360 24.47 45.23 32.11
CA THR L 360 24.66 46.67 31.98
C THR L 360 25.25 47.01 30.62
N PRO L 361 24.93 48.18 30.07
CA PRO L 361 25.51 48.56 28.77
C PRO L 361 27.02 48.69 28.87
N TYR L 362 27.64 48.93 27.71
CA TYR L 362 29.09 48.89 27.57
C TYR L 362 29.69 50.27 27.67
N SER L 363 30.87 50.35 28.29
CA SER L 363 31.65 51.57 28.40
C SER L 363 32.76 51.57 27.36
N GLU L 364 33.45 52.71 27.26
CA GLU L 364 34.48 52.86 26.23
C GLU L 364 35.62 51.89 26.42
N LYS L 365 36.20 51.84 27.62
CA LYS L 365 37.40 51.03 27.84
C LYS L 365 37.10 49.55 27.67
N ASP L 366 35.99 49.07 28.24
CA ASP L 366 35.66 47.66 28.11
C ASP L 366 35.43 47.29 26.65
N THR L 367 34.82 48.18 25.87
CA THR L 367 34.61 47.91 24.46
C THR L 367 35.94 47.74 23.73
N LYS L 368 36.91 48.62 24.03
CA LYS L 368 38.22 48.50 23.38
C LYS L 368 38.90 47.19 23.74
N GLN L 369 38.85 46.80 25.02
CA GLN L 369 39.43 45.53 25.43
C GLN L 369 38.76 44.37 24.68
N ILE L 370 37.45 44.47 24.47
CA ILE L 370 36.75 43.44 23.71
C ILE L 370 37.30 43.34 22.30
N LEU L 371 37.52 44.48 21.65
CA LEU L 371 38.10 44.46 20.30
C LEU L 371 39.51 43.93 20.33
N ARG L 372 40.25 44.20 21.41
CA ARG L 372 41.60 43.66 21.54
C ARG L 372 41.61 42.14 21.41
N ILE L 373 40.75 41.46 22.16
CA ILE L 373 40.79 40.01 22.18
C ILE L 373 40.31 39.44 20.84
N ARG L 374 39.27 40.05 20.26
CA ARG L 374 38.75 39.54 19.00
C ARG L 374 39.78 39.63 17.88
N CYS L 375 40.50 40.75 17.79
CA CYS L 375 41.49 40.90 16.73
C CYS L 375 42.55 39.81 16.81
N GLU L 376 43.00 39.47 18.03
CA GLU L 376 43.98 38.41 18.18
C GLU L 376 43.47 37.09 17.62
N GLU L 377 42.18 36.82 17.80
CA GLU L 377 41.62 35.57 17.29
C GLU L 377 41.59 35.54 15.78
N GLU L 378 41.34 36.68 15.14
CA GLU L 378 41.24 36.77 13.69
C GLU L 378 42.54 37.17 13.01
N ASP L 379 43.67 37.09 13.73
CA ASP L 379 44.99 37.30 13.14
C ASP L 379 45.09 38.65 12.43
N VAL L 380 44.53 39.68 13.05
CA VAL L 380 44.48 41.02 12.47
C VAL L 380 45.29 41.97 13.34
N GLU L 381 46.31 42.59 12.76
CA GLU L 381 47.01 43.70 13.39
C GLU L 381 46.47 45.00 12.83
N MET L 382 45.96 45.87 13.70
CA MET L 382 45.37 47.13 13.29
C MET L 382 45.93 48.28 14.11
N SER L 383 46.00 49.45 13.48
CA SER L 383 46.63 50.61 14.08
C SER L 383 45.88 51.06 15.33
N GLU L 384 46.62 51.70 16.25
CA GLU L 384 46.04 52.14 17.51
C GLU L 384 44.91 53.14 17.30
N ASP L 385 45.09 54.12 16.41
CA ASP L 385 44.02 55.06 16.13
C ASP L 385 42.86 54.38 15.41
N ALA L 386 43.14 53.31 14.66
CA ALA L 386 42.06 52.51 14.10
C ALA L 386 41.24 51.86 15.21
N TYR L 387 41.90 51.42 16.28
CA TYR L 387 41.20 50.80 17.40
C TYR L 387 40.22 51.77 18.05
N THR L 388 40.64 53.01 18.32
CA THR L 388 39.75 53.93 19.02
C THR L 388 38.54 54.28 18.18
N VAL L 389 38.71 54.51 16.88
CA VAL L 389 37.57 54.79 16.02
C VAL L 389 36.60 53.62 16.03
N LEU L 390 37.13 52.40 16.00
CA LEU L 390 36.28 51.23 16.16
C LEU L 390 35.55 51.27 17.49
N THR L 391 36.19 51.82 18.52
CA THR L 391 35.52 51.97 19.81
C THR L 391 34.35 52.94 19.71
N ARG L 392 34.58 54.11 19.11
CA ARG L 392 33.49 55.07 18.95
C ARG L 392 32.40 54.51 18.06
N ILE L 393 32.77 53.81 16.98
CA ILE L 393 31.78 53.15 16.15
C ILE L 393 31.03 52.09 16.95
N GLY L 394 31.77 51.33 17.76
CA GLY L 394 31.13 50.31 18.58
C GLY L 394 30.11 50.87 19.56
N LEU L 395 30.28 52.13 19.95
CA LEU L 395 29.32 52.76 20.84
C LEU L 395 28.21 53.48 20.07
N GLU L 396 28.53 54.04 18.91
CA GLU L 396 27.50 54.68 18.10
C GLU L 396 26.62 53.66 17.41
N THR L 397 27.16 52.47 17.14
CA THR L 397 26.38 51.37 16.58
C THR L 397 26.55 50.13 17.45
N SER L 398 26.04 49.00 17.00
CA SER L 398 26.15 47.78 17.77
C SER L 398 27.59 47.27 17.77
N LEU L 399 27.94 46.57 18.86
CA LEU L 399 29.25 45.92 18.93
C LEU L 399 29.40 44.87 17.84
N ARG L 400 28.31 44.15 17.55
CA ARG L 400 28.34 43.12 16.53
C ARG L 400 28.66 43.72 15.16
N TYR L 401 28.27 44.98 14.96
CA TYR L 401 28.70 45.70 13.76
C TYR L 401 30.21 45.90 13.76
N ALA L 402 30.79 46.28 14.90
CA ALA L 402 32.22 46.53 14.97
C ALA L 402 33.01 45.31 14.53
N ILE L 403 32.62 44.12 15.00
CA ILE L 403 33.30 42.90 14.57
C ILE L 403 33.12 42.69 13.08
N GLN L 404 32.00 43.17 12.51
CA GLN L 404 31.78 43.03 11.08
C GLN L 404 32.83 43.77 10.27
N LEU L 405 33.16 45.00 10.69
CA LEU L 405 34.10 45.82 9.92
C LEU L 405 35.48 45.19 9.90
N ILE L 406 35.90 44.60 11.02
CA ILE L 406 37.29 44.15 11.15
C ILE L 406 37.65 43.15 10.06
N THR L 407 36.80 42.14 9.87
CA THR L 407 37.12 41.11 8.88
C THR L 407 37.20 41.68 7.47
N ALA L 408 36.24 42.53 7.09
CA ALA L 408 36.27 43.14 5.78
C ALA L 408 37.46 44.07 5.62
N ALA L 409 37.78 44.87 6.64
CA ALA L 409 38.93 45.76 6.56
C ALA L 409 40.22 45.00 6.33
N SER L 410 40.37 43.83 6.93
CA SER L 410 41.57 43.04 6.73
C SER L 410 41.72 42.63 5.27
N LEU L 411 40.63 42.21 4.64
CA LEU L 411 40.69 41.84 3.24
C LEU L 411 41.02 43.03 2.36
N VAL L 412 40.46 44.20 2.67
CA VAL L 412 40.80 45.42 1.94
C VAL L 412 42.28 45.75 2.13
N CYS L 413 42.80 45.51 3.33
CA CYS L 413 44.22 45.74 3.58
C CYS L 413 45.08 44.89 2.65
N ARG L 414 44.74 43.61 2.52
CA ARG L 414 45.45 42.75 1.57
C ARG L 414 45.25 43.20 0.13
N LYS L 415 44.17 43.92 -0.16
CA LYS L 415 43.87 44.26 -1.55
C LYS L 415 44.93 45.19 -2.12
N ARG L 416 45.46 46.09 -1.27
CA ARG L 416 46.58 46.95 -1.64
C ARG L 416 47.92 46.37 -1.18
N LYS L 417 47.94 45.12 -0.76
CA LYS L 417 49.17 44.44 -0.35
C LYS L 417 49.81 45.15 0.84
N GLY L 418 49.06 45.19 1.94
CA GLY L 418 49.54 45.73 3.20
C GLY L 418 49.71 44.65 4.25
N THR L 419 50.24 45.06 5.39
CA THR L 419 50.47 44.16 6.52
C THR L 419 49.53 44.41 7.69
N GLU L 420 49.40 45.65 8.13
CA GLU L 420 48.51 46.01 9.23
C GLU L 420 47.44 46.98 8.73
N VAL L 421 46.23 46.81 9.24
CA VAL L 421 45.08 47.58 8.76
C VAL L 421 45.22 49.03 9.22
N GLN L 422 45.07 49.96 8.28
CA GLN L 422 45.20 51.37 8.56
C GLN L 422 43.84 51.98 8.89
N VAL L 423 43.86 53.22 9.36
CA VAL L 423 42.62 53.94 9.63
C VAL L 423 41.86 54.18 8.33
N ASP L 424 42.59 54.45 7.25
CA ASP L 424 41.95 54.60 5.94
C ASP L 424 41.15 53.36 5.59
N ASP L 425 41.69 52.17 5.91
CA ASP L 425 40.98 50.94 5.59
C ASP L 425 39.64 50.85 6.31
N ILE L 426 39.61 51.20 7.59
CA ILE L 426 38.38 51.07 8.36
C ILE L 426 37.29 51.96 7.79
N LYS L 427 37.61 53.22 7.52
CA LYS L 427 36.61 54.13 6.98
C LYS L 427 36.14 53.71 5.59
N ARG L 428 36.99 53.04 4.81
CA ARG L 428 36.57 52.56 3.49
C ARG L 428 35.44 51.54 3.61
N VAL L 429 35.61 50.55 4.49
CA VAL L 429 34.56 49.56 4.73
C VAL L 429 33.35 50.16 5.45
N TYR L 430 33.56 51.18 6.28
CA TYR L 430 32.43 51.85 6.93
C TYR L 430 31.45 52.42 5.91
N SER L 431 31.98 53.06 4.87
CA SER L 431 31.10 53.59 3.82
C SER L 431 30.59 52.47 2.92
N LEU L 432 31.38 51.41 2.73
CA LEU L 432 31.01 50.36 1.81
C LEU L 432 29.75 49.65 2.25
N PHE L 433 29.66 49.28 3.53
CA PHE L 433 28.59 48.44 4.04
C PHE L 433 27.87 49.18 5.15
N LEU L 434 26.55 49.31 5.03
CA LEU L 434 25.75 49.95 6.06
C LEU L 434 25.60 49.08 7.28
N ASP L 435 25.21 49.72 8.39
CA ASP L 435 24.72 49.02 9.56
C ASP L 435 23.20 49.04 9.55
N GLU L 436 22.61 48.23 10.43
CA GLU L 436 21.15 48.11 10.45
C GLU L 436 20.50 49.46 10.69
N SER L 437 21.04 50.25 11.62
CA SER L 437 20.44 51.53 11.97
C SER L 437 20.53 52.52 10.82
N ARG L 438 21.73 52.69 10.24
CA ARG L 438 21.92 53.68 9.19
C ARG L 438 21.07 53.36 7.97
N SER L 439 21.03 52.08 7.59
CA SER L 439 20.27 51.68 6.41
C SER L 439 18.78 51.92 6.58
N THR L 440 18.23 51.51 7.73
CA THR L 440 16.80 51.65 7.95
C THR L 440 16.39 53.11 7.95
N GLN L 441 17.18 53.98 8.57
CA GLN L 441 16.84 55.40 8.61
C GLN L 441 16.94 56.02 7.21
N TYR L 442 17.99 55.68 6.46
CA TYR L 442 18.14 56.23 5.12
C TYR L 442 17.03 55.74 4.20
N MET L 443 16.71 54.44 4.26
CA MET L 443 15.67 53.91 3.39
C MET L 443 14.30 54.46 3.77
N LYS L 444 14.07 54.67 5.07
CA LYS L 444 12.84 55.33 5.49
C LYS L 444 12.77 56.74 4.94
N GLU L 445 13.89 57.46 4.95
CA GLU L 445 13.95 58.79 4.38
C GLU L 445 13.44 58.80 2.95
N TYR L 446 13.76 57.74 2.19
CA TYR L 446 13.26 57.61 0.83
C TYR L 446 11.74 57.68 0.78
N GLN L 447 11.09 56.70 1.40
CA GLN L 447 9.63 56.61 1.38
C GLN L 447 9.02 57.94 1.82
PB ADP M . -24.12 -42.74 -7.38
O1B ADP M . -23.92 -43.31 -8.77
O2B ADP M . -24.49 -43.77 -6.34
O3B ADP M . -23.05 -41.77 -6.94
PA ADP M . -26.89 -42.53 -7.42
O1A ADP M . -27.56 -41.95 -6.21
O2A ADP M . -26.68 -44.03 -7.50
O3A ADP M . -25.44 -41.83 -7.51
O5' ADP M . -27.69 -42.08 -8.73
C5' ADP M . -28.74 -41.11 -8.66
C4' ADP M . -29.93 -41.56 -9.49
O4' ADP M . -30.31 -42.88 -9.13
C3' ADP M . -31.12 -40.66 -9.27
O3' ADP M . -31.72 -40.36 -10.54
C2' ADP M . -32.06 -41.46 -8.39
O2' ADP M . -33.42 -41.29 -8.81
C1' ADP M . -31.62 -42.91 -8.57
N9 ADP M . -31.56 -43.65 -7.28
C8 ADP M . -30.46 -44.32 -6.87
N7 ADP M . -30.68 -44.92 -5.68
C5 ADP M . -31.94 -44.65 -5.31
C6 ADP M . -32.79 -44.97 -4.15
N6 ADP M . -32.33 -45.73 -3.13
N1 ADP M . -34.05 -44.49 -4.14
C2 ADP M . -34.53 -43.73 -5.14
N3 ADP M . -33.79 -43.39 -6.23
C4 ADP M . -32.52 -43.81 -6.37
PB ADP N . 31.69 -45.49 10.01
O1B ADP N . 32.45 -44.42 10.77
O2B ADP N . 30.24 -45.21 9.81
O3B ADP N . 32.41 -46.01 8.79
PA ADP N . 31.25 -46.44 12.53
O1A ADP N . 30.71 -45.03 12.58
O2A ADP N . 30.36 -47.58 12.98
O3A ADP N . 31.75 -46.72 11.03
O5' ADP N . 32.62 -46.48 13.36
C5' ADP N . 32.74 -45.77 14.60
C4' ADP N . 32.81 -46.79 15.72
O4' ADP N . 33.67 -47.86 15.35
C3' ADP N . 33.32 -46.17 17.00
O3' ADP N . 32.33 -46.36 18.02
C2' ADP N . 34.61 -46.91 17.31
O2' ADP N . 34.62 -47.41 18.65
C1' ADP N . 34.68 -48.06 16.33
N9 ADP N . 36.00 -48.09 15.65
C8 ADP N . 36.18 -48.01 14.32
N7 ADP N . 37.50 -48.07 14.01
C5 ADP N . 38.17 -48.19 15.16
C6 ADP N . 39.60 -48.30 15.55
N6 ADP N . 40.57 -48.29 14.62
N1 ADP N . 39.88 -48.41 16.87
C2 ADP N . 38.92 -48.41 17.81
N3 ADP N . 37.61 -48.32 17.52
C4 ADP N . 37.18 -48.21 16.24
PB ADP O . 18.04 -31.83 -45.25
O1B ADP O . 17.16 -30.62 -45.14
O2B ADP O . 18.91 -32.05 -44.03
O3B ADP O . 17.39 -33.08 -45.75
PA ADP O . 20.64 -31.49 -46.07
O1A ADP O . 20.91 -32.77 -45.32
O2A ADP O . 21.04 -30.17 -45.46
O3A ADP O . 19.08 -31.48 -46.41
O5' ADP O . 21.33 -31.63 -47.52
C5' ADP O . 22.74 -31.62 -47.64
C4' ADP O . 23.10 -30.96 -48.97
O4' ADP O . 23.12 -31.69 -50.20
C3' ADP O . 23.07 -29.46 -49.16
O3' ADP O . 24.32 -28.93 -48.71
C2' ADP O . 22.77 -29.34 -50.65
O2' ADP O . 23.71 -28.47 -51.30
C1' ADP O . 22.84 -30.74 -51.24
N9 ADP O . 21.54 -31.10 -51.85
C8 ADP O . 20.56 -31.78 -51.21
N7 ADP O . 19.50 -31.96 -52.01
C5 ADP O . 19.79 -31.42 -53.21
C6 ADP O . 19.09 -31.28 -54.50
N6 ADP O . 17.85 -31.77 -54.67
N1 ADP O . 19.75 -30.63 -55.49
C2 ADP O . 20.98 -30.13 -55.32
N3 ADP O . 21.66 -30.23 -54.18
C4 ADP O . 21.13 -30.85 -53.10
PB ADP P . -1.58 -48.67 16.83
O1B ADP P . -2.74 -48.71 15.86
O2B ADP P . -1.00 -50.04 17.09
O3B ADP P . -0.54 -47.65 16.46
PA ADP P . -3.61 -47.51 18.60
O1A ADP P . -3.59 -46.09 18.14
O2A ADP P . -4.71 -48.40 18.10
O3A ADP P . -2.20 -48.18 18.24
O5' ADP P . -3.57 -47.56 20.21
C5' ADP P . -3.81 -48.83 20.86
C4' ADP P . -5.24 -48.89 21.32
O4' ADP P . -5.60 -50.27 21.58
C3' ADP P . -5.57 -48.11 22.61
O3' ADP P . -6.40 -47.01 22.32
C2' ADP P . -6.30 -49.12 23.50
O2' ADP P . -7.70 -49.02 23.36
C1' ADP P . -5.80 -50.45 22.97
N9 ADP P . -4.54 -50.89 23.57
C8 ADP P . -3.40 -51.27 22.90
N7 ADP P . -2.42 -51.62 23.68
C5 ADP P . -2.94 -51.49 24.96
C6 ADP P . -2.39 -51.72 26.23
N6 ADP P . -1.16 -52.16 26.43
N1 ADP P . -3.18 -51.48 27.30
C2 ADP P . -4.43 -51.04 27.10
N3 ADP P . -5.05 -50.79 25.95
C4 ADP P . -4.25 -51.03 24.90
PB ADP Q . 40.51 -36.82 -20.53
O1B ADP Q . 39.77 -36.65 -19.22
O2B ADP Q . 40.61 -38.25 -20.99
O3B ADP Q . 40.13 -35.84 -21.60
PA ADP Q . 43.14 -37.61 -20.32
O1A ADP Q . 42.78 -38.72 -19.38
O2A ADP Q . 43.25 -37.88 -21.80
O3A ADP Q . 42.04 -36.45 -20.18
O5' ADP Q . 44.51 -36.94 -19.81
C5' ADP Q . 45.71 -37.19 -20.54
C4' ADP Q . 46.82 -37.74 -19.66
O4' ADP Q . 47.54 -38.71 -20.43
C3' ADP Q . 47.82 -36.69 -19.22
O3' ADP Q . 48.17 -36.88 -17.85
C2' ADP Q . 49.03 -36.87 -20.11
O2' ADP Q . 50.26 -36.76 -19.38
C1' ADP Q . 48.87 -38.25 -20.73
N9 ADP Q . 49.01 -38.12 -22.20
C8 ADP Q . 47.98 -38.17 -23.06
N7 ADP Q . 48.42 -38.00 -24.33
C5 ADP Q . 49.75 -37.84 -24.28
C6 ADP Q . 50.81 -37.63 -25.27
N6 ADP Q . 50.53 -37.55 -26.60
N1 ADP Q . 52.08 -37.51 -24.82
C2 ADP Q . 52.37 -37.58 -23.51
N3 ADP Q . 51.44 -37.78 -22.56
C4 ADP Q . 50.14 -37.92 -22.88
PB ADP R . -14.48 -35.75 -38.72
O1B ADP R . -15.23 -36.97 -38.24
O2B ADP R . -15.02 -34.47 -38.13
O3B ADP R . -12.99 -35.88 -38.58
PA ADP R . -15.10 -34.42 -41.27
O1A ADP R . -16.30 -33.70 -40.75
O2A ADP R . -13.85 -33.62 -41.47
O3A ADP R . -14.78 -35.65 -40.30
O5' ADP R . -15.49 -35.19 -42.63
C5' ADP R . -14.63 -35.25 -43.79
C4' ADP R . -15.20 -34.40 -44.89
O4' ADP R . -16.56 -34.85 -45.17
C3' ADP R . -15.31 -32.89 -44.62
O3' ADP R . -14.99 -32.12 -45.76
C2' ADP R . -16.77 -32.71 -44.23
O2' ADP R . -17.27 -31.43 -44.55
C1' ADP R . -17.45 -33.76 -45.09
N9 ADP R . -18.70 -34.25 -44.51
C8 ADP R . -18.82 -34.87 -43.29
N7 ADP R . -20.05 -35.20 -43.00
C5 ADP R . -20.79 -34.79 -44.10
C6 ADP R . -22.16 -34.86 -44.41
N6 ADP R . -23.06 -35.41 -43.60
N1 ADP R . -22.56 -34.35 -45.59
C2 ADP R . -21.65 -33.80 -46.40
N3 ADP R . -20.33 -33.67 -46.22
C4 ADP R . -19.97 -34.19 -45.04
PB ADP S . 0.02 33.32 45.31
O1B ADP S . 1.07 34.30 44.84
O2B ADP S . -0.93 33.88 46.34
O3B ADP S . -0.65 32.54 44.21
PA ADP S . 1.40 32.59 47.60
O1A ADP S . 0.75 31.62 48.56
O2A ADP S . 1.19 34.07 47.80
O3A ADP S . 0.85 32.22 46.14
O5' ADP S . 2.98 32.30 47.58
C5' ADP S . 3.54 31.14 48.20
C4' ADP S . 4.68 31.56 49.12
O4' ADP S . 4.21 32.53 50.06
C3' ADP S . 5.24 30.39 49.91
O3' ADP S . 6.67 30.34 49.72
C2' ADP S . 4.90 30.65 51.35
O2' ADP S . 6.04 30.48 52.20
C1' ADP S . 4.40 32.09 51.41
N9 ADP S . 3.09 32.22 52.12
C8 ADP S . 1.94 32.58 51.53
N7 ADP S . 0.93 32.63 52.43
C5 ADP S . 1.43 32.30 53.63
C6 ADP S . 0.90 32.17 55.00
N6 ADP S . -0.41 32.40 55.26
N1 ADP S . 1.75 31.82 55.98
C2 ADP S . 3.06 31.59 55.73
N3 ADP S . 3.60 31.69 54.51
C4 ADP S . 2.87 32.05 53.42
PB ADP T . -41.40 41.02 4.71
O1B ADP T . -42.46 40.50 3.78
O2B ADP T . -40.67 39.96 5.50
O3B ADP T . -40.52 42.09 4.14
PA ADP T . -43.39 40.94 6.62
O1A ADP T . -42.91 39.51 6.70
O2A ADP T . -43.72 41.69 7.89
O3A ADP T . -42.29 41.79 5.81
O5' ADP T . -44.68 40.97 5.66
C5' ADP T . -45.66 39.95 5.76
C4' ADP T . -46.82 40.48 6.59
O4' ADP T . -47.18 41.78 6.12
C3' ADP T . -48.03 39.58 6.50
O3' ADP T . -48.44 39.16 7.81
C2' ADP T . -49.11 40.41 5.84
O2' ADP T . -50.30 40.43 6.65
C1' ADP T . -48.53 41.82 5.69
N9 ADP T . -48.54 42.20 4.26
C8 ADP T . -47.44 42.51 3.55
N7 ADP T . -47.76 42.82 2.27
C5 ADP T . -49.10 42.71 2.15
C6 ADP T . -50.09 42.89 1.08
N6 ADP T . -49.68 43.27 -0.16
N1 ADP T . -51.38 42.68 1.37
C2 ADP T . -51.80 42.30 2.59
N3 ADP T . -50.95 42.11 3.62
C4 ADP T . -49.61 42.30 3.47
PB ADP U . 15.70 46.38 -8.88
O1B ADP U . 16.06 44.91 -8.77
O2B ADP U . 14.23 46.64 -8.88
O3B ADP U . 16.50 47.31 -8.01
PA ADP U . 15.18 46.95 -11.59
O1A ADP U . 13.94 47.63 -11.08
O2A ADP U . 15.07 45.64 -12.33
O3A ADP U . 16.21 46.78 -10.35
O5' ADP U . 15.96 48.01 -12.49
C5' ADP U . 15.52 48.30 -13.81
C4' ADP U . 16.72 48.24 -14.75
O4' ADP U . 17.69 49.28 -14.84
C3' ADP U . 17.20 46.94 -15.35
O3' ADP U . 16.33 46.61 -16.44
C2' ADP U . 18.65 47.26 -15.71
O2' ADP U . 18.91 47.00 -17.10
C1' ADP U . 18.88 48.74 -15.41
N9 ADP U . 19.99 48.93 -14.44
C8 ADP U . 19.88 48.87 -13.10
N7 ADP U . 21.07 49.10 -12.50
C5 ADP U . 21.98 49.30 -13.46
C6 ADP U . 23.43 49.58 -13.51
N6 ADP U . 24.16 49.70 -12.38
N1 ADP U . 24.00 49.72 -14.72
C2 ADP U . 23.29 49.62 -15.86
N3 ADP U . 21.97 49.36 -15.89
C4 ADP U . 21.27 49.18 -14.74
PB ADP V . -32.55 33.79 37.55
O1B ADP V . -31.95 33.61 36.17
O2B ADP V . -32.69 35.25 37.92
O3B ADP V . -33.83 33.02 37.75
PA ADP V . -31.58 32.84 40.15
O1A ADP V . -31.48 31.36 40.34
O2A ADP V . -30.61 33.72 40.88
O3A ADP V . -31.48 33.17 38.59
O5' ADP V . -33.08 33.32 40.46
C5' ADP V . -33.40 34.03 41.69
C4' ADP V . -33.90 33.03 42.72
O4' ADP V . -34.89 33.70 43.55
C3' ADP V . -34.59 31.78 42.18
O3' ADP V . -33.68 30.70 42.03
C2' ADP V . -35.60 31.47 43.29
O2' ADP V . -35.03 30.80 44.39
C1' ADP V . -36.04 32.88 43.67
N9 ADP V . -37.09 33.42 42.83
C8 ADP V . -36.95 34.01 41.59
N7 ADP V . -38.09 34.41 41.07
C5 ADP V . -39.03 34.06 42.02
C6 ADP V . -40.43 34.21 42.06
N6 ADP V . -41.14 34.78 41.09
N1 ADP V . -41.08 33.75 43.16
C2 ADP V . -40.36 33.19 44.14
N3 ADP V . -39.05 32.98 44.21
C4 ADP V . -38.43 33.45 43.10
PB ADP W . -17.01 46.19 -16.93
O1B ADP W . -17.84 45.29 -16.04
O2B ADP W . -17.05 47.66 -16.51
O3B ADP W . -15.63 45.68 -17.22
PA ADP W . -18.42 47.58 -18.87
O1A ADP W . -19.25 48.16 -17.76
O2A ADP W . -17.27 48.38 -19.45
O3A ADP W . -17.78 46.20 -18.34
O5' ADP W . -19.40 47.17 -20.08
C5' ADP W . -19.45 47.99 -21.25
C4' ADP W . -20.87 48.44 -21.59
O4' ADP W . -20.81 49.75 -22.17
C3' ADP W . -21.56 47.53 -22.60
O3' ADP W . -22.91 47.28 -22.19
C2' ADP W . -21.53 48.30 -23.92
O2' ADP W . -22.80 48.30 -24.56
C1' ADP W . -21.12 49.73 -23.56
N9 ADP W . -19.92 50.13 -24.32
C8 ADP W . -18.72 50.32 -23.75
N7 ADP W . -17.79 50.69 -24.68
C5 ADP W . -18.42 50.76 -25.85
C6 ADP W . -18.02 51.10 -27.24
N6 ADP W . -16.74 51.45 -27.51
N1 ADP W . -18.97 51.05 -28.19
C2 ADP W . -20.25 50.71 -27.91
N3 ADP W . -20.67 50.39 -26.67
C4 ADP W . -19.82 50.40 -25.62
PB ADP X . 24.35 39.85 21.79
O1B ADP X . 23.41 39.14 22.72
O2B ADP X . 24.49 39.23 20.41
O3B ADP X . 24.18 41.35 21.75
PA ADP X . 26.55 38.23 22.38
O1A ADP X . 26.99 37.83 23.78
O2A ADP X . 25.76 37.29 21.54
O3A ADP X . 25.79 39.66 22.46
O5' ADP X . 27.86 38.65 21.55
C5' ADP X . 28.26 40.02 21.49
C4' ADP X . 29.73 40.17 21.10
O4' ADP X . 30.37 40.92 22.13
C3' ADP X . 30.50 38.87 20.95
O3' ADP X . 31.30 38.91 19.77
C2' ADP X . 31.38 38.79 22.19
O2' ADP X . 32.69 38.29 21.89
C1' ADP X . 31.46 40.21 22.71
N9 ADP X . 31.37 40.21 24.18
C8 ADP X . 30.23 40.33 24.87
N7 ADP X . 30.46 40.30 26.21
C5 ADP X . 31.79 40.17 26.38
C6 ADP X . 32.71 40.07 27.54
N6 ADP X . 32.25 40.12 28.81
N1 ADP X . 34.03 39.94 27.27
C2 ADP X . 34.51 39.89 26.02
N3 ADP X . 33.72 39.98 24.93
C4 ADP X . 32.38 40.11 25.04
#